data_7JRJ
#
_entry.id   7JRJ
#
_cell.length_a   1.00
_cell.length_b   1.00
_cell.length_c   1.00
_cell.angle_alpha   90.00
_cell.angle_beta   90.00
_cell.angle_gamma   90.00
#
_symmetry.space_group_name_H-M   'P 1'
#
loop_
_entity.id
_entity.type
_entity.pdbx_description
1 polymer 'Radial spoke protein 10'
2 polymer 'Flagellar radial spoke protein 1'
3 polymer 'Nucleoside diphosphate kinase 6'
4 polymer 'Flagellar radial spoke protein 2'
5 polymer 'unknown protein'
6 polymer 'Flagellar radial spoke protein 3'
7 polymer 'Flagellar radial spoke protein 5'
8 polymer 'Radial spoke protein 9'
9 polymer 'Flagellar radial spoke protein 4'
10 polymer 'Flagellar radial spoke protein 6'
11 polymer 'Flagellar radial spoke protein 6'
12 polymer 'Flagellar radial spoke protein 10'
13 polymer 'Flagellar radial spoke protein 1'
14 polymer 'Flagellar radial spoke protein 2'
#
loop_
_entity_poly.entity_id
_entity_poly.type
_entity_poly.pdbx_seq_one_letter_code
_entity_poly.pdbx_strand_id
1 'polypeptide(L)'
;MADDELPPQPVWEGPLDEDGKPHGLGKMEYPPPPMGEDDEEEKPGDKFEGTMEHGVRTGKGTYTWGVSGAVYTGDYVNGK
KHGKGKMVYPDKGVYEGDWVEDVMQGQGTYTYPNGDIYQGAFWAGKRHGKGMYHYKGPCCQLVGDWADGGFTYGRWVYAD
GSMFMGKFGGAAADSKPTAGSYFYSSSSLVQEGHFAKDGSWVGHRDPAVGKEFSVA
;
E
2 'polypeptide(L)'
;MALGPFVLPFRGDQYSFGINFKSSPEEKLNFDLSCVAFDVKGQLHDTLHARKPTALDGALVKGFEKQALPEETVQVEGDD
VIYMFPKKFERQVEVLLFVASAPSIPGKKHDLDSSSKLEFAVSYSDVGGQAFNQSFDLKPLAAQGGVSSIIVAVMYLQAE
GGWTLRSVGDCHPFDSPGLIVPELKQTILNLRDHHGVQLDAADAIQAIDPAERVPVTRQFQDQSLDEASAGRAAEPAPVK
KLRIDLSWTFWPPPPPTEEGEEPPEEPALEYNLVMYNKDGEEVQSISTGNREATGARAGRPEPEEDEEEEKEEEKEEPEE
GEEGEEGEGGEPKEPPPPPPAPKVDPYEFKERDVIYLDVPDLPAEVRSMVLLVTNYDEENGFTRVRTVRCRLVDVSNGEA
PLPGSKAAVAAAAAAAEQGLAAPPNPERVLADYGVLSKYEDDKATTQVALMKLYKEYADSAFNVFRGAGVDNVAAFIGQE
PDTIINQLKAYLEATKKQKAAEAAAAAAAEESGEEITADPKPHVWRFRALGLNFGGDSLEAIEHDLKNLFAFDGDLAPGA
ARDSDTSRSSFPNGDTYFGSYADDVKHGPGLYAFATGAGYAGEYAGGKRHGRGVMVFPDGGTYVGEFVADKFEGQGQYRY
PDGSVYTGSWAAGQKHGPGVYWDTARGCLRGEWKKGLLVGKGTYEQPALRFEGEFVRGMPAGTATYTLTGHRTLDMPCFA
AQHIQAEEGPTLALPCAYGIPPGSGDEPQLDEEGQPIEDTDKPPLPAHPKYEGLTFTAEQLPGAAPDTVFPPEEGKPVPI
TAVPAFSVSTGLVA
;
F
3 'polypeptide(L)'
;MAELEKTFALIKPDAVRAGKAQEIMQLIELNGFTIIAKQKLQLTRARAEEFYGEHKGKEFFPKLVNFMTSGPIWALVLAK
PGAILAWRALMGPTNVFKARAEQPKCLRALYGTDGTQNATHGSDSPISAAREIKFFFPTLSGDPTIYAEPTAAAEYITKR
IQPALAKALAALAREKPSADKFEAITFVAGYLLQNNPNKPKVLMPDEWDPALMGDDEDDEADFINARLAAPTGNDGATKA
EFDAMVEAAKADTGGAAPAQEFVYPDSKPTTPVVPAPPAPGSKPPSASGARPQSARPTSARPPSASAAPPAPLAPVPPPA
SSSRPASGSGRPPSATARPPSATPPPPPPAVELEEADDPAQLDEAATKVQAAFRGYQARKEVAVMRSEAQPGEAAAEPEQ
EAELQPEAEPEPQPEGEQEPQPQASASSSFLPDGVTEEMAAEAATRVQAHMRGHLARKQVAAIKAQQAAPAVAESSEALA
EPEPQPEAEAEPQPQASVSSSFLPDGVTEEMAAEAATLVQAHMRGHLARKQVAAIKAQQAAPAVAESSEAQAEAEQTEAE
AEPQPDAEAEAGAAEGEAEPEPEAAE
;
K
4 'polypeptide(L)'
;MAPTQAGHDTAYLKETVGEALARGCAAAISAQPNDPVEYLGLWLLKYVKNAEVEGNFYRERQQDLQKKKDRLVKEAQSEQ
AAKSVALTRKEAADALALVTAEPRELLEAAVKLVKQHTAAGAAYAAVVAEPEEPDWVAPEDDEAAAVETEDEAAGGAALA
EGEEPPPEPEPEPEAAPEDGEGDAPAPKIPRPVDYSKKYFAYVAASAGQEHVLEADLYRPAPPPEDADEDFKPEPLPYSF
RVLDEKLPMLYVPNVAAEERVKFFRKFPKIGSYQACGVALPASGEFKALLAADTLFPEGSGQPLSADDRDFVWEVSQSLS
RALEAVQARAAEALAATSAAEAVEELKAKVAELREQAAAEAAAAAPPPPAEGEEGEGEAPPAEEEPPAEEEAEEEEEEAE
EGAEEGAEEGEEGEEAPPKPKKKKKVFNPIPGLQAAIEKLTAAAEAATEADARAQAAVALEKQALDEVVALASSHSDATL
SSLRNMLSVPQGTYHVVKALLHLLGRPAASFSTWKRAHSHFSPRLFEDMAAYDATAERDMAVWGRVRSCYKAAPAAKKLD
AEMPNTLFGSVALMYIKQVRRVARKAVLQRELAAKLAKAQQDLADKQAALVEAERVKAEREAEEARLAAEAEAAAAAEAE
AAARAAAEAEAAAAAEAAAEAAAEAAAAAAEAAAEAGEGEAVAEREAAPAEAEAAPAEGEAAPPAEGEGEAQPAQEGSNS
SSSSSDSSSSEESKAAAE
;
I
5 'polypeptide(L)' (UNK)(UNK)(UNK)(UNK) J
6 'polypeptide(L)'
;GAAAEPILEVLVGKVLEQGLMEVLEEEELAAMRAHQEHFEQIRNAELVATQRMEAAERRKLEEKERRMQQERERVERERV
VRQKVAASAFARGYLSGIVNTVFDRLVSSGYIYDPVMREVETAFMPWLKEQAIGYLARGVVARRVVDKLVEDAAAALAAN
RSTLADKAASTAATVDAWAERQAKMEAELQGKELEAVRRRPTFVLRELKPAVASADAVEAAAAELTAQAEEAANAKWEAD
KAEAAEKARAEAEAAAEEQKALLEELAATAAAEAEERGEEPPAEPPSLPDGVEPVDVEAEVAKAVEAVPKPPVKEVTDID
ILSYMMDKGAITKDAIIQALAVHALGDKAYTNHPAFAEAEGA
;
G
7 'polypeptide(L)'
;MSEPGEEPVAAPAGPAPDPVLNELYGSERPAVELLPGVPLSPIVNSCWLPADAKAMLAESWIPVPPEDAGEEAGPPPPAF
EAAAPEYNELVRRLAKTAPFRKWNELTIQAKQLEQEVAGLKGPDAEAKQAELENVKVQIADAEAAVAEVKQSFSDDPLSL
TGWMQALTDLADGGMTTFEVSGQGWPYCSLRQLFGEMPSAAPPAGFFDGVERVLGTFKRRYEKERGPGSVQLMLKLAPNV
FSDAWSTGGAPAAVAAVEAYVERARANVFGPDGGVTPEGVPEPLDLVQLVWWDFAAADPLPVLKALQRMATDQLQVDEDS
GEVSVSEPKKIRGIGLVDFPADRLKAAIQAGVPITCVQVEHSVLVRSAQPVLDLCAKYGIKVLARGGTLGGLLSAKYLGA
PPPDPVRGDADLDSVPGCLDAVNNVGGWARLQAALAVIKGIADKHGVKPETVALRWQIDAGCFPLVTTRWSSRVWRQFGY
EGWSSFEVSGGRPGVDGPLFQVESFLDVEDVRALAGLAAVHLGPKAG
;
H
8 'polypeptide(L)'
;MVQLEPNITLVLKHLASCGAVVSAEQQAALDHSIPIKRIEAGLRSLTLWGRLTTLNGKDYLVAEGYNVASSKEGAAVYET
KYFYSQDGARWSDLQPVDSETATRCARIKGMLSGDPAKNYELEEKDPNAPEPSPEAEEEVKPLVFQIPELAVLRCRVDAI
ATATSVIPTDSTILNAASQVVPNRLFAGAAYPEKLESYQHRFSLPGSGVTLSQDLRGTWAVQYDAFKGVAQVRSLLFPGY
FFYYAANELTWGSLYVGDGLRNNDLIFML
;
A,B
9 'polypeptide(L)'
;GMAAVDSVAQALAYLQVHSPQDGTSMYDHLVKLVSKVLEDQPKNAVDLLETSLLVKKSTFDPKESSPLVPIPVAPDATQT
QAAVSIFGDPELPINPATGEPVPADPPNEFEAENMLGAAAVLDCLGVGLGRELGVNIALAAKRIGEDPKLAVRSVRFFGK
FLGLYSDYFVFEVAFKKEAAKEAAPAAPAPERVEGEAASSSAPEVPVEEPGKGANKFTYLVCSSLGGPLTRLPDVTPAQV
KASRRIKKLLTGRLTSHVSTYPAFPGNEANYLRALIARISAATVVAPSDLFSLNDETGELERAEDWEPPAGREMAAPTAW
VHVRPHLKSQGRCEVHKRELPEDADEDEFYNEDELEEGPDLLAALEEDAQLPGEQAAWTPIYSSASEAVKTQAGGLRSLV
WPGAVCGGRGSEWTCVYVGWGVKNAPFVPLPPPPVAQEFAWGEVETQELELKPAPPPPEEEAEADE
;
C
10 'polypeptide(L)'
;MAADVGQALAFLQQVKTTQGASIYEGLKAALAKVLEDRPVNAVEALETSVLSTPPAANLSVPLVPAASAAAAAAAVAKAS
LFGDPEPVLDPESGEPIDPDAPNEFECEDVEGDGDLLDGLGVGLGRQEMYAAMLAVKRLGEDAKRGVSTVRFFGKFFGTQ
ADYYVFETTLQSNPDMPEAPEGTIPLEPYGEGVNAYIYFVSNTLGGPLQQLPYVTPEQIKASRLLRRYLTGRLDAPVSAF
PAFPGNEANYLRALIARISAATVCCPRGFFTADDDSAELSANDEWVPLKGREMALPVNWSHRYAHLKGQGRTVTHKRDPP
DEEEEPEKNFWTAEEMEAGPPPLATLDTDAPLPAATGDKVPPPAWSPVFASASVTTRNQVAGVRSNRWPGAVCACAGRHF
TSMYVGWGIKAGGEWSPCPPPPPVPQWGAPAAGVEGGQQLLLECNDLPPKPAPPEEEDE
;
D
11 'polypeptide(L)' (UNK)(UNK)(UNK)(UNK)(UNK)(UNK) L
12 'polypeptide(L)' (UNK)(UNK)(UNK)(UNK)(UNK) M
13 'polypeptide(L)'
;(UNK)(UNK)(UNK)(UNK)(UNK)(UNK)(UNK)(UNK)(UNK)(UNK)(UNK)(UNK)(UNK)(UNK)(UNK)(UNK)
(UNK)(UNK)(UNK)(UNK)(UNK)(UNK)(UNK)(UNK)(UNK)(UNK)(UNK)(UNK)(UNK)(UNK)(UNK)(UNK)
(UNK)(UNK)(UNK)(UNK)(UNK)(UNK)(UNK)(UNK)(UNK)(UNK)(UNK)(UNK)(UNK)(UNK)(UNK)(UNK)
(UNK)(UNK)(UNK)(UNK)(UNK)(UNK)(UNK)(UNK)(UNK)(UNK)(UNK)(UNK)(UNK)(UNK)(UNK)(UNK)
(UNK)(UNK)(UNK)(UNK)(UNK)(UNK)(UNK)(UNK)(UNK)(UNK)(UNK)(UNK)(UNK)(UNK)(UNK)(UNK)
(UNK)(UNK)(UNK)(UNK)(UNK)(UNK)(UNK)(UNK)(UNK)
;
N
14 'polypeptide(L)'
;(UNK)(UNK)(UNK)(UNK)(UNK)(UNK)(UNK)(UNK)(UNK)(UNK)(UNK)(UNK)(UNK)(UNK)(UNK)(UNK)
(UNK)(UNK)(UNK)(UNK)(UNK)(UNK)(UNK)(UNK)(UNK)(UNK)(UNK)(UNK)(UNK)(UNK)(UNK)(UNK)
(UNK)(UNK)(UNK)(UNK)(UNK)(UNK)(UNK)(UNK)(UNK)(UNK)(UNK)(UNK)(UNK)(UNK)(UNK)(UNK)
(UNK)(UNK)(UNK)(UNK)(UNK)(UNK)(UNK)(UNK)(UNK)(UNK)(UNK)(UNK)(UNK)(UNK)(UNK)(UNK)
(UNK)(UNK)(UNK)(UNK)(UNK)
;
O
#
# COMPACT_ATOMS: atom_id res chain seq x y z
N LEU A 25 -89.47 -30.78 22.58
CA LEU A 25 -88.71 -29.65 23.13
C LEU A 25 -88.33 -29.90 24.57
N GLY A 26 -88.54 -31.13 25.04
CA GLY A 26 -88.30 -31.46 26.43
C GLY A 26 -86.82 -31.36 26.78
N LYS A 27 -86.48 -30.45 27.68
CA LYS A 27 -85.09 -30.27 28.11
C LYS A 27 -84.70 -31.39 29.08
N MET A 28 -84.68 -32.60 28.53
CA MET A 28 -84.46 -33.80 29.32
C MET A 28 -83.08 -33.76 29.96
N GLU A 29 -83.04 -33.60 31.28
CA GLU A 29 -81.79 -33.58 32.02
C GLU A 29 -81.52 -34.94 32.65
N TYR A 30 -80.27 -35.13 33.07
CA TYR A 30 -79.79 -36.40 33.62
C TYR A 30 -78.96 -36.10 34.86
N PRO A 31 -79.57 -36.10 36.04
CA PRO A 31 -78.78 -35.94 37.26
C PRO A 31 -77.84 -37.11 37.45
N PRO A 32 -76.65 -36.86 38.01
CA PRO A 32 -75.62 -37.89 38.16
C PRO A 32 -76.03 -39.01 39.12
N PRO A 44 -72.17 -33.08 38.87
CA PRO A 44 -72.74 -32.49 37.66
C PRO A 44 -73.43 -33.51 36.78
N GLY A 45 -74.46 -33.09 36.05
CA GLY A 45 -75.20 -34.00 35.21
C GLY A 45 -75.47 -33.39 33.85
N ASP A 46 -75.87 -34.25 32.92
CA ASP A 46 -76.12 -33.83 31.55
C ASP A 46 -77.26 -32.81 31.49
N LYS A 47 -77.27 -32.01 30.43
CA LYS A 47 -78.29 -30.99 30.21
C LYS A 47 -78.55 -30.88 28.72
N PHE A 48 -79.59 -31.57 28.24
CA PHE A 48 -80.02 -31.39 26.87
C PHE A 48 -81.01 -30.24 26.79
N GLU A 49 -80.86 -29.42 25.75
CA GLU A 49 -81.73 -28.27 25.53
C GLU A 49 -81.97 -28.16 24.03
N GLY A 50 -83.05 -28.79 23.56
CA GLY A 50 -83.35 -28.79 22.14
C GLY A 50 -84.76 -29.23 21.84
N THR A 51 -84.93 -29.99 20.77
CA THR A 51 -86.23 -30.51 20.37
C THR A 51 -86.21 -32.02 20.39
N MET A 52 -87.37 -32.61 20.68
CA MET A 52 -87.55 -34.05 20.66
C MET A 52 -88.92 -34.37 20.11
N GLU A 53 -88.98 -35.29 19.14
CA GLU A 53 -90.24 -35.72 18.55
C GLU A 53 -90.69 -36.96 19.29
N HIS A 54 -91.43 -36.74 20.39
CA HIS A 54 -91.90 -37.82 21.27
C HIS A 54 -90.71 -38.64 21.77
N GLY A 55 -89.81 -37.97 22.49
CA GLY A 55 -88.66 -38.62 23.07
C GLY A 55 -87.40 -38.56 22.22
N VAL A 56 -87.46 -39.11 21.00
CA VAL A 56 -86.28 -39.15 20.16
C VAL A 56 -85.90 -37.73 19.75
N ARG A 57 -84.59 -37.50 19.64
CA ARG A 57 -84.07 -36.17 19.34
C ARG A 57 -83.95 -35.97 17.83
N THR A 58 -84.30 -34.77 17.39
CA THR A 58 -84.20 -34.39 15.98
C THR A 58 -84.25 -32.88 15.88
N GLY A 59 -83.25 -32.30 15.23
CA GLY A 59 -83.16 -30.86 15.08
C GLY A 59 -82.03 -30.29 15.93
N LYS A 60 -81.97 -28.96 15.93
CA LYS A 60 -80.92 -28.27 16.66
C LYS A 60 -81.03 -28.53 18.15
N GLY A 61 -79.88 -28.74 18.79
CA GLY A 61 -79.85 -28.97 20.22
C GLY A 61 -78.47 -28.72 20.78
N THR A 62 -78.44 -28.51 22.10
CA THR A 62 -77.21 -28.28 22.85
C THR A 62 -77.12 -29.33 23.95
N TYR A 63 -76.33 -30.38 23.70
CA TYR A 63 -76.11 -31.43 24.68
C TYR A 63 -74.81 -31.16 25.42
N THR A 64 -74.88 -31.15 26.74
CA THR A 64 -73.72 -30.83 27.57
C THR A 64 -73.44 -31.99 28.50
N TRP A 65 -72.39 -32.75 28.20
CA TRP A 65 -71.90 -33.73 29.16
C TRP A 65 -71.50 -33.03 30.47
N GLY A 66 -71.54 -33.79 31.56
CA GLY A 66 -71.25 -33.23 32.85
C GLY A 66 -69.97 -33.74 33.48
N VAL A 67 -69.49 -34.88 32.98
CA VAL A 67 -68.27 -35.47 33.54
C VAL A 67 -67.08 -34.56 33.31
N SER A 68 -66.97 -33.97 32.14
CA SER A 68 -65.83 -33.15 31.76
C SER A 68 -66.18 -31.72 31.41
N GLY A 69 -67.25 -31.51 30.65
CA GLY A 69 -67.58 -30.19 30.15
C GLY A 69 -67.72 -30.12 28.64
N ALA A 70 -67.54 -31.23 27.94
CA ALA A 70 -67.66 -31.23 26.48
C ALA A 70 -69.09 -30.92 26.08
N VAL A 71 -69.27 -29.90 25.24
CA VAL A 71 -70.60 -29.50 24.80
C VAL A 71 -70.71 -29.71 23.31
N TYR A 72 -71.94 -29.84 22.84
CA TYR A 72 -72.22 -29.97 21.41
C TYR A 72 -73.45 -29.15 21.08
N THR A 73 -73.33 -28.31 20.06
CA THR A 73 -74.45 -27.53 19.55
C THR A 73 -74.59 -27.83 18.08
N GLY A 74 -75.70 -28.46 17.70
CA GLY A 74 -75.88 -28.81 16.31
C GLY A 74 -77.10 -29.70 16.11
N ASP A 75 -77.18 -30.27 14.90
CA ASP A 75 -78.35 -31.04 14.52
C ASP A 75 -78.26 -32.48 15.01
N TYR A 76 -79.40 -33.14 15.02
CA TYR A 76 -79.50 -34.55 15.40
C TYR A 76 -80.38 -35.28 14.41
N VAL A 77 -80.21 -36.61 14.40
CA VAL A 77 -81.10 -37.52 13.68
C VAL A 77 -81.23 -38.77 14.54
N ASN A 78 -82.45 -39.11 14.93
CA ASN A 78 -82.72 -40.25 15.80
C ASN A 78 -81.94 -40.16 17.10
N GLY A 79 -81.61 -38.94 17.54
CA GLY A 79 -80.80 -38.72 18.71
C GLY A 79 -79.31 -38.68 18.43
N LYS A 80 -78.87 -39.33 17.36
CA LYS A 80 -77.46 -39.30 17.00
C LYS A 80 -77.09 -37.95 16.42
N LYS A 81 -75.94 -37.43 16.85
CA LYS A 81 -75.43 -36.18 16.29
C LYS A 81 -75.18 -36.36 14.80
N HIS A 82 -75.83 -35.55 13.99
CA HIS A 82 -75.88 -35.75 12.55
C HIS A 82 -76.09 -34.40 11.88
N GLY A 83 -75.36 -34.15 10.81
CA GLY A 83 -75.38 -32.85 10.16
C GLY A 83 -74.25 -31.95 10.63
N LYS A 84 -74.43 -30.67 10.39
CA LYS A 84 -73.42 -29.69 10.79
C LYS A 84 -73.54 -29.38 12.26
N GLY A 85 -72.43 -29.50 13.00
CA GLY A 85 -72.50 -29.26 14.43
C GLY A 85 -71.19 -28.99 15.12
N LYS A 86 -71.16 -27.93 15.93
CA LYS A 86 -69.96 -27.57 16.65
C LYS A 86 -69.83 -28.37 17.94
N MET A 87 -68.59 -28.73 18.27
CA MET A 87 -68.29 -29.53 19.47
C MET A 87 -67.11 -28.92 20.18
N VAL A 88 -67.21 -28.81 21.51
CA VAL A 88 -66.08 -28.45 22.36
C VAL A 88 -65.76 -29.66 23.22
N TYR A 89 -64.55 -30.20 23.04
CA TYR A 89 -64.12 -31.40 23.72
C TYR A 89 -63.61 -31.04 25.12
N PRO A 90 -63.31 -32.05 25.96
CA PRO A 90 -62.80 -31.73 27.30
C PRO A 90 -61.50 -30.94 27.30
N ASP A 91 -60.56 -31.30 26.42
CA ASP A 91 -59.26 -30.65 26.36
C ASP A 91 -59.28 -29.37 25.53
N LYS A 92 -60.46 -28.80 25.30
CA LYS A 92 -60.69 -27.55 24.58
C LYS A 92 -60.51 -27.67 23.08
N GLY A 93 -60.22 -28.85 22.56
CA GLY A 93 -60.15 -29.02 21.12
C GLY A 93 -61.49 -28.81 20.46
N VAL A 94 -61.61 -27.75 19.69
CA VAL A 94 -62.89 -27.36 19.11
C VAL A 94 -63.01 -27.98 17.73
N TYR A 95 -64.23 -28.36 17.35
CA TYR A 95 -64.51 -28.87 16.02
C TYR A 95 -65.75 -28.19 15.48
N GLU A 96 -65.76 -27.90 14.18
CA GLU A 96 -66.93 -27.37 13.50
C GLU A 96 -66.98 -27.99 12.12
N GLY A 97 -68.02 -28.76 11.84
CA GLY A 97 -68.13 -29.40 10.55
C GLY A 97 -69.22 -30.45 10.55
N ASP A 98 -69.09 -31.40 9.62
CA ASP A 98 -70.14 -32.39 9.43
C ASP A 98 -69.94 -33.59 10.35
N TRP A 99 -71.07 -34.20 10.73
CA TRP A 99 -71.13 -35.45 11.46
C TRP A 99 -72.08 -36.38 10.75
N VAL A 100 -71.72 -37.66 10.69
CA VAL A 100 -72.57 -38.69 10.14
C VAL A 100 -72.69 -39.78 11.19
N GLU A 101 -73.79 -39.80 11.92
CA GLU A 101 -74.04 -40.77 12.98
C GLU A 101 -72.97 -40.68 14.07
N ASP A 102 -72.93 -39.53 14.73
CA ASP A 102 -72.17 -39.27 15.94
C ASP A 102 -70.67 -39.27 15.73
N VAL A 103 -70.19 -39.40 14.50
CA VAL A 103 -68.76 -39.39 14.23
C VAL A 103 -68.45 -38.29 13.23
N MET A 104 -67.29 -37.66 13.40
CA MET A 104 -66.85 -36.60 12.51
C MET A 104 -66.63 -37.16 11.11
N GLN A 105 -67.35 -36.61 10.14
CA GLN A 105 -67.32 -37.10 8.77
C GLN A 105 -67.39 -35.90 7.84
N GLY A 106 -66.95 -36.09 6.59
CA GLY A 106 -67.09 -35.02 5.63
C GLY A 106 -66.22 -33.81 5.95
N GLN A 107 -66.60 -32.66 5.41
CA GLN A 107 -65.78 -31.48 5.57
C GLN A 107 -65.86 -30.93 6.98
N GLY A 108 -64.75 -30.39 7.46
CA GLY A 108 -64.72 -29.85 8.81
C GLY A 108 -63.48 -29.04 9.07
N THR A 109 -63.45 -28.46 10.27
CA THR A 109 -62.35 -27.63 10.75
C THR A 109 -62.14 -27.90 12.23
N TYR A 110 -60.92 -28.27 12.59
CA TYR A 110 -60.58 -28.60 13.97
C TYR A 110 -59.49 -27.65 14.47
N THR A 111 -59.65 -27.16 15.69
CA THR A 111 -58.64 -26.39 16.38
C THR A 111 -58.16 -27.19 17.58
N TYR A 112 -56.91 -27.59 17.56
CA TYR A 112 -56.33 -28.43 18.61
C TYR A 112 -55.94 -27.59 19.82
N PRO A 113 -55.73 -28.23 20.97
CA PRO A 113 -55.47 -27.45 22.19
C PRO A 113 -54.20 -26.62 22.15
N ASN A 114 -53.16 -27.05 21.44
CA ASN A 114 -51.95 -26.24 21.39
C ASN A 114 -52.12 -25.03 20.50
N GLY A 115 -52.87 -25.15 19.42
CA GLY A 115 -53.09 -24.04 18.51
C GLY A 115 -53.12 -24.44 17.06
N ASP A 116 -52.65 -25.64 16.76
CA ASP A 116 -52.67 -26.12 15.39
C ASP A 116 -54.09 -26.18 14.86
N ILE A 117 -54.22 -26.03 13.55
CA ILE A 117 -55.53 -25.99 12.91
C ILE A 117 -55.54 -26.97 11.75
N TYR A 118 -56.66 -27.64 11.54
CA TYR A 118 -56.83 -28.50 10.38
C TYR A 118 -58.11 -28.11 9.66
N GLN A 119 -58.05 -28.04 8.35
CA GLN A 119 -59.23 -27.76 7.53
C GLN A 119 -59.26 -28.75 6.39
N GLY A 120 -60.36 -29.47 6.26
CA GLY A 120 -60.42 -30.40 5.15
C GLY A 120 -61.35 -31.55 5.49
N ALA A 121 -61.09 -32.69 4.85
CA ALA A 121 -61.98 -33.83 4.95
C ALA A 121 -61.63 -34.71 6.15
N PHE A 122 -62.61 -34.95 7.00
CA PHE A 122 -62.55 -35.97 8.04
C PHE A 122 -63.28 -37.23 7.57
N TRP A 123 -62.85 -38.36 8.10
CA TRP A 123 -63.52 -39.63 7.81
C TRP A 123 -63.26 -40.56 8.98
N ALA A 124 -64.32 -41.09 9.57
CA ALA A 124 -64.24 -41.93 10.77
C ALA A 124 -63.53 -41.21 11.92
N GLY A 125 -63.74 -39.90 11.99
CA GLY A 125 -63.24 -39.13 13.11
C GLY A 125 -61.76 -38.81 13.07
N LYS A 126 -61.14 -38.84 11.90
CA LYS A 126 -59.73 -38.54 11.76
C LYS A 126 -59.52 -37.75 10.48
N ARG A 127 -58.27 -37.36 10.24
CA ARG A 127 -57.90 -36.71 8.98
C ARG A 127 -57.85 -37.75 7.88
N HIS A 128 -58.54 -37.48 6.78
CA HIS A 128 -58.63 -38.47 5.72
C HIS A 128 -59.10 -37.78 4.44
N GLY A 129 -58.40 -38.04 3.36
CA GLY A 129 -58.71 -37.38 2.09
C GLY A 129 -57.78 -36.19 1.87
N LYS A 130 -58.37 -35.07 1.48
CA LYS A 130 -57.61 -33.86 1.21
C LYS A 130 -57.80 -32.85 2.33
N GLY A 131 -56.72 -32.18 2.69
CA GLY A 131 -56.82 -31.18 3.74
C GLY A 131 -55.50 -30.47 3.94
N MET A 132 -55.54 -29.48 4.83
CA MET A 132 -54.34 -28.72 5.15
C MET A 132 -54.27 -28.49 6.66
N TYR A 133 -53.05 -28.63 7.18
CA TYR A 133 -52.75 -28.54 8.59
C TYR A 133 -51.76 -27.42 8.82
N HIS A 134 -52.04 -26.55 9.78
CA HIS A 134 -51.20 -25.41 10.09
C HIS A 134 -50.71 -25.54 11.52
N TYR A 135 -49.39 -25.68 11.68
CA TYR A 135 -48.78 -25.61 12.99
C TYR A 135 -48.76 -24.17 13.47
N LYS A 136 -48.82 -23.98 14.78
CA LYS A 136 -48.82 -22.62 15.30
C LYS A 136 -47.43 -22.14 15.69
N GLY A 137 -46.60 -23.00 16.24
CA GLY A 137 -45.27 -22.62 16.67
C GLY A 137 -44.38 -22.26 15.50
N PRO A 138 -44.02 -23.24 14.68
CA PRO A 138 -43.16 -22.96 13.53
C PRO A 138 -43.85 -22.15 12.43
N CYS A 139 -45.18 -22.13 12.41
CA CYS A 139 -45.95 -21.49 11.35
C CYS A 139 -45.74 -22.15 9.99
N CYS A 140 -45.42 -23.44 9.99
CA CYS A 140 -45.35 -24.20 8.75
C CYS A 140 -46.71 -24.83 8.46
N GLN A 141 -46.85 -25.38 7.26
CA GLN A 141 -48.11 -25.97 6.87
C GLN A 141 -47.88 -27.20 6.02
N LEU A 142 -48.84 -28.12 6.07
CA LEU A 142 -48.87 -29.31 5.25
C LEU A 142 -50.15 -29.29 4.44
N VAL A 143 -50.07 -29.59 3.14
CA VAL A 143 -51.22 -29.46 2.27
C VAL A 143 -51.25 -30.65 1.33
N GLY A 144 -52.35 -31.36 1.29
CA GLY A 144 -52.49 -32.41 0.31
C GLY A 144 -53.29 -33.57 0.86
N ASP A 145 -52.88 -34.77 0.45
CA ASP A 145 -53.61 -36.00 0.74
C ASP A 145 -53.18 -36.56 2.09
N TRP A 146 -54.15 -36.71 2.99
CA TRP A 146 -54.01 -37.41 4.25
C TRP A 146 -54.60 -38.82 4.13
N ALA A 147 -54.29 -39.64 5.11
CA ALA A 147 -54.82 -41.00 5.16
C ALA A 147 -54.82 -41.46 6.61
N ASP A 148 -56.00 -41.52 7.23
CA ASP A 148 -56.19 -42.08 8.55
C ASP A 148 -55.37 -41.33 9.60
N GLY A 149 -55.63 -40.03 9.67
CA GLY A 149 -54.99 -39.19 10.67
C GLY A 149 -53.57 -38.78 10.36
N GLY A 150 -52.98 -39.33 9.31
CA GLY A 150 -51.61 -39.00 8.97
C GLY A 150 -51.47 -38.45 7.58
N PHE A 151 -50.36 -37.77 7.31
CA PHE A 151 -50.12 -37.12 6.04
C PHE A 151 -49.35 -38.05 5.13
N THR A 152 -49.84 -38.26 3.91
CA THR A 152 -49.18 -39.18 3.01
C THR A 152 -48.63 -38.54 1.75
N TYR A 153 -49.26 -37.50 1.21
CA TYR A 153 -48.75 -36.96 -0.04
C TYR A 153 -49.02 -35.47 -0.13
N GLY A 154 -48.14 -34.76 -0.81
CA GLY A 154 -48.35 -33.35 -1.06
C GLY A 154 -47.18 -32.46 -0.78
N ARG A 155 -47.44 -31.29 -0.20
CA ARG A 155 -46.44 -30.27 0.00
C ARG A 155 -46.35 -29.90 1.47
N TRP A 156 -45.16 -29.48 1.88
CA TRP A 156 -44.89 -29.00 3.22
C TRP A 156 -44.13 -27.69 3.07
N VAL A 157 -44.74 -26.58 3.46
CA VAL A 157 -44.13 -25.28 3.24
C VAL A 157 -43.80 -24.63 4.58
N TYR A 158 -42.73 -23.85 4.60
CA TYR A 158 -42.28 -23.20 5.80
C TYR A 158 -42.85 -21.78 5.84
N ALA A 159 -42.48 -21.04 6.88
CA ALA A 159 -42.96 -19.67 7.00
C ALA A 159 -42.33 -18.75 5.96
N ASP A 160 -41.17 -19.12 5.43
CA ASP A 160 -40.45 -18.24 4.51
C ASP A 160 -40.72 -18.55 3.05
N GLY A 161 -41.37 -19.66 2.74
CA GLY A 161 -41.65 -20.05 1.38
C GLY A 161 -40.97 -21.31 0.93
N SER A 162 -39.95 -21.77 1.64
CA SER A 162 -39.30 -23.02 1.29
C SER A 162 -40.26 -24.18 1.46
N MET A 163 -40.07 -25.22 0.68
CA MET A 163 -41.02 -26.32 0.75
C MET A 163 -40.37 -27.63 0.38
N PHE A 164 -41.04 -28.71 0.74
CA PHE A 164 -40.74 -30.06 0.30
C PHE A 164 -41.98 -30.60 -0.39
N MET A 165 -41.80 -31.36 -1.46
CA MET A 165 -42.94 -31.97 -2.12
C MET A 165 -42.65 -33.43 -2.43
N GLY A 166 -43.62 -34.29 -2.14
CA GLY A 166 -43.50 -35.67 -2.52
C GLY A 166 -44.09 -36.58 -1.47
N LYS A 167 -43.68 -37.85 -1.51
CA LYS A 167 -44.27 -38.87 -0.66
C LYS A 167 -43.78 -38.70 0.78
N PHE A 168 -44.71 -38.55 1.70
CA PHE A 168 -44.42 -38.47 3.12
C PHE A 168 -44.63 -39.82 3.78
N GLY A 169 -44.26 -39.91 5.05
CA GLY A 169 -44.34 -41.15 5.78
C GLY A 169 -45.75 -41.70 5.92
N GLY A 170 -46.60 -40.99 6.65
CA GLY A 170 -47.94 -41.46 6.89
C GLY A 170 -48.24 -41.61 8.37
N ALA A 171 -49.32 -42.30 8.71
CA ALA A 171 -49.64 -42.54 10.11
C ALA A 171 -48.73 -43.60 10.73
N ALA A 172 -48.27 -44.56 9.93
CA ALA A 172 -47.27 -45.51 10.41
C ALA A 172 -46.03 -44.77 10.90
N ALA A 173 -45.47 -43.91 10.04
CA ALA A 173 -44.46 -42.95 10.46
C ALA A 173 -45.15 -41.79 11.14
N ASP A 174 -44.46 -40.67 11.31
CA ASP A 174 -45.08 -39.53 11.96
C ASP A 174 -45.14 -38.35 11.01
N SER A 175 -45.61 -38.62 9.79
CA SER A 175 -45.71 -37.62 8.73
C SER A 175 -44.34 -37.13 8.29
N LYS A 176 -43.33 -37.97 8.47
CA LYS A 176 -41.99 -37.61 8.07
C LYS A 176 -41.84 -37.73 6.56
N PRO A 177 -41.06 -36.85 5.93
CA PRO A 177 -40.87 -36.95 4.49
C PRO A 177 -40.13 -38.23 4.14
N THR A 178 -40.46 -38.80 2.99
CA THR A 178 -39.87 -40.05 2.55
C THR A 178 -39.14 -39.92 1.23
N ALA A 179 -39.74 -39.32 0.22
CA ALA A 179 -39.09 -39.27 -1.08
C ALA A 179 -39.66 -38.12 -1.89
N GLY A 180 -38.80 -37.20 -2.32
CA GLY A 180 -39.29 -36.06 -3.08
C GLY A 180 -38.22 -35.02 -3.26
N SER A 181 -38.66 -33.78 -3.43
CA SER A 181 -37.73 -32.71 -3.74
C SER A 181 -37.86 -31.56 -2.76
N TYR A 182 -36.72 -30.98 -2.41
CA TYR A 182 -36.62 -29.80 -1.57
C TYR A 182 -36.42 -28.58 -2.45
N PHE A 183 -37.14 -27.50 -2.13
CA PHE A 183 -36.90 -26.18 -2.69
C PHE A 183 -36.65 -25.24 -1.52
N TYR A 184 -35.50 -24.59 -1.54
CA TYR A 184 -35.17 -23.57 -0.55
C TYR A 184 -35.20 -22.21 -1.21
N SER A 185 -35.94 -21.29 -0.60
CA SER A 185 -36.26 -20.01 -1.24
C SER A 185 -35.11 -19.03 -1.16
N SER A 186 -34.45 -18.94 0.00
CA SER A 186 -33.38 -17.97 0.16
C SER A 186 -32.29 -18.15 -0.89
N SER A 187 -31.92 -19.40 -1.15
CA SER A 187 -30.99 -19.69 -2.23
C SER A 187 -31.69 -20.08 -3.52
N SER A 188 -32.99 -20.32 -3.48
CA SER A 188 -33.76 -20.70 -4.66
C SER A 188 -33.27 -22.01 -5.25
N LEU A 189 -32.76 -22.91 -4.42
CA LEU A 189 -32.18 -24.16 -4.89
C LEU A 189 -33.20 -25.28 -4.81
N VAL A 190 -33.00 -26.30 -5.65
CA VAL A 190 -33.94 -27.42 -5.76
C VAL A 190 -33.15 -28.71 -5.87
N GLN A 191 -33.34 -29.61 -4.92
CA GLN A 191 -32.66 -30.90 -4.97
C GLN A 191 -33.65 -32.04 -4.78
N GLU A 192 -33.57 -33.04 -5.66
CA GLU A 192 -34.41 -34.22 -5.58
C GLU A 192 -33.67 -35.36 -4.89
N GLY A 193 -34.37 -36.10 -4.04
CA GLY A 193 -33.79 -37.26 -3.40
C GLY A 193 -34.72 -37.98 -2.46
N HIS A 194 -34.15 -38.60 -1.43
CA HIS A 194 -34.90 -39.37 -0.46
C HIS A 194 -34.15 -39.39 0.85
N PHE A 195 -34.76 -39.99 1.86
CA PHE A 195 -34.16 -40.12 3.18
C PHE A 195 -33.69 -41.54 3.42
N ALA A 196 -32.83 -41.70 4.41
CA ALA A 196 -32.35 -42.99 4.85
C ALA A 196 -33.04 -43.39 6.15
N LYS A 197 -32.80 -44.63 6.56
CA LYS A 197 -33.41 -45.14 7.79
C LYS A 197 -33.00 -44.31 9.00
N ASP A 198 -31.80 -43.72 8.96
CA ASP A 198 -31.35 -42.87 10.05
C ASP A 198 -31.88 -41.45 9.95
N GLY A 199 -32.36 -41.04 8.78
CA GLY A 199 -32.80 -39.69 8.56
C GLY A 199 -31.82 -38.83 7.79
N SER A 200 -30.77 -39.43 7.23
CA SER A 200 -29.81 -38.68 6.44
C SER A 200 -30.38 -38.44 5.06
N TRP A 201 -30.37 -37.17 4.63
CA TRP A 201 -30.86 -36.83 3.31
C TRP A 201 -29.87 -37.31 2.26
N VAL A 202 -30.37 -37.99 1.24
CA VAL A 202 -29.54 -38.56 0.18
C VAL A 202 -29.99 -37.95 -1.14
N GLY A 203 -29.18 -37.05 -1.69
CA GLY A 203 -29.55 -36.39 -2.92
C GLY A 203 -29.24 -37.26 -4.13
N HIS A 204 -30.17 -37.28 -5.07
CA HIS A 204 -29.94 -38.01 -6.32
C HIS A 204 -28.89 -37.32 -7.17
N ARG A 205 -28.95 -35.99 -7.24
CA ARG A 205 -27.99 -35.20 -8.00
C ARG A 205 -27.67 -33.95 -7.19
N ASP A 206 -26.83 -33.09 -7.77
CA ASP A 206 -26.52 -31.84 -7.13
C ASP A 206 -27.70 -30.88 -7.24
N PRO A 207 -27.78 -29.90 -6.36
CA PRO A 207 -28.85 -28.91 -6.47
C PRO A 207 -28.79 -28.16 -7.79
N ALA A 208 -29.88 -27.47 -8.09
CA ALA A 208 -29.96 -26.59 -9.24
C ALA A 208 -30.86 -25.42 -8.88
N VAL A 209 -31.05 -24.51 -9.81
CA VAL A 209 -31.91 -23.35 -9.59
C VAL A 209 -33.28 -23.64 -10.18
N GLY A 210 -34.32 -23.50 -9.37
CA GLY A 210 -35.66 -23.84 -9.80
C GLY A 210 -36.74 -23.05 -9.09
N LYS A 211 -37.98 -23.52 -9.20
CA LYS A 211 -39.15 -22.83 -8.67
C LYS A 211 -39.88 -23.71 -7.67
N GLU A 212 -40.87 -23.13 -7.00
CA GLU A 212 -41.42 -23.67 -5.76
C GLU A 212 -42.65 -24.54 -5.98
N PHE A 213 -42.60 -25.52 -6.88
CA PHE A 213 -43.56 -26.62 -6.93
C PHE A 213 -45.01 -26.14 -6.86
N SER A 214 -45.42 -25.43 -7.90
CA SER A 214 -46.81 -24.98 -7.98
C SER A 214 -47.73 -26.02 -8.62
N VAL A 215 -47.27 -27.27 -8.70
CA VAL A 215 -48.05 -28.36 -9.29
C VAL A 215 -49.38 -28.54 -8.58
N GLN B 447 118.57 29.99 23.24
CA GLN B 447 118.74 29.44 24.59
C GLN B 447 117.65 28.41 24.93
N VAL B 448 117.65 27.30 24.21
CA VAL B 448 116.70 26.22 24.47
C VAL B 448 117.19 24.96 23.76
N ALA B 449 116.73 23.80 24.22
CA ALA B 449 117.06 22.53 23.59
C ALA B 449 115.78 21.73 23.34
N LEU B 450 115.91 20.45 22.98
CA LEU B 450 114.72 19.73 22.52
C LEU B 450 114.96 18.23 22.50
N MET B 451 114.05 17.49 23.16
CA MET B 451 113.92 16.04 23.04
C MET B 451 112.60 15.62 23.71
N LYS B 452 111.80 14.78 23.04
CA LYS B 452 110.45 14.52 23.51
C LYS B 452 110.11 13.04 23.48
N LEU B 453 109.42 12.59 24.52
CA LEU B 453 108.88 11.24 24.64
C LEU B 453 107.40 11.32 25.00
N TYR B 454 106.60 10.42 24.44
CA TYR B 454 105.16 10.50 24.63
C TYR B 454 104.54 9.12 24.51
N LYS B 455 103.26 9.04 24.88
CA LYS B 455 102.45 7.86 24.67
C LYS B 455 101.62 8.01 23.40
N GLU B 456 101.32 6.90 22.76
CA GLU B 456 100.46 6.88 21.57
C GLU B 456 99.47 5.73 21.73
N TYR B 457 98.27 6.06 22.16
CA TYR B 457 97.26 5.05 22.44
C TYR B 457 96.86 4.31 21.17
N ALA B 458 96.37 3.08 21.36
CA ALA B 458 95.93 2.28 20.23
C ALA B 458 94.59 2.74 19.68
N ASP B 459 93.88 3.61 20.38
CA ASP B 459 92.64 4.20 19.91
C ASP B 459 92.92 5.66 19.59
N SER B 460 93.39 5.91 18.37
CA SER B 460 93.68 7.25 17.89
C SER B 460 93.59 7.22 16.37
N ALA B 461 93.52 8.42 15.79
CA ALA B 461 93.28 8.53 14.35
C ALA B 461 94.36 7.82 13.54
N PHE B 462 95.61 7.91 14.00
CA PHE B 462 96.71 7.28 13.28
C PHE B 462 96.51 5.77 13.20
N ASN B 463 96.17 5.15 14.34
CA ASN B 463 95.96 3.71 14.35
C ASN B 463 94.79 3.31 13.47
N VAL B 464 93.72 4.11 13.48
CA VAL B 464 92.60 3.85 12.59
C VAL B 464 93.04 3.92 11.14
N PHE B 465 93.97 4.83 10.84
CA PHE B 465 94.47 4.93 9.47
C PHE B 465 95.28 3.70 9.10
N ARG B 466 96.18 3.27 9.99
CA ARG B 466 97.05 2.14 9.66
C ARG B 466 96.27 0.84 9.47
N GLY B 467 95.06 0.76 10.01
CA GLY B 467 94.23 -0.40 9.77
C GLY B 467 93.88 -0.63 8.31
N ALA B 468 94.07 0.38 7.48
CA ALA B 468 93.79 0.28 6.06
C ALA B 468 95.08 0.03 5.28
N GLY B 469 95.00 -0.82 4.26
CA GLY B 469 96.15 -1.13 3.43
C GLY B 469 96.31 -0.14 2.29
N VAL B 470 96.37 1.15 2.64
CA VAL B 470 96.51 2.22 1.66
C VAL B 470 97.79 2.99 1.94
N ASP B 471 98.15 3.87 1.02
CA ASP B 471 99.41 4.58 1.11
C ASP B 471 99.33 5.79 2.04
N ASN B 472 98.48 6.76 1.70
CA ASN B 472 98.43 8.01 2.44
C ASN B 472 97.00 8.35 2.85
N VAL B 473 96.80 9.57 3.36
CA VAL B 473 95.45 10.01 3.70
C VAL B 473 94.64 10.26 2.44
N ALA B 474 95.30 10.75 1.39
CA ALA B 474 94.61 11.02 0.14
C ALA B 474 94.05 9.75 -0.48
N ALA B 475 94.60 8.59 -0.14
CA ALA B 475 94.01 7.32 -0.55
C ALA B 475 93.04 6.77 0.48
N PHE B 476 93.20 7.16 1.75
CA PHE B 476 92.23 6.74 2.76
C PHE B 476 90.88 7.37 2.50
N ILE B 477 90.83 8.70 2.41
CA ILE B 477 89.55 9.37 2.13
C ILE B 477 89.09 9.18 0.70
N GLY B 478 89.89 8.53 -0.14
CA GLY B 478 89.54 8.36 -1.54
C GLY B 478 88.90 7.03 -1.84
N GLN B 479 89.00 6.07 -0.92
CA GLN B 479 88.44 4.76 -1.14
C GLN B 479 86.91 4.83 -1.10
N GLU B 480 86.27 3.68 -1.31
CA GLU B 480 84.82 3.65 -1.39
C GLU B 480 84.20 4.15 -0.09
N PRO B 481 83.11 4.91 -0.16
CA PRO B 481 82.56 5.50 1.08
C PRO B 481 82.10 4.45 2.08
N ASP B 482 81.44 3.39 1.63
CA ASP B 482 80.98 2.37 2.55
C ASP B 482 82.13 1.70 3.29
N THR B 483 83.29 1.58 2.65
CA THR B 483 84.46 1.04 3.34
C THR B 483 84.88 1.96 4.47
N ILE B 484 84.91 3.28 4.21
CA ILE B 484 85.24 4.23 5.26
C ILE B 484 84.22 4.14 6.39
N ILE B 485 82.95 3.93 6.05
CA ILE B 485 81.92 3.77 7.06
C ILE B 485 82.20 2.56 7.92
N ASN B 486 82.56 1.44 7.28
CA ASN B 486 82.88 0.23 8.04
C ASN B 486 84.04 0.48 9.00
N GLN B 487 85.09 1.13 8.52
CA GLN B 487 86.26 1.36 9.37
C GLN B 487 85.92 2.27 10.54
N LEU B 488 85.18 3.34 10.29
CA LEU B 488 84.80 4.23 11.38
C LEU B 488 83.86 3.56 12.36
N LYS B 489 82.98 2.68 11.88
CA LYS B 489 82.12 1.93 12.77
C LYS B 489 82.93 0.98 13.64
N ALA B 490 83.94 0.33 13.06
CA ALA B 490 84.84 -0.48 13.86
C ALA B 490 85.50 0.34 14.95
N TYR B 491 85.93 1.56 14.61
CA TYR B 491 86.51 2.43 15.62
C TYR B 491 85.50 2.75 16.71
N LEU B 492 84.26 3.01 16.34
CA LEU B 492 83.22 3.32 17.33
C LEU B 492 83.02 2.15 18.29
N GLU B 493 82.93 0.94 17.74
CA GLU B 493 82.78 -0.25 18.57
C GLU B 493 83.95 -0.42 19.51
N ALA B 494 85.17 -0.20 19.00
CA ALA B 494 86.35 -0.29 19.86
C ALA B 494 86.27 0.69 21.01
N THR B 495 85.85 1.92 20.72
CA THR B 495 85.73 2.92 21.78
C THR B 495 84.72 2.49 22.84
N LYS B 496 83.58 1.97 22.39
CA LYS B 496 82.57 1.52 23.36
C LYS B 496 83.08 0.38 24.21
N LYS B 497 83.78 -0.58 23.60
CA LYS B 497 84.32 -1.70 24.35
C LYS B 497 85.32 -1.23 25.39
N GLN B 498 86.22 -0.32 25.00
CA GLN B 498 87.19 0.21 25.96
C GLN B 498 86.49 0.92 27.10
N LYS B 499 85.48 1.73 26.79
CA LYS B 499 84.78 2.45 27.85
C LYS B 499 84.12 1.48 28.83
N ALA B 500 83.46 0.45 28.29
CA ALA B 500 82.79 -0.52 29.14
C ALA B 500 83.79 -1.27 30.01
N ALA B 501 84.90 -1.70 29.41
CA ALA B 501 85.90 -2.44 30.18
C ALA B 501 86.50 -1.57 31.28
N GLU B 502 86.77 -0.30 30.98
CA GLU B 502 87.30 0.58 32.01
C GLU B 502 86.31 0.76 33.14
N ALA B 503 85.04 1.00 32.81
CA ALA B 503 84.04 1.16 33.85
C ALA B 503 83.93 -0.10 34.72
N ALA B 504 83.92 -1.27 34.09
CA ALA B 504 83.78 -2.52 34.83
C ALA B 504 84.99 -2.76 35.72
N ALA B 505 86.20 -2.56 35.20
CA ALA B 505 87.39 -2.77 36.01
C ALA B 505 87.46 -1.78 37.17
N ALA B 506 87.09 -0.52 36.92
CA ALA B 506 87.07 0.46 37.99
C ALA B 506 86.10 0.06 39.08
N ALA B 507 84.88 -0.34 38.69
CA ALA B 507 83.90 -0.77 39.67
C ALA B 507 84.41 -1.96 40.48
N ALA B 508 84.97 -2.96 39.80
CA ALA B 508 85.43 -4.16 40.48
C ALA B 508 86.56 -3.87 41.45
N ALA B 509 87.54 -3.07 41.02
CA ALA B 509 88.65 -2.71 41.90
C ALA B 509 88.18 -1.85 43.07
N GLU B 510 87.13 -1.04 42.86
CA GLU B 510 86.62 -0.21 43.94
C GLU B 510 85.83 -1.02 44.95
N GLU B 511 85.21 -2.12 44.53
CA GLU B 511 84.42 -2.93 45.45
C GLU B 511 85.30 -3.61 46.49
N SER B 512 86.56 -3.89 46.15
CA SER B 512 87.49 -4.45 47.13
C SER B 512 88.10 -3.37 48.00
N GLY B 513 87.85 -2.10 47.74
CA GLY B 513 88.47 -1.03 48.48
C GLY B 513 89.87 -0.67 48.02
N GLU B 514 90.26 -1.08 46.82
CA GLU B 514 91.61 -0.90 46.32
C GLU B 514 91.61 0.00 45.10
N GLU B 515 92.81 0.42 44.70
CA GLU B 515 93.01 1.38 43.62
C GLU B 515 93.71 0.71 42.45
N ILE B 516 94.01 1.52 41.43
CA ILE B 516 94.66 1.03 40.22
C ILE B 516 96.00 1.74 40.05
N THR B 517 95.95 3.07 39.96
CA THR B 517 97.14 3.91 39.79
C THR B 517 97.93 3.48 38.54
N ALA B 518 97.20 3.27 37.45
CA ALA B 518 97.82 2.89 36.19
C ALA B 518 96.98 3.43 35.05
N ASP B 519 97.58 3.49 33.86
CA ASP B 519 96.86 3.93 32.68
C ASP B 519 95.98 2.80 32.18
N PRO B 520 94.66 2.95 32.23
CA PRO B 520 93.76 1.86 31.82
C PRO B 520 93.62 1.69 30.32
N LYS B 521 94.44 2.35 29.51
CA LYS B 521 94.27 2.31 28.08
C LYS B 521 95.49 1.72 27.39
N PRO B 522 95.30 0.83 26.42
CA PRO B 522 96.45 0.30 25.68
C PRO B 522 97.16 1.39 24.90
N HIS B 523 98.48 1.35 24.93
CA HIS B 523 99.26 2.42 24.31
C HIS B 523 100.65 1.90 23.99
N VAL B 524 101.45 2.77 23.37
CA VAL B 524 102.84 2.53 23.06
C VAL B 524 103.61 3.81 23.36
N TRP B 525 104.85 3.68 23.81
CA TRP B 525 105.69 4.85 23.99
C TRP B 525 106.49 5.12 22.71
N ARG B 526 106.80 6.40 22.49
CA ARG B 526 107.52 6.81 21.30
C ARG B 526 108.43 7.98 21.62
N PHE B 527 109.48 8.10 20.83
CA PHE B 527 110.42 9.21 20.91
C PHE B 527 110.34 10.03 19.64
N ARG B 528 110.32 11.35 19.79
CA ARG B 528 110.24 12.27 18.66
C ARG B 528 111.59 12.96 18.53
N ALA B 529 112.31 12.65 17.46
CA ALA B 529 113.64 13.20 17.21
C ALA B 529 113.48 14.64 16.75
N LEU B 530 113.52 15.56 17.69
CA LEU B 530 113.34 16.98 17.40
C LEU B 530 114.39 17.79 18.13
N GLY B 531 115.07 18.68 17.39
CA GLY B 531 115.96 19.64 18.00
C GLY B 531 115.63 21.05 17.55
N LEU B 532 115.18 21.89 18.47
CA LEU B 532 114.74 23.23 18.15
C LEU B 532 115.36 24.24 19.11
N ASN B 533 115.54 25.46 18.62
CA ASN B 533 116.10 26.55 19.38
C ASN B 533 115.05 27.62 19.59
N PHE B 534 114.99 28.17 20.79
CA PHE B 534 113.99 29.17 21.15
C PHE B 534 114.67 30.34 21.84
N GLY B 535 114.54 31.53 21.25
CA GLY B 535 115.13 32.71 21.84
C GLY B 535 114.57 33.07 23.20
N GLY B 536 113.35 32.63 23.50
CA GLY B 536 112.77 32.88 24.79
C GLY B 536 113.61 32.30 25.91
N ASP B 537 113.85 33.09 26.95
CA ASP B 537 114.73 32.65 28.02
C ASP B 537 114.00 31.73 29.00
N SER B 538 112.97 32.24 29.66
CA SER B 538 112.18 31.42 30.55
C SER B 538 111.24 30.53 29.76
N LEU B 539 110.83 29.41 30.38
CA LEU B 539 109.92 28.48 29.72
C LEU B 539 108.63 29.16 29.31
N GLU B 540 108.16 30.13 30.10
CA GLU B 540 106.90 30.78 29.79
C GLU B 540 106.98 31.59 28.50
N ALA B 541 108.16 32.09 28.16
CA ALA B 541 108.31 32.86 26.93
C ALA B 541 108.00 32.03 25.70
N ILE B 542 108.22 30.72 25.77
CA ILE B 542 107.91 29.83 24.67
C ILE B 542 106.58 29.09 24.92
N GLU B 543 105.75 29.63 25.83
CA GLU B 543 104.53 28.95 26.24
C GLU B 543 103.70 28.48 25.06
N HIS B 544 103.68 29.25 23.97
CA HIS B 544 102.97 28.80 22.78
C HIS B 544 103.65 27.59 22.17
N ASP B 545 104.90 27.76 21.72
CA ASP B 545 105.54 26.70 20.96
C ASP B 545 105.70 25.43 21.78
N LEU B 546 105.99 25.59 23.08
CA LEU B 546 106.01 24.44 23.98
C LEU B 546 104.76 23.58 23.79
N LYS B 547 103.59 24.21 23.85
CA LYS B 547 102.35 23.48 23.66
C LYS B 547 102.37 22.69 22.36
N ASN B 548 102.79 23.33 21.27
CA ASN B 548 102.89 22.63 20.00
C ASN B 548 103.78 21.40 20.12
N LEU B 549 104.95 21.57 20.74
CA LEU B 549 105.83 20.43 20.99
C LEU B 549 105.09 19.34 21.76
N PHE B 550 104.35 19.73 22.79
CA PHE B 550 103.62 18.75 23.58
C PHE B 550 102.46 18.15 22.78
N ALA B 551 101.93 18.87 21.80
CA ALA B 551 100.67 18.49 21.19
C ALA B 551 100.76 18.21 19.70
N PHE B 552 101.44 19.06 18.94
CA PHE B 552 101.29 19.01 17.49
C PHE B 552 101.83 17.71 16.91
N ASP B 553 103.07 17.37 17.22
CA ASP B 553 103.70 16.14 16.73
C ASP B 553 103.68 16.07 15.20
N GLY B 554 104.20 17.11 14.57
CA GLY B 554 104.36 17.15 13.13
C GLY B 554 105.57 17.99 12.76
N ASP B 555 105.68 18.42 11.51
CA ASP B 555 106.79 19.28 11.11
C ASP B 555 106.63 20.63 11.78
N LEU B 556 107.41 20.87 12.83
CA LEU B 556 107.35 22.11 13.56
C LEU B 556 108.42 23.08 13.08
N ALA B 557 108.53 24.20 13.77
CA ALA B 557 109.49 25.27 13.51
C ALA B 557 109.40 26.28 14.64
N PRO B 558 110.47 26.99 14.96
CA PRO B 558 110.38 28.03 15.98
C PRO B 558 109.41 29.14 15.62
N GLY B 559 109.13 29.33 14.33
CA GLY B 559 108.12 30.28 13.91
C GLY B 559 106.72 29.72 14.03
N ALA B 560 105.77 30.52 13.60
CA ALA B 560 104.36 30.17 13.66
C ALA B 560 103.95 29.39 12.43
N ALA B 561 102.64 29.26 12.21
CA ALA B 561 102.07 28.67 11.00
C ALA B 561 102.51 27.21 10.83
N ARG B 562 102.06 26.39 11.77
CA ARG B 562 102.31 24.96 11.67
C ARG B 562 101.78 24.44 10.34
N ASP B 563 102.65 23.74 9.62
CA ASP B 563 102.36 23.30 8.25
C ASP B 563 102.99 21.94 8.04
N SER B 564 102.19 21.00 7.55
CA SER B 564 102.66 19.65 7.31
C SER B 564 101.68 18.94 6.40
N ASP B 565 102.20 18.12 5.49
CA ASP B 565 101.34 17.26 4.70
C ASP B 565 100.86 16.05 5.48
N THR B 566 101.55 15.71 6.57
CA THR B 566 101.17 14.61 7.45
C THR B 566 101.49 15.00 8.87
N SER B 567 100.48 15.02 9.74
CA SER B 567 100.69 15.39 11.12
C SER B 567 99.59 14.78 11.98
N ARG B 568 99.92 14.54 13.24
CA ARG B 568 99.03 13.88 14.18
C ARG B 568 98.96 14.70 15.45
N SER B 569 97.89 15.45 15.63
CA SER B 569 97.71 16.30 16.79
C SER B 569 96.71 15.70 17.75
N SER B 570 96.78 16.15 19.00
CA SER B 570 95.89 15.70 20.05
C SER B 570 95.42 16.91 20.86
N PHE B 571 94.26 16.77 21.47
CA PHE B 571 93.56 17.87 22.11
C PHE B 571 93.25 17.52 23.56
N PRO B 572 93.02 18.52 24.42
CA PRO B 572 92.85 18.24 25.85
C PRO B 572 91.64 17.37 26.18
N ASN B 573 90.68 17.22 25.26
CA ASN B 573 89.53 16.39 25.56
C ASN B 573 89.75 14.93 25.19
N GLY B 574 90.74 14.64 24.37
CA GLY B 574 91.01 13.28 23.94
C GLY B 574 90.84 13.05 22.46
N ASP B 575 90.28 14.01 21.73
CA ASP B 575 90.16 13.86 20.28
C ASP B 575 91.53 13.87 19.64
N THR B 576 91.64 13.21 18.49
CA THR B 576 92.93 13.11 17.81
C THR B 576 92.74 13.30 16.32
N TYR B 577 93.65 14.06 15.71
CA TYR B 577 93.60 14.36 14.29
C TYR B 577 94.84 13.82 13.61
N PHE B 578 94.64 13.26 12.41
CA PHE B 578 95.75 12.83 11.56
C PHE B 578 95.44 13.26 10.14
N GLY B 579 96.31 14.09 9.57
CA GLY B 579 96.07 14.58 8.23
C GLY B 579 96.96 15.75 7.90
N SER B 580 96.52 16.55 6.94
CA SER B 580 97.33 17.67 6.46
C SER B 580 97.00 18.94 7.22
N TYR B 581 98.00 19.80 7.32
CA TYR B 581 97.88 21.12 7.94
C TYR B 581 98.31 22.18 6.95
N ALA B 582 97.78 23.39 7.15
CA ALA B 582 98.18 24.53 6.32
C ALA B 582 97.83 25.81 7.06
N ASP B 583 98.84 26.62 7.34
CA ASP B 583 98.66 27.93 7.97
C ASP B 583 97.96 27.82 9.32
N ASP B 584 98.64 27.16 10.25
CA ASP B 584 98.31 27.15 11.67
C ASP B 584 97.00 26.43 11.99
N VAL B 585 96.27 25.94 10.98
CA VAL B 585 94.99 25.27 11.18
C VAL B 585 94.89 24.11 10.20
N LYS B 586 93.90 23.25 10.43
CA LYS B 586 93.72 22.08 9.60
C LYS B 586 93.24 22.47 8.21
N HIS B 587 93.71 21.74 7.20
CA HIS B 587 93.42 22.07 5.82
C HIS B 587 93.84 20.90 4.95
N GLY B 588 93.03 20.61 3.93
CA GLY B 588 93.28 19.49 3.06
C GLY B 588 92.68 18.21 3.59
N PRO B 589 93.09 17.07 3.04
CA PRO B 589 92.58 15.80 3.54
C PRO B 589 93.03 15.53 4.97
N GLY B 590 92.11 15.03 5.78
CA GLY B 590 92.37 14.78 7.18
C GLY B 590 91.54 13.62 7.67
N LEU B 591 91.66 13.36 8.97
CA LEU B 591 90.95 12.26 9.61
C LEU B 591 90.84 12.60 11.08
N TYR B 592 89.66 12.49 11.64
CA TYR B 592 89.39 12.94 12.99
C TYR B 592 88.73 11.83 13.79
N ALA B 593 89.19 11.64 15.03
CA ALA B 593 88.61 10.65 15.93
C ALA B 593 88.24 11.36 17.22
N PHE B 594 86.94 11.46 17.48
CA PHE B 594 86.47 12.10 18.70
C PHE B 594 86.60 11.14 19.88
N ALA B 595 86.59 11.71 21.08
CA ALA B 595 86.66 10.88 22.28
C ALA B 595 85.44 9.99 22.40
N THR B 596 84.27 10.51 22.03
CA THR B 596 83.01 9.79 22.18
C THR B 596 82.81 8.71 21.13
N GLY B 597 83.77 8.50 20.24
CA GLY B 597 83.66 7.48 19.22
C GLY B 597 83.19 7.96 17.87
N ALA B 598 82.89 9.25 17.72
CA ALA B 598 82.54 9.78 16.42
C ALA B 598 83.79 9.94 15.58
N GLY B 599 83.63 9.83 14.26
CA GLY B 599 84.75 9.93 13.36
C GLY B 599 84.40 10.75 12.13
N TYR B 600 85.44 11.15 11.41
CA TYR B 600 85.28 11.91 10.18
C TYR B 600 86.50 11.68 9.30
N ALA B 601 86.26 11.46 8.01
CA ALA B 601 87.32 11.24 7.04
C ALA B 601 86.92 11.94 5.74
N GLY B 602 87.31 13.19 5.60
CA GLY B 602 86.93 13.98 4.46
C GLY B 602 87.96 15.03 4.11
N GLU B 603 87.52 16.26 3.91
CA GLU B 603 88.42 17.37 3.64
C GLU B 603 88.21 18.47 4.68
N TYR B 604 89.26 19.23 4.93
CA TYR B 604 89.25 20.31 5.90
C TYR B 604 89.59 21.62 5.23
N ALA B 605 89.18 22.72 5.88
CA ALA B 605 89.54 24.05 5.44
C ALA B 605 89.22 25.06 6.54
N GLY B 606 90.19 25.92 6.86
CA GLY B 606 89.98 26.87 7.92
C GLY B 606 89.88 26.26 9.29
N GLY B 607 90.33 25.03 9.47
CA GLY B 607 90.22 24.37 10.76
C GLY B 607 88.90 23.67 11.00
N LYS B 608 88.06 23.54 9.98
CA LYS B 608 86.77 22.90 10.13
C LYS B 608 86.48 22.09 8.87
N ARG B 609 85.51 21.19 8.98
CA ARG B 609 85.15 20.35 7.84
C ARG B 609 84.67 21.22 6.68
N HIS B 610 85.07 20.85 5.47
CA HIS B 610 84.77 21.66 4.30
C HIS B 610 84.98 20.83 3.06
N GLY B 611 83.95 20.68 2.24
CA GLY B 611 84.07 19.90 1.03
C GLY B 611 83.47 18.52 1.17
N ARG B 612 83.99 17.55 0.42
CA ARG B 612 83.48 16.19 0.50
C ARG B 612 83.87 15.56 1.83
N GLY B 613 82.99 14.74 2.37
CA GLY B 613 83.22 14.16 3.68
C GLY B 613 82.35 12.96 3.95
N VAL B 614 82.82 12.14 4.89
CA VAL B 614 82.11 10.98 5.41
C VAL B 614 82.22 11.02 6.92
N MET B 615 81.09 10.83 7.60
CA MET B 615 81.05 11.03 9.04
C MET B 615 80.18 9.96 9.68
N VAL B 616 80.57 9.55 10.88
CA VAL B 616 79.86 8.54 11.66
C VAL B 616 79.72 9.05 13.08
N PHE B 617 78.50 9.02 13.59
CA PHE B 617 78.17 9.60 14.88
C PHE B 617 77.99 8.52 15.92
N PRO B 618 78.15 8.85 17.20
CA PRO B 618 78.11 7.81 18.25
C PRO B 618 76.77 7.11 18.37
N ASP B 619 75.69 7.67 17.84
CA ASP B 619 74.41 6.97 17.87
C ASP B 619 74.30 5.92 16.78
N GLY B 620 75.22 5.90 15.83
CA GLY B 620 75.16 5.02 14.69
C GLY B 620 74.75 5.70 13.40
N GLY B 621 74.38 6.99 13.45
CA GLY B 621 73.98 7.68 12.25
C GLY B 621 75.20 8.10 11.44
N THR B 622 75.07 7.98 10.12
CA THR B 622 76.17 8.29 9.21
C THR B 622 75.74 9.35 8.21
N TYR B 623 76.75 10.00 7.62
CA TYR B 623 76.55 11.03 6.62
C TYR B 623 77.62 10.91 5.56
N VAL B 624 77.22 11.08 4.30
CA VAL B 624 78.15 11.07 3.17
C VAL B 624 77.74 12.21 2.26
N GLY B 625 78.57 13.25 2.19
CA GLY B 625 78.19 14.38 1.38
C GLY B 625 79.10 15.57 1.48
N GLU B 626 78.55 16.77 1.59
CA GLU B 626 79.35 17.98 1.61
C GLU B 626 79.17 18.74 2.91
N PHE B 627 80.27 19.36 3.35
CA PHE B 627 80.32 20.16 4.57
C PHE B 627 80.73 21.58 4.23
N VAL B 628 80.27 22.53 5.04
CA VAL B 628 80.74 23.91 4.97
C VAL B 628 80.84 24.43 6.39
N ALA B 629 82.08 24.70 6.83
CA ALA B 629 82.34 25.29 8.14
C ALA B 629 81.75 24.45 9.27
N ASP B 630 82.16 23.19 9.31
CA ASP B 630 81.90 22.26 10.40
C ASP B 630 80.46 21.77 10.44
N LYS B 631 79.67 21.95 9.38
CA LYS B 631 78.29 21.52 9.36
C LYS B 631 77.93 21.06 7.96
N PHE B 632 76.81 20.35 7.85
CA PHE B 632 76.34 19.88 6.56
C PHE B 632 75.94 21.05 5.68
N GLU B 633 76.18 20.90 4.37
CA GLU B 633 75.81 21.93 3.41
C GLU B 633 75.87 21.40 1.99
N GLY B 634 74.82 21.61 1.21
CA GLY B 634 74.82 21.10 -0.14
C GLY B 634 74.25 19.70 -0.22
N GLN B 635 74.76 18.89 -1.13
CA GLN B 635 74.25 17.54 -1.29
C GLN B 635 74.80 16.62 -0.21
N GLY B 636 73.91 15.80 0.36
CA GLY B 636 74.32 14.85 1.36
C GLY B 636 73.29 13.75 1.57
N GLN B 637 73.78 12.55 1.86
CA GLN B 637 72.92 11.42 2.23
C GLN B 637 73.19 11.07 3.68
N TYR B 638 72.15 11.14 4.51
CA TYR B 638 72.22 10.80 5.91
C TYR B 638 71.44 9.52 6.16
N ARG B 639 72.05 8.60 6.91
CA ARG B 639 71.39 7.37 7.30
C ARG B 639 71.23 7.38 8.81
N TYR B 640 70.00 7.36 9.26
CA TYR B 640 69.62 7.48 10.66
C TYR B 640 69.65 6.11 11.34
N PRO B 641 69.77 6.09 12.67
CA PRO B 641 69.83 4.80 13.37
C PRO B 641 68.62 3.92 13.14
N ASP B 642 67.45 4.49 12.85
CA ASP B 642 66.25 3.69 12.67
C ASP B 642 66.26 2.92 11.35
N GLY B 643 67.01 3.38 10.36
CA GLY B 643 66.99 2.79 9.04
C GLY B 643 66.43 3.71 7.97
N SER B 644 66.04 4.93 8.32
CA SER B 644 65.53 5.89 7.36
C SER B 644 66.67 6.67 6.74
N VAL B 645 66.54 6.97 5.45
CA VAL B 645 67.60 7.63 4.68
C VAL B 645 67.06 8.93 4.12
N TYR B 646 67.76 10.03 4.40
CA TYR B 646 67.46 11.33 3.81
C TYR B 646 68.55 11.68 2.81
N THR B 647 68.18 11.76 1.54
CA THR B 647 69.11 12.12 0.47
C THR B 647 68.67 13.48 -0.06
N GLY B 648 69.44 14.53 0.24
CA GLY B 648 69.00 15.83 -0.21
C GLY B 648 69.96 16.98 0.02
N SER B 649 69.38 18.16 0.26
CA SER B 649 70.13 19.39 0.35
C SER B 649 70.11 19.93 1.78
N TRP B 650 71.26 20.40 2.23
CA TRP B 650 71.44 20.86 3.59
C TRP B 650 71.97 22.29 3.59
N ALA B 651 71.80 22.95 4.73
CA ALA B 651 72.31 24.30 4.92
C ALA B 651 72.39 24.59 6.41
N ALA B 652 73.58 24.99 6.87
CA ALA B 652 73.84 25.25 8.28
C ALA B 652 73.58 24.02 9.15
N GLY B 653 73.82 22.84 8.60
CA GLY B 653 73.69 21.62 9.38
C GLY B 653 72.28 21.16 9.62
N GLN B 654 71.38 21.35 8.65
CA GLN B 654 70.02 20.85 8.76
C GLN B 654 69.42 20.83 7.36
N LYS B 655 68.35 20.05 7.22
CA LYS B 655 67.72 19.88 5.92
C LYS B 655 67.19 21.21 5.41
N HIS B 656 67.50 21.52 4.16
CA HIS B 656 67.15 22.82 3.58
C HIS B 656 67.20 22.69 2.07
N GLY B 657 66.06 22.89 1.41
CA GLY B 657 65.98 22.67 0.00
C GLY B 657 65.25 21.38 -0.32
N PRO B 658 65.32 20.94 -1.56
CA PRO B 658 64.59 19.74 -1.97
C PRO B 658 65.35 18.46 -1.64
N GLY B 659 64.68 17.53 -0.96
CA GLY B 659 65.28 16.25 -0.62
C GLY B 659 64.24 15.15 -0.64
N VAL B 660 64.73 13.91 -0.64
CA VAL B 660 63.89 12.72 -0.59
C VAL B 660 64.18 11.98 0.70
N TYR B 661 63.13 11.65 1.46
CA TYR B 661 63.29 11.02 2.77
C TYR B 661 62.54 9.70 2.79
N TRP B 662 63.27 8.59 2.66
CA TRP B 662 62.68 7.28 2.86
C TRP B 662 62.64 6.95 4.35
N ASP B 663 61.46 6.64 4.86
CA ASP B 663 61.27 6.44 6.28
C ASP B 663 61.21 4.95 6.61
N THR B 664 61.27 4.65 7.91
CA THR B 664 61.21 3.27 8.38
C THR B 664 59.99 2.54 7.85
N ALA B 665 58.87 3.24 7.71
CA ALA B 665 57.67 2.63 7.16
C ALA B 665 57.79 2.31 5.67
N ARG B 666 58.95 2.51 5.07
CA ARG B 666 59.19 2.19 3.66
C ARG B 666 58.41 3.10 2.73
N GLY B 667 58.15 4.31 3.14
CA GLY B 667 57.49 5.30 2.28
C GLY B 667 58.35 6.53 2.13
N CYS B 668 58.37 7.07 0.92
CA CYS B 668 59.22 8.21 0.59
C CYS B 668 58.43 9.50 0.71
N LEU B 669 59.02 10.49 1.37
CA LEU B 669 58.45 11.81 1.52
C LEU B 669 59.34 12.80 0.79
N ARG B 670 58.78 13.44 -0.23
CA ARG B 670 59.49 14.48 -0.95
C ARG B 670 58.98 15.85 -0.51
N GLY B 671 59.58 16.89 -1.04
CA GLY B 671 59.19 18.23 -0.67
C GLY B 671 60.40 19.14 -0.67
N GLU B 672 60.29 20.21 0.10
CA GLU B 672 61.37 21.19 0.22
C GLU B 672 61.44 21.63 1.68
N TRP B 673 62.40 21.07 2.40
CA TRP B 673 62.58 21.43 3.80
C TRP B 673 63.11 22.85 3.91
N LYS B 674 62.92 23.42 5.10
CA LYS B 674 63.42 24.77 5.38
C LYS B 674 63.70 24.85 6.88
N LYS B 675 64.98 24.96 7.24
CA LYS B 675 65.41 24.97 8.64
C LYS B 675 65.01 23.70 9.37
N GLY B 676 65.07 22.58 8.65
CA GLY B 676 64.83 21.29 9.27
C GLY B 676 63.47 20.68 9.00
N LEU B 677 62.45 21.53 8.90
CA LEU B 677 61.07 21.07 8.79
C LEU B 677 60.59 21.14 7.35
N LEU B 678 59.80 20.15 6.95
CA LEU B 678 59.18 20.17 5.63
C LEU B 678 58.10 21.23 5.59
N VAL B 679 58.28 22.23 4.73
CA VAL B 679 57.37 23.37 4.66
C VAL B 679 56.94 23.55 3.21
N GLY B 680 55.66 23.83 3.00
CA GLY B 680 55.18 24.09 1.66
C GLY B 680 54.53 22.89 1.02
N LYS B 681 54.54 22.81 -0.30
CA LYS B 681 53.93 21.66 -0.96
C LYS B 681 54.81 20.44 -0.80
N GLY B 682 54.24 19.36 -0.25
CA GLY B 682 54.97 18.13 -0.10
C GLY B 682 54.13 16.93 -0.49
N THR B 683 54.76 15.94 -1.12
CA THR B 683 54.11 14.70 -1.46
C THR B 683 54.63 13.57 -0.59
N TYR B 684 53.76 12.60 -0.32
CA TYR B 684 54.10 11.42 0.45
C TYR B 684 53.54 10.22 -0.28
N GLU B 685 54.29 9.12 -0.28
CA GLU B 685 53.94 7.98 -1.11
C GLU B 685 54.06 6.68 -0.35
N GLN B 686 53.23 5.73 -0.73
CA GLN B 686 53.20 4.36 -0.26
C GLN B 686 52.71 3.55 -1.46
N PRO B 687 52.68 2.22 -1.41
CA PRO B 687 52.32 1.45 -2.61
C PRO B 687 51.08 1.94 -3.35
N ALA B 688 49.93 2.00 -2.68
CA ALA B 688 48.69 2.41 -3.34
C ALA B 688 48.16 3.71 -2.78
N LEU B 689 49.03 4.66 -2.46
CA LEU B 689 48.62 5.90 -1.81
C LEU B 689 49.52 7.03 -2.27
N ARG B 690 48.97 8.24 -2.26
CA ARG B 690 49.75 9.44 -2.50
C ARG B 690 49.04 10.62 -1.87
N PHE B 691 49.76 11.39 -1.08
CA PHE B 691 49.21 12.56 -0.42
C PHE B 691 50.00 13.77 -0.84
N GLU B 692 49.35 14.71 -1.52
CA GLU B 692 50.02 15.93 -1.96
C GLU B 692 49.36 17.10 -1.25
N GLY B 693 50.10 17.78 -0.38
CA GLY B 693 49.43 18.83 0.35
C GLY B 693 50.37 19.83 0.97
N GLU B 694 49.77 20.86 1.57
CA GLU B 694 50.56 21.85 2.28
C GLU B 694 51.11 21.25 3.57
N PHE B 695 52.26 21.78 3.99
CA PHE B 695 52.86 21.42 5.27
C PHE B 695 53.28 22.69 5.98
N VAL B 696 52.98 22.76 7.27
CA VAL B 696 53.34 23.88 8.13
C VAL B 696 54.15 23.32 9.29
N ARG B 697 55.44 23.67 9.33
CA ARG B 697 56.36 23.17 10.34
C ARG B 697 56.34 21.65 10.41
N GLY B 698 56.46 21.02 9.25
CA GLY B 698 56.46 19.59 9.15
C GLY B 698 55.10 18.93 9.25
N MET B 699 54.16 19.57 9.89
CA MET B 699 52.80 19.04 10.03
C MET B 699 51.97 19.42 8.81
N PRO B 700 51.17 18.50 8.27
CA PRO B 700 50.26 18.90 7.19
C PRO B 700 49.17 19.81 7.73
N ALA B 701 48.90 20.88 6.99
CA ALA B 701 47.88 21.84 7.38
C ALA B 701 47.52 22.66 6.15
N GLY B 702 46.25 22.63 5.77
CA GLY B 702 45.84 23.32 4.57
C GLY B 702 45.36 22.38 3.49
N THR B 703 45.39 22.86 2.24
CA THR B 703 44.82 22.12 1.12
C THR B 703 45.66 20.90 0.80
N ALA B 704 44.99 19.84 0.36
CA ALA B 704 45.66 18.60 0.05
C ALA B 704 44.81 17.77 -0.90
N THR B 705 45.42 16.72 -1.43
CA THR B 705 44.77 15.80 -2.33
C THR B 705 45.25 14.40 -2.01
N TYR B 706 44.31 13.49 -1.75
CA TYR B 706 44.60 12.09 -1.49
C TYR B 706 44.26 11.28 -2.72
N THR B 707 45.22 10.53 -3.23
CA THR B 707 45.03 9.66 -4.39
C THR B 707 45.23 8.24 -3.91
N LEU B 708 44.20 7.42 -4.01
CA LEU B 708 44.24 6.05 -3.51
C LEU B 708 43.74 5.09 -4.57
N THR B 709 44.39 3.94 -4.64
CA THR B 709 44.01 2.86 -5.52
C THR B 709 43.45 1.72 -4.69
N GLY B 710 42.47 1.01 -5.22
CA GLY B 710 41.91 -0.12 -4.52
C GLY B 710 42.66 -1.39 -4.84
N HIS B 711 43.58 -1.77 -3.96
CA HIS B 711 44.43 -2.94 -4.20
C HIS B 711 43.83 -4.23 -3.68
N ARG B 712 42.94 -4.15 -2.67
CA ARG B 712 42.43 -5.36 -2.05
C ARG B 712 41.58 -6.18 -3.02
N THR B 713 40.93 -5.53 -3.97
CA THR B 713 39.96 -6.19 -4.83
C THR B 713 40.39 -6.20 -6.29
N LEU B 714 41.70 -6.18 -6.54
CA LEU B 714 42.19 -6.14 -7.92
C LEU B 714 41.98 -7.47 -8.63
N ASP B 715 41.89 -8.57 -7.89
CA ASP B 715 41.69 -9.88 -8.49
C ASP B 715 40.29 -10.42 -8.29
N MET B 716 39.45 -9.74 -7.52
CA MET B 716 38.07 -10.15 -7.40
C MET B 716 37.26 -9.59 -8.58
N PRO B 717 36.23 -10.29 -9.01
CA PRO B 717 35.53 -9.89 -10.23
C PRO B 717 34.92 -8.51 -10.10
N CYS B 718 34.81 -7.83 -11.24
CA CYS B 718 34.31 -6.47 -11.26
C CYS B 718 32.80 -6.44 -11.20
N PHE B 719 32.25 -5.31 -10.75
CA PHE B 719 30.81 -5.18 -10.65
C PHE B 719 30.20 -4.82 -11.99
N ALA B 720 30.90 -4.06 -12.82
CA ALA B 720 30.42 -3.67 -14.13
C ALA B 720 31.29 -4.29 -15.21
N ALA B 721 30.66 -4.74 -16.30
CA ALA B 721 31.43 -5.25 -17.42
C ALA B 721 32.11 -4.15 -18.20
N GLN B 722 31.88 -2.89 -17.84
CA GLN B 722 32.61 -1.79 -18.45
C GLN B 722 34.04 -1.71 -17.92
N HIS B 723 34.24 -2.07 -16.66
CA HIS B 723 35.57 -1.98 -16.05
C HIS B 723 36.47 -3.13 -16.45
N ILE B 724 35.88 -4.27 -16.79
CA ILE B 724 36.67 -5.46 -17.09
C ILE B 724 37.69 -5.18 -18.19
N GLN B 725 37.27 -4.47 -19.23
CA GLN B 725 38.11 -4.23 -20.38
C GLN B 725 38.58 -2.79 -20.49
N ALA B 726 38.22 -1.94 -19.55
CA ALA B 726 38.64 -0.55 -19.60
C ALA B 726 40.12 -0.42 -19.29
N GLU B 727 40.82 0.38 -20.09
CA GLU B 727 42.26 0.57 -19.92
C GLU B 727 42.57 1.59 -18.84
N GLU B 728 41.62 1.91 -17.96
CA GLU B 728 41.85 2.80 -16.84
C GLU B 728 41.58 2.04 -15.55
N GLY B 729 42.40 2.29 -14.54
CA GLY B 729 42.35 1.52 -13.30
C GLY B 729 41.35 2.07 -12.30
N PRO B 730 41.24 1.40 -11.15
CA PRO B 730 40.30 1.81 -10.10
C PRO B 730 40.91 2.79 -9.11
N THR B 731 41.41 3.91 -9.61
CA THR B 731 42.03 4.92 -8.77
C THR B 731 41.06 6.07 -8.54
N LEU B 732 41.13 6.66 -7.36
CA LEU B 732 40.30 7.81 -7.02
C LEU B 732 41.20 8.98 -6.66
N ALA B 733 40.56 10.10 -6.33
CA ALA B 733 41.29 11.31 -5.95
C ALA B 733 40.34 12.23 -5.22
N LEU B 734 40.70 12.63 -4.02
CA LEU B 734 39.83 13.40 -3.14
C LEU B 734 40.52 14.69 -2.74
N PRO B 735 39.95 15.85 -3.05
CA PRO B 735 40.43 17.09 -2.44
C PRO B 735 40.02 17.14 -0.99
N CYS B 736 40.90 17.69 -0.15
CA CYS B 736 40.67 17.65 1.28
C CYS B 736 41.53 18.72 1.94
N ALA B 737 41.44 18.81 3.26
CA ALA B 737 42.25 19.78 3.97
C ALA B 737 42.54 19.28 5.36
N TYR B 738 43.73 19.59 5.86
CA TYR B 738 44.07 19.36 7.25
C TYR B 738 43.99 20.66 8.02
N GLY B 739 43.89 20.53 9.34
CA GLY B 739 43.66 21.69 10.17
C GLY B 739 44.43 21.64 11.48
N ILE B 740 44.91 22.80 11.91
CA ILE B 740 45.81 22.92 13.05
C ILE B 740 45.22 23.97 13.99
N PRO B 741 45.40 23.85 15.30
CA PRO B 741 44.94 24.90 16.21
C PRO B 741 45.44 26.26 15.76
N PRO B 742 44.66 27.31 16.00
CA PRO B 742 45.00 28.62 15.43
C PRO B 742 46.30 29.21 15.95
N GLY B 743 46.46 29.23 17.28
CA GLY B 743 47.62 29.87 17.86
C GLY B 743 48.93 29.24 17.44
N SER B 744 48.94 27.92 17.29
CA SER B 744 50.15 27.21 16.87
C SER B 744 50.38 27.47 15.39
N GLY B 745 51.38 26.80 14.83
CA GLY B 745 51.79 27.04 13.47
C GLY B 745 52.67 28.24 13.27
N ASP B 746 52.74 29.15 14.24
CA ASP B 746 53.65 30.27 14.17
C ASP B 746 55.08 29.79 14.32
N GLU B 747 56.02 30.73 14.22
CA GLU B 747 57.42 30.43 14.40
C GLU B 747 57.90 30.98 15.73
N PRO B 748 58.50 30.16 16.59
CA PRO B 748 58.93 30.65 17.90
C PRO B 748 60.01 31.71 17.77
N GLN B 749 60.21 32.45 18.85
CA GLN B 749 61.20 33.53 18.87
C GLN B 749 61.97 33.53 20.19
N ASP B 761 50.14 32.10 26.42
CA ASP B 761 50.88 31.26 25.48
C ASP B 761 50.03 30.92 24.27
N LYS B 762 50.51 29.96 23.47
CA LYS B 762 49.80 29.48 22.31
C LYS B 762 49.64 27.97 22.40
N PRO B 763 48.62 27.40 21.75
CA PRO B 763 48.42 25.96 21.82
C PRO B 763 49.59 25.23 21.20
N PRO B 764 49.86 24.01 21.64
CA PRO B 764 50.99 23.26 21.10
C PRO B 764 50.63 22.55 19.80
N LEU B 765 51.68 22.19 19.06
CA LEU B 765 51.51 21.50 17.80
C LEU B 765 51.07 20.06 18.05
N PRO B 766 50.46 19.41 17.05
CA PRO B 766 50.10 18.00 17.22
C PRO B 766 51.30 17.07 17.25
N ALA B 767 51.62 16.52 18.42
CA ALA B 767 52.74 15.60 18.54
C ALA B 767 52.44 14.29 17.82
N HIS B 768 53.42 13.38 17.81
CA HIS B 768 53.31 12.20 16.97
C HIS B 768 52.23 11.24 17.44
N PRO B 769 52.23 10.73 18.68
CA PRO B 769 51.34 9.61 18.99
C PRO B 769 49.86 9.97 18.85
N LYS B 770 49.43 11.08 19.42
CA LYS B 770 48.02 11.43 19.46
C LYS B 770 47.60 12.37 18.34
N TYR B 771 48.47 13.31 17.95
CA TYR B 771 48.10 14.39 17.04
C TYR B 771 46.90 15.17 17.60
N GLU B 772 47.00 15.53 18.87
CA GLU B 772 45.92 16.22 19.55
C GLU B 772 45.77 17.63 18.99
N GLY B 773 44.61 17.93 18.42
CA GLY B 773 44.33 19.21 17.82
C GLY B 773 44.27 19.17 16.31
N LEU B 774 44.76 18.09 15.69
CA LEU B 774 44.75 17.99 14.24
C LEU B 774 43.37 17.59 13.76
N THR B 775 42.82 18.36 12.83
CA THR B 775 41.51 18.07 12.27
C THR B 775 41.66 17.79 10.78
N PHE B 776 40.61 17.21 10.20
CA PHE B 776 40.63 16.86 8.79
C PHE B 776 39.23 17.07 8.23
N THR B 777 39.13 17.82 7.13
CA THR B 777 37.84 18.14 6.53
C THR B 777 37.86 17.79 5.06
N ALA B 778 36.84 17.04 4.64
CA ALA B 778 36.62 16.76 3.22
C ALA B 778 35.12 16.71 3.03
N GLU B 779 34.61 17.52 2.11
CA GLU B 779 33.16 17.61 1.92
C GLU B 779 32.77 17.64 0.46
N GLN B 780 33.69 17.35 -0.44
CA GLN B 780 33.37 17.19 -1.86
C GLN B 780 33.42 15.72 -2.21
N LEU B 781 32.96 15.41 -3.41
CA LEU B 781 33.08 14.06 -3.90
C LEU B 781 34.51 13.80 -4.35
N PRO B 782 34.91 12.54 -4.41
CA PRO B 782 36.14 12.18 -5.11
C PRO B 782 35.88 12.09 -6.61
N GLY B 783 36.96 11.96 -7.37
CA GLY B 783 36.87 11.78 -8.80
C GLY B 783 37.91 10.78 -9.27
N ALA B 784 37.77 10.38 -10.53
CA ALA B 784 38.75 9.49 -11.12
C ALA B 784 40.10 10.18 -11.18
N ALA B 785 41.15 9.37 -11.40
CA ALA B 785 42.51 9.87 -11.38
C ALA B 785 43.38 8.89 -12.15
N PRO B 786 44.57 9.31 -12.58
CA PRO B 786 45.47 8.36 -13.24
C PRO B 786 46.07 7.40 -12.23
N ASP B 787 46.33 6.17 -12.69
CA ASP B 787 46.82 5.13 -11.81
C ASP B 787 48.21 5.48 -11.29
N THR B 788 48.47 5.10 -10.04
CA THR B 788 49.73 5.37 -9.38
C THR B 788 50.67 4.17 -9.53
N VAL B 789 51.94 4.41 -9.25
CA VAL B 789 52.96 3.38 -9.30
C VAL B 789 53.91 3.61 -8.12
N PHE B 790 54.54 2.54 -7.66
CA PHE B 790 55.45 2.63 -6.52
C PHE B 790 56.63 1.72 -6.77
N PRO B 791 57.85 2.17 -6.48
CA PRO B 791 58.19 3.48 -5.92
C PRO B 791 58.17 4.55 -6.99
N PRO B 792 58.02 5.81 -6.59
CA PRO B 792 58.06 6.89 -7.59
C PRO B 792 59.47 7.08 -8.11
N GLU B 793 59.58 7.30 -9.42
CA GLU B 793 60.88 7.48 -10.03
C GLU B 793 61.60 8.72 -9.51
N GLU B 794 60.88 9.64 -8.88
CA GLU B 794 61.55 10.75 -8.20
C GLU B 794 62.33 10.30 -6.98
N GLY B 795 62.26 9.03 -6.61
CA GLY B 795 62.94 8.56 -5.43
C GLY B 795 64.10 7.62 -5.73
N LYS B 796 64.02 6.92 -6.86
CA LYS B 796 65.09 6.00 -7.22
C LYS B 796 66.42 6.76 -7.35
N PRO B 797 67.55 6.12 -7.01
CA PRO B 797 67.67 4.73 -6.54
C PRO B 797 67.31 4.59 -5.06
N VAL B 798 66.61 3.51 -4.74
CA VAL B 798 66.06 3.34 -3.39
C VAL B 798 67.21 3.07 -2.41
N PRO B 799 67.32 3.85 -1.33
CA PRO B 799 68.45 3.70 -0.41
C PRO B 799 68.20 2.81 0.80
N ILE B 800 67.06 2.14 0.88
CA ILE B 800 66.78 1.19 1.95
C ILE B 800 66.34 -0.13 1.34
N THR B 801 65.99 -1.08 2.19
CA THR B 801 65.62 -2.40 1.74
C THR B 801 64.21 -2.74 2.22
N ALA B 802 63.65 -3.78 1.61
CA ALA B 802 62.30 -4.27 1.91
C ALA B 802 61.24 -3.24 1.50
N VAL B 803 61.45 -2.57 0.37
CA VAL B 803 60.45 -1.67 -0.20
C VAL B 803 59.67 -2.45 -1.25
N PRO B 804 58.36 -2.56 -1.12
CA PRO B 804 57.59 -3.30 -2.12
C PRO B 804 57.49 -2.56 -3.43
N ALA B 805 56.78 -3.13 -4.39
CA ALA B 805 56.55 -2.49 -5.68
C ALA B 805 55.10 -2.70 -6.05
N PHE B 806 54.41 -1.61 -6.38
CA PHE B 806 52.99 -1.66 -6.65
C PHE B 806 52.69 -1.11 -8.03
N SER B 807 51.78 -1.77 -8.73
CA SER B 807 51.17 -1.25 -9.94
C SER B 807 49.75 -1.80 -9.99
N VAL B 808 49.11 -1.68 -11.14
CA VAL B 808 47.78 -2.25 -11.33
C VAL B 808 47.82 -3.51 -12.17
N SER B 809 48.74 -3.64 -13.11
CA SER B 809 48.92 -4.88 -13.84
C SER B 809 49.62 -5.95 -13.02
N THR B 810 50.16 -5.60 -11.85
CA THR B 810 50.85 -6.57 -11.01
C THR B 810 50.37 -6.60 -9.57
N GLY B 811 49.68 -5.58 -9.09
CA GLY B 811 49.29 -5.60 -7.70
C GLY B 811 50.47 -5.33 -6.81
N LEU B 812 50.31 -5.70 -5.55
CA LEU B 812 51.37 -5.48 -4.56
C LEU B 812 52.40 -6.59 -4.66
N VAL B 813 53.68 -6.21 -4.65
CA VAL B 813 54.77 -7.17 -4.66
C VAL B 813 55.80 -6.78 -3.62
N LEU C 4 25.69 -9.52 -44.58
CA LEU C 4 26.26 -9.36 -43.25
C LEU C 4 27.15 -10.55 -42.89
N GLU C 5 28.24 -10.29 -42.19
CA GLU C 5 29.21 -11.31 -41.86
C GLU C 5 28.79 -12.08 -40.62
N LYS C 6 28.86 -13.40 -40.70
CA LYS C 6 28.64 -14.28 -39.55
C LYS C 6 29.94 -15.04 -39.29
N THR C 7 30.38 -15.02 -38.03
CA THR C 7 31.56 -15.75 -37.61
C THR C 7 31.18 -16.79 -36.57
N PHE C 8 32.02 -17.80 -36.42
CA PHE C 8 31.82 -18.88 -35.47
C PHE C 8 32.79 -18.72 -34.32
N ALA C 9 32.27 -18.71 -33.09
CA ALA C 9 33.10 -18.52 -31.92
C ALA C 9 33.09 -19.78 -31.06
N LEU C 10 33.76 -19.70 -29.92
CA LEU C 10 33.88 -20.84 -29.03
C LEU C 10 34.38 -20.40 -27.66
N ILE C 11 33.72 -20.85 -26.60
CA ILE C 11 34.19 -20.68 -25.24
C ILE C 11 34.60 -22.05 -24.74
N LYS C 12 35.90 -22.20 -24.46
CA LYS C 12 36.52 -23.47 -24.18
C LYS C 12 36.40 -23.85 -22.71
N PRO C 13 36.57 -25.13 -22.38
CA PRO C 13 36.19 -25.59 -21.03
C PRO C 13 36.89 -24.89 -19.90
N ASP C 14 38.07 -24.29 -20.11
CA ASP C 14 38.74 -23.62 -19.01
C ASP C 14 37.99 -22.37 -18.58
N ALA C 15 37.46 -21.63 -19.54
CA ALA C 15 36.65 -20.46 -19.20
C ALA C 15 35.31 -20.87 -18.61
N VAL C 16 34.75 -21.98 -19.10
CA VAL C 16 33.48 -22.46 -18.57
C VAL C 16 33.61 -22.87 -17.12
N ARG C 17 34.68 -23.62 -16.79
CA ARG C 17 34.87 -24.08 -15.43
C ARG C 17 35.14 -22.93 -14.46
N ALA C 18 35.82 -21.89 -14.92
CA ALA C 18 36.09 -20.77 -14.04
C ALA C 18 34.86 -19.91 -13.76
N GLY C 19 33.73 -20.22 -14.36
CA GLY C 19 32.51 -19.44 -14.16
C GLY C 19 32.53 -18.10 -14.86
N LYS C 20 33.01 -18.07 -16.11
CA LYS C 20 33.21 -16.81 -16.82
C LYS C 20 32.61 -16.83 -18.22
N ALA C 21 31.72 -17.76 -18.53
CA ALA C 21 31.10 -17.76 -19.86
C ALA C 21 30.11 -16.61 -19.99
N GLN C 22 29.39 -16.29 -18.92
CA GLN C 22 28.45 -15.18 -18.96
C GLN C 22 29.17 -13.86 -19.15
N GLU C 23 30.30 -13.66 -18.46
CA GLU C 23 31.08 -12.44 -18.66
C GLU C 23 31.60 -12.35 -20.08
N ILE C 24 32.06 -13.47 -20.65
CA ILE C 24 32.57 -13.44 -22.01
C ILE C 24 31.47 -13.07 -22.98
N MET C 25 30.27 -13.64 -22.80
CA MET C 25 29.18 -13.30 -23.70
C MET C 25 28.74 -11.85 -23.53
N GLN C 26 28.76 -11.35 -22.29
CA GLN C 26 28.37 -9.96 -22.07
C GLN C 26 29.38 -9.00 -22.69
N LEU C 27 30.66 -9.36 -22.67
CA LEU C 27 31.65 -8.51 -23.33
C LEU C 27 31.51 -8.60 -24.84
N ILE C 28 31.27 -9.81 -25.37
CA ILE C 28 31.00 -9.97 -26.79
C ILE C 28 29.89 -9.04 -27.24
N GLU C 29 28.84 -8.92 -26.43
CA GLU C 29 27.74 -8.05 -26.82
C GLU C 29 27.99 -6.58 -26.48
N LEU C 30 28.85 -6.29 -25.51
CA LEU C 30 29.28 -4.92 -25.27
C LEU C 30 30.12 -4.39 -26.41
N ASN C 31 30.77 -5.27 -27.18
CA ASN C 31 31.59 -4.86 -28.31
C ASN C 31 30.81 -4.90 -29.62
N GLY C 32 29.53 -4.58 -29.58
CA GLY C 32 28.74 -4.41 -30.78
C GLY C 32 28.34 -5.68 -31.49
N PHE C 33 28.75 -6.84 -31.01
CA PHE C 33 28.34 -8.06 -31.67
C PHE C 33 26.90 -8.40 -31.31
N THR C 34 26.36 -9.38 -32.04
CA THR C 34 25.01 -9.86 -31.79
C THR C 34 25.04 -11.37 -31.91
N ILE C 35 24.76 -12.06 -30.81
CA ILE C 35 24.84 -13.51 -30.78
C ILE C 35 23.64 -14.09 -31.51
N ILE C 36 23.85 -14.52 -32.75
CA ILE C 36 22.77 -15.11 -33.53
C ILE C 36 22.27 -16.39 -32.86
N ALA C 37 23.18 -17.13 -32.25
CA ALA C 37 22.81 -18.40 -31.62
C ALA C 37 23.87 -18.76 -30.60
N LYS C 38 23.43 -19.41 -29.53
CA LYS C 38 24.32 -19.89 -28.48
C LYS C 38 23.91 -21.30 -28.11
N GLN C 39 24.88 -22.10 -27.67
CA GLN C 39 24.59 -23.46 -27.26
C GLN C 39 25.69 -23.95 -26.33
N LYS C 40 25.32 -24.77 -25.35
CA LYS C 40 26.27 -25.35 -24.41
C LYS C 40 26.20 -26.86 -24.54
N LEU C 41 27.15 -27.44 -25.25
CA LEU C 41 27.17 -28.87 -25.52
C LEU C 41 28.45 -29.49 -24.98
N GLN C 42 28.58 -30.80 -25.18
CA GLN C 42 29.74 -31.58 -24.75
C GLN C 42 30.24 -32.36 -25.95
N LEU C 43 31.42 -32.02 -26.44
CA LEU C 43 31.93 -32.61 -27.66
C LEU C 43 32.54 -33.97 -27.39
N THR C 44 32.25 -34.93 -28.27
CA THR C 44 32.75 -36.28 -28.14
C THR C 44 34.20 -36.33 -28.62
N ARG C 45 34.73 -37.54 -28.80
CA ARG C 45 36.10 -37.69 -29.27
C ARG C 45 36.16 -37.64 -30.79
N ALA C 46 35.36 -38.45 -31.47
CA ALA C 46 35.42 -38.53 -32.93
C ALA C 46 34.95 -37.23 -33.56
N ARG C 47 33.95 -36.58 -32.97
CA ARG C 47 33.48 -35.32 -33.53
C ARG C 47 34.48 -34.20 -33.29
N ALA C 48 35.12 -34.19 -32.12
CA ALA C 48 36.20 -33.24 -31.89
C ALA C 48 37.36 -33.48 -32.85
N GLU C 49 37.59 -34.74 -33.23
CA GLU C 49 38.57 -35.03 -34.27
C GLU C 49 38.16 -34.40 -35.59
N GLU C 50 36.97 -34.76 -36.09
CA GLU C 50 36.50 -34.26 -37.38
C GLU C 50 36.41 -32.74 -37.41
N PHE C 51 36.22 -32.10 -36.26
CA PHE C 51 36.19 -30.65 -36.22
C PHE C 51 37.57 -30.07 -36.54
N TYR C 52 38.61 -30.59 -35.89
CA TYR C 52 39.98 -30.24 -36.22
C TYR C 52 40.60 -31.21 -37.22
N GLY C 53 39.79 -31.80 -38.10
CA GLY C 53 40.22 -32.87 -38.99
C GLY C 53 41.35 -32.50 -39.92
N GLU C 54 41.67 -31.21 -40.06
CA GLU C 54 42.77 -30.79 -40.91
C GLU C 54 44.11 -30.83 -40.19
N HIS C 55 44.15 -31.35 -38.98
CA HIS C 55 45.37 -31.43 -38.18
C HIS C 55 45.57 -32.83 -37.66
N LYS C 56 45.29 -33.83 -38.50
CA LYS C 56 45.43 -35.22 -38.10
C LYS C 56 46.89 -35.60 -37.91
N GLY C 57 47.80 -34.93 -38.62
CA GLY C 57 49.21 -35.19 -38.48
C GLY C 57 49.96 -34.27 -37.54
N LYS C 58 49.28 -33.32 -36.91
CA LYS C 58 49.95 -32.36 -36.05
C LYS C 58 50.31 -32.99 -34.71
N GLU C 59 51.44 -32.55 -34.17
CA GLU C 59 52.00 -33.17 -32.98
C GLU C 59 51.10 -32.93 -31.76
N PHE C 60 50.80 -31.67 -31.48
CA PHE C 60 49.98 -31.26 -30.34
C PHE C 60 48.51 -31.59 -30.51
N PHE C 61 48.15 -32.31 -31.57
CA PHE C 61 46.74 -32.63 -31.80
C PHE C 61 46.11 -33.41 -30.66
N PRO C 62 46.71 -34.50 -30.15
CA PRO C 62 46.06 -35.19 -29.01
C PRO C 62 46.02 -34.33 -27.76
N LYS C 63 47.07 -33.56 -27.51
CA LYS C 63 47.08 -32.66 -26.37
C LYS C 63 45.89 -31.70 -26.41
N LEU C 64 45.52 -31.25 -27.61
CA LEU C 64 44.38 -30.37 -27.74
C LEU C 64 43.07 -31.14 -27.62
N VAL C 65 42.93 -32.21 -28.40
CA VAL C 65 41.66 -32.94 -28.45
C VAL C 65 41.28 -33.50 -27.10
N ASN C 66 42.26 -33.85 -26.26
CA ASN C 66 41.95 -34.28 -24.91
C ASN C 66 41.54 -33.12 -24.03
N PHE C 67 41.91 -31.89 -24.40
CA PHE C 67 41.48 -30.71 -23.66
C PHE C 67 40.11 -30.23 -24.10
N MET C 68 39.83 -30.28 -25.41
CA MET C 68 38.54 -29.87 -25.93
C MET C 68 37.43 -30.87 -25.65
N THR C 69 37.68 -31.88 -24.82
CA THR C 69 36.65 -32.76 -24.32
C THR C 69 36.61 -32.78 -22.80
N SER C 70 37.45 -31.98 -22.16
CA SER C 70 37.58 -31.92 -20.71
C SER C 70 36.39 -31.32 -20.01
N GLY C 71 35.32 -30.99 -20.73
CA GLY C 71 34.16 -30.38 -20.14
C GLY C 71 33.24 -29.79 -21.18
N PRO C 72 32.20 -29.11 -20.75
CA PRO C 72 31.27 -28.50 -21.69
C PRO C 72 31.81 -27.20 -22.27
N ILE C 73 31.43 -26.91 -23.51
CA ILE C 73 31.88 -25.73 -24.21
C ILE C 73 30.66 -24.90 -24.59
N TRP C 74 30.92 -23.66 -25.02
CA TRP C 74 29.87 -22.78 -25.53
C TRP C 74 30.15 -22.49 -26.99
N ALA C 75 29.28 -22.96 -27.87
CA ALA C 75 29.36 -22.65 -29.30
C ALA C 75 28.45 -21.47 -29.60
N LEU C 76 29.01 -20.46 -30.27
CA LEU C 76 28.29 -19.23 -30.56
C LEU C 76 28.42 -18.88 -32.04
N VAL C 77 27.40 -18.22 -32.55
CA VAL C 77 27.41 -17.66 -33.90
C VAL C 77 27.23 -16.15 -33.78
N LEU C 78 28.29 -15.41 -34.08
CA LEU C 78 28.28 -13.96 -33.94
C LEU C 78 28.07 -13.28 -35.29
N ALA C 79 27.59 -12.06 -35.25
CA ALA C 79 27.32 -11.31 -36.48
C ALA C 79 27.55 -9.83 -36.23
N LYS C 80 28.18 -9.18 -37.20
CA LYS C 80 28.45 -7.75 -37.17
C LYS C 80 28.95 -7.33 -38.55
N PRO C 81 28.82 -6.06 -38.90
CA PRO C 81 29.51 -5.56 -40.10
C PRO C 81 31.01 -5.70 -39.94
N GLY C 82 31.60 -6.56 -40.77
CA GLY C 82 33.00 -6.87 -40.62
C GLY C 82 33.26 -7.67 -39.36
N ALA C 83 32.59 -8.81 -39.23
CA ALA C 83 32.62 -9.58 -38.00
C ALA C 83 33.81 -10.52 -37.89
N ILE C 84 34.26 -11.08 -39.03
CA ILE C 84 35.32 -12.08 -38.99
C ILE C 84 36.56 -11.53 -38.30
N LEU C 85 37.03 -10.37 -38.75
CA LEU C 85 38.31 -9.87 -38.25
C LEU C 85 38.16 -9.13 -36.93
N ALA C 86 37.00 -8.51 -36.69
CA ALA C 86 36.80 -7.84 -35.41
C ALA C 86 36.78 -8.84 -34.26
N TRP C 87 36.19 -10.01 -34.49
CA TRP C 87 36.19 -11.05 -33.46
C TRP C 87 37.61 -11.48 -33.13
N ARG C 88 38.46 -11.63 -34.15
CA ARG C 88 39.84 -12.04 -33.89
C ARG C 88 40.64 -10.92 -33.23
N ALA C 89 40.34 -9.67 -33.59
CA ALA C 89 40.94 -8.55 -32.87
C ALA C 89 40.49 -8.52 -31.42
N LEU C 90 39.33 -9.11 -31.13
CA LEU C 90 38.87 -9.20 -29.75
C LEU C 90 39.56 -10.35 -29.02
N MET C 91 39.62 -11.53 -29.64
CA MET C 91 40.28 -12.66 -29.02
C MET C 91 41.76 -12.40 -28.82
N GLY C 92 42.37 -11.63 -29.71
CA GLY C 92 43.75 -11.26 -29.59
C GLY C 92 44.71 -12.36 -30.00
N PRO C 93 45.98 -12.20 -29.62
CA PRO C 93 46.99 -13.20 -30.01
C PRO C 93 46.70 -14.57 -29.42
N THR C 94 47.23 -15.60 -30.09
CA THR C 94 46.96 -16.97 -29.67
C THR C 94 47.81 -17.37 -28.47
N ASN C 95 49.02 -16.84 -28.35
CA ASN C 95 49.87 -17.13 -27.20
C ASN C 95 49.42 -16.26 -26.03
N VAL C 96 48.95 -16.91 -24.97
CA VAL C 96 48.39 -16.19 -23.83
C VAL C 96 49.40 -15.22 -23.25
N PHE C 97 50.68 -15.61 -23.22
CA PHE C 97 51.69 -14.71 -22.67
C PHE C 97 52.05 -13.61 -23.64
N LYS C 98 52.16 -13.92 -24.93
CA LYS C 98 52.34 -12.88 -25.93
C LYS C 98 51.21 -11.86 -25.86
N ALA C 99 49.97 -12.35 -25.84
CA ALA C 99 48.82 -11.45 -25.72
C ALA C 99 48.88 -10.63 -24.45
N ARG C 100 49.18 -11.29 -23.33
CA ARG C 100 49.26 -10.58 -22.05
C ARG C 100 50.34 -9.52 -22.06
N ALA C 101 51.36 -9.70 -22.90
CA ALA C 101 52.39 -8.68 -23.05
C ALA C 101 51.92 -7.53 -23.92
N GLU C 102 51.28 -7.84 -25.06
CA GLU C 102 50.93 -6.81 -26.03
C GLU C 102 49.63 -6.11 -25.67
N GLN C 103 48.52 -6.85 -25.62
CA GLN C 103 47.21 -6.28 -25.29
C GLN C 103 46.82 -6.73 -23.88
N PRO C 104 47.14 -5.96 -22.85
CA PRO C 104 46.80 -6.38 -21.48
C PRO C 104 45.30 -6.42 -21.20
N LYS C 105 44.48 -5.82 -22.07
CA LYS C 105 43.04 -5.80 -21.89
C LYS C 105 42.33 -6.66 -22.92
N CYS C 106 43.03 -7.58 -23.54
CA CYS C 106 42.43 -8.45 -24.53
C CYS C 106 41.63 -9.55 -23.86
N LEU C 107 40.95 -10.35 -24.70
CA LEU C 107 40.14 -11.44 -24.16
C LEU C 107 41.04 -12.58 -23.68
N ARG C 108 41.85 -13.14 -24.57
CA ARG C 108 42.75 -14.23 -24.18
C ARG C 108 43.74 -13.79 -23.12
N ALA C 109 44.05 -12.51 -23.06
CA ALA C 109 44.92 -11.98 -22.02
C ALA C 109 44.22 -11.84 -20.68
N LEU C 110 42.95 -12.20 -20.60
CA LEU C 110 42.20 -12.13 -19.35
C LEU C 110 41.61 -13.45 -18.93
N TYR C 111 41.35 -14.36 -19.87
CA TYR C 111 40.72 -15.63 -19.55
C TYR C 111 41.53 -16.81 -20.06
N GLY C 112 42.74 -16.59 -20.55
CA GLY C 112 43.59 -17.69 -20.97
C GLY C 112 44.71 -17.93 -19.99
N THR C 113 45.26 -19.15 -19.98
CA THR C 113 46.36 -19.49 -19.08
C THR C 113 47.52 -20.13 -19.82
N ASP C 114 47.23 -20.82 -20.91
CA ASP C 114 48.21 -21.66 -21.59
C ASP C 114 48.14 -21.39 -23.10
N GLY C 115 49.13 -21.92 -23.82
CA GLY C 115 49.10 -21.87 -25.27
C GLY C 115 47.96 -22.65 -25.87
N THR C 116 47.38 -23.59 -25.11
CA THR C 116 46.16 -24.28 -25.53
C THR C 116 44.95 -23.90 -24.69
N GLN C 117 45.16 -23.42 -23.48
CA GLN C 117 44.06 -22.90 -22.66
C GLN C 117 43.98 -21.39 -22.84
N ASN C 118 43.45 -21.01 -23.99
CA ASN C 118 43.26 -19.61 -24.35
C ASN C 118 41.83 -19.13 -24.14
N ALA C 119 40.89 -20.05 -23.95
CA ALA C 119 39.47 -19.85 -23.63
C ALA C 119 38.60 -19.50 -24.82
N THR C 120 39.16 -19.30 -26.02
CA THR C 120 38.35 -18.93 -27.17
C THR C 120 38.89 -19.61 -28.43
N HIS C 121 38.05 -19.66 -29.45
CA HIS C 121 38.47 -20.11 -30.77
C HIS C 121 37.52 -19.51 -31.80
N GLY C 122 37.98 -18.47 -32.49
CA GLY C 122 37.25 -17.93 -33.60
C GLY C 122 37.59 -18.63 -34.90
N SER C 123 36.89 -18.24 -35.96
CA SER C 123 37.26 -18.69 -37.28
C SER C 123 38.41 -17.84 -37.81
N ASP C 124 38.88 -18.16 -38.99
CA ASP C 124 39.93 -17.34 -39.57
C ASP C 124 39.59 -16.87 -40.97
N SER C 125 38.91 -17.70 -41.76
CA SER C 125 38.52 -17.34 -43.11
C SER C 125 37.02 -17.57 -43.27
N PRO C 126 36.37 -16.78 -44.13
CA PRO C 126 34.93 -16.99 -44.35
C PRO C 126 34.59 -18.41 -44.78
N ILE C 127 35.44 -19.04 -45.58
CA ILE C 127 35.23 -20.44 -45.94
C ILE C 127 35.20 -21.30 -44.67
N SER C 128 36.23 -21.17 -43.84
CA SER C 128 36.29 -21.94 -42.61
C SER C 128 35.14 -21.58 -41.67
N ALA C 129 34.76 -20.30 -41.62
CA ALA C 129 33.65 -19.91 -40.74
C ALA C 129 32.36 -20.57 -41.17
N ALA C 130 32.06 -20.54 -42.47
CA ALA C 130 30.88 -21.21 -42.99
C ALA C 130 30.93 -22.70 -42.71
N ARG C 131 32.10 -23.31 -42.86
CA ARG C 131 32.19 -24.75 -42.63
C ARG C 131 31.94 -25.08 -41.16
N GLU C 132 32.54 -24.30 -40.25
CA GLU C 132 32.30 -24.51 -38.83
C GLU C 132 30.83 -24.37 -38.49
N ILE C 133 30.19 -23.31 -38.99
CA ILE C 133 28.78 -23.08 -38.65
C ILE C 133 27.91 -24.19 -39.20
N LYS C 134 28.16 -24.62 -40.44
CA LYS C 134 27.39 -25.74 -40.98
C LYS C 134 27.67 -27.03 -40.24
N PHE C 135 28.84 -27.14 -39.61
CA PHE C 135 29.14 -28.31 -38.82
C PHE C 135 28.37 -28.30 -37.50
N PHE C 136 28.30 -27.15 -36.85
CA PHE C 136 27.66 -27.09 -35.54
C PHE C 136 26.17 -26.82 -35.60
N PHE C 137 25.75 -25.87 -36.43
CA PHE C 137 24.34 -25.49 -36.57
C PHE C 137 23.91 -25.82 -38.00
N PRO C 138 23.57 -27.08 -38.28
CA PRO C 138 23.17 -27.46 -39.64
C PRO C 138 21.80 -26.97 -40.04
N THR C 139 21.10 -26.24 -39.16
CA THR C 139 19.76 -25.75 -39.45
C THR C 139 19.77 -24.35 -40.04
N LEU C 140 20.68 -23.49 -39.60
CA LEU C 140 20.73 -22.13 -40.11
C LEU C 140 21.12 -22.13 -41.58
N SER C 141 20.24 -21.59 -42.42
CA SER C 141 20.48 -21.55 -43.85
C SER C 141 21.47 -20.44 -44.19
N GLY C 142 22.53 -20.80 -44.89
CA GLY C 142 23.57 -19.84 -45.22
C GLY C 142 23.64 -19.50 -46.69
N ASP C 143 23.21 -18.29 -47.03
CA ASP C 143 23.26 -17.74 -48.38
C ASP C 143 22.73 -18.69 -49.43
N PRO C 144 21.42 -18.95 -49.46
CA PRO C 144 20.85 -19.63 -50.64
C PRO C 144 21.03 -18.84 -51.91
N THR C 145 21.25 -17.52 -51.79
CA THR C 145 21.48 -16.69 -52.96
C THR C 145 22.70 -17.15 -53.75
N ILE C 146 23.84 -17.28 -53.06
CA ILE C 146 25.08 -17.63 -53.74
C ILE C 146 24.99 -19.05 -54.30
N TYR C 147 24.51 -19.99 -53.49
CA TYR C 147 24.46 -21.38 -53.92
C TYR C 147 23.41 -21.64 -54.99
N ALA C 148 22.61 -20.64 -55.34
CA ALA C 148 21.59 -20.79 -56.39
C ALA C 148 22.19 -20.47 -57.76
N GLU C 149 23.18 -21.26 -58.14
CA GLU C 149 23.75 -21.12 -59.48
C GLU C 149 22.90 -21.91 -60.47
N PRO C 150 22.49 -21.29 -61.58
CA PRO C 150 21.60 -21.99 -62.52
C PRO C 150 22.24 -23.19 -63.19
N THR C 151 23.57 -23.27 -63.18
CA THR C 151 24.29 -24.40 -63.76
C THR C 151 24.71 -25.44 -62.73
N ALA C 152 25.26 -24.99 -61.59
CA ALA C 152 25.64 -25.91 -60.53
C ALA C 152 24.44 -26.65 -59.95
N ALA C 153 23.23 -26.16 -60.19
CA ALA C 153 22.06 -26.84 -59.67
C ALA C 153 21.81 -28.14 -60.42
N ALA C 154 22.02 -28.17 -61.73
CA ALA C 154 21.90 -29.41 -62.47
C ALA C 154 22.95 -30.43 -62.03
N GLU C 155 24.16 -29.96 -61.77
CA GLU C 155 25.20 -30.85 -61.26
C GLU C 155 24.83 -31.38 -59.88
N TYR C 156 24.24 -30.54 -59.04
CA TYR C 156 23.80 -31.03 -57.74
C TYR C 156 22.63 -31.98 -57.86
N ILE C 157 21.82 -31.84 -58.90
CA ILE C 157 20.78 -32.82 -59.17
C ILE C 157 21.40 -34.16 -59.55
N THR C 158 22.40 -34.13 -60.43
CA THR C 158 23.15 -35.36 -60.75
C THR C 158 23.72 -35.99 -59.48
N LYS C 159 24.23 -35.16 -58.57
CA LYS C 159 24.70 -35.67 -57.29
C LYS C 159 23.56 -36.31 -56.50
N ARG C 160 22.40 -35.68 -56.47
CA ARG C 160 21.30 -36.15 -55.66
C ARG C 160 20.73 -37.47 -56.20
N ILE C 161 20.66 -37.61 -57.51
CA ILE C 161 20.12 -38.82 -58.13
C ILE C 161 21.03 -40.01 -57.80
N GLY D 18 5.47 -33.84 -59.49
CA GLY D 18 4.55 -32.84 -58.97
C GLY D 18 5.26 -31.72 -58.23
N GLU D 19 4.47 -30.84 -57.61
CA GLU D 19 5.04 -29.74 -56.85
C GLU D 19 5.89 -30.24 -55.70
N ALA D 20 5.51 -31.38 -55.12
CA ALA D 20 6.28 -31.94 -54.02
C ALA D 20 7.72 -32.20 -54.43
N LEU D 21 7.92 -32.84 -55.59
CA LEU D 21 9.27 -33.16 -56.04
C LEU D 21 10.08 -31.89 -56.30
N ALA D 22 9.47 -30.91 -56.98
CA ALA D 22 10.19 -29.69 -57.31
C ALA D 22 10.58 -28.92 -56.07
N ARG D 23 9.64 -28.73 -55.14
CA ARG D 23 9.96 -28.00 -53.92
C ARG D 23 10.93 -28.77 -53.03
N GLY D 24 10.87 -30.10 -53.06
CA GLY D 24 11.84 -30.88 -52.32
C GLY D 24 13.24 -30.75 -52.87
N CYS D 25 13.37 -30.74 -54.20
CA CYS D 25 14.68 -30.49 -54.80
C CYS D 25 15.16 -29.07 -54.50
N ALA D 26 14.22 -28.11 -54.49
CA ALA D 26 14.57 -26.75 -54.11
C ALA D 26 15.15 -26.71 -52.71
N ALA D 27 14.50 -27.40 -51.77
CA ALA D 27 14.99 -27.43 -50.40
C ALA D 27 16.33 -28.15 -50.31
N ALA D 28 16.49 -29.26 -51.03
CA ALA D 28 17.74 -30.01 -51.02
C ALA D 28 18.89 -29.19 -51.61
N ILE D 29 18.60 -28.25 -52.49
CA ILE D 29 19.64 -27.37 -52.99
C ILE D 29 19.88 -26.20 -52.03
N SER D 30 18.83 -25.71 -51.39
CA SER D 30 18.98 -24.55 -50.52
C SER D 30 19.67 -24.92 -49.21
N ALA D 31 19.05 -25.79 -48.42
CA ALA D 31 19.61 -26.17 -47.13
C ALA D 31 20.89 -26.97 -47.28
N GLN D 32 21.10 -27.61 -48.43
CA GLN D 32 22.33 -28.32 -48.75
C GLN D 32 22.64 -29.40 -47.72
N PRO D 33 21.89 -30.50 -47.70
CA PRO D 33 22.16 -31.56 -46.72
C PRO D 33 23.27 -32.49 -47.19
N ASN D 34 23.86 -33.18 -46.22
CA ASN D 34 24.80 -34.24 -46.54
C ASN D 34 24.09 -35.42 -47.20
N ASP D 35 22.95 -35.83 -46.65
CA ASP D 35 22.12 -36.85 -47.27
C ASP D 35 20.94 -36.17 -47.93
N PRO D 36 20.93 -35.98 -49.25
CA PRO D 36 19.81 -35.29 -49.88
C PRO D 36 18.53 -36.11 -49.89
N VAL D 37 18.60 -37.40 -50.21
CA VAL D 37 17.40 -38.20 -50.40
C VAL D 37 16.62 -38.32 -49.10
N GLU D 38 17.32 -38.56 -47.99
CA GLU D 38 16.64 -38.82 -46.73
C GLU D 38 15.95 -37.55 -46.21
N TYR D 39 16.69 -36.43 -46.16
CA TYR D 39 16.09 -35.17 -45.78
C TYR D 39 14.94 -34.80 -46.71
N LEU D 40 15.09 -35.11 -47.99
CA LEU D 40 14.02 -34.91 -48.96
C LEU D 40 12.76 -35.65 -48.53
N GLY D 41 12.90 -36.94 -48.20
CA GLY D 41 11.74 -37.71 -47.77
C GLY D 41 11.12 -37.17 -46.50
N LEU D 42 11.95 -36.76 -45.54
CA LEU D 42 11.44 -36.20 -44.30
C LEU D 42 10.61 -34.94 -44.57
N TRP D 43 11.15 -34.05 -45.40
CA TRP D 43 10.42 -32.85 -45.76
C TRP D 43 9.13 -33.18 -46.50
N LEU D 44 9.16 -34.20 -47.35
CA LEU D 44 7.94 -34.64 -48.03
C LEU D 44 6.88 -35.05 -47.03
N LEU D 45 7.26 -35.81 -46.02
CA LEU D 45 6.28 -36.26 -45.04
C LEU D 45 5.72 -35.10 -44.23
N LYS D 46 6.59 -34.19 -43.79
CA LYS D 46 6.10 -33.02 -43.06
C LYS D 46 5.16 -32.20 -43.91
N TYR D 47 5.48 -32.05 -45.19
CA TYR D 47 4.61 -31.30 -46.09
C TYR D 47 3.26 -31.97 -46.27
N VAL D 48 3.24 -33.28 -46.48
CA VAL D 48 1.97 -33.96 -46.69
C VAL D 48 1.13 -33.98 -45.43
N LYS D 49 1.76 -33.85 -44.24
CA LYS D 49 0.98 -33.64 -43.03
C LYS D 49 0.37 -32.24 -43.00
N ASN D 50 1.19 -31.22 -43.28
CA ASN D 50 0.65 -29.86 -43.28
C ASN D 50 -0.44 -29.68 -44.32
N ALA D 51 -0.41 -30.48 -45.39
CA ALA D 51 -1.44 -30.41 -46.42
C ALA D 51 -2.83 -30.61 -45.86
N GLU D 52 -2.97 -31.46 -44.84
CA GLU D 52 -4.23 -31.64 -44.15
C GLU D 52 -4.39 -30.66 -43.00
N VAL D 53 -3.28 -30.35 -42.32
CA VAL D 53 -3.31 -29.42 -41.20
C VAL D 53 -3.87 -28.07 -41.60
N GLU D 54 -3.62 -27.64 -42.84
CA GLU D 54 -4.11 -26.34 -43.29
C GLU D 54 -5.64 -26.32 -43.34
N GLY D 55 -6.24 -27.32 -43.98
CA GLY D 55 -7.69 -27.39 -44.01
C GLY D 55 -8.28 -27.54 -42.62
N ASN D 56 -7.60 -28.29 -41.75
CA ASN D 56 -8.08 -28.41 -40.37
C ASN D 56 -8.08 -27.06 -39.67
N PHE D 57 -7.04 -26.26 -39.89
CA PHE D 57 -6.98 -24.91 -39.34
C PHE D 57 -8.15 -24.06 -39.83
N TYR D 58 -8.42 -24.13 -41.14
CA TYR D 58 -9.54 -23.38 -41.70
C TYR D 58 -10.85 -23.79 -41.06
N ARG D 59 -11.09 -25.10 -40.95
CA ARG D 59 -12.30 -25.60 -40.31
C ARG D 59 -12.42 -25.06 -38.89
N GLU D 60 -11.35 -25.18 -38.10
CA GLU D 60 -11.38 -24.72 -36.73
C GLU D 60 -11.77 -23.25 -36.66
N ARG D 61 -11.13 -22.42 -37.46
CA ARG D 61 -11.37 -20.99 -37.41
C ARG D 61 -12.83 -20.66 -37.75
N GLN D 62 -13.33 -21.26 -38.84
CA GLN D 62 -14.70 -20.97 -39.25
C GLN D 62 -15.70 -21.42 -38.19
N GLN D 63 -15.48 -22.61 -37.62
CA GLN D 63 -16.41 -23.11 -36.60
C GLN D 63 -16.40 -22.24 -35.36
N ASP D 64 -15.21 -21.76 -34.95
CA ASP D 64 -15.14 -20.90 -33.77
C ASP D 64 -15.85 -19.57 -34.03
N LEU D 65 -15.66 -19.02 -35.23
CA LEU D 65 -16.36 -17.77 -35.56
C LEU D 65 -17.87 -17.97 -35.54
N GLN D 66 -18.34 -19.12 -36.04
CA GLN D 66 -19.77 -19.40 -36.01
C GLN D 66 -20.29 -19.49 -34.58
N LYS D 67 -19.55 -20.20 -33.72
CA LYS D 67 -19.94 -20.28 -32.31
C LYS D 67 -20.07 -18.89 -31.70
N LYS D 68 -19.07 -18.04 -31.94
CA LYS D 68 -19.10 -16.68 -31.43
C LYS D 68 -20.35 -15.94 -31.89
N LYS D 69 -20.60 -15.96 -33.20
CA LYS D 69 -21.75 -15.23 -33.75
C LYS D 69 -23.06 -15.76 -33.17
N ASP D 70 -23.16 -17.07 -32.97
CA ASP D 70 -24.42 -17.62 -32.47
C ASP D 70 -24.65 -17.24 -31.01
N ARG D 71 -23.59 -17.30 -30.20
CA ARG D 71 -23.70 -16.82 -28.83
C ARG D 71 -24.19 -15.38 -28.81
N LEU D 72 -23.63 -14.53 -29.67
CA LEU D 72 -24.03 -13.12 -29.66
C LEU D 72 -25.46 -12.94 -30.14
N VAL D 73 -25.88 -13.73 -31.14
CA VAL D 73 -27.26 -13.68 -31.60
C VAL D 73 -28.22 -13.99 -30.45
N LYS D 74 -27.92 -15.03 -29.69
CA LYS D 74 -28.81 -15.38 -28.58
C LYS D 74 -28.80 -14.30 -27.51
N GLU D 75 -27.62 -13.72 -27.23
CA GLU D 75 -27.57 -12.62 -26.27
C GLU D 75 -28.43 -11.45 -26.73
N ALA D 76 -28.50 -11.21 -28.03
CA ALA D 76 -29.33 -10.11 -28.54
C ALA D 76 -30.82 -10.42 -28.39
N GLN D 77 -31.23 -11.62 -28.80
CA GLN D 77 -32.64 -11.98 -28.71
C GLN D 77 -33.13 -11.97 -27.27
N SER D 78 -32.27 -12.40 -26.33
CA SER D 78 -32.65 -12.42 -24.93
C SER D 78 -33.00 -11.04 -24.42
N GLU D 79 -32.33 -10.00 -24.91
CA GLU D 79 -32.65 -8.65 -24.48
C GLU D 79 -33.84 -8.09 -25.24
N GLN D 80 -33.99 -8.46 -26.52
CA GLN D 80 -35.17 -8.04 -27.28
C GLN D 80 -36.45 -8.48 -26.57
N ALA D 81 -36.46 -9.72 -26.09
CA ALA D 81 -37.63 -10.22 -25.38
C ALA D 81 -38.00 -9.33 -24.20
N ALA D 82 -37.03 -9.05 -23.34
CA ALA D 82 -37.30 -8.25 -22.14
C ALA D 82 -37.72 -6.84 -22.50
N LYS D 83 -37.11 -6.26 -23.55
CA LYS D 83 -37.56 -4.96 -24.04
C LYS D 83 -39.04 -4.99 -24.36
N SER D 84 -39.45 -5.97 -25.16
CA SER D 84 -40.86 -6.04 -25.58
C SER D 84 -41.78 -6.23 -24.38
N VAL D 85 -41.35 -7.04 -23.40
CA VAL D 85 -42.21 -7.32 -22.25
C VAL D 85 -42.40 -6.08 -21.40
N ALA D 86 -41.31 -5.39 -21.07
CA ALA D 86 -41.42 -4.15 -20.30
C ALA D 86 -42.24 -3.12 -21.05
N LEU D 87 -42.08 -3.08 -22.38
CA LEU D 87 -42.87 -2.15 -23.18
C LEU D 87 -44.36 -2.45 -23.07
N THR D 88 -44.73 -3.72 -23.18
CA THR D 88 -46.14 -4.09 -23.07
C THR D 88 -46.71 -3.74 -21.70
N ARG D 89 -45.92 -3.97 -20.65
CA ARG D 89 -46.33 -3.56 -19.31
C ARG D 89 -46.62 -2.07 -19.26
N LYS D 90 -45.67 -1.26 -19.74
CA LYS D 90 -45.87 0.18 -19.74
C LYS D 90 -47.08 0.57 -20.57
N GLU D 91 -47.27 -0.10 -21.70
CA GLU D 91 -48.43 0.11 -22.55
C GLU D 91 -49.71 0.02 -21.73
N ALA D 92 -49.93 -1.13 -21.11
CA ALA D 92 -51.17 -1.34 -20.36
C ALA D 92 -51.29 -0.36 -19.20
N ALA D 93 -50.20 -0.16 -18.46
CA ALA D 93 -50.24 0.70 -17.29
C ALA D 93 -50.64 2.12 -17.67
N ASP D 94 -50.06 2.66 -18.74
CA ASP D 94 -50.38 4.02 -19.15
C ASP D 94 -51.73 4.10 -19.84
N ALA D 95 -52.14 3.04 -20.54
CA ALA D 95 -53.46 3.04 -21.17
C ALA D 95 -54.56 3.14 -20.13
N LEU D 96 -54.41 2.45 -19.00
CA LEU D 96 -55.43 2.52 -17.96
C LEU D 96 -55.67 3.95 -17.49
N ALA D 97 -54.66 4.83 -17.61
CA ALA D 97 -54.76 6.15 -17.01
C ALA D 97 -55.85 7.00 -17.65
N LEU D 98 -56.11 6.83 -18.94
CA LEU D 98 -57.00 7.72 -19.68
C LEU D 98 -58.37 7.13 -19.94
N VAL D 99 -58.67 5.94 -19.45
CA VAL D 99 -59.99 5.35 -19.63
C VAL D 99 -61.00 6.07 -18.76
N THR D 100 -62.24 6.17 -19.25
CA THR D 100 -63.33 6.79 -18.52
C THR D 100 -64.47 5.80 -18.38
N ALA D 101 -64.91 5.58 -17.14
CA ALA D 101 -65.98 4.65 -16.83
C ALA D 101 -66.38 4.88 -15.39
N GLU D 102 -67.33 4.08 -14.91
CA GLU D 102 -67.67 4.12 -13.49
C GLU D 102 -66.48 3.69 -12.67
N PRO D 103 -66.30 4.25 -11.47
CA PRO D 103 -65.11 3.91 -10.68
C PRO D 103 -64.95 2.43 -10.39
N ARG D 104 -66.04 1.71 -10.17
CA ARG D 104 -65.92 0.27 -9.93
C ARG D 104 -65.40 -0.45 -11.16
N GLU D 105 -65.78 0.01 -12.36
CA GLU D 105 -65.20 -0.55 -13.57
C GLU D 105 -63.70 -0.30 -13.64
N LEU D 106 -63.27 0.89 -13.22
CA LEU D 106 -61.85 1.19 -13.17
C LEU D 106 -61.11 0.25 -12.23
N LEU D 107 -61.65 0.06 -11.02
CA LEU D 107 -61.04 -0.85 -10.07
C LEU D 107 -60.96 -2.26 -10.62
N GLU D 108 -62.03 -2.73 -11.26
CA GLU D 108 -62.02 -4.07 -11.83
C GLU D 108 -60.96 -4.19 -12.93
N ALA D 109 -60.81 -3.16 -13.76
CA ALA D 109 -59.81 -3.22 -14.82
C ALA D 109 -58.41 -3.25 -14.24
N ALA D 110 -58.17 -2.43 -13.21
CA ALA D 110 -56.87 -2.43 -12.55
C ALA D 110 -56.56 -3.81 -11.97
N VAL D 111 -57.55 -4.43 -11.33
CA VAL D 111 -57.35 -5.75 -10.75
C VAL D 111 -57.04 -6.78 -11.83
N LYS D 112 -57.77 -6.74 -12.93
CA LYS D 112 -57.51 -7.68 -14.01
C LYS D 112 -56.11 -7.51 -14.57
N LEU D 113 -55.65 -6.25 -14.68
CA LEU D 113 -54.29 -6.01 -15.16
C LEU D 113 -53.27 -6.58 -14.20
N VAL D 114 -53.40 -6.27 -12.91
CA VAL D 114 -52.45 -6.72 -11.92
C VAL D 114 -52.39 -8.24 -11.90
N LYS D 115 -53.53 -8.89 -12.11
CA LYS D 115 -53.51 -10.35 -12.14
C LYS D 115 -52.85 -10.88 -13.41
N GLN D 116 -53.13 -10.25 -14.55
CA GLN D 116 -52.66 -10.81 -15.81
C GLN D 116 -51.16 -10.65 -15.98
N HIS D 117 -50.63 -9.47 -15.68
CA HIS D 117 -49.23 -9.21 -16.00
C HIS D 117 -48.29 -9.57 -14.87
N THR D 118 -48.74 -9.51 -13.63
CA THR D 118 -47.91 -9.82 -12.48
C THR D 118 -48.09 -11.29 -12.11
N ALA D 119 -47.05 -11.88 -11.52
CA ALA D 119 -47.08 -13.26 -11.04
C ALA D 119 -47.64 -13.35 -9.63
N ALA D 120 -48.46 -12.40 -9.21
CA ALA D 120 -49.09 -12.46 -7.91
C ALA D 120 -50.23 -13.47 -7.93
N GLY D 121 -50.52 -14.02 -6.75
CA GLY D 121 -51.56 -15.04 -6.67
C GLY D 121 -52.95 -14.48 -6.67
N ALA D 122 -53.15 -13.31 -6.06
CA ALA D 122 -54.46 -12.69 -6.06
C ALA D 122 -54.32 -11.18 -6.01
N ALA D 123 -55.29 -10.49 -6.58
CA ALA D 123 -55.36 -9.05 -6.54
C ALA D 123 -56.78 -8.62 -6.23
N TYR D 124 -56.92 -7.53 -5.50
CA TYR D 124 -58.24 -7.03 -5.14
C TYR D 124 -58.14 -5.54 -4.84
N ALA D 125 -59.29 -4.93 -4.57
CA ALA D 125 -59.35 -3.48 -4.41
C ALA D 125 -60.51 -3.13 -3.49
N ALA D 126 -60.27 -2.15 -2.64
CA ALA D 126 -61.27 -1.68 -1.69
C ALA D 126 -61.43 -0.18 -1.82
N VAL D 127 -62.52 0.32 -1.24
CA VAL D 127 -62.82 1.74 -1.20
C VAL D 127 -62.77 2.19 0.25
N VAL D 128 -62.20 3.37 0.46
CA VAL D 128 -62.11 3.95 1.80
C VAL D 128 -63.48 4.52 2.12
N ALA D 129 -64.29 3.75 2.83
CA ALA D 129 -65.66 4.12 3.13
C ALA D 129 -65.78 4.71 4.52
N GLU D 130 -66.89 5.41 4.73
CA GLU D 130 -67.28 6.04 5.97
C GLU D 130 -68.44 5.28 6.60
N PRO D 131 -68.52 5.20 7.93
CA PRO D 131 -69.63 4.49 8.57
C PRO D 131 -70.97 5.15 8.25
N GLU D 132 -71.91 4.34 7.79
CA GLU D 132 -73.25 4.82 7.50
C GLU D 132 -73.95 5.25 8.79
N GLU D 133 -74.91 6.15 8.64
CA GLU D 133 -75.64 6.63 9.80
C GLU D 133 -76.55 5.54 10.36
N PRO D 134 -76.88 5.62 11.65
CA PRO D 134 -77.87 4.69 12.21
C PRO D 134 -79.29 5.06 11.82
N ASP D 135 -80.29 4.40 12.40
CA ASP D 135 -81.68 4.70 12.10
C ASP D 135 -82.46 5.06 13.37
N PRO D 190 -58.41 25.79 7.54
CA PRO D 190 -58.22 24.61 6.69
C PRO D 190 -58.00 23.34 7.51
N ARG D 191 -59.02 22.50 7.63
CA ARG D 191 -58.88 21.29 8.44
C ARG D 191 -58.26 20.17 7.63
N PRO D 192 -57.40 19.37 8.27
CA PRO D 192 -56.89 18.17 7.60
C PRO D 192 -57.92 17.06 7.62
N VAL D 193 -57.74 16.10 6.70
CA VAL D 193 -58.64 14.96 6.64
C VAL D 193 -58.55 14.16 7.93
N ASP D 194 -59.68 13.65 8.38
CA ASP D 194 -59.75 12.88 9.62
C ASP D 194 -60.14 11.44 9.25
N TYR D 195 -59.14 10.64 8.91
CA TYR D 195 -59.38 9.24 8.54
C TYR D 195 -59.71 8.37 9.73
N SER D 196 -59.72 8.91 10.95
CA SER D 196 -59.79 8.10 12.15
C SER D 196 -61.09 7.32 12.29
N LYS D 197 -62.03 7.55 11.39
CA LYS D 197 -63.34 6.90 11.42
C LYS D 197 -63.71 6.39 10.05
N LYS D 198 -62.81 5.66 9.41
CA LYS D 198 -63.09 5.09 8.10
C LYS D 198 -62.71 3.62 8.10
N TYR D 199 -63.15 2.91 7.07
CA TYR D 199 -62.85 1.50 6.93
C TYR D 199 -62.65 1.18 5.46
N PHE D 200 -62.30 -0.07 5.17
CA PHE D 200 -62.10 -0.52 3.80
C PHE D 200 -63.24 -1.44 3.41
N ALA D 201 -63.85 -1.17 2.26
CA ALA D 201 -64.93 -1.98 1.73
C ALA D 201 -64.48 -2.55 0.39
N TYR D 202 -64.25 -3.85 0.34
CA TYR D 202 -63.65 -4.47 -0.82
C TYR D 202 -64.70 -4.67 -1.90
N VAL D 203 -64.45 -4.12 -3.09
CA VAL D 203 -65.45 -4.07 -4.14
C VAL D 203 -65.01 -4.75 -5.43
N ALA D 204 -63.74 -5.12 -5.55
CA ALA D 204 -63.28 -5.81 -6.74
C ALA D 204 -62.24 -6.84 -6.33
N ALA D 205 -62.14 -7.92 -7.10
CA ALA D 205 -61.23 -8.98 -6.76
C ALA D 205 -60.89 -9.78 -8.00
N SER D 206 -59.78 -10.50 -7.93
CA SER D 206 -59.25 -11.22 -9.08
C SER D 206 -60.13 -12.41 -9.42
N ALA D 207 -59.71 -13.16 -10.43
CA ALA D 207 -60.47 -14.31 -10.88
C ALA D 207 -60.25 -15.50 -9.94
N GLY D 208 -61.33 -16.06 -9.43
CA GLY D 208 -61.25 -17.16 -8.50
C GLY D 208 -61.27 -16.75 -7.05
N GLN D 209 -61.36 -15.47 -6.76
CA GLN D 209 -61.37 -14.97 -5.39
C GLN D 209 -62.58 -14.06 -5.22
N GLU D 210 -63.74 -14.65 -4.93
CA GLU D 210 -64.97 -13.89 -4.80
C GLU D 210 -65.39 -13.67 -3.36
N HIS D 211 -64.93 -14.51 -2.44
CA HIS D 211 -65.18 -14.27 -1.02
C HIS D 211 -64.68 -12.90 -0.57
N VAL D 212 -63.73 -12.31 -1.30
CA VAL D 212 -63.22 -11.00 -0.92
C VAL D 212 -64.31 -9.94 -1.04
N LEU D 213 -65.19 -10.08 -2.05
CA LEU D 213 -66.20 -9.06 -2.30
C LEU D 213 -67.10 -8.82 -1.09
N GLU D 214 -67.24 -9.82 -0.23
CA GLU D 214 -68.10 -9.72 0.96
C GLU D 214 -67.27 -9.51 2.21
N ALA D 215 -66.20 -8.73 2.13
CA ALA D 215 -65.32 -8.52 3.27
C ALA D 215 -65.14 -7.03 3.52
N ASP D 216 -65.10 -6.66 4.79
CA ASP D 216 -64.79 -5.30 5.21
C ASP D 216 -63.56 -5.33 6.09
N LEU D 217 -63.21 -4.17 6.65
CA LEU D 217 -62.07 -4.09 7.55
C LEU D 217 -62.29 -2.88 8.45
N TYR D 218 -62.71 -3.12 9.69
CA TYR D 218 -63.00 -2.04 10.62
C TYR D 218 -61.91 -1.93 11.66
N ARG D 219 -61.78 -0.75 12.22
CA ARG D 219 -60.93 -0.56 13.37
C ARG D 219 -61.65 -1.05 14.63
N PRO D 220 -60.96 -1.74 15.53
CA PRO D 220 -61.63 -2.21 16.75
C PRO D 220 -61.94 -1.06 17.70
N ALA D 221 -62.95 -1.26 18.52
CA ALA D 221 -63.35 -0.28 19.52
C ALA D 221 -63.12 -0.85 20.91
N PRO D 222 -62.17 -0.31 21.68
CA PRO D 222 -61.81 -0.85 23.00
C PRO D 222 -62.95 -0.73 24.02
N PRO D 233 -57.85 -7.35 23.58
CA PRO D 233 -57.44 -6.34 22.60
C PRO D 233 -57.06 -6.95 21.26
N GLU D 234 -57.74 -6.55 20.21
CA GLU D 234 -57.50 -7.06 18.87
C GLU D 234 -56.49 -6.19 18.14
N PRO D 235 -55.74 -6.73 17.18
CA PRO D 235 -54.80 -5.91 16.42
C PRO D 235 -55.53 -5.07 15.38
N LEU D 236 -55.33 -3.76 15.43
CA LEU D 236 -55.74 -2.89 14.36
C LEU D 236 -55.10 -3.38 13.07
N PRO D 237 -55.87 -3.74 12.04
CA PRO D 237 -55.29 -4.38 10.87
C PRO D 237 -54.15 -3.59 10.25
N TYR D 238 -53.28 -4.29 9.52
CA TYR D 238 -52.06 -3.66 9.04
C TYR D 238 -52.35 -2.57 8.02
N SER D 239 -53.28 -2.82 7.10
CA SER D 239 -53.49 -1.90 6.00
C SER D 239 -53.85 -0.49 6.44
N PHE D 240 -54.35 -0.33 7.67
CA PHE D 240 -54.69 1.01 8.12
C PHE D 240 -53.49 1.93 8.27
N ARG D 241 -52.27 1.38 8.21
CA ARG D 241 -51.10 2.26 8.17
C ARG D 241 -51.14 3.16 6.95
N VAL D 242 -51.78 2.73 5.87
CA VAL D 242 -51.96 3.58 4.69
C VAL D 242 -52.66 4.86 5.08
N LEU D 243 -53.62 4.78 6.00
CA LEU D 243 -54.43 5.93 6.39
C LEU D 243 -53.92 6.62 7.63
N ASP D 244 -53.42 5.86 8.61
CA ASP D 244 -53.01 6.45 9.88
C ASP D 244 -51.73 7.25 9.77
N GLU D 245 -50.88 6.96 8.78
CA GLU D 245 -49.66 7.74 8.59
C GLU D 245 -49.41 8.05 7.12
N LYS D 246 -50.43 7.91 6.27
CA LYS D 246 -50.40 8.44 4.92
C LYS D 246 -49.26 7.85 4.09
N LEU D 247 -48.99 6.56 4.28
CA LEU D 247 -48.00 5.85 3.50
C LEU D 247 -48.65 5.33 2.22
N PRO D 248 -48.37 5.91 1.06
CA PRO D 248 -49.03 5.45 -0.17
C PRO D 248 -48.65 4.04 -0.59
N MET D 249 -47.79 3.35 0.14
CA MET D 249 -47.43 1.99 -0.25
C MET D 249 -46.88 1.23 0.94
N LEU D 250 -47.36 0.01 1.13
CA LEU D 250 -46.89 -0.90 2.16
C LEU D 250 -46.53 -2.23 1.52
N TYR D 251 -45.48 -2.85 2.02
CA TYR D 251 -45.06 -4.15 1.53
C TYR D 251 -44.61 -5.00 2.70
N VAL D 252 -45.29 -6.13 2.90
CA VAL D 252 -44.90 -7.11 3.91
C VAL D 252 -44.38 -8.33 3.16
N PRO D 253 -43.07 -8.53 3.09
CA PRO D 253 -42.54 -9.65 2.31
C PRO D 253 -42.80 -11.01 2.95
N ASN D 254 -43.21 -11.04 4.21
CA ASN D 254 -43.54 -12.29 4.87
C ASN D 254 -44.63 -11.99 5.88
N VAL D 255 -45.85 -12.45 5.61
CA VAL D 255 -46.98 -12.12 6.47
C VAL D 255 -46.82 -12.70 7.86
N ALA D 256 -46.05 -13.79 7.99
CA ALA D 256 -45.86 -14.41 9.29
C ALA D 256 -45.14 -13.49 10.27
N ALA D 257 -44.39 -12.52 9.78
CA ALA D 257 -43.64 -11.63 10.66
C ALA D 257 -44.47 -10.48 11.19
N GLU D 258 -45.71 -10.33 10.76
CA GLU D 258 -46.56 -9.22 11.18
C GLU D 258 -47.78 -9.75 11.92
N GLU D 259 -48.03 -9.19 13.10
CA GLU D 259 -49.25 -9.53 13.83
C GLU D 259 -50.47 -8.87 13.20
N ARG D 260 -50.35 -7.60 12.86
CA ARG D 260 -51.50 -6.80 12.48
C ARG D 260 -52.18 -7.30 11.21
N VAL D 261 -51.49 -8.10 10.39
CA VAL D 261 -52.12 -8.56 9.17
C VAL D 261 -53.26 -9.52 9.52
N LYS D 262 -54.34 -9.42 8.76
CA LYS D 262 -55.56 -10.17 9.04
C LYS D 262 -55.99 -10.90 7.79
N PHE D 263 -56.43 -12.13 7.95
CA PHE D 263 -56.89 -12.95 6.83
C PHE D 263 -58.41 -12.97 6.79
N PHE D 264 -58.94 -13.08 5.58
CA PHE D 264 -60.38 -12.97 5.38
C PHE D 264 -61.09 -14.31 5.51
N ARG D 265 -60.41 -15.42 5.28
CA ARG D 265 -60.97 -16.74 5.54
C ARG D 265 -60.60 -17.27 6.93
N LYS D 266 -60.01 -16.43 7.77
CA LYS D 266 -59.75 -16.76 9.18
C LYS D 266 -58.88 -18.00 9.34
N PHE D 267 -57.99 -18.23 8.39
CA PHE D 267 -57.08 -19.36 8.46
C PHE D 267 -55.71 -18.89 8.00
N PRO D 268 -54.71 -18.89 8.88
CA PRO D 268 -53.42 -18.27 8.54
C PRO D 268 -52.83 -18.87 7.27
N LYS D 269 -52.12 -18.04 6.52
CA LYS D 269 -51.52 -18.43 5.26
C LYS D 269 -50.08 -17.94 5.21
N ILE D 270 -49.43 -18.16 4.06
CA ILE D 270 -48.00 -17.97 3.92
C ILE D 270 -47.72 -17.28 2.60
N GLY D 271 -47.06 -16.12 2.66
CA GLY D 271 -46.75 -15.37 1.47
C GLY D 271 -46.49 -13.92 1.82
N SER D 272 -46.49 -13.09 0.77
CA SER D 272 -46.22 -11.67 0.89
C SER D 272 -47.46 -10.88 0.51
N TYR D 273 -47.48 -9.61 0.91
CA TYR D 273 -48.64 -8.75 0.74
C TYR D 273 -48.20 -7.35 0.38
N GLN D 274 -48.95 -6.69 -0.50
CA GLN D 274 -48.61 -5.34 -0.92
C GLN D 274 -49.87 -4.49 -1.05
N ALA D 275 -49.81 -3.27 -0.54
CA ALA D 275 -50.92 -2.33 -0.63
C ALA D 275 -50.43 -1.02 -1.19
N CYS D 276 -51.27 -0.35 -1.97
CA CYS D 276 -50.95 0.93 -2.59
C CYS D 276 -52.14 1.86 -2.40
N GLY D 277 -52.06 2.77 -1.43
CA GLY D 277 -53.15 3.67 -1.17
C GLY D 277 -53.40 4.66 -2.31
N VAL D 278 -54.48 4.45 -3.05
CA VAL D 278 -54.81 5.32 -4.19
C VAL D 278 -55.22 6.69 -3.66
N ALA D 279 -54.49 7.72 -4.08
CA ALA D 279 -54.73 9.07 -3.61
C ALA D 279 -54.98 9.99 -4.79
N LEU D 280 -55.83 10.98 -4.57
CA LEU D 280 -56.13 11.97 -5.60
C LEU D 280 -55.01 12.99 -5.68
N PRO D 281 -54.39 13.18 -6.85
CA PRO D 281 -53.23 14.08 -6.92
C PRO D 281 -53.56 15.52 -6.60
N ALA D 282 -54.76 15.98 -6.97
CA ALA D 282 -55.08 17.39 -6.77
C ALA D 282 -55.34 17.72 -5.32
N SER D 283 -55.81 16.75 -4.53
CA SER D 283 -56.17 17.01 -3.14
C SER D 283 -55.32 16.27 -2.13
N GLY D 284 -54.71 15.15 -2.49
CA GLY D 284 -53.95 14.37 -1.55
C GLY D 284 -54.80 13.65 -0.53
N GLU D 285 -55.93 13.08 -0.96
CA GLU D 285 -56.79 12.28 -0.11
C GLU D 285 -56.86 10.87 -0.68
N PHE D 286 -56.89 9.89 0.20
CA PHE D 286 -56.97 8.50 -0.23
C PHE D 286 -58.42 8.12 -0.46
N LYS D 287 -58.68 7.51 -1.60
CA LYS D 287 -60.03 7.08 -1.94
C LYS D 287 -60.15 5.58 -2.09
N ALA D 288 -59.14 4.92 -2.64
CA ALA D 288 -59.21 3.48 -2.83
C ALA D 288 -58.01 2.78 -2.23
N LEU D 289 -57.88 1.49 -2.50
CA LEU D 289 -56.73 0.72 -2.04
C LEU D 289 -56.61 -0.49 -2.95
N LEU D 290 -55.54 -0.57 -3.70
CA LEU D 290 -55.28 -1.69 -4.59
C LEU D 290 -54.23 -2.59 -3.96
N ALA D 291 -54.52 -3.89 -3.87
CA ALA D 291 -53.63 -4.79 -3.17
C ALA D 291 -53.46 -6.06 -3.97
N ALA D 292 -52.33 -6.73 -3.74
CA ALA D 292 -52.04 -8.02 -4.34
C ALA D 292 -51.22 -8.82 -3.37
N ASP D 293 -51.34 -10.14 -3.43
CA ASP D 293 -50.58 -11.01 -2.55
C ASP D 293 -50.38 -12.37 -3.20
N THR D 294 -49.61 -13.20 -2.50
CA THR D 294 -49.19 -14.51 -2.98
C THR D 294 -49.38 -15.59 -1.93
N LEU D 295 -50.41 -15.46 -1.10
CA LEU D 295 -50.66 -16.44 -0.05
C LEU D 295 -50.78 -17.83 -0.64
N PHE D 296 -50.25 -18.82 0.09
CA PHE D 296 -49.73 -20.02 -0.57
C PHE D 296 -50.76 -20.78 -1.41
N PRO D 297 -51.82 -21.35 -0.85
CA PRO D 297 -52.58 -22.34 -1.63
C PRO D 297 -53.03 -21.83 -2.99
N GLU D 298 -53.36 -20.54 -3.09
CA GLU D 298 -53.73 -19.96 -4.37
C GLU D 298 -52.51 -19.69 -5.23
N GLY D 299 -51.61 -18.86 -4.73
CA GLY D 299 -50.39 -18.54 -5.45
C GLY D 299 -49.17 -18.80 -4.61
N SER D 300 -48.08 -19.18 -5.28
CA SER D 300 -46.83 -19.55 -4.63
C SER D 300 -46.47 -18.58 -3.52
N GLY D 301 -46.13 -19.13 -2.35
CA GLY D 301 -45.92 -18.32 -1.17
C GLY D 301 -44.68 -17.44 -1.17
N GLN D 302 -44.06 -17.26 -2.33
CA GLN D 302 -42.82 -16.52 -2.42
C GLN D 302 -43.07 -15.02 -2.30
N PRO D 303 -42.05 -14.25 -1.96
CA PRO D 303 -42.18 -12.79 -1.98
C PRO D 303 -42.36 -12.26 -3.39
N LEU D 304 -42.68 -10.98 -3.47
CA LEU D 304 -42.90 -10.31 -4.74
C LEU D 304 -41.60 -9.66 -5.21
N SER D 305 -41.24 -9.90 -6.46
CA SER D 305 -40.07 -9.26 -7.04
C SER D 305 -40.28 -7.74 -7.09
N ALA D 306 -39.20 -7.01 -7.35
CA ALA D 306 -39.31 -5.56 -7.43
C ALA D 306 -40.02 -5.13 -8.69
N ASP D 307 -39.93 -5.92 -9.77
CA ASP D 307 -40.63 -5.58 -11.00
C ASP D 307 -42.14 -5.56 -10.78
N ASP D 308 -42.67 -6.59 -10.11
CA ASP D 308 -44.11 -6.67 -9.92
C ASP D 308 -44.59 -5.63 -8.92
N ARG D 309 -43.81 -5.37 -7.87
CA ARG D 309 -44.14 -4.28 -6.96
C ARG D 309 -44.20 -2.95 -7.70
N ASP D 310 -43.23 -2.69 -8.57
CA ASP D 310 -43.24 -1.45 -9.33
C ASP D 310 -44.42 -1.40 -10.29
N PHE D 311 -44.79 -2.53 -10.88
CA PHE D 311 -45.94 -2.55 -11.76
C PHE D 311 -47.22 -2.24 -11.01
N VAL D 312 -47.36 -2.79 -9.79
CA VAL D 312 -48.52 -2.47 -8.97
C VAL D 312 -48.53 -1.00 -8.63
N TRP D 313 -47.37 -0.42 -8.35
CA TRP D 313 -47.30 1.01 -8.06
C TRP D 313 -47.74 1.83 -9.27
N GLU D 314 -47.26 1.47 -10.46
CA GLU D 314 -47.65 2.18 -11.67
C GLU D 314 -49.15 2.09 -11.90
N VAL D 315 -49.72 0.91 -11.72
CA VAL D 315 -51.15 0.76 -11.92
C VAL D 315 -51.91 1.60 -10.91
N SER D 316 -51.43 1.66 -9.67
CA SER D 316 -52.07 2.50 -8.67
C SER D 316 -52.07 3.96 -9.10
N GLN D 317 -50.96 4.42 -9.68
CA GLN D 317 -50.88 5.82 -10.09
C GLN D 317 -51.79 6.09 -11.29
N SER D 318 -51.76 5.22 -12.30
CA SER D 318 -52.67 5.39 -13.43
C SER D 318 -54.11 5.40 -12.99
N LEU D 319 -54.45 4.55 -12.03
CA LEU D 319 -55.81 4.52 -11.52
C LEU D 319 -56.15 5.78 -10.75
N SER D 320 -55.17 6.33 -10.01
CA SER D 320 -55.39 7.62 -9.38
C SER D 320 -55.74 8.68 -10.41
N ARG D 321 -55.02 8.71 -11.52
CA ARG D 321 -55.30 9.66 -12.59
C ARG D 321 -56.70 9.49 -13.14
N ALA D 322 -57.03 8.26 -13.56
CA ALA D 322 -58.33 8.01 -14.17
C ALA D 322 -59.46 8.30 -13.18
N LEU D 323 -59.24 8.01 -11.90
CA LEU D 323 -60.27 8.25 -10.89
C LEU D 323 -60.48 9.75 -10.70
N GLU D 324 -59.40 10.52 -10.63
CA GLU D 324 -59.52 11.97 -10.57
C GLU D 324 -60.33 12.50 -11.74
N ALA D 325 -60.03 12.00 -12.95
CA ALA D 325 -60.73 12.48 -14.14
C ALA D 325 -62.21 12.15 -14.08
N VAL D 326 -62.54 10.91 -13.73
CA VAL D 326 -63.94 10.50 -13.68
C VAL D 326 -64.69 11.27 -12.61
N GLN D 327 -64.04 11.53 -11.47
CA GLN D 327 -64.69 12.32 -10.43
C GLN D 327 -64.94 13.74 -10.91
N ALA D 328 -63.99 14.32 -11.64
CA ALA D 328 -64.20 15.65 -12.21
C ALA D 328 -65.42 15.66 -13.12
N ARG D 329 -65.50 14.69 -14.03
CA ARG D 329 -66.64 14.63 -14.95
C ARG D 329 -67.96 14.48 -14.19
N ALA D 330 -67.99 13.60 -13.19
CA ALA D 330 -69.23 13.35 -12.46
C ALA D 330 -69.64 14.56 -11.64
N ALA D 331 -68.69 15.25 -11.02
CA ALA D 331 -69.02 16.46 -10.29
C ALA D 331 -69.46 17.56 -11.24
N GLU D 332 -68.97 17.55 -12.48
CA GLU D 332 -69.48 18.47 -13.48
C GLU D 332 -70.92 18.17 -13.84
N ALA D 333 -71.26 16.90 -13.98
CA ALA D 333 -72.58 16.49 -14.44
C ALA D 333 -73.69 16.85 -13.45
N LEU D 334 -73.33 17.39 -12.29
CA LEU D 334 -74.32 17.83 -11.32
C LEU D 334 -74.82 19.23 -11.65
N GLU D 461 -106.27 9.15 -5.99
CA GLU D 461 -104.95 9.49 -5.47
C GLU D 461 -103.87 8.86 -6.32
N LYS D 462 -104.27 7.88 -7.15
CA LYS D 462 -103.31 7.23 -8.04
C LYS D 462 -102.63 8.23 -8.95
N GLN D 463 -103.35 9.30 -9.33
CA GLN D 463 -102.76 10.31 -10.21
C GLN D 463 -101.50 10.91 -9.60
N ALA D 464 -101.49 11.11 -8.28
CA ALA D 464 -100.30 11.66 -7.63
C ALA D 464 -99.10 10.74 -7.84
N LEU D 465 -99.26 9.45 -7.52
CA LEU D 465 -98.16 8.51 -7.70
C LEU D 465 -97.79 8.35 -9.16
N ASP D 466 -98.75 8.44 -10.08
CA ASP D 466 -98.43 8.36 -11.50
C ASP D 466 -97.57 9.54 -11.93
N GLU D 467 -97.93 10.75 -11.48
CA GLU D 467 -97.12 11.92 -11.78
C GLU D 467 -95.72 11.79 -11.19
N VAL D 468 -95.63 11.29 -9.96
CA VAL D 468 -94.32 11.10 -9.33
C VAL D 468 -93.49 10.11 -10.13
N VAL D 469 -94.11 9.02 -10.58
CA VAL D 469 -93.39 8.00 -11.34
C VAL D 469 -92.91 8.57 -12.67
N ALA D 470 -93.74 9.36 -13.34
CA ALA D 470 -93.32 9.97 -14.60
C ALA D 470 -92.17 10.95 -14.38
N LEU D 471 -92.28 11.78 -13.35
CA LEU D 471 -91.20 12.72 -13.04
C LEU D 471 -89.90 11.99 -12.72
N ALA D 472 -90.00 10.84 -12.05
CA ALA D 472 -88.81 10.07 -11.74
C ALA D 472 -88.22 9.43 -13.00
N SER D 473 -89.08 8.88 -13.85
CA SER D 473 -88.60 8.30 -15.11
C SER D 473 -87.97 9.35 -16.00
N SER D 474 -88.35 10.62 -15.82
CA SER D 474 -87.69 11.70 -16.54
C SER D 474 -86.19 11.72 -16.24
N HIS D 475 -85.83 11.93 -14.98
CA HIS D 475 -84.45 11.98 -14.55
C HIS D 475 -83.88 10.61 -14.20
N SER D 476 -84.52 9.54 -14.67
CA SER D 476 -84.01 8.18 -14.46
C SER D 476 -82.52 8.09 -14.76
N ASP D 477 -82.13 8.40 -16.00
CA ASP D 477 -80.73 8.23 -16.38
C ASP D 477 -79.81 9.14 -15.61
N ALA D 478 -80.24 10.38 -15.35
CA ALA D 478 -79.41 11.31 -14.60
C ALA D 478 -79.12 10.79 -13.20
N THR D 479 -80.16 10.38 -12.48
CA THR D 479 -79.96 9.85 -11.13
C THR D 479 -79.17 8.55 -11.17
N LEU D 480 -79.41 7.71 -12.18
CA LEU D 480 -78.64 6.47 -12.30
C LEU D 480 -77.15 6.75 -12.43
N SER D 481 -76.79 7.65 -13.34
CA SER D 481 -75.37 7.97 -13.50
C SER D 481 -74.81 8.62 -12.24
N SER D 482 -75.55 9.53 -11.63
CA SER D 482 -75.05 10.22 -10.44
C SER D 482 -74.86 9.26 -9.28
N LEU D 483 -75.62 8.18 -9.24
CA LEU D 483 -75.43 7.19 -8.18
C LEU D 483 -74.29 6.23 -8.54
N ARG D 484 -74.29 5.71 -9.76
CA ARG D 484 -73.26 4.78 -10.19
C ARG D 484 -71.89 5.43 -10.33
N ASN D 485 -71.79 6.75 -10.18
CA ASN D 485 -70.49 7.43 -10.17
C ASN D 485 -70.18 8.08 -8.84
N MET D 486 -70.78 7.58 -7.75
CA MET D 486 -70.52 8.10 -6.41
C MET D 486 -69.81 7.00 -5.61
N LEU D 487 -68.49 7.15 -5.43
CA LEU D 487 -67.76 6.18 -4.63
C LEU D 487 -68.09 6.32 -3.15
N SER D 488 -68.06 7.54 -2.64
CA SER D 488 -68.42 7.78 -1.25
C SER D 488 -69.92 7.59 -1.06
N VAL D 489 -70.39 7.81 0.15
CA VAL D 489 -71.77 7.54 0.53
C VAL D 489 -72.44 8.86 0.89
N PRO D 490 -73.47 9.29 0.19
CA PRO D 490 -74.28 10.43 0.63
C PRO D 490 -75.20 9.99 1.76
N GLN D 491 -74.97 10.55 2.94
CA GLN D 491 -75.71 10.07 4.12
C GLN D 491 -77.20 10.31 3.97
N GLY D 492 -77.60 11.46 3.47
CA GLY D 492 -79.01 11.76 3.29
C GLY D 492 -79.70 10.82 2.31
N THR D 493 -79.24 10.85 1.06
CA THR D 493 -79.92 10.09 0.00
C THR D 493 -79.90 8.60 0.28
N TYR D 494 -78.92 8.12 1.05
CA TYR D 494 -78.80 6.68 1.27
C TYR D 494 -79.96 6.16 2.11
N HIS D 495 -80.38 6.92 3.12
CA HIS D 495 -81.57 6.52 3.90
C HIS D 495 -82.78 6.38 2.99
N VAL D 496 -82.97 7.33 2.08
CA VAL D 496 -84.14 7.31 1.22
C VAL D 496 -84.07 6.14 0.24
N VAL D 497 -82.87 5.83 -0.26
CA VAL D 497 -82.74 4.70 -1.17
C VAL D 497 -83.02 3.40 -0.44
N LYS D 498 -82.52 3.27 0.80
CA LYS D 498 -82.84 2.13 1.64
C LYS D 498 -84.35 1.98 1.80
N ALA D 499 -85.03 3.09 2.14
CA ALA D 499 -86.46 3.04 2.36
C ALA D 499 -87.20 2.64 1.08
N LEU D 500 -86.75 3.16 -0.06
CA LEU D 500 -87.39 2.80 -1.33
C LEU D 500 -87.23 1.32 -1.63
N LEU D 501 -86.03 0.78 -1.41
CA LEU D 501 -85.81 -0.65 -1.66
C LEU D 501 -86.65 -1.50 -0.71
N HIS D 502 -86.74 -1.08 0.56
CA HIS D 502 -87.58 -1.81 1.51
C HIS D 502 -89.04 -1.79 1.08
N LEU D 503 -89.54 -0.62 0.66
CA LEU D 503 -90.92 -0.53 0.19
C LEU D 503 -91.15 -1.42 -1.03
N LEU D 504 -90.21 -1.41 -1.97
CA LEU D 504 -90.31 -2.30 -3.12
C LEU D 504 -90.08 -3.76 -2.75
N GLY D 505 -89.67 -4.04 -1.52
CA GLY D 505 -89.56 -5.42 -1.07
C GLY D 505 -88.29 -6.11 -1.51
N ARG D 506 -87.16 -5.60 -1.06
CA ARG D 506 -85.85 -6.20 -1.29
C ARG D 506 -85.43 -7.02 -0.07
N PRO D 507 -84.42 -7.88 -0.20
CA PRO D 507 -84.04 -8.76 0.92
C PRO D 507 -83.64 -8.03 2.19
N ALA D 508 -83.55 -6.70 2.18
CA ALA D 508 -83.23 -5.85 3.33
C ALA D 508 -81.82 -6.07 3.86
N ALA D 509 -81.03 -6.96 3.25
CA ALA D 509 -79.64 -7.15 3.59
C ALA D 509 -78.72 -7.14 2.39
N SER D 510 -79.27 -7.27 1.18
CA SER D 510 -78.48 -7.12 -0.04
C SER D 510 -78.26 -5.67 -0.42
N PHE D 511 -78.70 -4.73 0.42
CA PHE D 511 -78.39 -3.31 0.21
C PHE D 511 -78.04 -2.62 1.52
N SER D 512 -77.71 -3.38 2.57
CA SER D 512 -77.44 -2.80 3.88
C SER D 512 -76.18 -1.94 3.90
N THR D 513 -75.33 -2.04 2.89
CA THR D 513 -74.16 -1.20 2.78
C THR D 513 -74.13 -0.54 1.41
N TRP D 514 -73.53 0.65 1.34
CA TRP D 514 -73.52 1.42 0.11
C TRP D 514 -72.89 0.64 -1.04
N LYS D 515 -71.90 -0.19 -0.74
CA LYS D 515 -71.28 -0.98 -1.80
C LYS D 515 -72.22 -2.06 -2.30
N ARG D 516 -73.14 -2.51 -1.46
CA ARG D 516 -74.12 -3.50 -1.91
C ARG D 516 -75.30 -2.85 -2.61
N ALA D 517 -75.65 -1.63 -2.22
CA ALA D 517 -76.72 -0.91 -2.90
C ALA D 517 -76.41 -0.72 -4.38
N HIS D 518 -75.12 -0.70 -4.74
CA HIS D 518 -74.74 -0.52 -6.13
C HIS D 518 -75.32 -1.60 -7.03
N SER D 519 -75.59 -2.79 -6.48
CA SER D 519 -76.13 -3.88 -7.28
C SER D 519 -77.56 -3.59 -7.72
N HIS D 520 -78.28 -2.76 -6.98
CA HIS D 520 -79.68 -2.48 -7.30
C HIS D 520 -79.83 -1.38 -8.33
N PHE D 521 -78.89 -0.44 -8.37
CA PHE D 521 -79.02 0.73 -9.23
C PHE D 521 -79.00 0.30 -10.69
N SER D 522 -80.16 0.34 -11.33
CA SER D 522 -80.36 -0.14 -12.69
C SER D 522 -81.74 0.32 -13.14
N PRO D 523 -81.99 0.35 -14.45
CA PRO D 523 -83.31 0.79 -14.93
C PRO D 523 -84.46 -0.04 -14.37
N ARG D 524 -84.22 -1.26 -13.91
CA ARG D 524 -85.27 -2.08 -13.35
C ARG D 524 -85.87 -1.45 -12.09
N LEU D 525 -85.12 -0.59 -11.40
CA LEU D 525 -85.63 0.00 -10.16
C LEU D 525 -86.84 0.87 -10.41
N PHE D 526 -86.70 1.86 -11.29
CA PHE D 526 -87.84 2.74 -11.58
C PHE D 526 -88.97 1.98 -12.27
N GLU D 527 -88.63 0.99 -13.09
CA GLU D 527 -89.64 0.14 -13.71
C GLU D 527 -90.51 -0.53 -12.66
N ASP D 528 -89.87 -1.13 -11.65
CA ASP D 528 -90.64 -1.82 -10.62
C ASP D 528 -91.31 -0.84 -9.68
N MET D 529 -90.75 0.36 -9.50
CA MET D 529 -91.44 1.39 -8.73
C MET D 529 -92.70 1.85 -9.44
N ALA D 530 -92.69 1.82 -10.78
CA ALA D 530 -93.91 2.10 -11.54
C ALA D 530 -94.90 0.95 -11.39
N ALA D 531 -94.46 -0.27 -11.66
CA ALA D 531 -95.31 -1.44 -11.54
C ALA D 531 -95.41 -1.84 -10.07
N TYR D 532 -96.25 -1.11 -9.34
CA TYR D 532 -96.43 -1.35 -7.92
C TYR D 532 -97.82 -0.89 -7.51
N ASP D 533 -98.61 -1.81 -6.97
CA ASP D 533 -99.99 -1.50 -6.60
C ASP D 533 -100.06 -0.89 -5.20
N ALA D 534 -101.17 -0.20 -4.95
CA ALA D 534 -101.46 0.41 -3.64
C ALA D 534 -100.34 1.35 -3.19
N UNK E 1 -57.88 -16.27 1.50
CA UNK E 1 -57.36 -16.08 0.16
C UNK E 1 -56.90 -14.64 0.00
N UNK E 2 -57.13 -13.85 1.04
CA UNK E 2 -56.80 -12.44 0.98
C UNK E 2 -56.45 -11.90 2.36
N UNK E 3 -55.39 -11.09 2.43
CA UNK E 3 -54.93 -10.54 3.69
C UNK E 3 -55.26 -9.06 3.79
N UNK E 4 -54.89 -8.46 4.91
CA UNK E 4 -55.13 -7.05 5.13
C UNK E 4 -54.39 -6.56 6.37
N PRO F 126 13.07 -34.71 -66.12
CA PRO F 126 14.09 -33.70 -66.34
C PRO F 126 13.53 -32.28 -66.25
N TRP F 127 12.23 -32.14 -66.47
CA TRP F 127 11.58 -30.83 -66.38
C TRP F 127 11.50 -30.31 -64.95
N LEU F 128 11.81 -31.14 -63.96
CA LEU F 128 11.76 -30.71 -62.57
C LEU F 128 12.91 -29.76 -62.24
N LYS F 129 14.03 -29.91 -62.94
CA LYS F 129 15.23 -29.12 -62.64
C LYS F 129 14.94 -27.63 -62.73
N GLU F 130 14.50 -27.17 -63.90
CA GLU F 130 14.31 -25.74 -64.10
C GLU F 130 13.15 -25.21 -63.30
N GLN F 131 12.15 -26.05 -62.99
CA GLN F 131 11.10 -25.63 -62.07
C GLN F 131 11.67 -25.33 -60.69
N ALA F 132 12.55 -26.21 -60.21
CA ALA F 132 13.24 -25.94 -58.96
C ALA F 132 14.12 -24.70 -59.07
N ILE F 133 14.72 -24.48 -60.24
CA ILE F 133 15.53 -23.28 -60.44
C ILE F 133 14.69 -22.03 -60.26
N GLY F 134 13.50 -22.02 -60.87
CA GLY F 134 12.59 -20.90 -60.70
C GLY F 134 12.15 -20.74 -59.26
N TYR F 135 11.93 -21.86 -58.56
CA TYR F 135 11.59 -21.78 -57.15
C TYR F 135 12.70 -21.12 -56.34
N LEU F 136 13.95 -21.50 -56.60
CA LEU F 136 15.07 -20.93 -55.87
C LEU F 136 15.24 -19.46 -56.20
N ALA F 137 15.07 -19.10 -57.48
CA ALA F 137 15.12 -17.69 -57.86
C ALA F 137 14.04 -16.90 -57.14
N ARG F 138 12.85 -17.47 -57.02
CA ARG F 138 11.77 -16.82 -56.28
C ARG F 138 12.14 -16.65 -54.81
N GLY F 139 12.80 -17.66 -54.24
CA GLY F 139 13.27 -17.52 -52.87
C GLY F 139 14.25 -16.38 -52.71
N VAL F 140 15.21 -16.28 -53.62
CA VAL F 140 16.16 -15.17 -53.60
C VAL F 140 15.42 -13.84 -53.73
N VAL F 141 14.42 -13.80 -54.62
CA VAL F 141 13.61 -12.60 -54.78
C VAL F 141 12.98 -12.20 -53.46
N ALA F 142 12.34 -13.17 -52.78
CA ALA F 142 11.70 -12.88 -51.51
C ALA F 142 12.72 -12.41 -50.48
N ARG F 143 13.92 -13.00 -50.50
CA ARG F 143 14.96 -12.54 -49.58
C ARG F 143 15.28 -11.07 -49.80
N ARG F 144 15.51 -10.69 -51.05
CA ARG F 144 15.83 -9.29 -51.36
C ARG F 144 14.67 -8.37 -51.01
N VAL F 145 13.44 -8.83 -51.23
CA VAL F 145 12.26 -8.06 -50.86
C VAL F 145 12.28 -7.78 -49.36
N VAL F 146 12.54 -8.81 -48.56
CA VAL F 146 12.56 -8.63 -47.11
C VAL F 146 13.71 -7.71 -46.70
N ASP F 147 14.83 -7.78 -47.43
CA ASP F 147 15.95 -6.88 -47.16
C ASP F 147 15.51 -5.43 -47.31
N LYS F 148 14.88 -5.11 -48.46
CA LYS F 148 14.39 -3.76 -48.65
C LYS F 148 13.35 -3.39 -47.60
N LEU F 149 12.52 -4.36 -47.20
CA LEU F 149 11.47 -4.07 -46.22
C LEU F 149 12.06 -3.66 -44.88
N VAL F 150 13.06 -4.39 -44.39
CA VAL F 150 13.67 -4.02 -43.12
C VAL F 150 14.45 -2.71 -43.26
N GLU F 151 15.09 -2.50 -44.40
CA GLU F 151 15.75 -1.23 -44.64
C GLU F 151 14.76 -0.07 -44.52
N ASP F 152 13.56 -0.24 -45.06
CA ASP F 152 12.54 0.80 -44.93
C ASP F 152 12.02 0.92 -43.51
N ALA F 153 11.91 -0.21 -42.80
CA ALA F 153 11.40 -0.19 -41.44
C ALA F 153 12.31 0.62 -40.53
N ALA F 154 13.62 0.55 -40.74
CA ALA F 154 14.54 1.33 -39.92
C ALA F 154 14.27 2.83 -40.07
N ALA F 155 14.14 3.29 -41.32
CA ALA F 155 13.86 4.69 -41.57
C ALA F 155 12.51 5.09 -40.99
N ALA F 156 11.51 4.21 -41.11
CA ALA F 156 10.21 4.49 -40.52
C ALA F 156 10.32 4.66 -39.02
N LEU F 157 11.16 3.84 -38.38
CA LEU F 157 11.38 3.97 -36.94
C LEU F 157 11.95 5.33 -36.58
N ALA F 158 13.01 5.73 -37.28
CA ALA F 158 13.60 7.05 -37.01
C ALA F 158 12.58 8.16 -37.23
N ALA F 159 11.79 8.05 -38.30
CA ALA F 159 10.78 9.06 -38.57
C ALA F 159 9.74 9.13 -37.46
N ASN F 160 9.34 7.96 -36.93
CA ASN F 160 8.32 7.95 -35.89
C ASN F 160 8.83 8.59 -34.61
N ARG F 161 10.07 8.32 -34.23
CA ARG F 161 10.57 8.96 -33.02
C ARG F 161 10.74 10.47 -33.22
N SER F 162 11.16 10.88 -34.42
CA SER F 162 11.21 12.31 -34.71
C SER F 162 9.83 12.95 -34.59
N THR F 163 8.80 12.30 -35.14
CA THR F 163 7.44 12.81 -35.07
C THR F 163 6.97 12.93 -33.63
N LEU F 164 7.31 11.93 -32.80
CA LEU F 164 6.91 11.98 -31.40
C LEU F 164 7.54 13.16 -30.69
N ALA F 165 8.85 13.35 -30.88
CA ALA F 165 9.51 14.51 -30.27
C ALA F 165 8.88 15.81 -30.74
N ASP F 166 8.55 15.88 -32.03
CA ASP F 166 7.93 17.08 -32.59
C ASP F 166 6.59 17.38 -31.91
N LYS F 167 5.76 16.35 -31.72
CA LYS F 167 4.46 16.55 -31.13
C LYS F 167 4.57 16.97 -29.67
N ALA F 168 5.52 16.39 -28.93
CA ALA F 168 5.73 16.84 -27.55
C ALA F 168 6.17 18.29 -27.51
N ALA F 169 7.06 18.68 -28.43
CA ALA F 169 7.46 20.08 -28.52
C ALA F 169 6.26 20.98 -28.79
N SER F 170 5.35 20.52 -29.65
CA SER F 170 4.14 21.29 -29.95
C SER F 170 3.31 21.52 -28.69
N THR F 171 3.11 20.46 -27.90
CA THR F 171 2.32 20.60 -26.68
C THR F 171 2.96 21.59 -25.71
N ALA F 172 4.27 21.45 -25.49
CA ALA F 172 4.97 22.41 -24.65
C ALA F 172 4.81 23.82 -25.19
N ALA F 173 4.84 23.97 -26.52
CA ALA F 173 4.68 25.28 -27.12
C ALA F 173 3.32 25.88 -26.82
N THR F 174 2.27 25.07 -26.85
CA THR F 174 0.94 25.60 -26.55
C THR F 174 0.84 26.05 -25.10
N VAL F 175 1.43 25.28 -24.19
CA VAL F 175 1.43 25.71 -22.78
C VAL F 175 2.15 27.05 -22.64
N ASP F 176 3.31 27.18 -23.29
CA ASP F 176 4.06 28.43 -23.22
C ASP F 176 3.25 29.58 -23.81
N ALA F 177 2.55 29.32 -24.91
CA ALA F 177 1.75 30.36 -25.55
C ALA F 177 0.66 30.86 -24.61
N TRP F 178 -0.05 29.95 -23.95
CA TRP F 178 -1.11 30.38 -23.06
C TRP F 178 -0.55 31.15 -21.87
N ALA F 179 0.62 30.72 -21.36
CA ALA F 179 1.25 31.48 -20.29
C ALA F 179 1.59 32.90 -20.74
N GLU F 180 2.12 33.04 -21.95
CA GLU F 180 2.42 34.36 -22.50
C GLU F 180 1.16 35.21 -22.58
N ARG F 181 0.08 34.63 -23.09
CA ARG F 181 -1.17 35.38 -23.20
C ARG F 181 -1.62 35.89 -21.84
N GLN F 182 -1.56 35.04 -20.82
CA GLN F 182 -1.99 35.47 -19.50
C GLN F 182 -1.10 36.60 -18.96
N ALA F 183 0.22 36.47 -19.14
CA ALA F 183 1.12 37.52 -18.70
C ALA F 183 0.79 38.84 -19.38
N LYS F 184 0.57 38.81 -20.69
CA LYS F 184 0.30 40.03 -21.43
C LYS F 184 -1.02 40.66 -21.00
N MET F 185 -2.05 39.84 -20.81
CA MET F 185 -3.34 40.38 -20.39
C MET F 185 -3.25 40.99 -18.99
N GLU F 186 -2.51 40.36 -18.09
CA GLU F 186 -2.36 40.94 -16.76
C GLU F 186 -1.58 42.25 -16.81
N ALA F 187 -0.58 42.32 -17.69
CA ALA F 187 0.14 43.58 -17.88
C ALA F 187 -0.80 44.69 -18.33
N GLU F 188 -1.61 44.40 -19.34
CA GLU F 188 -2.56 45.39 -19.82
C GLU F 188 -3.55 45.80 -18.74
N LEU F 189 -4.01 44.84 -17.95
CA LEU F 189 -4.93 45.15 -16.86
C LEU F 189 -4.30 46.11 -15.86
N GLN F 190 -3.06 45.82 -15.46
CA GLN F 190 -2.37 46.72 -14.52
C GLN F 190 -2.18 48.10 -15.12
N GLY F 191 -1.86 48.17 -16.41
CA GLY F 191 -1.69 49.47 -17.05
C GLY F 191 -2.99 50.27 -17.04
N LYS F 192 -4.08 49.64 -17.45
CA LYS F 192 -5.39 50.29 -17.40
C LYS F 192 -5.69 50.80 -16.00
N GLU F 193 -5.47 49.95 -14.99
CA GLU F 193 -5.82 50.33 -13.64
C GLU F 193 -4.98 51.50 -13.16
N LEU F 194 -3.70 51.53 -13.53
CA LEU F 194 -2.85 52.64 -13.11
C LEU F 194 -3.27 53.94 -13.80
N GLU F 195 -3.55 53.87 -15.11
CA GLU F 195 -4.04 55.06 -15.81
C GLU F 195 -5.31 55.58 -15.16
N ALA F 196 -6.23 54.68 -14.81
CA ALA F 196 -7.47 55.11 -14.18
C ALA F 196 -7.20 55.72 -12.81
N VAL F 197 -6.33 55.12 -12.02
CA VAL F 197 -6.06 55.64 -10.68
C VAL F 197 -5.29 56.94 -10.74
N ARG F 198 -4.68 57.27 -11.88
CA ARG F 198 -3.98 58.54 -11.99
C ARG F 198 -4.96 59.69 -12.28
N ARG F 199 -5.92 59.47 -13.17
CA ARG F 199 -6.84 60.51 -13.60
C ARG F 199 -8.01 60.72 -12.65
N ARG F 200 -7.93 60.23 -11.41
CA ARG F 200 -9.05 60.43 -10.50
C ARG F 200 -9.21 61.87 -10.06
N PRO F 201 -8.15 62.60 -9.66
CA PRO F 201 -8.34 64.01 -9.31
C PRO F 201 -8.89 64.84 -10.46
N THR F 202 -8.39 64.62 -11.68
CA THR F 202 -8.91 65.35 -12.82
C THR F 202 -10.37 65.02 -13.06
N PHE F 203 -10.83 63.84 -12.64
CA PHE F 203 -12.22 63.49 -12.81
C PHE F 203 -13.09 64.15 -11.75
N VAL F 204 -12.72 64.00 -10.48
CA VAL F 204 -13.52 64.57 -9.41
C VAL F 204 -13.46 66.09 -9.37
N LEU F 205 -12.49 66.69 -10.05
CA LEU F 205 -12.41 68.16 -10.11
C LEU F 205 -13.17 68.71 -11.31
N ARG F 206 -12.87 68.22 -12.50
CA ARG F 206 -13.43 68.79 -13.72
C ARG F 206 -14.76 68.16 -14.10
N GLU F 207 -14.77 66.84 -14.32
CA GLU F 207 -15.83 66.19 -15.06
C GLU F 207 -16.88 65.51 -14.18
N LEU F 208 -16.76 65.59 -12.86
CA LEU F 208 -17.72 64.95 -11.97
C LEU F 208 -19.09 65.58 -12.16
N LYS F 209 -20.07 64.75 -12.53
CA LYS F 209 -21.38 65.27 -12.95
C LYS F 209 -22.04 66.11 -11.86
N PRO F 210 -22.27 65.59 -10.64
CA PRO F 210 -22.67 66.50 -9.57
C PRO F 210 -21.49 67.35 -9.14
N ALA F 211 -21.48 68.61 -9.54
CA ALA F 211 -20.32 69.47 -9.33
C ALA F 211 -20.12 69.71 -7.84
N VAL F 212 -18.94 69.36 -7.33
CA VAL F 212 -18.62 69.65 -5.94
C VAL F 212 -17.94 71.00 -5.76
N ALA F 213 -17.41 71.59 -6.83
CA ALA F 213 -16.71 72.86 -6.75
C ALA F 213 -17.11 73.87 -7.82
N SER F 214 -17.88 73.47 -8.83
CA SER F 214 -18.43 74.36 -9.84
C SER F 214 -17.36 75.04 -10.69
N ALA F 215 -16.13 74.54 -10.67
CA ALA F 215 -15.02 74.94 -11.53
C ALA F 215 -14.58 76.40 -11.32
N ASP F 216 -15.19 77.13 -10.39
CA ASP F 216 -14.83 78.52 -10.15
C ASP F 216 -13.91 78.65 -8.94
N ALA F 217 -14.33 78.14 -7.79
CA ALA F 217 -13.41 78.03 -6.67
C ALA F 217 -12.23 77.14 -7.02
N VAL F 218 -12.41 76.23 -7.97
CA VAL F 218 -11.29 75.47 -8.52
C VAL F 218 -10.19 76.41 -8.99
N GLU F 219 -10.53 77.32 -9.90
CA GLU F 219 -9.53 78.23 -10.44
C GLU F 219 -9.08 79.25 -9.41
N ALA F 220 -9.95 79.64 -8.49
CA ALA F 220 -9.55 80.55 -7.42
C ALA F 220 -8.44 79.92 -6.58
N ALA F 221 -8.64 78.67 -6.15
CA ALA F 221 -7.62 77.97 -5.37
C ALA F 221 -6.39 77.69 -6.22
N ALA F 222 -6.57 77.44 -7.53
CA ALA F 222 -5.41 77.26 -8.40
C ALA F 222 -4.55 78.51 -8.45
N ALA F 223 -5.19 79.67 -8.51
CA ALA F 223 -4.45 80.93 -8.50
C ALA F 223 -3.77 81.15 -7.15
N GLU F 224 -4.50 80.95 -6.06
CA GLU F 224 -3.91 81.11 -4.74
C GLU F 224 -2.81 80.09 -4.48
N LEU F 225 -2.79 79.00 -5.22
CA LEU F 225 -1.74 77.99 -5.08
C LEU F 225 -0.51 78.37 -5.90
N THR F 226 -0.72 78.72 -7.16
CA THR F 226 0.38 79.22 -7.99
C THR F 226 1.01 80.47 -7.40
N ALA F 227 0.26 81.22 -6.58
CA ALA F 227 0.83 82.40 -5.93
C ALA F 227 2.02 82.01 -5.04
N GLN F 228 1.84 80.98 -4.21
CA GLN F 228 2.91 80.56 -3.30
C GLN F 228 4.13 80.06 -4.06
N ALA F 229 3.96 79.63 -5.31
CA ALA F 229 5.09 79.14 -6.08
C ALA F 229 6.14 80.24 -6.29
N GLU F 230 5.70 81.50 -6.36
CA GLU F 230 6.65 82.58 -6.59
C GLU F 230 7.48 82.86 -5.34
N GLU F 231 6.84 82.92 -4.18
CA GLU F 231 7.59 83.02 -2.93
C GLU F 231 8.45 81.79 -2.69
N ALA F 232 8.10 80.65 -3.27
CA ALA F 232 8.91 79.45 -3.11
C ALA F 232 10.12 79.46 -4.04
N ALA F 233 10.00 80.02 -5.24
CA ALA F 233 11.09 80.05 -6.18
C ALA F 233 12.04 81.22 -5.97
N ASN F 234 11.53 82.35 -5.47
CA ASN F 234 12.38 83.51 -5.27
C ASN F 234 13.18 83.43 -3.98
N ALA F 235 12.66 82.75 -2.97
CA ALA F 235 13.37 82.60 -1.69
C ALA F 235 14.58 81.70 -1.85
N VAL F 316 2.00 72.30 -10.46
CA VAL F 316 0.64 72.43 -9.96
C VAL F 316 -0.29 71.46 -10.68
N THR F 317 -0.69 70.41 -9.99
CA THR F 317 -1.56 69.39 -10.55
C THR F 317 -2.87 69.37 -9.78
N ASP F 318 -3.89 68.76 -10.40
CA ASP F 318 -5.23 68.77 -9.83
C ASP F 318 -5.26 68.14 -8.45
N ILE F 319 -4.41 67.14 -8.21
CA ILE F 319 -4.40 66.48 -6.91
C ILE F 319 -3.94 67.45 -5.83
N ASP F 320 -3.00 68.33 -6.16
CA ASP F 320 -2.59 69.38 -5.22
C ASP F 320 -3.74 70.35 -4.96
N ILE F 321 -4.46 70.71 -6.02
CA ILE F 321 -5.63 71.58 -5.87
C ILE F 321 -6.60 70.96 -4.87
N LEU F 322 -6.89 69.68 -5.04
CA LEU F 322 -7.83 69.00 -4.15
C LEU F 322 -7.30 68.93 -2.73
N SER F 323 -6.00 68.68 -2.58
CA SER F 323 -5.41 68.69 -1.25
C SER F 323 -5.68 70.02 -0.56
N TYR F 324 -5.45 71.12 -1.26
CA TYR F 324 -5.69 72.43 -0.66
C TYR F 324 -7.17 72.65 -0.37
N MET F 325 -8.04 72.26 -1.31
CA MET F 325 -9.48 72.41 -1.11
C MET F 325 -9.94 71.69 0.15
N MET F 326 -9.57 70.41 0.27
CA MET F 326 -10.00 69.63 1.43
C MET F 326 -9.36 70.15 2.70
N ASP F 327 -8.12 70.61 2.65
CA ASP F 327 -7.45 71.09 3.85
C ASP F 327 -8.11 72.35 4.38
N LYS F 328 -8.39 73.32 3.50
CA LYS F 328 -9.16 74.48 3.94
C LYS F 328 -10.57 74.10 4.36
N GLY F 329 -11.09 72.97 3.86
CA GLY F 329 -12.43 72.57 4.14
C GLY F 329 -13.43 72.89 3.04
N ALA F 330 -12.96 73.33 1.88
CA ALA F 330 -13.86 73.61 0.77
C ALA F 330 -14.61 72.37 0.33
N ILE F 331 -13.96 71.21 0.41
CA ILE F 331 -14.58 69.94 0.05
C ILE F 331 -14.40 68.98 1.23
N THR F 332 -15.46 68.25 1.55
CA THR F 332 -15.39 67.20 2.56
C THR F 332 -15.47 65.84 1.89
N LYS F 333 -14.82 64.85 2.51
CA LYS F 333 -14.73 63.53 1.90
C LYS F 333 -16.10 62.94 1.63
N ASP F 334 -17.04 63.14 2.55
CA ASP F 334 -18.38 62.58 2.36
C ASP F 334 -19.07 63.16 1.14
N ALA F 335 -18.80 64.43 0.82
CA ALA F 335 -19.36 65.02 -0.39
C ALA F 335 -18.81 64.31 -1.62
N ILE F 336 -17.50 64.06 -1.65
CA ILE F 336 -16.91 63.33 -2.76
C ILE F 336 -17.53 61.95 -2.89
N ILE F 337 -17.74 61.28 -1.75
CA ILE F 337 -18.27 59.92 -1.77
C ILE F 337 -19.69 59.93 -2.31
N GLN F 338 -20.52 60.85 -1.83
CA GLN F 338 -21.91 60.89 -2.29
C GLN F 338 -21.99 61.28 -3.76
N ALA F 339 -21.14 62.20 -4.20
CA ALA F 339 -21.15 62.58 -5.61
C ALA F 339 -20.74 61.42 -6.50
N LEU F 340 -19.65 60.74 -6.14
CA LEU F 340 -19.24 59.55 -6.87
C LEU F 340 -20.33 58.51 -6.88
N ALA F 341 -21.04 58.35 -5.77
CA ALA F 341 -22.12 57.37 -5.70
C ALA F 341 -23.23 57.72 -6.67
N VAL F 342 -23.70 58.97 -6.63
CA VAL F 342 -24.72 59.42 -7.58
C VAL F 342 -24.25 59.14 -8.99
N HIS F 343 -23.00 59.46 -9.29
CA HIS F 343 -22.45 59.18 -10.61
C HIS F 343 -22.48 57.69 -10.93
N ALA F 344 -22.33 56.84 -9.92
CA ALA F 344 -22.22 55.41 -10.17
C ALA F 344 -23.50 54.83 -10.74
N LEU F 345 -24.64 55.47 -10.48
CA LEU F 345 -25.88 55.04 -11.10
C LEU F 345 -25.81 55.22 -12.61
N GLY F 346 -26.21 54.19 -13.34
CA GLY F 346 -26.06 54.21 -14.78
C GLY F 346 -27.30 54.68 -15.52
N ASP F 347 -27.28 55.94 -15.96
CA ASP F 347 -28.36 56.51 -16.76
C ASP F 347 -29.68 56.57 -15.98
N LYS F 348 -29.65 56.15 -14.72
CA LYS F 348 -30.84 56.16 -13.88
C LYS F 348 -30.70 57.11 -12.71
N ALA F 349 -29.60 57.85 -12.62
CA ALA F 349 -29.50 58.92 -11.65
C ALA F 349 -30.49 60.02 -12.00
N TYR F 350 -30.59 61.03 -11.16
CA TYR F 350 -31.56 62.08 -11.41
C TYR F 350 -31.11 63.05 -12.51
N THR F 351 -30.03 62.73 -13.24
CA THR F 351 -29.63 63.52 -14.39
C THR F 351 -30.49 63.12 -15.59
N ASN F 352 -31.75 63.52 -15.54
CA ASN F 352 -32.70 63.25 -16.61
C ASN F 352 -33.72 64.38 -16.65
N HIS F 353 -33.95 64.92 -17.84
CA HIS F 353 -34.97 65.94 -18.06
C HIS F 353 -34.80 67.16 -17.16
N ALA G 16 -44.55 37.17 -17.75
CA ALA G 16 -43.81 38.36 -17.37
C ALA G 16 -42.36 38.02 -17.03
N PRO G 17 -41.42 38.54 -17.81
CA PRO G 17 -40.00 38.23 -17.57
C PRO G 17 -39.51 38.81 -16.27
N ASP G 18 -38.40 38.26 -15.79
CA ASP G 18 -37.83 38.69 -14.53
C ASP G 18 -37.32 40.13 -14.62
N PRO G 19 -37.57 40.96 -13.62
CA PRO G 19 -37.18 42.37 -13.70
C PRO G 19 -35.68 42.63 -13.65
N VAL G 20 -34.85 41.59 -13.60
CA VAL G 20 -33.39 41.74 -13.55
C VAL G 20 -32.71 41.07 -14.72
N LEU G 21 -33.11 39.82 -15.02
CA LEU G 21 -32.57 39.15 -16.19
C LEU G 21 -32.93 39.90 -17.47
N ASN G 22 -34.18 40.38 -17.56
CA ASN G 22 -34.58 41.14 -18.73
C ASN G 22 -33.78 42.42 -18.88
N GLU G 23 -33.40 43.03 -17.77
CA GLU G 23 -32.60 44.25 -17.85
C GLU G 23 -31.16 43.94 -18.26
N LEU G 24 -30.57 42.91 -17.67
CA LEU G 24 -29.15 42.66 -17.91
C LEU G 24 -28.90 42.03 -19.26
N TYR G 25 -29.66 40.99 -19.62
CA TYR G 25 -29.38 40.24 -20.84
C TYR G 25 -30.51 40.29 -21.85
N GLY G 26 -31.49 41.19 -21.65
CA GLY G 26 -32.63 41.25 -22.54
C GLY G 26 -33.35 39.92 -22.58
N SER G 27 -33.62 39.35 -21.41
CA SER G 27 -34.18 38.02 -21.31
C SER G 27 -35.69 38.08 -21.18
N GLU G 28 -36.37 37.21 -21.91
CA GLU G 28 -37.82 37.08 -21.82
C GLU G 28 -38.24 36.06 -20.77
N ARG G 29 -37.30 35.56 -19.99
CA ARG G 29 -37.56 34.44 -19.10
C ARG G 29 -38.31 34.90 -17.85
N PRO G 30 -39.40 34.23 -17.49
CA PRO G 30 -40.11 34.58 -16.26
C PRO G 30 -39.44 33.99 -15.03
N ALA G 31 -39.69 34.60 -13.89
CA ALA G 31 -39.14 34.12 -12.64
C ALA G 31 -39.78 32.80 -12.26
N VAL G 32 -38.95 31.81 -11.93
CA VAL G 32 -39.43 30.50 -11.51
C VAL G 32 -39.17 30.34 -10.03
N GLU G 33 -39.97 29.48 -9.40
CA GLU G 33 -39.87 29.25 -7.97
C GLU G 33 -39.52 27.79 -7.70
N LEU G 34 -38.67 27.60 -6.70
CA LEU G 34 -38.41 26.26 -6.20
C LEU G 34 -39.60 25.75 -5.39
N LEU G 35 -40.06 26.56 -4.45
CA LEU G 35 -41.21 26.29 -3.62
C LEU G 35 -42.04 27.56 -3.55
N PRO G 36 -43.30 27.47 -3.15
CA PRO G 36 -44.07 28.69 -2.91
C PRO G 36 -43.37 29.60 -1.92
N GLY G 37 -42.91 30.76 -2.39
CA GLY G 37 -42.21 31.70 -1.55
C GLY G 37 -40.70 31.69 -1.69
N VAL G 38 -40.16 30.90 -2.61
CA VAL G 38 -38.72 30.81 -2.79
C VAL G 38 -38.37 30.82 -4.27
N PRO G 39 -37.66 31.82 -4.76
CA PRO G 39 -37.28 31.86 -6.17
C PRO G 39 -36.09 30.95 -6.46
N LEU G 40 -35.90 30.66 -7.73
CA LEU G 40 -34.80 29.80 -8.17
C LEU G 40 -34.17 30.41 -9.41
N SER G 41 -32.94 30.90 -9.29
CA SER G 41 -32.24 31.49 -10.42
C SER G 41 -31.92 30.42 -11.45
N PRO G 42 -31.66 30.81 -12.70
CA PRO G 42 -31.42 29.79 -13.73
C PRO G 42 -30.09 29.08 -13.56
N ILE G 43 -29.09 29.72 -12.98
CA ILE G 43 -27.82 29.10 -12.65
C ILE G 43 -27.66 29.18 -11.14
N VAL G 44 -27.06 28.14 -10.55
CA VAL G 44 -26.89 28.07 -9.10
C VAL G 44 -25.42 28.02 -8.78
N ASN G 45 -25.00 28.86 -7.83
CA ASN G 45 -23.58 28.99 -7.47
C ASN G 45 -23.25 27.99 -6.38
N SER G 46 -22.54 26.92 -6.74
CA SER G 46 -22.04 25.98 -5.75
C SER G 46 -20.79 26.58 -5.11
N CYS G 47 -20.91 27.00 -3.86
CA CYS G 47 -19.87 27.80 -3.21
C CYS G 47 -18.80 26.91 -2.62
N TRP G 48 -17.65 26.84 -3.29
CA TRP G 48 -16.44 26.27 -2.69
C TRP G 48 -15.61 27.40 -2.11
N LEU G 49 -15.15 27.23 -0.90
CA LEU G 49 -14.43 28.34 -0.32
C LEU G 49 -12.98 28.34 -0.80
N PRO G 50 -12.33 29.51 -0.81
CA PRO G 50 -10.91 29.56 -1.16
C PRO G 50 -9.99 29.28 0.01
N ALA G 51 -10.47 29.43 1.24
CA ALA G 51 -9.67 29.18 2.42
C ALA G 51 -10.58 28.57 3.48
N ASP G 52 -10.08 28.47 4.71
CA ASP G 52 -10.89 28.00 5.81
C ASP G 52 -11.75 29.13 6.35
N ALA G 53 -12.97 28.78 6.79
CA ALA G 53 -13.91 29.80 7.24
C ALA G 53 -13.34 30.62 8.38
N LYS G 54 -12.51 30.01 9.24
CA LYS G 54 -11.94 30.77 10.34
C LYS G 54 -11.04 31.89 9.83
N ALA G 55 -10.38 31.67 8.69
CA ALA G 55 -9.56 32.73 8.11
C ALA G 55 -10.40 33.75 7.38
N MET G 56 -11.31 33.28 6.51
CA MET G 56 -12.13 34.20 5.73
C MET G 56 -12.98 35.10 6.61
N LEU G 57 -13.46 34.59 7.74
CA LEU G 57 -14.24 35.43 8.63
C LEU G 57 -13.39 36.37 9.46
N ALA G 58 -12.07 36.31 9.33
CA ALA G 58 -11.17 37.18 10.06
C ALA G 58 -10.51 38.22 9.17
N GLU G 59 -10.83 38.24 7.88
CA GLU G 59 -10.27 39.26 7.00
C GLU G 59 -10.86 40.63 7.33
N SER G 60 -10.33 41.64 6.67
CA SER G 60 -10.80 43.00 6.88
C SER G 60 -10.48 43.83 5.64
N TRP G 61 -11.15 44.97 5.53
CA TRP G 61 -10.90 45.92 4.45
C TRP G 61 -10.37 47.25 4.91
N ILE G 62 -10.59 47.62 6.17
CA ILE G 62 -10.16 48.92 6.69
C ILE G 62 -8.65 48.91 6.88
N PRO G 63 -7.89 49.64 6.07
CA PRO G 63 -6.44 49.66 6.25
C PRO G 63 -6.04 50.43 7.51
N VAL G 64 -4.86 50.10 8.01
CA VAL G 64 -4.35 50.73 9.22
C VAL G 64 -3.11 51.55 8.90
N ALA G 79 -3.36 64.06 0.78
CA ALA G 79 -4.60 64.44 1.44
C ALA G 79 -5.81 63.94 0.64
N PHE G 80 -5.52 63.24 -0.46
CA PHE G 80 -6.58 62.66 -1.30
C PHE G 80 -5.98 61.43 -1.97
N GLU G 81 -6.29 60.26 -1.42
CA GLU G 81 -5.56 59.05 -1.82
C GLU G 81 -5.92 58.62 -3.24
N ALA G 82 -7.18 58.80 -3.64
CA ALA G 82 -7.63 58.48 -4.99
C ALA G 82 -7.48 57.00 -5.32
N ALA G 83 -7.05 56.21 -4.34
CA ALA G 83 -6.94 54.77 -4.52
C ALA G 83 -7.53 54.00 -3.34
N ALA G 84 -8.07 54.69 -2.34
CA ALA G 84 -8.65 54.02 -1.20
C ALA G 84 -9.88 53.23 -1.62
N PRO G 85 -10.29 52.24 -0.82
CA PRO G 85 -11.56 51.57 -1.09
C PRO G 85 -12.76 52.47 -0.88
N GLU G 86 -12.61 53.58 -0.16
CA GLU G 86 -13.73 54.47 0.11
C GLU G 86 -14.20 55.20 -1.14
N TYR G 87 -13.37 55.27 -2.18
CA TYR G 87 -13.74 55.94 -3.40
C TYR G 87 -14.01 55.00 -4.57
N ASN G 88 -13.72 53.71 -4.42
CA ASN G 88 -13.84 52.78 -5.53
C ASN G 88 -14.86 51.68 -5.27
N GLU G 89 -14.72 50.94 -4.17
CA GLU G 89 -15.64 49.85 -3.89
C GLU G 89 -16.77 50.28 -2.97
N LEU G 90 -16.46 51.14 -2.00
CA LEU G 90 -17.50 51.65 -1.11
C LEU G 90 -18.61 52.34 -1.89
N VAL G 91 -18.24 53.12 -2.91
CA VAL G 91 -19.26 53.87 -3.65
C VAL G 91 -20.02 52.95 -4.58
N ARG G 92 -19.35 52.00 -5.21
CA ARG G 92 -20.05 51.07 -6.08
C ARG G 92 -20.96 50.12 -5.30
N ARG G 93 -20.71 49.96 -4.00
CA ARG G 93 -21.66 49.24 -3.17
C ARG G 93 -22.80 50.15 -2.73
N LEU G 94 -22.48 51.32 -2.20
CA LEU G 94 -23.49 52.24 -1.71
C LEU G 94 -24.48 52.63 -2.80
N ALA G 95 -24.04 52.67 -4.05
CA ALA G 95 -24.95 53.04 -5.13
C ALA G 95 -26.01 51.97 -5.36
N LYS G 96 -25.67 50.71 -5.14
CA LYS G 96 -26.59 49.61 -5.44
C LYS G 96 -27.54 49.29 -4.30
N THR G 97 -27.45 49.99 -3.16
CA THR G 97 -28.30 49.64 -2.04
C THR G 97 -29.75 49.99 -2.34
N ALA G 98 -30.63 49.60 -1.43
CA ALA G 98 -32.05 49.94 -1.49
C ALA G 98 -32.32 51.36 -1.01
N PRO G 99 -31.80 51.78 0.15
CA PRO G 99 -32.10 53.15 0.61
C PRO G 99 -31.53 54.22 -0.31
N PHE G 100 -30.37 53.99 -0.92
CA PHE G 100 -29.80 55.01 -1.80
C PHE G 100 -30.60 55.13 -3.09
N ARG G 101 -30.98 54.01 -3.70
CA ARG G 101 -31.82 54.08 -4.89
C ARG G 101 -33.17 54.70 -4.56
N LYS G 102 -33.70 54.40 -3.38
CA LYS G 102 -34.96 55.03 -2.96
C LYS G 102 -34.80 56.53 -2.82
N TRP G 103 -33.69 56.98 -2.21
CA TRP G 103 -33.44 58.40 -2.07
C TRP G 103 -33.31 59.07 -3.44
N ASN G 104 -32.63 58.42 -4.37
CA ASN G 104 -32.49 58.97 -5.71
C ASN G 104 -33.85 59.12 -6.38
N GLU G 105 -34.69 58.10 -6.29
CA GLU G 105 -36.01 58.19 -6.91
C GLU G 105 -36.89 59.20 -6.20
N LEU G 106 -36.73 59.37 -4.89
CA LEU G 106 -37.47 60.40 -4.19
C LEU G 106 -37.08 61.79 -4.68
N THR G 107 -35.79 62.01 -4.93
CA THR G 107 -35.38 63.30 -5.48
C THR G 107 -35.87 63.48 -6.91
N ILE G 108 -35.80 62.42 -7.72
CA ILE G 108 -36.25 62.52 -9.10
C ILE G 108 -37.75 62.74 -9.19
N GLN G 109 -38.49 62.34 -8.16
CA GLN G 109 -39.92 62.64 -8.11
C GLN G 109 -40.22 64.00 -7.51
N ALA G 110 -39.40 64.45 -6.54
CA ALA G 110 -39.57 65.79 -6.01
C ALA G 110 -39.32 66.83 -7.09
N LYS G 111 -38.38 66.57 -7.99
CA LYS G 111 -38.15 67.49 -9.11
C LYS G 111 -39.41 67.66 -9.92
N GLN G 112 -40.02 66.56 -10.36
CA GLN G 112 -41.23 66.63 -11.16
C GLN G 112 -42.39 67.22 -10.40
N LEU G 113 -42.50 66.92 -9.10
CA LEU G 113 -43.58 67.47 -8.29
C LEU G 113 -43.44 68.98 -8.13
N GLU G 114 -42.21 69.48 -8.02
CA GLU G 114 -42.02 70.92 -7.92
C GLU G 114 -42.17 71.61 -9.26
N GLN G 115 -41.79 70.94 -10.35
CA GLN G 115 -42.00 71.51 -11.68
C GLN G 115 -43.43 71.39 -12.15
N GLU G 116 -44.27 70.62 -11.47
CA GLU G 116 -45.68 70.58 -11.80
C GLU G 116 -46.45 71.74 -11.21
N VAL G 117 -46.15 72.11 -9.96
CA VAL G 117 -46.81 73.24 -9.33
C VAL G 117 -46.10 74.54 -9.70
N GLU G 126 -52.14 74.14 -4.78
CA GLU G 126 -52.31 74.39 -3.36
C GLU G 126 -51.95 73.16 -2.54
N ALA G 127 -52.73 72.08 -2.72
CA ALA G 127 -52.45 70.84 -2.01
C ALA G 127 -51.17 70.19 -2.47
N LYS G 128 -50.76 70.44 -3.72
CA LYS G 128 -49.51 69.88 -4.22
C LYS G 128 -48.32 70.44 -3.47
N GLN G 129 -48.44 71.62 -2.86
CA GLN G 129 -47.39 72.09 -1.96
C GLN G 129 -47.28 71.21 -0.73
N ALA G 130 -48.42 70.77 -0.19
CA ALA G 130 -48.39 69.82 0.92
C ALA G 130 -47.80 68.49 0.49
N GLU G 131 -48.13 68.05 -0.73
CA GLU G 131 -47.51 66.84 -1.26
C GLU G 131 -46.00 67.00 -1.37
N LEU G 132 -45.55 68.19 -1.78
CA LEU G 132 -44.12 68.45 -1.88
C LEU G 132 -43.46 68.44 -0.51
N GLU G 133 -44.13 68.99 0.50
CA GLU G 133 -43.58 68.94 1.85
C GLU G 133 -43.50 67.50 2.36
N ASN G 134 -44.49 66.68 2.02
CA ASN G 134 -44.45 65.26 2.38
C ASN G 134 -43.26 64.56 1.72
N VAL G 135 -43.07 64.83 0.42
CA VAL G 135 -41.93 64.24 -0.28
C VAL G 135 -40.62 64.75 0.31
N LYS G 136 -40.59 65.98 0.78
CA LYS G 136 -39.39 66.53 1.43
C LYS G 136 -39.08 65.78 2.73
N VAL G 137 -40.12 65.50 3.53
CA VAL G 137 -39.91 64.70 4.74
C VAL G 137 -39.40 63.32 4.38
N GLN G 138 -40.01 62.69 3.37
CA GLN G 138 -39.56 61.38 2.92
C GLN G 138 -38.09 61.42 2.49
N ILE G 139 -37.69 62.51 1.82
CA ILE G 139 -36.32 62.63 1.34
C ILE G 139 -35.36 62.79 2.50
N ALA G 140 -35.73 63.59 3.50
CA ALA G 140 -34.88 63.72 4.68
C ALA G 140 -34.70 62.38 5.38
N ASP G 141 -35.77 61.59 5.48
CA ASP G 141 -35.68 60.28 6.10
C ASP G 141 -34.76 59.35 5.28
N ALA G 142 -34.93 59.35 3.96
CA ALA G 142 -34.08 58.52 3.11
C ALA G 142 -32.62 58.94 3.22
N GLU G 143 -32.37 60.24 3.38
CA GLU G 143 -31.00 60.73 3.53
C GLU G 143 -30.38 60.25 4.83
N ALA G 144 -31.13 60.33 5.93
CA ALA G 144 -30.63 59.80 7.19
C ALA G 144 -30.36 58.30 7.10
N ALA G 145 -31.25 57.57 6.41
CA ALA G 145 -31.06 56.13 6.26
C ALA G 145 -29.81 55.83 5.43
N VAL G 146 -29.56 56.62 4.39
CA VAL G 146 -28.36 56.43 3.59
C VAL G 146 -27.12 56.70 4.42
N ALA G 147 -27.17 57.74 5.27
CA ALA G 147 -26.04 57.99 6.15
C ALA G 147 -25.75 56.80 7.05
N GLU G 148 -26.81 56.23 7.63
CA GLU G 148 -26.61 55.08 8.52
C GLU G 148 -26.08 53.87 7.76
N VAL G 149 -26.63 53.58 6.59
CA VAL G 149 -26.17 52.43 5.83
C VAL G 149 -24.77 52.65 5.30
N LYS G 150 -24.32 53.90 5.16
CA LYS G 150 -22.94 54.14 4.80
C LYS G 150 -22.02 53.90 5.99
N GLN G 151 -22.42 54.36 7.18
CA GLN G 151 -21.61 54.12 8.37
C GLN G 151 -21.51 52.63 8.67
N SER G 152 -22.52 51.85 8.28
CA SER G 152 -22.47 50.41 8.52
C SER G 152 -21.28 49.76 7.84
N PHE G 153 -20.92 50.23 6.64
CA PHE G 153 -19.76 49.67 5.95
C PHE G 153 -18.50 49.80 6.80
N SER G 154 -18.29 50.98 7.37
CA SER G 154 -17.11 51.18 8.21
C SER G 154 -17.25 50.47 9.56
N ASP G 155 -18.47 50.15 9.99
CA ASP G 155 -18.62 49.41 11.23
C ASP G 155 -18.30 47.92 11.04
N ASP G 156 -18.72 47.33 9.91
CA ASP G 156 -18.48 45.92 9.68
C ASP G 156 -17.21 45.75 8.88
N PRO G 157 -16.12 45.23 9.45
CA PRO G 157 -14.87 45.08 8.69
C PRO G 157 -14.91 43.99 7.63
N LEU G 158 -16.01 43.25 7.50
CA LEU G 158 -16.11 42.23 6.46
C LEU G 158 -16.85 42.71 5.23
N SER G 159 -17.50 43.87 5.28
CA SER G 159 -18.44 44.25 4.25
C SER G 159 -17.77 44.46 2.89
N LEU G 160 -16.49 44.82 2.88
CA LEU G 160 -15.82 45.22 1.65
C LEU G 160 -14.71 44.26 1.24
N THR G 161 -14.61 43.09 1.85
CA THR G 161 -13.54 42.17 1.53
C THR G 161 -13.73 41.63 0.11
N GLY G 162 -12.75 40.86 -0.34
CA GLY G 162 -12.78 40.35 -1.70
C GLY G 162 -13.81 39.26 -1.91
N TRP G 163 -14.03 38.42 -0.89
CA TRP G 163 -14.99 37.34 -1.07
C TRP G 163 -16.43 37.83 -0.95
N MET G 164 -16.69 38.77 -0.04
CA MET G 164 -17.99 39.43 -0.03
C MET G 164 -18.27 40.08 -1.37
N GLN G 165 -17.26 40.72 -1.95
CA GLN G 165 -17.45 41.35 -3.25
C GLN G 165 -17.72 40.31 -4.33
N ALA G 166 -16.99 39.20 -4.32
CA ALA G 166 -17.23 38.18 -5.34
C ALA G 166 -18.63 37.61 -5.25
N LEU G 167 -19.08 37.32 -4.03
CA LEU G 167 -20.42 36.77 -3.87
C LEU G 167 -21.49 37.79 -4.26
N THR G 168 -21.33 39.05 -3.84
CA THR G 168 -22.30 40.07 -4.20
C THR G 168 -22.34 40.28 -5.71
N ASP G 169 -21.18 40.32 -6.35
CA ASP G 169 -21.14 40.47 -7.80
C ASP G 169 -21.82 39.30 -8.49
N LEU G 170 -21.68 38.09 -7.93
CA LEU G 170 -22.38 36.96 -8.50
C LEU G 170 -23.89 37.11 -8.31
N ALA G 171 -24.31 37.63 -7.17
CA ALA G 171 -25.73 37.80 -6.92
C ALA G 171 -26.34 38.80 -7.88
N ASP G 172 -25.70 39.97 -8.03
CA ASP G 172 -26.21 41.01 -8.91
C ASP G 172 -26.24 40.58 -10.37
N GLY G 173 -25.49 39.55 -10.73
CA GLY G 173 -25.61 39.02 -12.07
C GLY G 173 -26.89 38.26 -12.33
N GLY G 174 -27.77 38.14 -11.34
CA GLY G 174 -29.01 37.43 -11.50
C GLY G 174 -28.96 35.98 -11.07
N MET G 175 -27.95 35.57 -10.32
CA MET G 175 -27.83 34.22 -9.79
C MET G 175 -27.82 34.33 -8.28
N THR G 176 -29.01 34.30 -7.67
CA THR G 176 -29.15 34.57 -6.25
C THR G 176 -29.31 33.29 -5.43
N THR G 177 -29.03 32.13 -6.01
CA THR G 177 -29.16 30.86 -5.33
C THR G 177 -27.78 30.27 -5.10
N PHE G 178 -27.37 30.17 -3.84
CA PHE G 178 -26.06 29.67 -3.45
C PHE G 178 -26.22 28.32 -2.78
N GLU G 179 -25.60 27.29 -3.35
CA GLU G 179 -25.65 25.94 -2.82
C GLU G 179 -24.36 25.66 -2.04
N VAL G 180 -24.52 25.21 -0.80
CA VAL G 180 -23.37 24.89 0.04
C VAL G 180 -22.66 23.68 -0.52
N SER G 181 -21.35 23.81 -0.74
CA SER G 181 -20.57 22.71 -1.27
C SER G 181 -19.11 22.92 -0.86
N GLY G 182 -18.23 22.15 -1.47
CA GLY G 182 -16.82 22.23 -1.15
C GLY G 182 -16.12 20.98 -1.65
N GLN G 183 -14.85 20.87 -1.28
CA GLN G 183 -14.10 19.67 -1.57
C GLN G 183 -14.58 18.56 -0.65
N GLY G 184 -15.02 17.45 -1.23
CA GLY G 184 -15.55 16.35 -0.44
C GLY G 184 -15.07 14.99 -0.89
N TRP G 185 -15.86 13.98 -0.60
CA TRP G 185 -15.55 12.62 -1.02
C TRP G 185 -15.25 12.59 -2.51
N PRO G 186 -14.15 11.94 -2.95
CA PRO G 186 -13.18 11.17 -2.17
C PRO G 186 -11.86 11.88 -1.86
N TYR G 187 -11.72 13.17 -2.17
CA TYR G 187 -10.41 13.78 -2.14
C TYR G 187 -10.30 14.83 -1.04
N CYS G 188 -10.77 14.50 0.14
CA CYS G 188 -10.74 15.39 1.28
C CYS G 188 -10.00 14.71 2.44
N SER G 189 -10.04 15.34 3.61
CA SER G 189 -9.50 14.73 4.83
C SER G 189 -10.51 13.69 5.31
N LEU G 190 -10.34 12.46 4.82
CA LEU G 190 -11.26 11.39 5.16
C LEU G 190 -11.38 11.22 6.67
N ARG G 191 -10.30 11.48 7.40
CA ARG G 191 -10.37 11.41 8.86
C ARG G 191 -11.29 12.46 9.43
N GLN G 192 -11.51 13.57 8.72
CA GLN G 192 -12.50 14.55 9.13
C GLN G 192 -13.89 14.18 8.65
N LEU G 193 -13.97 13.48 7.52
CA LEU G 193 -15.26 13.08 6.97
C LEU G 193 -15.84 11.89 7.73
N PHE G 194 -15.12 10.77 7.73
CA PHE G 194 -15.58 9.54 8.34
C PHE G 194 -14.95 9.27 9.71
N GLY G 195 -14.37 10.29 10.33
CA GLY G 195 -13.70 10.09 11.59
C GLY G 195 -14.66 10.05 12.75
N GLU G 196 -14.10 9.92 13.95
CA GLU G 196 -14.86 9.84 15.18
C GLU G 196 -14.47 11.02 16.06
N MET G 197 -15.41 11.78 16.43
CA MET G 197 -15.08 12.98 17.17
C MET G 197 -15.17 12.74 18.67
N PRO G 198 -14.42 13.49 19.46
CA PRO G 198 -14.53 13.37 20.92
C PRO G 198 -15.92 13.74 21.40
N SER G 199 -16.21 13.37 22.65
CA SER G 199 -17.53 13.61 23.21
C SER G 199 -17.78 15.10 23.44
N ALA G 200 -16.75 15.82 23.88
CA ALA G 200 -16.90 17.24 24.12
C ALA G 200 -17.08 18.05 22.83
N ALA G 201 -16.84 17.43 21.68
CA ALA G 201 -16.95 18.16 20.41
C ALA G 201 -18.41 18.53 20.17
N PRO G 202 -18.70 19.78 19.81
CA PRO G 202 -20.07 20.15 19.49
C PRO G 202 -20.46 19.62 18.12
N PRO G 203 -21.75 19.35 17.91
CA PRO G 203 -22.17 18.81 16.61
C PRO G 203 -21.92 19.80 15.50
N ALA G 204 -21.24 19.34 14.45
CA ALA G 204 -20.90 20.21 13.33
C ALA G 204 -20.67 19.33 12.11
N GLY G 205 -21.48 19.53 11.08
CA GLY G 205 -21.34 18.79 9.86
C GLY G 205 -20.03 19.09 9.16
N PHE G 206 -19.82 18.38 8.05
CA PHE G 206 -18.62 18.61 7.27
C PHE G 206 -18.58 20.03 6.73
N PHE G 207 -19.70 20.50 6.18
CA PHE G 207 -19.79 21.84 5.62
C PHE G 207 -20.31 22.86 6.63
N ASP G 208 -19.69 22.94 7.80
CA ASP G 208 -20.16 23.91 8.78
C ASP G 208 -19.59 25.30 8.50
N GLY G 209 -18.33 25.36 8.09
CA GLY G 209 -17.73 26.65 7.79
C GLY G 209 -18.34 27.30 6.56
N VAL G 210 -18.62 26.51 5.53
CA VAL G 210 -19.28 27.05 4.35
C VAL G 210 -20.62 27.66 4.73
N GLU G 211 -21.35 27.00 5.63
CA GLU G 211 -22.63 27.53 6.07
C GLU G 211 -22.45 28.82 6.85
N ARG G 212 -21.44 28.88 7.73
CA ARG G 212 -21.20 30.13 8.45
C ARG G 212 -20.89 31.28 7.51
N VAL G 213 -20.05 31.01 6.50
CA VAL G 213 -19.64 32.08 5.58
C VAL G 213 -20.82 32.53 4.73
N LEU G 214 -21.53 31.59 4.12
CA LEU G 214 -22.69 31.97 3.31
C LEU G 214 -23.77 32.63 4.17
N GLY G 215 -23.86 32.29 5.45
CA GLY G 215 -24.83 32.95 6.30
C GLY G 215 -24.45 34.38 6.60
N THR G 216 -23.17 34.63 6.87
CA THR G 216 -22.71 36.00 7.05
C THR G 216 -22.96 36.82 5.79
N PHE G 217 -22.66 36.24 4.62
CA PHE G 217 -22.91 36.94 3.37
C PHE G 217 -24.38 37.23 3.17
N LYS G 218 -25.24 36.24 3.43
CA LYS G 218 -26.67 36.44 3.27
C LYS G 218 -27.17 37.54 4.19
N ARG G 219 -26.71 37.54 5.45
CA ARG G 219 -27.14 38.57 6.38
C ARG G 219 -26.74 39.95 5.87
N ARG G 220 -25.49 40.11 5.44
CA ARG G 220 -25.05 41.41 4.95
C ARG G 220 -25.84 41.84 3.72
N TYR G 221 -25.97 40.94 2.75
CA TYR G 221 -26.67 41.28 1.51
C TYR G 221 -28.12 41.67 1.77
N GLU G 222 -28.81 40.94 2.65
CA GLU G 222 -30.18 41.31 2.98
C GLU G 222 -30.23 42.59 3.79
N LYS G 223 -29.17 42.89 4.55
CA LYS G 223 -29.12 44.17 5.25
C LYS G 223 -29.03 45.32 4.26
N GLU G 224 -28.27 45.14 3.18
CA GLU G 224 -28.11 46.22 2.23
C GLU G 224 -29.30 46.36 1.29
N ARG G 225 -29.87 45.24 0.83
CA ARG G 225 -30.82 45.29 -0.27
C ARG G 225 -32.16 44.63 0.05
N GLY G 226 -32.54 44.55 1.32
CA GLY G 226 -33.85 44.06 1.67
C GLY G 226 -33.95 42.54 1.66
N PRO G 227 -34.96 42.02 2.34
CA PRO G 227 -35.05 40.57 2.55
C PRO G 227 -35.43 39.82 1.29
N GLY G 228 -35.27 38.49 1.36
CA GLY G 228 -35.69 37.62 0.28
C GLY G 228 -34.85 37.72 -0.97
N SER G 229 -33.62 38.19 -0.87
CA SER G 229 -32.83 38.45 -2.07
C SER G 229 -31.90 37.29 -2.42
N VAL G 230 -31.38 36.56 -1.44
CA VAL G 230 -30.51 35.42 -1.70
C VAL G 230 -31.12 34.17 -1.08
N GLN G 231 -30.91 33.04 -1.76
CA GLN G 231 -31.49 31.76 -1.37
C GLN G 231 -30.36 30.76 -1.19
N LEU G 232 -30.21 30.26 0.04
CA LEU G 232 -29.18 29.28 0.36
C LEU G 232 -29.79 27.89 0.38
N MET G 233 -29.11 26.92 -0.24
CA MET G 233 -29.50 25.53 -0.23
C MET G 233 -28.48 24.76 0.59
N LEU G 234 -28.84 24.36 1.80
CA LEU G 234 -27.91 23.69 2.70
C LEU G 234 -27.65 22.27 2.21
N LYS G 235 -26.76 21.58 2.91
CA LYS G 235 -26.36 20.23 2.54
C LYS G 235 -26.08 19.44 3.81
N LEU G 236 -26.92 18.45 4.09
CA LEU G 236 -26.77 17.60 5.26
C LEU G 236 -26.19 16.26 4.80
N ALA G 237 -25.07 15.88 5.42
CA ALA G 237 -24.40 14.62 5.10
C ALA G 237 -23.94 14.00 6.40
N PRO G 238 -24.77 13.15 7.00
CA PRO G 238 -24.41 12.56 8.29
C PRO G 238 -23.44 11.39 8.13
N ASN G 239 -22.68 11.16 9.18
CA ASN G 239 -21.71 10.07 9.20
C ASN G 239 -22.45 8.78 9.46
N VAL G 240 -22.97 8.18 8.39
CA VAL G 240 -23.77 6.97 8.49
C VAL G 240 -22.99 5.84 9.15
N PHE G 241 -21.68 5.81 8.97
CA PHE G 241 -20.85 4.73 9.47
C PHE G 241 -20.33 4.95 10.88
N SER G 242 -20.72 6.04 11.54
CA SER G 242 -20.11 6.36 12.82
C SER G 242 -20.56 5.37 13.88
N ASP G 243 -20.01 5.53 15.08
CA ASP G 243 -20.33 4.65 16.19
C ASP G 243 -21.69 4.98 16.77
N ALA G 244 -21.92 6.26 17.09
CA ALA G 244 -23.20 6.66 17.66
C ALA G 244 -24.35 6.34 16.71
N TRP G 245 -24.14 6.53 15.41
CA TRP G 245 -25.19 6.22 14.45
C TRP G 245 -25.59 4.76 14.53
N SER G 246 -24.62 3.85 14.37
CA SER G 246 -24.91 2.42 14.34
C SER G 246 -25.39 1.91 15.69
N THR G 247 -25.07 2.57 16.78
CA THR G 247 -25.50 2.09 18.08
C THR G 247 -26.83 2.68 18.53
N GLY G 248 -27.24 3.81 17.97
CA GLY G 248 -28.39 4.51 18.48
C GLY G 248 -29.73 4.14 17.86
N GLY G 249 -29.73 3.64 16.62
CA GLY G 249 -30.98 3.34 15.98
C GLY G 249 -31.74 4.60 15.59
N ALA G 250 -33.02 4.40 15.26
CA ALA G 250 -33.83 5.51 14.76
C ALA G 250 -33.96 6.68 15.73
N PRO G 251 -34.15 6.48 17.03
CA PRO G 251 -34.21 7.65 17.94
C PRO G 251 -32.93 8.47 17.96
N ALA G 252 -31.83 7.95 17.40
CA ALA G 252 -30.63 8.74 17.22
C ALA G 252 -30.57 9.38 15.85
N ALA G 253 -31.05 8.67 14.82
CA ALA G 253 -31.13 9.25 13.49
C ALA G 253 -32.13 10.40 13.43
N VAL G 254 -33.00 10.53 14.42
CA VAL G 254 -33.90 11.67 14.47
C VAL G 254 -33.30 12.82 15.27
N ALA G 255 -32.67 12.52 16.41
CA ALA G 255 -32.01 13.55 17.19
C ALA G 255 -30.86 14.18 16.41
N ALA G 256 -30.18 13.41 15.58
CA ALA G 256 -29.12 13.96 14.74
C ALA G 256 -29.68 15.00 13.78
N VAL G 257 -30.77 14.66 13.09
CA VAL G 257 -31.39 15.60 12.17
C VAL G 257 -31.83 16.86 12.89
N GLU G 258 -32.44 16.70 14.07
CA GLU G 258 -32.91 17.88 14.78
C GLU G 258 -31.76 18.77 15.24
N ALA G 259 -30.68 18.17 15.74
CA ALA G 259 -29.53 18.97 16.15
C ALA G 259 -28.90 19.65 14.96
N TYR G 260 -28.82 18.97 13.82
CA TYR G 260 -28.28 19.60 12.62
C TYR G 260 -29.12 20.80 12.21
N VAL G 261 -30.43 20.67 12.28
CA VAL G 261 -31.28 21.79 11.85
C VAL G 261 -31.14 22.95 12.82
N GLU G 262 -31.02 22.68 14.12
CA GLU G 262 -30.82 23.77 15.06
C GLU G 262 -29.49 24.47 14.81
N ARG G 263 -28.44 23.70 14.55
CA ARG G 263 -27.14 24.29 14.24
C ARG G 263 -27.20 25.11 12.97
N ALA G 264 -27.86 24.60 11.94
CA ALA G 264 -27.96 25.33 10.67
C ALA G 264 -28.73 26.63 10.83
N ARG G 265 -29.79 26.62 11.63
CA ARG G 265 -30.51 27.86 11.87
C ARG G 265 -29.65 28.85 12.62
N ALA G 266 -28.89 28.38 13.62
CA ALA G 266 -27.98 29.30 14.31
C ALA G 266 -26.93 29.87 13.37
N ASN G 267 -26.46 29.08 12.40
CA ASN G 267 -25.45 29.57 11.47
C ASN G 267 -26.02 30.57 10.48
N VAL G 268 -27.14 30.23 9.84
CA VAL G 268 -27.71 31.08 8.80
C VAL G 268 -28.31 32.34 9.42
N PHE G 269 -29.30 32.17 10.29
CA PHE G 269 -30.02 33.33 10.81
C PHE G 269 -29.27 34.07 11.90
N GLY G 270 -28.02 33.73 12.15
CA GLY G 270 -27.27 34.37 13.20
C GLY G 270 -27.77 33.95 14.55
N PRO G 271 -27.23 34.54 15.60
CA PRO G 271 -27.65 34.17 16.96
C PRO G 271 -29.10 34.55 17.26
N ASP G 272 -29.47 35.79 16.94
CA ASP G 272 -30.75 36.34 17.35
C ASP G 272 -31.84 36.17 16.30
N GLY G 273 -31.49 36.31 15.03
CA GLY G 273 -32.48 36.24 13.96
C GLY G 273 -33.11 34.86 13.86
N GLY G 274 -33.92 34.72 12.80
CA GLY G 274 -34.64 33.50 12.55
C GLY G 274 -36.02 33.44 13.15
N VAL G 275 -36.36 34.37 14.02
CA VAL G 275 -37.68 34.44 14.63
C VAL G 275 -38.36 35.72 14.17
N THR G 276 -39.57 35.60 13.66
CA THR G 276 -40.36 36.72 13.16
C THR G 276 -40.71 37.66 14.32
N PRO G 277 -41.36 38.80 14.06
CA PRO G 277 -41.87 39.58 15.20
C PRO G 277 -42.74 38.77 16.13
N GLU G 278 -43.55 37.86 15.59
CA GLU G 278 -44.26 36.88 16.39
C GLU G 278 -43.31 35.77 16.82
N GLY G 279 -43.80 34.89 17.69
CA GLY G 279 -42.99 33.76 18.10
C GLY G 279 -42.63 32.81 16.98
N VAL G 280 -43.27 32.93 15.82
CA VAL G 280 -43.07 32.00 14.72
C VAL G 280 -41.66 32.15 14.17
N PRO G 281 -40.86 31.09 14.19
CA PRO G 281 -39.52 31.16 13.61
C PRO G 281 -39.56 31.18 12.10
N GLU G 282 -38.49 31.68 11.51
CA GLU G 282 -38.37 31.70 10.06
C GLU G 282 -37.74 30.40 9.57
N PRO G 283 -38.33 29.74 8.58
CA PRO G 283 -37.77 28.46 8.13
C PRO G 283 -36.59 28.62 7.21
N LEU G 284 -35.70 27.63 7.26
CA LEU G 284 -34.63 27.51 6.29
C LEU G 284 -35.21 27.20 4.91
N ASP G 285 -34.45 27.56 3.88
CA ASP G 285 -34.97 27.45 2.52
C ASP G 285 -35.07 26.00 2.08
N LEU G 286 -33.95 25.30 2.02
CA LEU G 286 -33.94 23.93 1.54
C LEU G 286 -32.77 23.19 2.16
N VAL G 287 -32.97 21.90 2.41
CA VAL G 287 -31.93 21.04 2.96
C VAL G 287 -31.75 19.87 2.00
N GLN G 288 -30.51 19.66 1.58
CA GLN G 288 -30.17 18.54 0.72
C GLN G 288 -29.57 17.42 1.54
N LEU G 289 -29.92 16.19 1.19
CA LEU G 289 -29.45 15.01 1.91
C LEU G 289 -28.47 14.24 1.05
N VAL G 290 -27.29 14.00 1.61
CA VAL G 290 -26.26 13.18 1.01
C VAL G 290 -26.20 11.87 1.77
N TRP G 291 -26.34 10.76 1.05
CA TRP G 291 -26.34 9.44 1.65
C TRP G 291 -25.14 8.66 1.12
N TRP G 292 -24.29 8.19 2.02
CA TRP G 292 -23.04 7.56 1.60
C TRP G 292 -23.27 6.15 1.08
N ASP G 293 -23.93 5.31 1.86
CA ASP G 293 -24.22 3.94 1.45
C ASP G 293 -25.66 3.61 1.77
N PHE G 294 -26.34 2.95 0.82
CA PHE G 294 -27.74 2.61 1.01
C PHE G 294 -27.93 1.23 1.60
N ALA G 295 -27.00 0.31 1.38
CA ALA G 295 -27.08 -0.99 2.02
C ALA G 295 -26.62 -0.93 3.46
N ALA G 296 -25.70 -0.04 3.79
CA ALA G 296 -25.25 0.12 5.17
C ALA G 296 -26.41 0.56 6.07
N ALA G 297 -26.96 1.74 5.81
CA ALA G 297 -28.07 2.27 6.58
C ALA G 297 -29.20 2.65 5.64
N ASP G 298 -30.35 2.96 6.24
CA ASP G 298 -31.55 3.24 5.48
C ASP G 298 -31.95 4.70 5.63
N PRO G 299 -32.28 5.38 4.54
CA PRO G 299 -32.54 6.82 4.62
C PRO G 299 -33.88 7.16 5.27
N LEU G 300 -34.85 6.26 5.21
CA LEU G 300 -36.23 6.61 5.52
C LEU G 300 -36.44 7.25 6.88
N PRO G 301 -35.79 6.82 7.97
CA PRO G 301 -35.98 7.57 9.23
C PRO G 301 -35.56 9.03 9.11
N VAL G 302 -34.42 9.28 8.47
CA VAL G 302 -33.95 10.65 8.30
C VAL G 302 -34.91 11.43 7.41
N LEU G 303 -35.37 10.83 6.33
CA LEU G 303 -36.28 11.52 5.42
C LEU G 303 -37.60 11.85 6.10
N LYS G 304 -38.13 10.92 6.90
CA LYS G 304 -39.39 11.19 7.59
C LYS G 304 -39.21 12.25 8.66
N ALA G 305 -38.05 12.27 9.34
CA ALA G 305 -37.80 13.33 10.31
C ALA G 305 -37.75 14.69 9.62
N LEU G 306 -37.03 14.78 8.51
CA LEU G 306 -37.00 16.01 7.74
C LEU G 306 -38.39 16.43 7.31
N GLN G 307 -39.17 15.49 6.77
CA GLN G 307 -40.52 15.79 6.33
C GLN G 307 -41.36 16.32 7.46
N ARG G 308 -41.25 15.73 8.65
CA ARG G 308 -41.94 16.29 9.81
C ARG G 308 -41.46 17.70 10.09
N MET G 309 -40.19 18.00 9.85
CA MET G 309 -39.72 19.37 10.03
C MET G 309 -40.10 20.28 8.88
N ALA G 310 -40.59 19.74 7.77
CA ALA G 310 -40.95 20.54 6.60
C ALA G 310 -42.45 20.70 6.45
N THR G 311 -43.24 20.35 7.46
CA THR G 311 -44.67 20.58 7.47
C THR G 311 -45.06 21.25 8.78
N ASP G 312 -46.18 21.97 8.73
CA ASP G 312 -46.72 22.61 9.93
C ASP G 312 -47.59 21.60 10.66
N GLN G 313 -47.25 21.31 11.91
CA GLN G 313 -48.00 20.35 12.69
C GLN G 313 -49.17 21.05 13.36
N LEU G 314 -50.38 20.66 12.99
CA LEU G 314 -51.61 21.33 13.38
C LEU G 314 -52.27 20.64 14.56
N GLN G 315 -53.33 21.27 15.06
CA GLN G 315 -54.16 20.70 16.10
C GLN G 315 -55.51 21.41 16.06
N VAL G 316 -56.56 20.69 16.46
CA VAL G 316 -57.92 21.22 16.42
C VAL G 316 -58.50 21.16 17.82
N ASP G 317 -59.38 22.11 18.11
CA ASP G 317 -60.09 22.16 19.39
C ASP G 317 -61.00 20.94 19.54
N GLU G 322 -60.98 25.00 16.58
CA GLU G 322 -60.22 25.72 15.57
C GLU G 322 -58.93 24.99 15.22
N VAL G 323 -58.61 24.94 13.93
CA VAL G 323 -57.39 24.31 13.46
C VAL G 323 -56.25 25.32 13.60
N SER G 324 -55.36 25.09 14.56
CA SER G 324 -54.24 25.97 14.82
C SER G 324 -52.95 25.17 14.76
N VAL G 325 -51.84 25.88 14.51
CA VAL G 325 -50.54 25.25 14.38
C VAL G 325 -50.01 24.90 15.77
N SER G 326 -49.57 23.66 15.92
CA SER G 326 -48.90 23.21 17.14
C SER G 326 -47.40 23.31 17.05
N GLU G 327 -46.83 23.01 15.88
CA GLU G 327 -45.40 23.10 15.64
C GLU G 327 -45.15 23.79 14.31
N PRO G 328 -44.54 24.96 14.30
CA PRO G 328 -44.21 25.61 13.04
C PRO G 328 -43.13 24.84 12.31
N LYS G 329 -43.14 24.94 10.98
CA LYS G 329 -42.13 24.28 10.18
C LYS G 329 -40.78 24.96 10.37
N LYS G 330 -39.72 24.19 10.18
CA LYS G 330 -38.35 24.70 10.22
C LYS G 330 -37.68 24.63 8.87
N ILE G 331 -38.34 24.05 7.89
CA ILE G 331 -37.74 23.74 6.60
C ILE G 331 -38.83 23.89 5.54
N ARG G 332 -38.44 24.34 4.36
CA ARG G 332 -39.42 24.48 3.30
C ARG G 332 -39.45 23.28 2.36
N GLY G 333 -38.34 22.60 2.18
CA GLY G 333 -38.30 21.49 1.25
C GLY G 333 -37.10 20.61 1.49
N ILE G 334 -37.00 19.56 0.67
CA ILE G 334 -35.99 18.51 0.85
C ILE G 334 -35.43 18.14 -0.51
N GLY G 335 -34.12 18.06 -0.61
CA GLY G 335 -33.49 17.63 -1.85
C GLY G 335 -32.64 16.39 -1.65
N LEU G 336 -32.38 15.66 -2.73
CA LEU G 336 -31.62 14.41 -2.66
C LEU G 336 -30.40 14.52 -3.56
N VAL G 337 -29.21 14.41 -2.97
CA VAL G 337 -27.98 14.48 -3.73
C VAL G 337 -27.58 13.06 -4.12
N ASP G 338 -27.65 12.77 -5.42
CA ASP G 338 -27.15 11.52 -5.99
C ASP G 338 -27.87 10.31 -5.39
N PHE G 339 -29.15 10.21 -5.68
CA PHE G 339 -29.90 8.99 -5.37
C PHE G 339 -30.12 8.20 -6.64
N PRO G 340 -29.79 6.90 -6.66
CA PRO G 340 -29.69 6.14 -7.90
C PRO G 340 -31.00 5.66 -8.52
N ALA G 341 -31.96 6.57 -8.64
CA ALA G 341 -33.15 6.38 -9.46
C ALA G 341 -34.08 5.30 -8.92
N ASP G 342 -33.66 4.61 -7.88
CA ASP G 342 -34.49 3.65 -7.18
C ASP G 342 -34.78 4.07 -5.77
N ARG G 343 -33.76 4.52 -5.04
CA ARG G 343 -33.98 5.13 -3.75
C ARG G 343 -34.79 6.41 -3.86
N LEU G 344 -34.72 7.08 -5.02
CA LEU G 344 -35.61 8.21 -5.26
C LEU G 344 -37.05 7.75 -5.41
N LYS G 345 -37.28 6.75 -6.25
CA LYS G 345 -38.62 6.20 -6.39
C LYS G 345 -39.11 5.60 -5.08
N ALA G 346 -38.20 5.01 -4.30
CA ALA G 346 -38.59 4.48 -3.00
C ALA G 346 -38.97 5.58 -2.04
N ALA G 347 -38.26 6.72 -2.09
CA ALA G 347 -38.63 7.83 -1.24
C ALA G 347 -39.97 8.43 -1.66
N ILE G 348 -40.26 8.41 -2.96
CA ILE G 348 -41.57 8.82 -3.43
C ILE G 348 -42.65 7.89 -2.88
N GLN G 349 -42.48 6.59 -3.10
CA GLN G 349 -43.45 5.60 -2.64
C GLN G 349 -43.67 5.64 -1.15
N ALA G 350 -42.72 6.16 -0.38
CA ALA G 350 -42.94 6.37 1.04
C ALA G 350 -43.65 7.68 1.32
N GLY G 351 -44.01 8.43 0.29
CA GLY G 351 -44.74 9.66 0.44
C GLY G 351 -44.00 10.78 1.14
N VAL G 352 -42.77 11.05 0.72
CA VAL G 352 -42.05 12.23 1.22
C VAL G 352 -42.05 13.28 0.12
N PRO G 353 -42.18 14.56 0.46
CA PRO G 353 -42.20 15.61 -0.56
C PRO G 353 -40.79 15.95 -1.04
N ILE G 354 -40.44 15.50 -2.23
CA ILE G 354 -39.12 15.68 -2.81
C ILE G 354 -39.17 16.89 -3.72
N THR G 355 -38.45 17.94 -3.35
CA THR G 355 -38.49 19.18 -4.12
C THR G 355 -37.57 19.12 -5.32
N CYS G 356 -36.29 18.83 -5.10
CA CYS G 356 -35.30 18.85 -6.15
C CYS G 356 -34.33 17.68 -5.99
N VAL G 357 -33.62 17.37 -7.06
CA VAL G 357 -32.71 16.24 -7.11
C VAL G 357 -31.43 16.71 -7.80
N GLN G 358 -30.33 16.70 -7.07
CA GLN G 358 -29.03 17.06 -7.62
C GLN G 358 -28.42 15.85 -8.30
N VAL G 359 -27.79 16.09 -9.46
CA VAL G 359 -27.32 15.01 -10.31
C VAL G 359 -26.12 15.53 -11.09
N GLU G 360 -25.26 14.62 -11.53
CA GLU G 360 -24.13 14.97 -12.38
C GLU G 360 -24.46 14.60 -13.81
N HIS G 361 -24.72 15.60 -14.64
CA HIS G 361 -25.14 15.41 -16.01
C HIS G 361 -24.49 16.48 -16.86
N SER G 362 -23.78 16.08 -17.90
CA SER G 362 -23.05 17.03 -18.72
C SER G 362 -23.09 16.57 -20.18
N VAL G 363 -22.31 17.25 -21.02
CA VAL G 363 -22.26 16.92 -22.43
C VAL G 363 -21.57 15.58 -22.65
N LEU G 364 -20.68 15.20 -21.74
CA LEU G 364 -19.94 13.95 -21.87
C LEU G 364 -20.33 12.91 -20.83
N VAL G 365 -20.89 13.32 -19.71
CA VAL G 365 -21.29 12.42 -18.64
C VAL G 365 -22.81 12.39 -18.62
N ARG G 366 -23.40 11.33 -19.17
CA ARG G 366 -24.84 11.16 -19.25
C ARG G 366 -25.29 9.89 -18.55
N SER G 367 -24.74 9.63 -17.37
CA SER G 367 -25.10 8.41 -16.65
C SER G 367 -26.44 8.54 -15.95
N ALA G 368 -26.72 9.71 -15.39
CA ALA G 368 -27.94 9.92 -14.62
C ALA G 368 -29.12 10.30 -15.51
N GLN G 369 -29.37 9.50 -16.54
CA GLN G 369 -30.49 9.74 -17.44
C GLN G 369 -31.82 9.23 -16.87
N PRO G 370 -31.88 8.02 -16.30
CA PRO G 370 -33.16 7.58 -15.72
C PRO G 370 -33.67 8.49 -14.63
N VAL G 371 -32.78 9.07 -13.83
CA VAL G 371 -33.23 10.03 -12.82
C VAL G 371 -33.90 11.22 -13.47
N LEU G 372 -33.44 11.60 -14.67
CA LEU G 372 -34.10 12.68 -15.41
C LEU G 372 -35.46 12.25 -15.91
N ASP G 373 -35.53 11.08 -16.54
CA ASP G 373 -36.80 10.57 -17.02
C ASP G 373 -37.81 10.41 -15.90
N LEU G 374 -37.35 10.21 -14.67
CA LEU G 374 -38.26 10.08 -13.54
C LEU G 374 -38.68 11.43 -12.97
N CYS G 375 -37.72 12.31 -12.69
CA CYS G 375 -38.05 13.63 -12.19
C CYS G 375 -38.93 14.41 -13.15
N ALA G 376 -38.87 14.10 -14.45
CA ALA G 376 -39.81 14.69 -15.39
C ALA G 376 -41.21 14.15 -15.15
N LYS G 377 -41.35 12.83 -15.06
CA LYS G 377 -42.66 12.23 -14.87
C LYS G 377 -43.31 12.66 -13.57
N TYR G 378 -42.51 12.98 -12.55
CA TYR G 378 -43.06 13.38 -11.26
C TYR G 378 -42.95 14.88 -11.01
N GLY G 379 -42.44 15.66 -11.97
CA GLY G 379 -42.35 17.09 -11.82
C GLY G 379 -41.45 17.51 -10.67
N ILE G 380 -40.17 17.16 -10.76
CA ILE G 380 -39.18 17.49 -9.74
C ILE G 380 -37.99 18.16 -10.42
N LYS G 381 -37.56 19.29 -9.87
CA LYS G 381 -36.48 20.05 -10.49
C LYS G 381 -35.16 19.31 -10.35
N VAL G 382 -34.32 19.40 -11.38
CA VAL G 382 -33.04 18.72 -11.43
C VAL G 382 -31.93 19.77 -11.53
N LEU G 383 -31.04 19.77 -10.54
CA LEU G 383 -29.84 20.59 -10.58
C LEU G 383 -28.69 19.72 -11.08
N ALA G 384 -28.16 20.04 -12.25
CA ALA G 384 -27.00 19.34 -12.78
C ALA G 384 -25.73 20.05 -12.35
N ARG G 385 -24.71 19.27 -12.02
CA ARG G 385 -23.47 19.83 -11.50
C ARG G 385 -22.25 19.56 -12.36
N GLY G 386 -22.35 18.72 -13.38
CA GLY G 386 -21.22 18.50 -14.25
C GLY G 386 -20.84 19.74 -15.03
N GLY G 387 -21.68 20.13 -15.97
CA GLY G 387 -21.47 21.36 -16.72
C GLY G 387 -20.15 21.35 -17.45
N THR G 388 -19.30 22.32 -17.09
CA THR G 388 -17.90 22.27 -17.47
C THR G 388 -17.18 21.36 -16.49
N LEU G 389 -16.33 20.47 -17.01
CA LEU G 389 -15.80 19.40 -16.15
C LEU G 389 -14.85 19.99 -15.13
N GLY G 390 -15.36 20.77 -14.21
CA GLY G 390 -14.54 21.45 -13.23
C GLY G 390 -13.67 22.55 -13.77
N GLY G 391 -13.70 22.79 -15.08
CA GLY G 391 -12.86 23.79 -15.69
C GLY G 391 -12.15 23.27 -16.93
N LEU G 392 -12.30 21.98 -17.21
CA LEU G 392 -11.63 21.38 -18.35
C LEU G 392 -12.25 21.80 -19.68
N LEU G 393 -13.46 22.34 -19.67
CA LEU G 393 -14.08 22.82 -20.90
C LEU G 393 -13.79 24.32 -21.00
N SER G 394 -12.58 24.62 -21.46
CA SER G 394 -12.14 25.99 -21.68
C SER G 394 -11.12 25.97 -22.81
N ALA G 395 -10.62 27.16 -23.15
CA ALA G 395 -9.62 27.26 -24.19
C ALA G 395 -8.22 27.00 -23.68
N LYS G 396 -8.01 27.14 -22.36
CA LYS G 396 -6.69 26.88 -21.80
C LYS G 396 -6.22 25.47 -22.10
N TYR G 397 -7.12 24.51 -22.14
CA TYR G 397 -6.77 23.10 -22.26
C TYR G 397 -6.94 22.58 -23.68
N LEU G 398 -6.89 23.45 -24.67
CA LEU G 398 -6.89 23.02 -26.06
C LEU G 398 -5.48 22.65 -26.48
N GLY G 399 -5.28 21.40 -26.89
CA GLY G 399 -3.96 20.94 -27.24
C GLY G 399 -2.96 20.89 -26.10
N ALA G 400 -3.42 21.04 -24.87
CA ALA G 400 -2.56 21.06 -23.69
C ALA G 400 -2.28 19.65 -23.21
N PRO G 401 -1.39 19.49 -22.24
CA PRO G 401 -1.25 18.19 -21.59
C PRO G 401 -2.15 18.11 -20.38
N PRO G 402 -2.42 16.90 -19.89
CA PRO G 402 -3.33 16.78 -18.75
C PRO G 402 -2.73 17.44 -17.53
N PRO G 403 -3.56 17.94 -16.63
CA PRO G 403 -3.03 18.52 -15.40
C PRO G 403 -2.37 17.46 -14.53
N ASP G 404 -1.74 17.92 -13.46
CA ASP G 404 -1.00 17.04 -12.58
C ASP G 404 -1.27 17.44 -11.15
N PRO G 405 -1.70 16.51 -10.30
CA PRO G 405 -2.08 16.89 -8.93
C PRO G 405 -0.93 17.33 -8.06
N VAL G 406 0.32 17.04 -8.44
CA VAL G 406 1.45 17.52 -7.67
C VAL G 406 1.78 18.96 -8.04
N ARG G 407 1.82 19.26 -9.34
CA ARG G 407 2.07 20.63 -9.78
C ARG G 407 1.00 21.57 -9.28
N GLY G 408 -0.27 21.14 -9.36
CA GLY G 408 -1.39 21.99 -9.03
C GLY G 408 -1.96 22.69 -10.26
N ASP G 409 -3.17 23.20 -10.09
CA ASP G 409 -3.83 23.95 -11.16
C ASP G 409 -4.95 24.76 -10.54
N ALA G 410 -4.78 26.08 -10.49
CA ALA G 410 -5.76 26.94 -9.84
C ALA G 410 -6.99 27.20 -10.70
N ASP G 411 -6.98 26.78 -11.97
CA ASP G 411 -8.12 26.98 -12.84
C ASP G 411 -9.08 25.80 -12.86
N LEU G 412 -8.97 24.89 -11.88
CA LEU G 412 -9.87 23.76 -11.76
C LEU G 412 -10.43 23.73 -10.35
N ASP G 413 -11.56 23.04 -10.19
CA ASP G 413 -12.10 22.83 -8.86
C ASP G 413 -11.20 21.89 -8.07
N SER G 414 -10.88 20.74 -8.65
CA SER G 414 -9.98 19.76 -8.04
C SER G 414 -9.30 19.01 -9.16
N VAL G 415 -7.97 19.02 -9.16
CA VAL G 415 -7.22 18.26 -10.16
C VAL G 415 -7.52 16.77 -10.06
N PRO G 416 -7.56 16.13 -8.89
CA PRO G 416 -7.94 14.72 -8.85
C PRO G 416 -9.34 14.48 -9.37
N GLY G 417 -10.30 15.32 -8.98
CA GLY G 417 -11.65 15.17 -9.49
C GLY G 417 -11.72 15.33 -11.00
N CYS G 418 -10.95 16.28 -11.54
CA CYS G 418 -10.96 16.50 -12.98
C CYS G 418 -10.34 15.33 -13.72
N LEU G 419 -9.26 14.75 -13.19
CA LEU G 419 -8.68 13.57 -13.84
C LEU G 419 -9.62 12.37 -13.73
N ASP G 420 -10.34 12.27 -12.62
CA ASP G 420 -11.38 11.26 -12.50
C ASP G 420 -12.43 11.43 -13.58
N ALA G 421 -12.89 12.66 -13.80
CA ALA G 421 -13.84 12.94 -14.87
C ALA G 421 -13.24 12.56 -16.23
N VAL G 422 -11.97 12.86 -16.44
CA VAL G 422 -11.31 12.51 -17.70
C VAL G 422 -11.36 11.00 -17.92
N ASN G 423 -11.12 10.22 -16.86
CA ASN G 423 -11.19 8.78 -16.99
C ASN G 423 -12.61 8.32 -17.29
N ASN G 424 -13.60 8.95 -16.64
CA ASN G 424 -14.99 8.60 -16.90
C ASN G 424 -15.43 8.99 -18.30
N VAL G 425 -14.74 9.93 -18.94
CA VAL G 425 -15.11 10.35 -20.28
C VAL G 425 -14.55 9.38 -21.31
N GLY G 426 -13.37 8.84 -21.07
CA GLY G 426 -12.77 7.91 -22.01
C GLY G 426 -11.32 8.21 -22.31
N GLY G 427 -10.73 9.11 -21.55
CA GLY G 427 -9.33 9.47 -21.70
C GLY G 427 -9.17 10.95 -21.99
N TRP G 428 -7.90 11.34 -22.15
CA TRP G 428 -7.58 12.72 -22.50
C TRP G 428 -7.63 12.96 -24.00
N ALA G 429 -7.38 11.93 -24.81
CA ALA G 429 -7.53 12.07 -26.25
C ALA G 429 -8.98 12.29 -26.63
N ARG G 430 -9.90 11.57 -25.99
CA ARG G 430 -11.31 11.81 -26.24
C ARG G 430 -11.74 13.18 -25.74
N LEU G 431 -11.21 13.61 -24.59
CA LEU G 431 -11.53 14.94 -24.11
C LEU G 431 -11.05 16.01 -25.08
N GLN G 432 -9.88 15.82 -25.68
CA GLN G 432 -9.38 16.77 -26.67
C GLN G 432 -10.25 16.76 -27.92
N ALA G 433 -10.57 15.57 -28.41
CA ALA G 433 -11.41 15.45 -29.60
C ALA G 433 -12.78 16.06 -29.40
N ALA G 434 -13.28 16.08 -28.17
CA ALA G 434 -14.58 16.70 -27.90
C ALA G 434 -14.48 18.18 -27.62
N LEU G 435 -13.42 18.62 -26.96
CA LEU G 435 -13.22 20.05 -26.74
C LEU G 435 -12.98 20.78 -28.04
N ALA G 436 -12.41 20.09 -29.04
CA ALA G 436 -12.31 20.69 -30.36
C ALA G 436 -13.68 21.02 -30.93
N VAL G 437 -14.63 20.08 -30.81
CA VAL G 437 -15.96 20.30 -31.35
C VAL G 437 -16.69 21.37 -30.55
N ILE G 438 -16.54 21.36 -29.23
CA ILE G 438 -17.17 22.39 -28.42
C ILE G 438 -16.62 23.75 -28.77
N LYS G 439 -15.32 23.83 -29.07
CA LYS G 439 -14.73 25.10 -29.45
C LYS G 439 -15.23 25.56 -30.81
N GLY G 440 -15.34 24.62 -31.76
CA GLY G 440 -15.91 24.97 -33.05
C GLY G 440 -17.32 25.53 -32.92
N ILE G 441 -18.15 24.90 -32.09
CA ILE G 441 -19.52 25.37 -31.91
C ILE G 441 -19.53 26.72 -31.20
N ALA G 442 -18.68 26.90 -30.20
CA ALA G 442 -18.61 28.18 -29.51
C ALA G 442 -18.12 29.28 -30.43
N ASP G 443 -17.35 28.93 -31.44
CA ASP G 443 -16.85 29.91 -32.40
C ASP G 443 -17.92 30.28 -33.42
N LYS G 444 -18.61 29.28 -33.95
CA LYS G 444 -19.66 29.51 -34.93
C LYS G 444 -20.68 30.54 -34.45
N HIS G 445 -20.88 30.64 -33.14
CA HIS G 445 -21.84 31.58 -32.57
C HIS G 445 -21.17 32.70 -31.79
N GLY G 446 -19.84 32.80 -31.87
CA GLY G 446 -19.12 33.86 -31.19
C GLY G 446 -19.39 33.92 -29.70
N VAL G 447 -19.10 32.84 -28.99
CA VAL G 447 -19.39 32.73 -27.57
C VAL G 447 -18.32 31.87 -26.93
N LYS G 448 -18.22 31.95 -25.60
CA LYS G 448 -17.24 31.16 -24.86
C LYS G 448 -17.55 29.66 -25.02
N PRO G 449 -16.54 28.80 -24.90
CA PRO G 449 -16.83 27.36 -24.90
C PRO G 449 -17.51 26.90 -23.63
N GLU G 450 -17.36 27.64 -22.54
CA GLU G 450 -17.97 27.28 -21.27
C GLU G 450 -19.44 27.64 -21.21
N THR G 451 -19.99 28.27 -22.25
CA THR G 451 -21.43 28.50 -22.31
C THR G 451 -22.14 27.52 -23.23
N VAL G 452 -21.44 26.93 -24.20
CA VAL G 452 -22.04 25.86 -24.99
C VAL G 452 -22.47 24.71 -24.09
N ALA G 453 -21.63 24.36 -23.11
CA ALA G 453 -21.95 23.26 -22.21
C ALA G 453 -23.10 23.62 -21.29
N LEU G 454 -23.08 24.81 -20.71
CA LEU G 454 -24.17 25.23 -19.84
C LEU G 454 -25.49 25.29 -20.60
N ARG G 455 -25.45 25.73 -21.85
CA ARG G 455 -26.67 25.77 -22.64
C ARG G 455 -27.15 24.36 -22.98
N TRP G 456 -26.23 23.45 -23.29
CA TRP G 456 -26.64 22.07 -23.51
C TRP G 456 -27.29 21.49 -22.27
N GLN G 457 -26.83 21.90 -21.08
CA GLN G 457 -27.49 21.46 -19.87
C GLN G 457 -28.89 22.06 -19.75
N ILE G 458 -29.01 23.37 -19.92
CA ILE G 458 -30.31 24.02 -19.77
C ILE G 458 -31.31 23.45 -20.76
N ASP G 459 -30.85 23.09 -21.96
CA ASP G 459 -31.73 22.50 -22.96
C ASP G 459 -32.27 21.14 -22.52
N ALA G 460 -31.72 20.56 -21.47
CA ALA G 460 -32.18 19.29 -20.93
C ALA G 460 -32.99 19.47 -19.65
N GLY G 461 -33.54 20.66 -19.43
CA GLY G 461 -34.36 20.90 -18.27
C GLY G 461 -33.62 21.02 -16.96
N CYS G 462 -32.30 20.98 -16.97
CA CYS G 462 -31.54 21.08 -15.74
C CYS G 462 -31.24 22.53 -15.41
N PHE G 463 -31.05 22.80 -14.12
CA PHE G 463 -30.60 24.10 -13.65
C PHE G 463 -29.12 23.98 -13.34
N PRO G 464 -28.23 24.44 -14.22
CA PRO G 464 -26.80 24.19 -14.00
C PRO G 464 -26.31 24.70 -12.66
N LEU G 465 -25.36 23.97 -12.11
CA LEU G 465 -24.71 24.25 -10.84
C LEU G 465 -23.24 24.48 -11.16
N VAL G 466 -22.73 25.68 -10.90
CA VAL G 466 -21.38 26.02 -11.31
C VAL G 466 -20.59 26.53 -10.12
N THR G 467 -19.30 26.23 -10.12
CA THR G 467 -18.46 26.45 -8.95
C THR G 467 -17.96 27.89 -8.90
N THR G 468 -17.98 28.46 -7.71
CA THR G 468 -17.55 29.84 -7.54
C THR G 468 -16.03 29.97 -7.64
N ARG G 469 -15.58 30.98 -8.38
CA ARG G 469 -14.18 31.36 -8.43
C ARG G 469 -13.96 32.61 -7.59
N TRP G 470 -12.71 32.86 -7.20
CA TRP G 470 -12.44 33.87 -6.19
C TRP G 470 -11.19 34.67 -6.54
N SER G 471 -11.15 35.90 -6.01
CA SER G 471 -9.92 36.66 -5.78
C SER G 471 -9.01 36.68 -7.01
N SER G 472 -9.45 37.42 -8.02
CA SER G 472 -8.79 37.70 -9.28
C SER G 472 -8.96 36.57 -10.28
N ARG G 473 -9.65 35.50 -9.91
CA ARG G 473 -10.10 34.52 -10.89
C ARG G 473 -11.61 34.58 -11.06
N VAL G 474 -12.25 35.64 -10.55
CA VAL G 474 -13.70 35.72 -10.57
C VAL G 474 -14.25 35.64 -11.98
N TRP G 475 -15.47 35.12 -12.10
CA TRP G 475 -16.20 35.03 -13.36
C TRP G 475 -15.49 34.16 -14.38
N ARG G 476 -14.35 33.56 -14.00
CA ARG G 476 -13.70 32.64 -14.93
C ARG G 476 -14.47 31.33 -15.03
N GLN G 477 -15.34 31.05 -14.07
CA GLN G 477 -16.21 29.90 -14.12
C GLN G 477 -17.01 29.85 -15.42
N PHE G 478 -17.29 31.01 -16.01
CA PHE G 478 -18.01 31.09 -17.27
C PHE G 478 -17.10 31.34 -18.46
N GLY G 479 -15.86 31.76 -18.24
CA GLY G 479 -14.93 31.95 -19.32
C GLY G 479 -14.53 33.40 -19.54
N TYR G 480 -14.65 34.22 -18.51
CA TYR G 480 -14.42 35.66 -18.61
C TYR G 480 -13.11 36.01 -17.91
N GLU G 481 -12.12 36.43 -18.69
CA GLU G 481 -10.78 36.68 -18.20
C GLU G 481 -10.60 38.15 -17.83
N GLY G 482 -9.79 38.37 -16.79
CA GLY G 482 -9.47 39.72 -16.38
C GLY G 482 -10.62 40.50 -15.80
N TRP G 483 -11.71 39.83 -15.48
CA TRP G 483 -12.91 40.50 -14.99
C TRP G 483 -12.80 40.96 -13.54
N SER G 484 -11.65 40.74 -12.89
CA SER G 484 -11.52 41.11 -11.49
C SER G 484 -11.36 42.61 -11.29
N SER G 485 -11.18 43.38 -12.35
CA SER G 485 -10.94 44.81 -12.25
C SER G 485 -12.13 45.57 -12.81
N PHE G 486 -12.49 46.66 -12.13
CA PHE G 486 -13.62 47.46 -12.58
C PHE G 486 -13.37 48.10 -13.94
N GLU G 487 -12.11 48.22 -14.36
CA GLU G 487 -11.82 48.86 -15.63
C GLU G 487 -12.13 47.93 -16.79
N VAL G 488 -11.83 46.64 -16.65
CA VAL G 488 -12.10 45.70 -17.74
C VAL G 488 -13.57 45.33 -17.79
N SER G 489 -14.22 45.25 -16.63
CA SER G 489 -15.62 44.85 -16.58
C SER G 489 -16.55 46.05 -16.66
N GLY G 490 -16.24 47.12 -15.95
CA GLY G 490 -17.12 48.26 -15.90
C GLY G 490 -18.31 48.10 -14.98
N GLY G 491 -18.33 47.05 -14.18
CA GLY G 491 -19.49 46.74 -13.37
C GLY G 491 -20.48 45.81 -14.02
N ARG G 492 -20.13 45.21 -15.15
CA ARG G 492 -21.00 44.27 -15.83
C ARG G 492 -20.89 42.89 -15.21
N PRO G 493 -21.90 42.05 -15.40
CA PRO G 493 -21.73 40.63 -15.06
C PRO G 493 -20.83 39.95 -16.09
N GLY G 494 -19.96 39.08 -15.60
CA GLY G 494 -19.03 38.41 -16.47
C GLY G 494 -19.55 37.10 -17.04
N VAL G 495 -20.78 37.10 -17.52
CA VAL G 495 -21.39 35.87 -18.12
C VAL G 495 -22.08 36.21 -19.44
N ASP G 496 -21.95 35.39 -20.47
CA ASP G 496 -22.57 35.63 -21.80
C ASP G 496 -24.10 35.60 -21.68
N GLY G 497 -24.80 36.50 -22.36
CA GLY G 497 -26.27 36.56 -22.34
C GLY G 497 -26.96 35.36 -22.99
N PRO G 498 -26.51 34.90 -24.16
CA PRO G 498 -27.25 33.81 -24.80
C PRO G 498 -27.59 32.61 -23.91
N LEU G 499 -27.02 32.56 -22.71
CA LEU G 499 -27.41 31.50 -21.78
C LEU G 499 -28.82 31.70 -21.26
N PHE G 500 -29.20 32.94 -21.02
CA PHE G 500 -30.43 33.27 -20.30
C PHE G 500 -31.61 33.55 -21.20
N GLN G 501 -31.52 33.22 -22.48
CA GLN G 501 -32.65 33.46 -23.36
C GLN G 501 -33.62 32.29 -23.29
N VAL G 502 -34.89 32.59 -23.51
CA VAL G 502 -35.92 31.55 -23.45
C VAL G 502 -35.70 30.53 -24.56
N GLU G 503 -35.11 30.94 -25.66
CA GLU G 503 -34.72 30.02 -26.72
C GLU G 503 -33.23 29.78 -26.69
N SER G 504 -32.83 28.58 -27.08
CA SER G 504 -31.42 28.22 -27.10
C SER G 504 -30.79 28.69 -28.41
N PHE G 505 -29.62 29.31 -28.30
CA PHE G 505 -28.91 29.76 -29.47
C PHE G 505 -28.32 28.65 -30.28
N LEU G 506 -28.55 27.38 -29.94
CA LEU G 506 -27.89 26.28 -30.62
C LEU G 506 -28.61 25.96 -31.92
N ASP G 507 -27.83 25.82 -32.99
CA ASP G 507 -28.35 25.37 -34.27
C ASP G 507 -28.79 23.92 -34.18
N VAL G 508 -29.43 23.44 -35.24
CA VAL G 508 -29.78 22.02 -35.31
C VAL G 508 -28.52 21.16 -35.42
N GLU G 509 -27.58 21.57 -36.27
CA GLU G 509 -26.34 20.82 -36.39
C GLU G 509 -25.52 20.89 -35.10
N ASP G 510 -25.62 22.00 -34.37
CA ASP G 510 -25.02 22.04 -33.03
C ASP G 510 -25.52 20.88 -32.18
N VAL G 511 -26.83 20.66 -32.16
CA VAL G 511 -27.39 19.57 -31.38
C VAL G 511 -26.97 18.23 -31.95
N ARG G 512 -26.92 18.09 -33.28
CA ARG G 512 -26.52 16.84 -33.87
C ARG G 512 -25.07 16.48 -33.52
N ALA G 513 -24.21 17.50 -33.41
CA ALA G 513 -22.83 17.24 -33.05
C ALA G 513 -22.67 16.98 -31.56
N LEU G 514 -23.38 17.73 -30.72
CA LEU G 514 -23.31 17.51 -29.29
C LEU G 514 -23.94 16.19 -28.88
N ALA G 515 -24.83 15.64 -29.69
CA ALA G 515 -25.42 14.34 -29.41
C ALA G 515 -24.59 13.18 -29.95
N GLY G 516 -23.35 13.45 -30.33
CA GLY G 516 -22.47 12.38 -30.78
C GLY G 516 -21.23 12.28 -29.93
N LEU G 517 -21.14 13.13 -28.91
CA LEU G 517 -19.94 13.17 -28.08
C LEU G 517 -19.86 11.94 -27.18
N ALA G 518 -20.91 11.65 -26.43
CA ALA G 518 -20.92 10.49 -25.55
C ALA G 518 -21.94 9.46 -26.03
N VAL H 2 5.81 -8.72 -14.79
CA VAL H 2 6.39 -7.42 -14.52
C VAL H 2 5.51 -6.63 -13.56
N GLN H 3 6.08 -6.29 -12.41
CA GLN H 3 5.34 -5.50 -11.44
C GLN H 3 4.95 -4.15 -12.03
N LEU H 4 3.96 -3.52 -11.41
CA LEU H 4 3.55 -2.16 -11.76
C LEU H 4 3.96 -1.13 -10.73
N GLU H 5 4.32 -1.57 -9.53
CA GLU H 5 4.65 -0.71 -8.42
C GLU H 5 5.29 -1.57 -7.35
N PRO H 6 6.34 -1.11 -6.68
CA PRO H 6 6.97 -1.94 -5.65
C PRO H 6 6.01 -2.26 -4.52
N ASN H 7 6.15 -3.48 -3.99
CA ASN H 7 5.30 -3.99 -2.93
C ASN H 7 6.07 -3.94 -1.62
N ILE H 8 5.50 -3.24 -0.63
CA ILE H 8 6.24 -3.03 0.62
C ILE H 8 6.48 -4.34 1.35
N THR H 9 5.60 -5.32 1.19
CA THR H 9 5.79 -6.60 1.83
C THR H 9 7.01 -7.32 1.27
N LEU H 10 7.13 -7.36 -0.06
CA LEU H 10 8.28 -8.00 -0.67
C LEU H 10 9.56 -7.22 -0.37
N VAL H 11 9.48 -5.89 -0.34
CA VAL H 11 10.66 -5.09 -0.01
C VAL H 11 11.15 -5.42 1.39
N LEU H 12 10.24 -5.38 2.37
CA LEU H 12 10.64 -5.68 3.74
C LEU H 12 11.08 -7.12 3.89
N LYS H 13 10.60 -8.02 3.04
CA LYS H 13 11.02 -9.41 3.13
C LYS H 13 12.42 -9.61 2.57
N HIS H 14 12.72 -9.02 1.43
CA HIS H 14 14.00 -9.24 0.77
C HIS H 14 15.12 -8.43 1.40
N LEU H 15 14.83 -7.23 1.89
CA LEU H 15 15.88 -6.36 2.43
C LEU H 15 15.99 -6.46 3.94
N ALA H 16 15.39 -7.47 4.55
CA ALA H 16 15.53 -7.63 6.00
C ALA H 16 16.91 -8.14 6.38
N SER H 17 17.52 -8.97 5.53
CA SER H 17 18.88 -9.42 5.78
C SER H 17 19.86 -8.27 5.83
N CYS H 18 19.61 -7.21 5.08
CA CYS H 18 20.45 -6.03 5.09
C CYS H 18 20.15 -5.11 6.26
N GLY H 19 19.40 -5.58 7.25
CA GLY H 19 19.06 -4.76 8.39
C GLY H 19 18.05 -3.67 8.13
N ALA H 20 17.48 -3.58 6.93
CA ALA H 20 16.46 -2.60 6.62
C ALA H 20 15.11 -3.14 7.07
N VAL H 21 14.76 -2.84 8.32
CA VAL H 21 13.54 -3.36 8.93
C VAL H 21 12.74 -2.20 9.51
N VAL H 22 11.47 -2.47 9.78
CA VAL H 22 10.56 -1.54 10.41
C VAL H 22 9.91 -2.26 11.59
N SER H 23 9.43 -1.48 12.55
CA SER H 23 8.75 -2.06 13.69
C SER H 23 7.49 -2.80 13.25
N ALA H 24 6.99 -3.67 14.13
CA ALA H 24 5.79 -4.43 13.80
C ALA H 24 4.55 -3.54 13.79
N GLU H 25 4.40 -2.72 14.83
CA GLU H 25 3.31 -1.77 14.85
C GLU H 25 3.35 -0.85 13.64
N GLN H 26 4.54 -0.34 13.31
CA GLN H 26 4.64 0.52 12.14
C GLN H 26 4.33 -0.23 10.86
N GLN H 27 4.62 -1.53 10.81
CA GLN H 27 4.30 -2.30 9.61
C GLN H 27 2.78 -2.38 9.42
N ALA H 28 2.05 -2.74 10.48
CA ALA H 28 0.59 -2.76 10.39
C ALA H 28 0.04 -1.37 10.06
N ALA H 29 0.54 -0.35 10.75
CA ALA H 29 0.05 1.00 10.54
C ALA H 29 0.27 1.44 9.11
N LEU H 30 1.39 1.05 8.51
CA LEU H 30 1.63 1.38 7.11
C LEU H 30 0.62 0.69 6.23
N ASP H 31 0.41 -0.61 6.47
CA ASP H 31 -0.54 -1.38 5.69
C ASP H 31 -1.90 -0.71 5.66
N HIS H 32 -2.26 0.00 6.71
CA HIS H 32 -3.52 0.74 6.65
C HIS H 32 -3.37 2.14 6.06
N SER H 33 -2.31 2.86 6.41
CA SER H 33 -2.23 4.30 6.17
C SER H 33 -1.84 4.64 4.74
N ILE H 34 -1.02 3.82 4.08
CA ILE H 34 -0.57 4.17 2.73
C ILE H 34 -1.74 4.31 1.76
N PRO H 35 -2.69 3.37 1.69
CA PRO H 35 -3.81 3.56 0.75
C PRO H 35 -4.64 4.80 1.04
N ILE H 36 -4.90 5.09 2.32
CA ILE H 36 -5.70 6.26 2.66
C ILE H 36 -5.06 7.53 2.10
N LYS H 37 -3.77 7.72 2.38
CA LYS H 37 -3.10 8.93 1.93
C LYS H 37 -2.98 8.95 0.41
N ARG H 38 -2.73 7.80 -0.19
CA ARG H 38 -2.62 7.75 -1.65
C ARG H 38 -3.92 8.19 -2.31
N ILE H 39 -5.05 7.76 -1.77
CA ILE H 39 -6.33 8.14 -2.35
C ILE H 39 -6.62 9.61 -2.08
N GLU H 40 -6.49 10.03 -0.83
CA GLU H 40 -6.89 11.40 -0.51
C GLU H 40 -5.89 12.44 -1.00
N ALA H 41 -4.77 12.02 -1.60
CA ALA H 41 -3.89 12.96 -2.27
C ALA H 41 -4.03 12.91 -3.79
N GLY H 42 -4.81 11.98 -4.32
CA GLY H 42 -5.00 11.88 -5.75
C GLY H 42 -3.82 11.32 -6.51
N LEU H 43 -2.96 10.55 -5.86
CA LEU H 43 -1.74 10.08 -6.47
C LEU H 43 -1.92 8.68 -7.04
N ARG H 44 -1.22 8.42 -8.14
CA ARG H 44 -1.25 7.10 -8.74
C ARG H 44 -0.31 6.13 -8.03
N SER H 45 0.83 6.62 -7.56
CA SER H 45 1.79 5.78 -6.85
C SER H 45 2.18 6.44 -5.55
N LEU H 46 2.33 5.63 -4.49
CA LEU H 46 2.83 6.11 -3.21
C LEU H 46 3.44 4.92 -2.49
N THR H 47 4.71 5.04 -2.12
CA THR H 47 5.41 3.93 -1.48
C THR H 47 6.23 4.44 -0.30
N LEU H 48 6.69 3.50 0.52
CA LEU H 48 7.59 3.82 1.61
C LEU H 48 9.00 4.03 1.06
N TRP H 49 9.52 5.24 1.21
CA TRP H 49 10.85 5.58 0.72
C TRP H 49 11.92 5.17 1.73
N GLY H 50 11.71 5.49 3.00
CA GLY H 50 12.72 5.10 3.96
C GLY H 50 12.38 5.49 5.37
N ARG H 51 13.40 5.42 6.22
CA ARG H 51 13.25 5.59 7.66
C ARG H 51 14.54 6.16 8.21
N LEU H 52 14.45 7.37 8.76
CA LEU H 52 15.62 8.07 9.27
C LEU H 52 15.60 8.03 10.80
N THR H 53 16.71 7.58 11.39
CA THR H 53 16.79 7.42 12.82
C THR H 53 17.02 8.77 13.49
N THR H 54 16.50 8.90 14.71
CA THR H 54 16.58 10.14 15.46
C THR H 54 17.12 9.87 16.86
N LEU H 55 17.42 10.95 17.57
CA LEU H 55 18.06 10.83 18.87
C LEU H 55 17.09 10.52 20.00
N ASN H 56 15.81 10.75 19.80
CA ASN H 56 14.82 10.50 20.86
C ASN H 56 13.98 9.26 20.60
N GLY H 57 14.31 8.48 19.58
CA GLY H 57 13.64 7.23 19.34
C GLY H 57 12.42 7.29 18.45
N LYS H 58 12.01 8.47 18.02
CA LYS H 58 10.86 8.63 17.14
C LYS H 58 11.37 8.84 15.72
N ASP H 59 11.71 7.75 15.06
CA ASP H 59 12.28 7.82 13.72
C ASP H 59 11.26 8.38 12.74
N TYR H 60 11.75 9.08 11.73
CA TYR H 60 10.91 9.61 10.68
C TYR H 60 10.73 8.57 9.60
N LEU H 61 9.51 8.13 9.37
CA LEU H 61 9.18 7.38 8.18
C LEU H 61 8.87 8.37 7.07
N VAL H 62 9.41 8.13 5.88
CA VAL H 62 9.23 9.01 4.74
C VAL H 62 8.63 8.20 3.61
N ALA H 63 7.58 8.75 3.00
CA ALA H 63 6.90 8.14 1.87
C ALA H 63 6.97 9.07 0.68
N GLU H 64 7.04 8.49 -0.50
CA GLU H 64 7.19 9.25 -1.74
C GLU H 64 6.11 8.81 -2.71
N GLY H 65 5.45 9.77 -3.34
CA GLY H 65 4.41 9.46 -4.29
C GLY H 65 4.54 10.35 -5.51
N TYR H 66 3.86 9.94 -6.58
CA TYR H 66 3.80 10.74 -7.78
C TYR H 66 2.63 10.27 -8.63
N ASN H 67 2.34 11.04 -9.67
CA ASN H 67 1.22 10.76 -10.56
C ASN H 67 1.67 10.32 -11.94
N VAL H 68 2.54 11.08 -12.59
CA VAL H 68 3.04 10.69 -13.91
C VAL H 68 4.43 11.26 -14.08
N ALA H 69 5.25 10.55 -14.85
CA ALA H 69 6.61 10.94 -15.16
C ALA H 69 6.72 11.28 -16.63
N SER H 70 7.39 12.39 -16.93
CA SER H 70 7.48 12.88 -18.29
C SER H 70 8.93 13.15 -18.67
N SER H 71 9.23 13.05 -19.96
CA SER H 71 10.57 13.33 -20.46
C SER H 71 10.70 14.82 -20.74
N LYS H 72 11.60 15.48 -20.01
CA LYS H 72 11.88 16.89 -20.19
C LYS H 72 13.39 17.10 -20.23
N GLU H 73 13.86 17.71 -21.31
CA GLU H 73 15.27 18.11 -21.42
C GLU H 73 16.22 16.94 -21.22
N GLY H 74 15.85 15.79 -21.79
CA GLY H 74 16.69 14.62 -21.69
C GLY H 74 16.67 13.91 -20.35
N ALA H 75 15.78 14.30 -19.44
CA ALA H 75 15.67 13.64 -18.15
C ALA H 75 14.24 13.17 -17.95
N ALA H 76 14.09 12.00 -17.33
CA ALA H 76 12.77 11.49 -16.97
C ALA H 76 12.39 12.09 -15.64
N VAL H 77 11.62 13.17 -15.68
CA VAL H 77 11.26 13.92 -14.49
C VAL H 77 10.01 13.32 -13.87
N TYR H 78 10.09 12.97 -12.60
CA TYR H 78 8.97 12.52 -11.80
C TYR H 78 8.57 13.66 -10.87
N GLU H 79 7.34 14.15 -11.01
CA GLU H 79 6.83 15.18 -10.13
C GLU H 79 6.44 14.53 -8.81
N THR H 80 7.44 14.33 -7.97
CA THR H 80 7.24 13.59 -6.74
C THR H 80 6.80 14.51 -5.61
N LYS H 81 6.11 13.93 -4.64
CA LYS H 81 5.65 14.60 -3.45
C LYS H 81 5.96 13.70 -2.25
N TYR H 82 6.49 14.29 -1.20
CA TYR H 82 6.97 13.54 -0.06
C TYR H 82 6.10 13.81 1.16
N PHE H 83 5.95 12.78 1.99
CA PHE H 83 5.24 12.88 3.25
C PHE H 83 6.09 12.25 4.33
N TYR H 84 5.91 12.71 5.56
CA TYR H 84 6.63 12.13 6.68
C TYR H 84 5.64 11.70 7.75
N SER H 85 6.15 10.91 8.69
CA SER H 85 5.33 10.41 9.78
C SER H 85 6.27 9.96 10.89
N GLN H 86 5.75 9.93 12.11
CA GLN H 86 6.51 9.43 13.24
C GLN H 86 5.81 8.29 13.97
N ASP H 87 4.69 7.82 13.43
CA ASP H 87 4.02 6.64 13.98
C ASP H 87 3.56 5.66 12.91
N GLY H 88 3.53 6.06 11.64
CA GLY H 88 3.06 5.21 10.59
C GLY H 88 1.58 5.28 10.32
N ALA H 89 0.85 6.13 11.02
CA ALA H 89 -0.60 6.21 10.87
C ALA H 89 -1.07 7.52 10.26
N ARG H 90 -0.43 8.64 10.58
CA ARG H 90 -0.84 9.95 10.09
C ARG H 90 0.31 10.57 9.33
N TRP H 91 0.09 10.85 8.06
CA TRP H 91 1.12 11.39 7.18
C TRP H 91 0.95 12.90 7.07
N SER H 92 2.03 13.63 7.24
CA SER H 92 2.07 15.07 7.04
C SER H 92 2.93 15.40 5.83
N ASP H 93 2.77 16.62 5.33
CA ASP H 93 3.53 17.02 4.16
C ASP H 93 4.98 17.29 4.51
N LEU H 94 5.86 17.05 3.54
CA LEU H 94 7.28 17.35 3.65
C LEU H 94 7.58 18.36 2.55
N GLN H 95 7.44 19.63 2.88
CA GLN H 95 7.43 20.67 1.86
C GLN H 95 8.82 20.92 1.30
N PRO H 96 8.90 21.31 0.04
CA PRO H 96 10.21 21.59 -0.58
C PRO H 96 10.93 22.74 0.12
N VAL H 97 12.21 22.85 -0.16
CA VAL H 97 13.06 23.86 0.43
C VAL H 97 13.71 24.69 -0.67
N ASP H 98 13.90 25.98 -0.39
CA ASP H 98 14.55 26.88 -1.33
C ASP H 98 15.97 26.41 -1.64
N SER H 99 16.55 27.01 -2.68
CA SER H 99 17.92 26.68 -3.02
C SER H 99 18.91 27.30 -2.04
N GLU H 100 18.63 28.52 -1.58
CA GLU H 100 19.53 29.17 -0.63
C GLU H 100 19.59 28.42 0.67
N THR H 101 18.43 27.97 1.17
CA THR H 101 18.42 27.19 2.39
C THR H 101 18.98 25.80 2.20
N ALA H 102 18.98 25.29 0.96
CA ALA H 102 19.52 23.95 0.70
C ALA H 102 20.98 23.86 1.10
N THR H 103 21.77 24.91 0.82
CA THR H 103 23.17 24.90 1.21
C THR H 103 23.31 24.88 2.73
N ARG H 104 22.54 25.70 3.43
CA ARG H 104 22.65 25.75 4.88
C ARG H 104 22.30 24.41 5.52
N CYS H 105 21.19 23.80 5.11
CA CYS H 105 20.84 22.51 5.66
C CYS H 105 21.85 21.44 5.26
N ALA H 106 22.49 21.60 4.10
CA ALA H 106 23.57 20.69 3.74
C ALA H 106 24.74 20.82 4.70
N ARG H 107 24.92 21.99 5.30
CA ARG H 107 26.02 22.15 6.25
C ARG H 107 25.73 21.55 7.62
N ILE H 108 24.48 21.21 7.91
CA ILE H 108 24.12 20.68 9.22
C ILE H 108 24.30 19.17 9.22
N LYS H 109 25.03 18.66 10.21
CA LYS H 109 25.34 17.25 10.28
C LYS H 109 24.90 16.70 11.64
N GLY H 110 25.11 15.40 11.82
CA GLY H 110 24.66 14.71 13.00
C GLY H 110 23.31 14.05 12.81
N MET H 111 22.97 13.20 13.78
CA MET H 111 21.68 12.54 13.76
C MET H 111 20.58 13.52 14.13
N LEU H 112 19.45 13.44 13.42
CA LEU H 112 18.36 14.37 13.66
C LEU H 112 17.82 14.22 15.07
N SER H 113 17.12 15.25 15.53
CA SER H 113 16.69 15.31 16.92
C SER H 113 15.45 14.46 17.17
N GLY H 114 14.54 14.39 16.20
CA GLY H 114 13.27 13.73 16.41
C GLY H 114 12.17 14.63 16.90
N ASP H 115 12.37 15.94 16.86
CA ASP H 115 11.37 16.92 17.28
C ASP H 115 11.09 17.85 16.12
N PRO H 116 9.98 17.67 15.41
CA PRO H 116 9.73 18.46 14.19
C PRO H 116 9.69 19.96 14.42
N ALA H 117 9.56 20.40 15.67
CA ALA H 117 9.52 21.82 15.97
C ALA H 117 10.89 22.42 16.26
N LYS H 118 11.93 21.59 16.34
CA LYS H 118 13.26 22.11 16.60
C LYS H 118 13.80 22.82 15.36
N ASN H 119 14.71 23.76 15.60
CA ASN H 119 15.44 24.41 14.52
C ASN H 119 16.89 24.61 14.94
N TYR H 120 17.79 24.29 14.02
CA TYR H 120 19.21 24.44 14.25
C TYR H 120 19.65 25.84 13.87
N GLU H 121 20.88 26.18 14.25
CA GLU H 121 21.43 27.50 14.01
C GLU H 121 22.73 27.41 13.22
N LEU H 122 22.90 28.31 12.28
CA LEU H 122 24.15 28.47 11.55
C LEU H 122 24.58 29.92 11.61
N GLU H 123 25.89 30.14 11.51
CA GLU H 123 26.47 31.47 11.62
C GLU H 123 27.26 31.79 10.36
N GLU H 124 27.09 33.00 9.85
CA GLU H 124 27.80 33.47 8.67
C GLU H 124 28.18 34.93 8.86
N LYS H 125 28.85 35.49 7.86
CA LYS H 125 29.32 36.86 7.92
C LYS H 125 28.21 37.86 7.55
N PRO H 142 27.83 38.96 12.69
CA PRO H 142 27.65 37.53 12.44
C PRO H 142 26.19 37.14 12.27
N LEU H 143 25.72 37.10 11.02
CA LEU H 143 24.32 36.77 10.74
C LEU H 143 24.05 35.32 11.11
N VAL H 144 23.07 35.08 11.96
CA VAL H 144 22.67 33.73 12.34
C VAL H 144 21.37 33.38 11.63
N PHE H 145 21.33 32.19 11.05
CA PHE H 145 20.13 31.63 10.45
C PHE H 145 19.60 30.52 11.34
N GLN H 146 18.27 30.40 11.38
CA GLN H 146 17.60 29.31 12.07
C GLN H 146 16.90 28.45 11.04
N ILE H 147 17.33 27.20 10.93
CA ILE H 147 16.87 26.27 9.90
C ILE H 147 15.96 25.25 10.59
N PRO H 148 14.71 25.12 10.17
CA PRO H 148 13.83 24.13 10.79
C PRO H 148 14.29 22.72 10.49
N GLU H 149 13.98 21.81 11.40
CA GLU H 149 14.44 20.43 11.28
C GLU H 149 13.83 19.75 10.05
N LEU H 150 12.57 20.05 9.74
CA LEU H 150 11.96 19.43 8.58
C LEU H 150 12.64 19.87 7.30
N ALA H 151 13.25 21.05 7.29
CA ALA H 151 14.05 21.46 6.14
C ALA H 151 15.26 20.56 5.97
N VAL H 152 15.97 20.30 7.07
CA VAL H 152 17.12 19.38 7.03
C VAL H 152 16.68 18.01 6.54
N LEU H 153 15.55 17.52 7.04
CA LEU H 153 15.04 16.23 6.63
C LEU H 153 14.78 16.20 5.12
N ARG H 154 14.09 17.22 4.62
CA ARG H 154 13.79 17.27 3.19
C ARG H 154 15.06 17.32 2.37
N CYS H 155 16.07 18.07 2.82
CA CYS H 155 17.31 18.17 2.06
C CYS H 155 18.05 16.85 2.02
N ARG H 156 18.11 16.15 3.16
CA ARG H 156 18.77 14.84 3.16
C ARG H 156 18.05 13.87 2.25
N VAL H 157 16.71 13.89 2.27
CA VAL H 157 15.96 13.01 1.40
C VAL H 157 16.21 13.35 -0.06
N ASP H 158 16.29 14.64 -0.39
CA ASP H 158 16.56 15.04 -1.76
C ASP H 158 17.93 14.57 -2.23
N ALA H 159 18.93 14.71 -1.36
CA ALA H 159 20.27 14.26 -1.73
C ALA H 159 20.31 12.76 -1.98
N ILE H 160 19.78 11.99 -1.03
CA ILE H 160 19.76 10.55 -1.20
C ILE H 160 18.97 10.15 -2.44
N ALA H 161 17.91 10.88 -2.75
CA ALA H 161 17.08 10.52 -3.89
C ALA H 161 17.79 10.79 -5.21
N THR H 162 18.38 11.98 -5.34
CA THR H 162 19.12 12.27 -6.57
C THR H 162 20.37 11.41 -6.70
N ALA H 163 20.84 10.82 -5.61
CA ALA H 163 22.00 9.96 -5.73
C ALA H 163 21.62 8.55 -6.19
N THR H 164 20.56 7.98 -5.63
CA THR H 164 20.31 6.57 -5.92
C THR H 164 19.16 6.29 -6.90
N SER H 165 17.92 6.44 -6.45
CA SER H 165 16.71 6.19 -7.24
C SER H 165 16.82 5.06 -8.25
N VAL H 166 17.14 3.86 -7.83
CA VAL H 166 17.54 2.79 -8.73
C VAL H 166 16.32 2.04 -9.26
N ILE H 167 16.31 1.76 -10.57
CA ILE H 167 15.36 0.85 -11.19
C ILE H 167 16.13 -0.06 -12.13
N PRO H 168 15.56 -1.16 -12.62
CA PRO H 168 16.25 -1.95 -13.64
C PRO H 168 16.30 -1.22 -14.97
N THR H 169 17.24 -1.64 -15.81
CA THR H 169 17.42 -1.02 -17.11
C THR H 169 16.37 -1.53 -18.08
N ASP H 170 15.77 -0.61 -18.83
CA ASP H 170 14.73 -0.89 -19.82
C ASP H 170 13.45 -1.41 -19.19
N SER H 171 13.25 -1.15 -17.90
CA SER H 171 11.98 -1.49 -17.27
C SER H 171 10.92 -0.43 -17.54
N THR H 172 11.32 0.78 -17.89
CA THR H 172 10.41 1.84 -18.31
C THR H 172 10.51 2.01 -19.82
N ILE H 173 9.59 2.81 -20.36
CA ILE H 173 9.54 3.04 -21.80
C ILE H 173 8.78 4.35 -22.04
N LEU H 174 8.97 4.92 -23.21
CA LEU H 174 8.31 6.16 -23.57
C LEU H 174 7.08 5.86 -24.41
N ASN H 175 5.99 6.58 -24.15
CA ASN H 175 4.76 6.36 -24.88
C ASN H 175 4.52 7.51 -25.85
N ALA H 176 3.38 7.47 -26.53
CA ALA H 176 3.09 8.44 -27.59
C ALA H 176 3.06 9.86 -27.04
N ALA H 177 2.48 10.06 -25.88
CA ALA H 177 2.46 11.40 -25.29
C ALA H 177 3.80 11.80 -24.69
N SER H 178 4.86 11.03 -24.96
CA SER H 178 6.19 11.30 -24.44
C SER H 178 6.19 11.30 -22.92
N GLN H 179 5.61 10.25 -22.34
CA GLN H 179 5.61 10.02 -20.92
C GLN H 179 6.26 8.69 -20.61
N VAL H 180 6.88 8.61 -19.44
CA VAL H 180 7.61 7.42 -19.01
C VAL H 180 6.62 6.49 -18.31
N VAL H 181 6.40 5.33 -18.91
CA VAL H 181 5.42 4.37 -18.37
C VAL H 181 6.11 3.03 -18.21
N PRO H 182 5.57 2.16 -17.36
CA PRO H 182 6.14 0.82 -17.24
C PRO H 182 6.17 0.08 -18.56
N ASN H 183 7.27 -0.61 -18.81
CA ASN H 183 7.41 -1.45 -19.99
C ASN H 183 6.85 -2.81 -19.63
N ARG H 184 5.60 -3.06 -20.02
CA ARG H 184 4.92 -4.28 -19.61
C ARG H 184 5.42 -5.51 -20.33
N LEU H 185 6.24 -5.35 -21.36
CA LEU H 185 6.87 -6.48 -22.05
C LEU H 185 8.31 -6.68 -21.61
N PHE H 186 8.71 -6.07 -20.51
CA PHE H 186 10.05 -6.24 -19.98
C PHE H 186 10.29 -7.70 -19.64
N ALA H 187 11.40 -8.24 -20.12
CA ALA H 187 11.70 -9.65 -19.93
C ALA H 187 12.64 -9.92 -18.77
N GLY H 188 13.35 -8.92 -18.28
CA GLY H 188 14.29 -9.09 -17.20
C GLY H 188 15.70 -8.73 -17.59
N ALA H 189 16.54 -8.56 -16.57
CA ALA H 189 17.93 -8.24 -16.80
C ALA H 189 18.68 -9.50 -17.22
N ALA H 190 19.42 -9.39 -18.32
CA ALA H 190 20.14 -10.56 -18.82
C ALA H 190 21.23 -11.00 -17.86
N TYR H 191 21.98 -10.06 -17.31
CA TYR H 191 23.08 -10.35 -16.39
C TYR H 191 22.82 -9.59 -15.10
N PRO H 192 22.10 -10.20 -14.15
CA PRO H 192 21.69 -9.45 -12.95
C PRO H 192 22.82 -9.12 -12.00
N GLU H 193 23.99 -9.73 -12.16
CA GLU H 193 25.09 -9.46 -11.24
C GLU H 193 25.99 -8.34 -11.72
N LYS H 194 25.68 -7.71 -12.84
CA LYS H 194 26.47 -6.61 -13.37
C LYS H 194 25.72 -5.30 -13.21
N LEU H 195 26.45 -4.23 -12.92
CA LEU H 195 25.84 -2.93 -12.73
C LEU H 195 25.17 -2.38 -13.97
N GLU H 196 25.42 -2.96 -15.15
CA GLU H 196 24.76 -2.48 -16.35
C GLU H 196 23.28 -2.80 -16.36
N SER H 197 22.83 -3.73 -15.53
CA SER H 197 21.43 -4.12 -15.50
C SER H 197 20.55 -3.10 -14.80
N TYR H 198 21.12 -2.13 -14.12
CA TYR H 198 20.36 -1.18 -13.34
C TYR H 198 20.71 0.24 -13.76
N GLN H 199 19.83 1.17 -13.44
CA GLN H 199 20.01 2.55 -13.85
C GLN H 199 19.31 3.45 -12.85
N HIS H 200 19.55 4.75 -13.01
CA HIS H 200 18.80 5.73 -12.25
C HIS H 200 17.42 5.91 -12.85
N ARG H 201 16.48 6.31 -12.00
CA ARG H 201 15.11 6.50 -12.44
C ARG H 201 15.01 7.64 -13.44
N PHE H 202 15.78 8.71 -13.24
CA PHE H 202 15.71 9.92 -14.03
C PHE H 202 16.51 9.84 -15.32
N SER H 203 16.96 8.65 -15.72
CA SER H 203 17.61 8.48 -17.01
C SER H 203 16.59 8.02 -18.03
N LEU H 204 16.56 8.68 -19.18
CA LEU H 204 15.56 8.36 -20.18
C LEU H 204 15.74 6.94 -20.69
N PRO H 205 14.66 6.27 -21.06
CA PRO H 205 14.79 4.95 -21.70
C PRO H 205 15.56 5.06 -23.00
N GLY H 206 16.43 4.09 -23.25
CA GLY H 206 17.23 4.08 -24.44
C GLY H 206 18.40 5.02 -24.45
N SER H 207 18.69 5.68 -23.33
CA SER H 207 19.81 6.62 -23.27
C SER H 207 21.14 5.93 -22.99
N GLY H 208 21.14 4.65 -22.64
CA GLY H 208 22.36 3.93 -22.41
C GLY H 208 23.14 4.31 -21.17
N VAL H 209 22.60 5.18 -20.33
CA VAL H 209 23.25 5.56 -19.08
C VAL H 209 22.76 4.63 -17.99
N THR H 210 23.67 3.91 -17.37
CA THR H 210 23.35 2.94 -16.32
C THR H 210 24.16 3.28 -15.07
N LEU H 211 24.12 2.37 -14.10
CA LEU H 211 24.89 2.58 -12.89
C LEU H 211 26.38 2.39 -13.11
N SER H 212 26.77 1.75 -14.20
CA SER H 212 28.20 1.60 -14.48
C SER H 212 28.83 2.93 -14.89
N GLN H 213 28.03 3.93 -15.26
CA GLN H 213 28.56 5.25 -15.52
C GLN H 213 28.77 6.06 -14.25
N ASP H 214 28.32 5.55 -13.11
CA ASP H 214 28.58 6.23 -11.85
C ASP H 214 30.04 6.10 -11.46
N LEU H 215 30.45 6.86 -10.46
CA LEU H 215 31.80 6.78 -9.95
C LEU H 215 32.12 5.36 -9.54
N ARG H 216 33.14 4.79 -10.16
CA ARG H 216 33.50 3.40 -9.92
C ARG H 216 33.82 3.17 -8.46
N GLY H 217 33.11 2.22 -7.84
CA GLY H 217 33.33 1.88 -6.47
C GLY H 217 32.28 2.38 -5.50
N THR H 218 31.24 3.06 -5.98
CA THR H 218 30.20 3.57 -5.12
C THR H 218 28.99 2.63 -5.03
N TRP H 219 29.04 1.49 -5.70
CA TRP H 219 27.96 0.51 -5.67
C TRP H 219 28.55 -0.87 -5.44
N ALA H 220 27.83 -1.69 -4.67
CA ALA H 220 28.18 -3.09 -4.50
C ALA H 220 27.00 -3.95 -4.92
N VAL H 221 27.28 -5.10 -5.53
CA VAL H 221 26.23 -5.98 -6.02
C VAL H 221 26.54 -7.39 -5.53
N GLN H 222 25.58 -8.00 -4.83
CA GLN H 222 25.67 -9.40 -4.45
C GLN H 222 24.53 -10.14 -5.12
N TYR H 223 24.83 -11.17 -5.88
CA TYR H 223 23.83 -11.89 -6.65
C TYR H 223 23.82 -13.35 -6.26
N ASP H 224 22.69 -13.81 -5.74
CA ASP H 224 22.48 -15.22 -5.43
C ASP H 224 21.94 -15.89 -6.69
N ALA H 225 22.83 -16.51 -7.45
CA ALA H 225 22.45 -17.01 -8.77
C ALA H 225 21.52 -18.21 -8.72
N PHE H 226 21.35 -18.83 -7.56
CA PHE H 226 20.47 -19.98 -7.47
C PHE H 226 19.02 -19.57 -7.24
N LYS H 227 18.78 -18.66 -6.30
CA LYS H 227 17.46 -18.14 -6.09
C LYS H 227 17.12 -16.98 -7.02
N GLY H 228 18.13 -16.30 -7.55
CA GLY H 228 17.87 -15.23 -8.50
C GLY H 228 17.53 -13.90 -7.86
N VAL H 229 18.20 -13.55 -6.77
CA VAL H 229 17.94 -12.31 -6.05
C VAL H 229 19.24 -11.52 -5.99
N ALA H 230 19.25 -10.35 -6.62
CA ALA H 230 20.39 -9.46 -6.57
C ALA H 230 20.12 -8.34 -5.58
N GLN H 231 21.14 -7.98 -4.82
CA GLN H 231 21.09 -6.88 -3.86
C GLN H 231 22.14 -5.86 -4.26
N VAL H 232 21.71 -4.62 -4.46
CA VAL H 232 22.58 -3.53 -4.82
C VAL H 232 22.62 -2.57 -3.65
N ARG H 233 23.79 -2.40 -3.05
CA ARG H 233 23.96 -1.52 -1.91
C ARG H 233 24.74 -0.29 -2.32
N SER H 234 24.29 0.87 -1.83
CA SER H 234 25.06 2.09 -2.05
C SER H 234 26.15 2.19 -1.00
N LEU H 235 27.37 2.43 -1.45
CA LEU H 235 28.47 2.68 -0.53
C LEU H 235 28.69 4.16 -0.29
N LEU H 236 28.21 5.01 -1.19
CA LEU H 236 28.31 6.45 -1.00
C LEU H 236 27.32 6.93 0.05
N PHE H 237 26.11 6.36 0.03
CA PHE H 237 25.08 6.60 1.05
C PHE H 237 24.79 5.26 1.71
N PRO H 238 25.63 4.84 2.65
CA PRO H 238 25.40 3.54 3.29
C PRO H 238 24.08 3.52 4.02
N GLY H 239 23.21 2.61 3.60
CA GLY H 239 21.87 2.56 4.13
C GLY H 239 20.84 2.46 3.04
N TYR H 240 21.23 2.73 1.80
CA TYR H 240 20.35 2.56 0.66
C TYR H 240 20.53 1.18 0.08
N PHE H 241 19.46 0.38 0.11
CA PHE H 241 19.47 -0.97 -0.40
C PHE H 241 18.43 -1.12 -1.50
N PHE H 242 18.77 -1.87 -2.53
CA PHE H 242 17.87 -2.16 -3.62
C PHE H 242 17.90 -3.65 -3.85
N TYR H 243 16.76 -4.25 -4.17
CA TYR H 243 16.70 -5.67 -4.46
C TYR H 243 16.01 -5.87 -5.80
N TYR H 244 16.41 -6.94 -6.48
CA TYR H 244 15.83 -7.33 -7.74
C TYR H 244 15.70 -8.84 -7.76
N ALA H 245 14.47 -9.35 -7.81
CA ALA H 245 14.20 -10.77 -7.92
C ALA H 245 13.86 -11.08 -9.37
N ALA H 246 14.65 -11.97 -9.98
CA ALA H 246 14.61 -12.20 -11.42
C ALA H 246 13.68 -13.33 -11.82
N ASN H 247 13.36 -14.25 -10.92
CA ASN H 247 12.44 -15.32 -11.27
C ASN H 247 10.99 -14.85 -11.17
N GLU H 248 10.72 -13.86 -10.34
CA GLU H 248 9.39 -13.28 -10.24
C GLU H 248 9.31 -11.90 -10.85
N LEU H 249 10.43 -11.32 -11.26
CA LEU H 249 10.49 -10.01 -11.90
C LEU H 249 9.91 -8.92 -11.00
N THR H 250 10.43 -8.84 -9.78
CA THR H 250 10.06 -7.75 -8.89
C THR H 250 11.32 -7.02 -8.45
N TRP H 251 11.14 -5.81 -7.94
CA TRP H 251 12.28 -5.06 -7.47
C TRP H 251 11.79 -3.95 -6.56
N GLY H 252 12.72 -3.38 -5.82
CA GLY H 252 12.36 -2.29 -4.94
C GLY H 252 13.48 -1.88 -4.01
N SER H 253 13.43 -0.66 -3.51
CA SER H 253 14.52 -0.13 -2.72
C SER H 253 13.99 0.49 -1.44
N LEU H 254 14.92 0.80 -0.54
CA LEU H 254 14.57 1.36 0.75
C LEU H 254 15.81 2.01 1.34
N TYR H 255 15.63 3.16 2.00
CA TYR H 255 16.71 3.77 2.75
C TYR H 255 16.42 3.65 4.24
N VAL H 256 17.43 3.26 5.02
CA VAL H 256 17.31 3.19 6.47
C VAL H 256 18.60 3.70 7.07
N GLY H 257 18.54 4.82 7.79
CA GLY H 257 19.72 5.42 8.38
C GLY H 257 19.56 6.90 8.57
N ASP H 258 20.60 7.51 9.15
CA ASP H 258 20.51 8.91 9.59
C ASP H 258 20.54 9.90 8.44
N GLY H 259 20.94 9.49 7.24
CA GLY H 259 20.83 10.33 6.07
C GLY H 259 22.08 11.07 5.66
N LEU H 260 23.21 10.81 6.31
CA LEU H 260 24.45 11.54 6.03
C LEU H 260 25.26 10.80 4.98
N ARG H 261 25.91 11.56 4.11
CA ARG H 261 26.75 10.95 3.08
C ARG H 261 28.07 10.48 3.67
N ASN H 262 28.64 9.45 3.04
CA ASN H 262 29.92 8.88 3.43
C ASN H 262 31.01 9.57 2.62
N ASN H 263 31.71 10.51 3.24
CA ASN H 263 32.74 11.28 2.55
C ASN H 263 34.11 10.62 2.60
N ASP H 264 34.32 9.69 3.51
CA ASP H 264 35.60 8.99 3.64
C ASP H 264 35.72 7.80 2.72
N LEU H 265 34.94 7.76 1.63
CA LEU H 265 34.85 6.54 0.83
C LEU H 265 36.19 6.16 0.23
N ILE H 266 37.01 7.14 -0.14
CA ILE H 266 38.28 6.83 -0.78
C ILE H 266 39.20 6.09 0.17
N PHE H 267 39.09 6.35 1.47
CA PHE H 267 39.93 5.67 2.45
C PHE H 267 39.38 4.33 2.88
N MET H 268 38.12 4.04 2.58
CA MET H 268 37.48 2.82 3.05
C MET H 268 37.44 1.71 2.02
N LEU H 269 37.62 2.03 0.75
CA LEU H 269 37.63 1.02 -0.28
C LEU H 269 38.97 0.31 -0.33
N VAL I 2 1.46 -7.15 -14.65
CA VAL I 2 0.88 -8.48 -14.68
C VAL I 2 1.87 -9.52 -14.20
N GLN I 3 1.53 -10.21 -13.13
CA GLN I 3 2.40 -11.25 -12.60
C GLN I 3 2.59 -12.36 -13.64
N LEU I 4 3.65 -13.14 -13.45
CA LEU I 4 3.91 -14.31 -14.27
C LEU I 4 3.65 -15.61 -13.54
N GLU I 5 3.56 -15.57 -12.22
CA GLU I 5 3.40 -16.73 -11.38
C GLU I 5 3.03 -16.25 -9.99
N PRO I 6 2.11 -16.90 -9.29
CA PRO I 6 1.72 -16.43 -7.95
C PRO I 6 2.90 -16.46 -6.99
N ASN I 7 2.94 -15.47 -6.11
CA ASN I 7 4.00 -15.30 -5.13
C ASN I 7 3.50 -15.76 -3.78
N ILE I 8 4.20 -16.72 -3.17
CA ILE I 8 3.72 -17.30 -1.93
C ILE I 8 3.68 -16.28 -0.81
N THR I 9 4.58 -15.30 -0.84
CA THR I 9 4.58 -14.27 0.19
C THR I 9 3.31 -13.44 0.12
N LEU I 10 2.94 -12.99 -1.07
CA LEU I 10 1.72 -12.21 -1.22
C LEU I 10 0.49 -13.05 -0.93
N VAL I 11 0.50 -14.32 -1.31
CA VAL I 11 -0.63 -15.19 -1.00
C VAL I 11 -0.82 -15.31 0.50
N LEU I 12 0.25 -15.64 1.21
CA LEU I 12 0.14 -15.78 2.66
C LEU I 12 -0.18 -14.46 3.33
N LYS I 13 0.17 -13.34 2.70
CA LYS I 13 -0.15 -12.05 3.30
C LYS I 13 -1.62 -11.69 3.11
N HIS I 14 -2.16 -11.92 1.92
CA HIS I 14 -3.53 -11.51 1.64
C HIS I 14 -4.55 -12.48 2.20
N LEU I 15 -4.24 -13.78 2.24
CA LEU I 15 -5.20 -14.78 2.69
C LEU I 15 -5.03 -15.14 4.15
N ALA I 16 -4.26 -14.36 4.91
CA ALA I 16 -4.11 -14.66 6.33
C ALA I 16 -5.36 -14.30 7.11
N SER I 17 -6.08 -13.26 6.68
CA SER I 17 -7.33 -12.91 7.34
C SER I 17 -8.36 -14.04 7.23
N CYS I 18 -8.30 -14.80 6.16
CA CYS I 18 -9.20 -15.94 5.98
C CYS I 18 -8.72 -17.18 6.74
N GLY I 19 -7.77 -17.03 7.65
CA GLY I 19 -7.26 -18.15 8.39
C GLY I 19 -6.38 -19.11 7.62
N ALA I 20 -6.06 -18.81 6.37
CA ALA I 20 -5.17 -19.65 5.57
C ALA I 20 -3.74 -19.26 5.90
N VAL I 21 -3.16 -19.92 6.89
CA VAL I 21 -1.83 -19.61 7.37
C VAL I 21 -0.99 -20.88 7.40
N VAL I 22 0.32 -20.68 7.48
CA VAL I 22 1.28 -21.77 7.61
C VAL I 22 2.19 -21.44 8.80
N SER I 23 2.80 -22.47 9.35
CA SER I 23 3.72 -22.26 10.46
C SER I 23 4.90 -21.41 10.02
N ALA I 24 5.61 -20.84 11.00
CA ALA I 24 6.77 -20.01 10.69
C ALA I 24 7.93 -20.85 10.16
N GLU I 25 8.23 -21.95 10.85
CA GLU I 25 9.26 -22.86 10.37
C GLU I 25 8.93 -23.36 8.97
N GLN I 26 7.67 -23.75 8.75
CA GLN I 26 7.30 -24.21 7.42
C GLN I 26 7.40 -23.10 6.39
N GLN I 27 7.18 -21.85 6.79
CA GLN I 27 7.31 -20.75 5.85
C GLN I 27 8.76 -20.59 5.38
N ALA I 28 9.69 -20.57 6.33
CA ALA I 28 11.11 -20.52 5.97
C ALA I 28 11.52 -21.73 5.13
N ALA I 29 11.11 -22.92 5.57
CA ALA I 29 11.47 -24.14 4.87
C ALA I 29 10.96 -24.12 3.44
N LEU I 30 9.76 -23.58 3.22
CA LEU I 30 9.24 -23.46 1.86
C LEU I 30 10.09 -22.51 1.04
N ASP I 31 10.42 -21.36 1.63
CA ASP I 31 11.25 -20.38 0.95
C ASP I 31 12.54 -20.99 0.44
N HIS I 32 13.06 -21.99 1.13
CA HIS I 32 14.24 -22.67 0.60
C HIS I 32 13.90 -23.82 -0.34
N SER I 33 12.89 -24.62 -0.01
CA SER I 33 12.68 -25.91 -0.66
C SER I 33 12.01 -25.80 -2.02
N ILE I 34 11.13 -24.83 -2.22
CA ILE I 34 10.41 -24.74 -3.50
C ILE I 34 11.36 -24.57 -4.67
N PRO I 35 12.33 -23.66 -4.65
CA PRO I 35 13.24 -23.54 -5.81
C PRO I 35 14.04 -24.80 -6.08
N ILE I 36 14.52 -25.46 -5.03
CA ILE I 36 15.30 -26.68 -5.22
C ILE I 36 14.50 -27.71 -6.00
N LYS I 37 13.28 -27.99 -5.53
CA LYS I 37 12.47 -29.01 -6.19
C LYS I 37 12.06 -28.57 -7.58
N ARG I 38 11.76 -27.29 -7.76
CA ARG I 38 11.38 -26.80 -9.06
C ARG I 38 12.50 -26.99 -10.08
N ILE I 39 13.73 -26.75 -9.67
CA ILE I 39 14.86 -26.92 -10.58
C ILE I 39 15.10 -28.41 -10.83
N GLU I 40 15.21 -29.20 -9.77
CA GLU I 40 15.58 -30.59 -9.96
C GLU I 40 14.46 -31.43 -10.54
N ALA I 41 13.27 -30.86 -10.75
CA ALA I 41 12.23 -31.56 -11.48
C ALA I 41 12.06 -31.04 -12.91
N GLY I 42 12.78 -29.99 -13.27
CA GLY I 42 12.69 -29.46 -14.62
C GLY I 42 11.43 -28.69 -14.92
N LEU I 43 10.76 -28.17 -13.91
CA LEU I 43 9.46 -27.54 -14.09
C LEU I 43 9.60 -26.04 -14.24
N ARG I 44 8.73 -25.45 -15.05
CA ARG I 44 8.70 -24.01 -15.21
C ARG I 44 7.97 -23.32 -14.07
N SER I 45 6.92 -23.94 -13.54
CA SER I 45 6.17 -23.36 -12.44
C SER I 45 5.99 -24.40 -11.35
N LEU I 46 6.09 -23.95 -10.10
CA LEU I 46 5.83 -24.80 -8.94
C LEU I 46 5.43 -23.90 -7.79
N THR I 47 4.25 -24.13 -7.22
CA THR I 47 3.74 -23.28 -6.15
C THR I 47 3.14 -24.13 -5.05
N LEU I 48 2.90 -23.50 -3.92
CA LEU I 48 2.21 -24.15 -2.81
C LEU I 48 0.72 -24.19 -3.11
N TRP I 49 0.17 -25.39 -3.22
CA TRP I 49 -1.24 -25.57 -3.51
C TRP I 49 -2.07 -25.50 -2.24
N GLY I 50 -1.65 -26.19 -1.19
CA GLY I 50 -2.43 -26.12 0.02
C GLY I 50 -1.84 -26.93 1.15
N ARG I 51 -2.67 -27.13 2.16
CA ARG I 51 -2.26 -27.72 3.43
C ARG I 51 -3.45 -28.46 4.02
N LEU I 52 -3.33 -29.77 4.16
CA LEU I 52 -4.40 -30.61 4.66
C LEU I 52 -4.09 -31.03 6.08
N THR I 53 -5.04 -30.80 6.99
CA THR I 53 -4.83 -31.10 8.40
C THR I 53 -5.01 -32.58 8.66
N THR I 54 -4.27 -33.07 9.65
CA THR I 54 -4.26 -34.48 9.99
C THR I 54 -4.51 -34.66 11.48
N LEU I 55 -4.73 -35.91 11.88
CA LEU I 55 -5.11 -36.20 13.25
C LEU I 55 -3.92 -36.24 14.20
N ASN I 56 -2.70 -36.38 13.70
CA ASN I 56 -1.53 -36.46 14.56
C ASN I 56 -0.69 -35.20 14.53
N GLY I 57 -1.15 -34.15 13.87
CA GLY I 57 -0.48 -32.87 13.90
C GLY I 57 0.53 -32.65 12.80
N LYS I 58 0.80 -33.64 11.97
CA LYS I 58 1.74 -33.51 10.87
C LYS I 58 0.95 -33.28 9.58
N ASP I 59 0.56 -32.04 9.37
CA ASP I 59 -0.26 -31.70 8.22
C ASP I 59 0.53 -31.91 6.92
N TYR I 60 -0.20 -32.29 5.88
CA TYR I 60 0.40 -32.47 4.55
C TYR I 60 0.42 -31.14 3.83
N LEU I 61 1.60 -30.65 3.50
CA LEU I 61 1.73 -29.56 2.55
C LEU I 61 1.76 -30.16 1.16
N VAL I 62 1.01 -29.56 0.24
CA VAL I 62 0.93 -30.06 -1.12
C VAL I 62 1.35 -28.94 -2.06
N ALA I 63 2.23 -29.26 -2.99
CA ALA I 63 2.71 -28.33 -4.00
C ALA I 63 2.36 -28.86 -5.38
N GLU I 64 2.09 -27.94 -6.30
CA GLU I 64 1.68 -28.28 -7.65
C GLU I 64 2.56 -27.55 -8.64
N GLY I 65 3.04 -28.27 -9.65
CA GLY I 65 3.88 -27.67 -10.65
C GLY I 65 3.49 -28.14 -12.03
N TYR I 66 3.97 -27.42 -13.03
CA TYR I 66 3.75 -27.81 -14.41
C TYR I 66 4.76 -27.11 -15.28
N ASN I 67 4.80 -27.51 -16.55
CA ASN I 67 5.74 -26.98 -17.52
C ASN I 67 5.07 -26.13 -18.58
N VAL I 68 4.04 -26.65 -19.25
CA VAL I 68 3.32 -25.89 -20.25
C VAL I 68 1.89 -26.39 -20.32
N ALA I 69 0.98 -25.47 -20.64
CA ALA I 69 -0.44 -25.77 -20.78
C ALA I 69 -0.85 -25.65 -22.24
N SER I 70 -1.63 -26.61 -22.72
CA SER I 70 -2.00 -26.66 -24.12
C SER I 70 -3.49 -26.82 -24.26
N SER I 71 -4.04 -26.33 -25.38
CA SER I 71 -5.46 -26.45 -25.66
C SER I 71 -5.73 -27.79 -26.34
N LYS I 72 -6.50 -28.65 -25.67
CA LYS I 72 -6.88 -29.93 -26.23
C LYS I 72 -8.38 -30.13 -26.02
N GLU I 73 -9.10 -30.39 -27.11
CA GLU I 73 -10.51 -30.75 -27.06
C GLU I 73 -11.33 -29.70 -26.33
N GLY I 74 -11.03 -28.43 -26.58
CA GLY I 74 -11.77 -27.35 -25.97
C GLY I 74 -11.44 -27.09 -24.52
N ALA I 75 -10.43 -27.73 -23.97
CA ALA I 75 -10.03 -27.50 -22.59
C ALA I 75 -8.57 -27.09 -22.53
N ALA I 76 -8.24 -26.17 -21.64
CA ALA I 76 -6.86 -25.78 -21.41
C ALA I 76 -6.26 -26.77 -20.42
N VAL I 77 -5.56 -27.77 -20.95
CA VAL I 77 -5.03 -28.85 -20.13
C VAL I 77 -3.64 -28.45 -19.63
N TYR I 78 -3.47 -28.52 -18.31
CA TYR I 78 -2.19 -28.32 -17.66
C TYR I 78 -1.67 -29.68 -17.21
N GLU I 79 -0.52 -30.10 -17.75
CA GLU I 79 0.09 -31.35 -17.33
C GLU I 79 0.76 -31.14 -15.99
N THR I 80 -0.04 -31.20 -14.94
CA THR I 80 0.43 -30.88 -13.61
C THR I 80 1.02 -32.10 -12.92
N LYS I 81 1.91 -31.83 -11.99
CA LYS I 81 2.56 -32.84 -11.17
C LYS I 81 2.54 -32.35 -9.72
N TYR I 82 2.18 -33.24 -8.81
CA TYR I 82 1.98 -32.87 -7.42
C TYR I 82 3.04 -33.50 -6.53
N PHE I 83 3.41 -32.77 -5.49
CA PHE I 83 4.34 -33.25 -4.49
C PHE I 83 3.75 -32.98 -3.12
N TYR I 84 4.15 -33.79 -2.14
CA TYR I 84 3.68 -33.60 -0.79
C TYR I 84 4.87 -33.52 0.15
N SER I 85 4.61 -33.04 1.36
CA SER I 85 5.64 -32.90 2.37
C SER I 85 4.98 -32.82 3.72
N GLN I 86 5.72 -33.16 4.77
CA GLN I 86 5.21 -33.04 6.12
C GLN I 86 6.10 -32.17 7.00
N ASP I 87 7.12 -31.54 6.43
CA ASP I 87 7.94 -30.59 7.15
C ASP I 87 8.24 -29.33 6.36
N GLY I 88 8.00 -29.32 5.06
CA GLY I 88 8.30 -28.17 4.24
C GLY I 88 9.70 -28.15 3.67
N ALA I 89 10.50 -29.16 3.92
CA ALA I 89 11.88 -29.19 3.47
C ALA I 89 12.16 -30.24 2.40
N ARG I 90 11.54 -31.41 2.50
CA ARG I 90 11.78 -32.50 1.56
C ARG I 90 10.47 -32.87 0.89
N TRP I 91 10.42 -32.75 -0.43
CA TRP I 91 9.22 -33.01 -1.20
C TRP I 91 9.28 -34.40 -1.80
N SER I 92 8.22 -35.17 -1.63
CA SER I 92 8.07 -36.47 -2.25
C SER I 92 6.97 -36.42 -3.30
N ASP I 93 6.97 -37.43 -4.17
CA ASP I 93 5.98 -37.45 -5.24
C ASP I 93 4.60 -37.83 -4.70
N LEU I 94 3.58 -37.31 -5.36
CA LEU I 94 2.18 -37.64 -5.06
C LEU I 94 1.62 -38.27 -6.33
N GLN I 95 1.76 -39.58 -6.43
CA GLN I 95 1.52 -40.26 -7.70
C GLN I 95 0.03 -40.34 -8.01
N PRO I 96 -0.31 -40.32 -9.30
CA PRO I 96 -1.73 -40.40 -9.69
C PRO I 96 -2.35 -41.72 -9.25
N VAL I 97 -3.67 -41.75 -9.29
CA VAL I 97 -4.46 -42.91 -8.86
C VAL I 97 -5.33 -43.36 -10.02
N ASP I 98 -5.54 -44.67 -10.10
CA ASP I 98 -6.40 -45.24 -11.12
C ASP I 98 -7.83 -44.72 -10.99
N SER I 99 -8.64 -44.97 -12.02
CA SER I 99 -10.03 -44.57 -11.97
C SER I 99 -10.83 -45.46 -11.04
N GLU I 100 -10.54 -46.77 -11.04
CA GLU I 100 -11.29 -47.68 -10.18
C GLU I 100 -11.04 -47.37 -8.71
N THR I 101 -9.80 -47.07 -8.35
CA THR I 101 -9.50 -46.72 -6.97
C THR I 101 -10.01 -45.33 -6.62
N ALA I 102 -10.22 -44.47 -7.62
CA ALA I 102 -10.73 -43.12 -7.35
C ALA I 102 -12.08 -43.18 -6.66
N THR I 103 -12.95 -44.09 -7.08
CA THR I 103 -14.25 -44.22 -6.44
C THR I 103 -14.10 -44.66 -4.99
N ARG I 104 -13.25 -45.65 -4.73
CA ARG I 104 -13.08 -46.15 -3.38
C ARG I 104 -12.56 -45.06 -2.45
N CYS I 105 -11.51 -44.34 -2.88
CA CYS I 105 -10.99 -43.28 -2.03
C CYS I 105 -12.00 -42.15 -1.89
N ALA I 106 -12.85 -41.96 -2.88
CA ALA I 106 -13.93 -40.99 -2.73
C ALA I 106 -14.90 -41.41 -1.64
N ARG I 107 -15.04 -42.71 -1.39
CA ARG I 107 -15.93 -43.17 -0.34
C ARG I 107 -15.35 -43.02 1.06
N ILE I 108 -14.05 -42.76 1.18
CA ILE I 108 -13.42 -42.67 2.50
C ILE I 108 -13.51 -41.22 2.98
N LYS I 109 -14.01 -41.04 4.20
CA LYS I 109 -14.22 -39.73 4.77
C LYS I 109 -13.51 -39.61 6.10
N GLY I 110 -13.60 -38.45 6.71
CA GLY I 110 -12.91 -38.14 7.94
C GLY I 110 -11.58 -37.45 7.68
N MET I 111 -11.02 -36.94 8.78
CA MET I 111 -9.72 -36.28 8.69
C MET I 111 -8.63 -37.33 8.53
N LEU I 112 -7.65 -37.03 7.67
CA LEU I 112 -6.58 -37.97 7.39
C LEU I 112 -5.77 -38.26 8.64
N SER I 113 -5.06 -39.37 8.61
CA SER I 113 -4.37 -39.84 9.81
C SER I 113 -3.06 -39.11 10.05
N GLY I 114 -2.35 -38.73 8.99
CA GLY I 114 -1.03 -38.16 9.12
C GLY I 114 0.09 -39.17 9.09
N ASP I 115 -0.18 -40.40 8.70
CA ASP I 115 0.82 -41.45 8.59
C ASP I 115 0.83 -41.97 7.17
N PRO I 116 1.79 -41.57 6.35
CA PRO I 116 1.75 -41.95 4.93
C PRO I 116 1.76 -43.44 4.68
N ALA I 117 2.10 -44.25 5.68
CA ALA I 117 2.12 -45.69 5.52
C ALA I 117 0.81 -46.36 5.88
N LYS I 118 -0.15 -45.61 6.42
CA LYS I 118 -1.44 -46.19 6.78
C LYS I 118 -2.24 -46.50 5.52
N ASN I 119 -3.14 -47.47 5.63
CA ASN I 119 -4.09 -47.76 4.58
C ASN I 119 -5.44 -48.09 5.19
N TYR I 120 -6.48 -47.51 4.62
CA TYR I 120 -7.85 -47.73 5.06
C TYR I 120 -8.42 -48.97 4.37
N GLU I 121 -9.57 -49.41 4.87
CA GLU I 121 -10.23 -50.59 4.36
C GLU I 121 -11.64 -50.28 3.91
N LEU I 122 -12.03 -50.85 2.79
CA LEU I 122 -13.41 -50.79 2.31
C LEU I 122 -13.90 -52.19 2.02
N GLU I 123 -15.22 -52.38 2.12
CA GLU I 123 -15.83 -53.69 1.94
C GLU I 123 -16.87 -53.61 0.83
N GLU I 124 -16.87 -54.61 -0.05
CA GLU I 124 -17.82 -54.69 -1.15
C GLU I 124 -18.22 -56.15 -1.33
N LYS I 125 -19.10 -56.38 -2.31
CA LYS I 125 -19.62 -57.71 -2.58
C LYS I 125 -18.68 -58.52 -3.44
N PRO I 142 -17.36 -61.16 0.93
CA PRO I 142 -17.16 -59.71 1.10
C PRO I 142 -15.74 -59.27 0.78
N LEU I 143 -15.52 -58.86 -0.47
CA LEU I 143 -14.19 -58.44 -0.91
C LEU I 143 -13.77 -57.17 -0.19
N VAL I 144 -12.62 -57.21 0.48
CA VAL I 144 -12.10 -56.04 1.17
C VAL I 144 -10.94 -55.47 0.35
N PHE I 145 -10.95 -54.16 0.17
CA PHE I 145 -9.86 -53.43 -0.46
C PHE I 145 -9.11 -52.64 0.60
N GLN I 146 -7.80 -52.52 0.40
CA GLN I 146 -6.94 -51.70 1.25
C GLN I 146 -6.41 -50.55 0.40
N ILE I 147 -6.79 -49.34 0.76
CA ILE I 147 -6.49 -48.13 -0.01
C ILE I 147 -5.41 -47.36 0.75
N PRO I 148 -4.25 -47.11 0.16
CA PRO I 148 -3.22 -46.35 0.86
C PRO I 148 -3.65 -44.91 1.09
N GLU I 149 -3.12 -44.32 2.17
CA GLU I 149 -3.53 -42.98 2.54
C GLU I 149 -3.13 -41.95 1.50
N LEU I 150 -1.96 -42.12 0.87
CA LEU I 150 -1.56 -41.18 -0.16
C LEU I 150 -2.50 -41.21 -1.34
N ALA I 151 -3.16 -42.34 -1.59
CA ALA I 151 -4.18 -42.38 -2.62
C ALA I 151 -5.35 -41.47 -2.27
N VAL I 152 -5.83 -41.57 -1.03
CA VAL I 152 -6.91 -40.70 -0.56
C VAL I 152 -6.51 -39.25 -0.69
N LEU I 153 -5.27 -38.92 -0.29
CA LEU I 153 -4.79 -37.55 -0.39
C LEU I 153 -4.81 -37.07 -1.83
N ARG I 154 -4.25 -37.85 -2.73
CA ARG I 154 -4.16 -37.41 -4.14
C ARG I 154 -5.57 -37.19 -4.68
N CYS I 155 -6.52 -38.08 -4.43
CA CYS I 155 -7.90 -37.87 -4.94
C CYS I 155 -8.56 -36.66 -4.29
N ARG I 156 -8.46 -36.44 -2.99
CA ARG I 156 -9.04 -35.21 -2.46
C ARG I 156 -8.44 -34.00 -3.15
N VAL I 157 -7.14 -34.02 -3.41
CA VAL I 157 -6.51 -32.90 -4.11
C VAL I 157 -7.06 -32.77 -5.53
N ASP I 158 -7.28 -33.91 -6.20
CA ASP I 158 -7.82 -33.86 -7.56
C ASP I 158 -9.23 -33.29 -7.57
N ALA I 159 -10.06 -33.69 -6.61
CA ALA I 159 -11.42 -33.18 -6.55
C ALA I 159 -11.42 -31.66 -6.32
N ILE I 160 -10.67 -31.21 -5.31
CA ILE I 160 -10.62 -29.78 -5.03
C ILE I 160 -10.06 -29.02 -6.22
N ALA I 161 -9.11 -29.62 -6.95
CA ALA I 161 -8.49 -28.91 -8.06
C ALA I 161 -9.46 -28.78 -9.23
N THR I 162 -10.14 -29.86 -9.60
CA THR I 162 -11.11 -29.77 -10.68
C THR I 162 -12.31 -28.93 -10.29
N ALA I 163 -12.53 -28.71 -9.00
CA ALA I 163 -13.64 -27.86 -8.62
C ALA I 163 -13.28 -26.38 -8.70
N THR I 164 -12.11 -25.99 -8.22
CA THR I 164 -11.85 -24.55 -8.13
C THR I 164 -10.90 -23.97 -9.17
N SER I 165 -9.60 -24.26 -9.05
CA SER I 165 -8.55 -23.77 -9.95
C SER I 165 -8.79 -22.38 -10.54
N VAL I 166 -8.96 -21.36 -9.70
CA VAL I 166 -9.48 -20.08 -10.16
C VAL I 166 -8.34 -19.18 -10.66
N ILE I 167 -8.57 -18.53 -11.79
CA ILE I 167 -7.71 -17.45 -12.29
C ILE I 167 -8.60 -16.30 -12.74
N PRO I 168 -8.07 -15.10 -12.98
CA PRO I 168 -8.90 -14.05 -13.55
C PRO I 168 -9.25 -14.33 -15.00
N THR I 169 -10.30 -13.69 -15.47
CA THR I 169 -10.76 -13.88 -16.84
C THR I 169 -9.90 -13.08 -17.80
N ASP I 170 -9.50 -13.72 -18.90
CA ASP I 170 -8.66 -13.15 -19.94
C ASP I 170 -7.26 -12.83 -19.45
N SER I 171 -6.82 -13.47 -18.37
CA SER I 171 -5.44 -13.34 -17.94
C SER I 171 -4.51 -14.25 -18.71
N THR I 172 -5.03 -15.30 -19.33
CA THR I 172 -4.29 -16.16 -20.21
C THR I 172 -4.68 -15.87 -21.65
N ILE I 173 -3.93 -16.46 -22.58
CA ILE I 173 -4.17 -16.24 -24.01
C ILE I 173 -3.54 -17.40 -24.77
N LEU I 174 -3.97 -17.59 -26.00
CA LEU I 174 -3.47 -18.66 -26.85
C LEU I 174 -2.41 -18.10 -27.78
N ASN I 175 -1.33 -18.85 -27.97
CA ASN I 175 -0.25 -18.41 -28.84
C ASN I 175 -0.26 -19.21 -30.13
N ALA I 176 0.73 -18.95 -30.98
CA ALA I 176 0.75 -19.55 -32.31
C ALA I 176 0.81 -21.07 -32.25
N ALA I 177 1.59 -21.60 -31.34
CA ALA I 177 1.65 -23.06 -31.19
C ALA I 177 0.44 -23.62 -30.50
N SER I 178 -0.61 -22.83 -30.30
CA SER I 178 -1.83 -23.27 -29.63
C SER I 178 -1.53 -23.73 -28.21
N GLN I 179 -0.80 -22.89 -27.48
CA GLN I 179 -0.52 -23.12 -26.07
C GLN I 179 -1.03 -21.95 -25.26
N VAL I 180 -1.40 -22.24 -24.01
CA VAL I 180 -1.96 -21.25 -23.11
C VAL I 180 -0.82 -20.57 -22.38
N VAL I 181 -0.65 -19.27 -22.62
CA VAL I 181 0.45 -18.52 -22.04
C VAL I 181 -0.11 -17.30 -21.33
N PRO I 182 0.63 -16.72 -20.39
CA PRO I 182 0.17 -15.49 -19.75
C PRO I 182 -0.08 -14.39 -20.77
N ASN I 183 -1.17 -13.67 -20.56
CA ASN I 183 -1.49 -12.51 -21.38
C ASN I 183 -0.79 -11.31 -20.75
N ARG I 184 0.36 -10.95 -21.29
CA ARG I 184 1.18 -9.91 -20.67
C ARG I 184 0.61 -8.51 -20.87
N LEU I 185 -0.40 -8.36 -21.72
CA LEU I 185 -1.08 -7.08 -21.90
C LEU I 185 -2.40 -7.03 -21.14
N PHE I 186 -2.62 -7.96 -20.22
CA PHE I 186 -3.83 -7.96 -19.41
C PHE I 186 -3.91 -6.69 -18.59
N ALA I 187 -5.07 -6.02 -18.65
CA ALA I 187 -5.25 -4.74 -17.99
C ALA I 187 -5.93 -4.85 -16.64
N GLY I 188 -6.58 -5.96 -16.35
CA GLY I 188 -7.28 -6.14 -15.09
C GLY I 188 -8.77 -6.38 -15.31
N ALA I 189 -9.39 -6.86 -14.24
CA ALA I 189 -10.83 -7.11 -14.25
C ALA I 189 -11.57 -5.79 -14.13
N ALA I 190 -12.52 -5.56 -15.03
CA ALA I 190 -13.26 -4.30 -15.01
C ALA I 190 -14.11 -4.17 -13.76
N TYR I 191 -14.80 -5.25 -13.38
CA TYR I 191 -15.67 -5.27 -12.21
C TYR I 191 -15.22 -6.38 -11.28
N PRO I 192 -14.29 -6.09 -10.37
CA PRO I 192 -13.70 -7.16 -9.55
C PRO I 192 -14.63 -7.77 -8.55
N GLU I 193 -15.78 -7.16 -8.27
CA GLU I 193 -16.70 -7.71 -7.28
C GLU I 193 -17.74 -8.63 -7.88
N LYS I 194 -17.68 -8.89 -9.18
CA LYS I 194 -18.61 -9.78 -9.85
C LYS I 194 -17.91 -11.07 -10.24
N LEU I 195 -18.64 -12.18 -10.16
CA LEU I 195 -18.07 -13.48 -10.49
C LEU I 195 -17.68 -13.61 -11.95
N GLU I 196 -18.13 -12.70 -12.82
CA GLU I 196 -17.73 -12.77 -14.22
C GLU I 196 -16.27 -12.46 -14.43
N SER I 197 -15.62 -11.83 -13.45
CA SER I 197 -14.22 -11.46 -13.60
C SER I 197 -13.27 -12.63 -13.42
N TYR I 198 -13.76 -13.77 -12.97
CA TYR I 198 -12.91 -14.92 -12.68
C TYR I 198 -13.42 -16.13 -13.44
N GLN I 199 -12.54 -17.11 -13.59
CA GLN I 199 -12.86 -18.29 -14.36
C GLN I 199 -12.04 -19.46 -13.85
N HIS I 200 -12.37 -20.64 -14.32
CA HIS I 200 -11.54 -21.80 -14.07
C HIS I 200 -10.30 -21.77 -14.95
N ARG I 201 -9.25 -22.41 -14.47
CA ARG I 201 -8.00 -22.45 -15.22
C ARG I 201 -8.16 -23.23 -16.51
N PHE I 202 -8.93 -24.31 -16.48
CA PHE I 202 -9.08 -25.22 -17.61
C PHE I 202 -10.12 -24.75 -18.62
N SER I 203 -10.57 -23.51 -18.56
CA SER I 203 -11.44 -22.95 -19.56
C SER I 203 -10.61 -22.19 -20.58
N LEU I 204 -10.84 -22.46 -21.86
CA LEU I 204 -10.03 -21.85 -22.90
C LEU I 204 -10.25 -20.33 -22.91
N PRO I 205 -9.21 -19.57 -23.26
CA PRO I 205 -9.39 -18.14 -23.43
C PRO I 205 -10.39 -17.84 -24.53
N GLY I 206 -11.25 -16.85 -24.29
CA GLY I 206 -12.26 -16.48 -25.24
C GLY I 206 -13.47 -17.39 -25.30
N SER I 207 -13.57 -18.36 -24.39
CA SER I 207 -14.71 -19.27 -24.40
C SER I 207 -15.92 -18.72 -23.68
N GLY I 208 -15.77 -17.60 -22.95
CA GLY I 208 -16.90 -17.00 -22.28
C GLY I 208 -17.44 -17.75 -21.09
N VAL I 209 -16.80 -18.84 -20.67
CA VAL I 209 -17.21 -19.58 -19.49
C VAL I 209 -16.46 -19.03 -18.29
N THR I 210 -17.21 -18.54 -17.30
CA THR I 210 -16.64 -17.94 -16.11
C THR I 210 -17.20 -18.65 -14.88
N LEU I 211 -16.94 -18.09 -13.71
CA LEU I 211 -17.46 -18.67 -12.49
C LEU I 211 -18.96 -18.43 -12.34
N SER I 212 -19.52 -17.48 -13.08
CA SER I 212 -20.96 -17.27 -13.03
C SER I 212 -21.73 -18.41 -13.67
N GLN I 213 -21.06 -19.24 -14.48
CA GLN I 213 -21.71 -20.42 -15.03
C GLN I 213 -21.72 -21.58 -14.04
N ASP I 214 -21.03 -21.45 -12.92
CA ASP I 214 -21.07 -22.48 -11.90
C ASP I 214 -22.42 -22.49 -11.19
N LEU I 215 -22.66 -23.53 -10.42
CA LEU I 215 -23.89 -23.62 -9.65
C LEU I 215 -24.04 -22.39 -8.78
N ARG I 216 -25.15 -21.67 -8.96
CA ARG I 216 -25.37 -20.42 -8.26
C ARG I 216 -25.39 -20.65 -6.75
N GLY I 217 -24.52 -19.94 -6.04
CA GLY I 217 -24.45 -20.03 -4.60
C GLY I 217 -23.28 -20.80 -4.07
N THR I 218 -22.39 -21.29 -4.93
CA THR I 218 -21.21 -22.03 -4.48
C THR I 218 -19.98 -21.16 -4.37
N TRP I 219 -20.09 -19.86 -4.64
CA TRP I 219 -18.98 -18.93 -4.52
C TRP I 219 -19.42 -17.70 -3.77
N ALA I 220 -18.54 -17.14 -2.95
CA ALA I 220 -18.77 -15.86 -2.30
C ALA I 220 -17.65 -14.92 -2.68
N VAL I 221 -17.98 -13.63 -2.83
CA VAL I 221 -17.00 -12.62 -3.23
C VAL I 221 -17.13 -11.45 -2.29
N GLN I 222 -16.03 -11.07 -1.65
CA GLN I 222 -15.97 -9.85 -0.85
C GLN I 222 -14.93 -8.93 -1.48
N TYR I 223 -15.33 -7.72 -1.82
CA TYR I 223 -14.45 -6.80 -2.53
C TYR I 223 -14.29 -5.53 -1.72
N ASP I 224 -13.05 -5.23 -1.32
CA ASP I 224 -12.72 -3.98 -0.65
C ASP I 224 -12.39 -2.96 -1.72
N ALA I 225 -13.38 -2.13 -2.07
CA ALA I 225 -13.24 -1.25 -3.22
C ALA I 225 -12.24 -0.13 -2.99
N PHE I 226 -11.83 0.11 -1.76
CA PHE I 226 -10.88 1.19 -1.51
C PHE I 226 -9.44 0.73 -1.70
N LYS I 227 -9.08 -0.41 -1.15
CA LYS I 227 -7.75 -0.97 -1.37
C LYS I 227 -7.67 -1.78 -2.66
N GLY I 228 -8.79 -2.27 -3.16
CA GLY I 228 -8.79 -3.00 -4.42
C GLY I 228 -8.41 -4.45 -4.30
N VAL I 229 -8.87 -5.13 -3.25
CA VAL I 229 -8.54 -6.53 -3.01
C VAL I 229 -9.84 -7.31 -2.93
N ALA I 230 -10.04 -8.22 -3.87
CA ALA I 230 -11.19 -9.10 -3.87
C ALA I 230 -10.80 -10.47 -3.33
N GLN I 231 -11.67 -11.05 -2.53
CA GLN I 231 -11.50 -12.39 -1.98
C GLN I 231 -12.66 -13.25 -2.45
N VAL I 232 -12.35 -14.35 -3.09
CA VAL I 232 -13.33 -15.31 -3.59
C VAL I 232 -13.18 -16.57 -2.77
N ARG I 233 -14.23 -16.93 -2.03
CA ARG I 233 -14.23 -18.11 -1.20
C ARG I 233 -15.13 -19.18 -1.80
N SER I 234 -14.66 -20.42 -1.79
CA SER I 234 -15.51 -21.51 -2.22
C SER I 234 -16.38 -21.95 -1.04
N LEU I 235 -17.68 -22.05 -1.30
CA LEU I 235 -18.60 -22.57 -0.30
C LEU I 235 -18.85 -24.06 -0.47
N LEU I 236 -18.59 -24.59 -1.66
CA LEU I 236 -18.74 -26.02 -1.89
C LEU I 236 -17.58 -26.79 -1.27
N PHE I 237 -16.37 -26.23 -1.35
CA PHE I 237 -15.19 -26.76 -0.67
C PHE I 237 -14.69 -25.70 0.29
N PRO I 238 -15.31 -25.58 1.46
CA PRO I 238 -14.90 -24.53 2.40
C PRO I 238 -13.45 -24.73 2.82
N GLY I 239 -12.64 -23.74 2.54
CA GLY I 239 -11.22 -23.84 2.78
C GLY I 239 -10.42 -23.40 1.58
N TYR I 240 -11.06 -23.28 0.43
CA TYR I 240 -10.40 -22.77 -0.77
C TYR I 240 -10.62 -21.27 -0.84
N PHE I 241 -9.52 -20.51 -0.80
CA PHE I 241 -9.56 -19.07 -0.86
C PHE I 241 -8.74 -18.59 -2.05
N PHE I 242 -9.23 -17.55 -2.71
CA PHE I 242 -8.54 -16.93 -3.83
C PHE I 242 -8.54 -15.44 -3.58
N TYR I 243 -7.45 -14.77 -3.93
CA TYR I 243 -7.38 -13.33 -3.78
C TYR I 243 -6.95 -12.72 -5.10
N TYR I 244 -7.42 -11.50 -5.33
CA TYR I 244 -7.06 -10.73 -6.51
C TYR I 244 -6.86 -9.28 -6.10
N ALA I 245 -5.64 -8.79 -6.24
CA ALA I 245 -5.33 -7.39 -5.97
C ALA I 245 -5.25 -6.65 -7.29
N ALA I 246 -6.10 -5.63 -7.43
CA ALA I 246 -6.31 -4.96 -8.70
C ALA I 246 -5.42 -3.75 -8.92
N ASN I 247 -4.89 -3.15 -7.86
CA ASN I 247 -3.99 -2.02 -8.06
C ASN I 247 -2.58 -2.47 -8.40
N GLU I 248 -2.21 -3.67 -7.98
CA GLU I 248 -0.91 -4.24 -8.33
C GLU I 248 -1.03 -5.39 -9.32
N LEU I 249 -2.24 -5.81 -9.66
CA LEU I 249 -2.49 -6.86 -10.64
C LEU I 249 -1.82 -8.17 -10.24
N THR I 250 -2.08 -8.62 -9.03
CA THR I 250 -1.62 -9.92 -8.60
C THR I 250 -2.80 -10.77 -8.17
N TRP I 251 -2.59 -12.07 -8.09
CA TRP I 251 -3.66 -12.95 -7.65
C TRP I 251 -3.06 -14.28 -7.24
N GLY I 252 -3.86 -15.06 -6.53
CA GLY I 252 -3.40 -16.37 -6.11
C GLY I 252 -4.33 -17.04 -5.14
N SER I 253 -4.25 -18.36 -5.05
CA SER I 253 -5.20 -19.12 -4.26
C SER I 253 -4.47 -20.10 -3.36
N LEU I 254 -5.22 -20.67 -2.43
CA LEU I 254 -4.67 -21.60 -1.46
C LEU I 254 -5.79 -22.41 -0.87
N TYR I 255 -5.56 -23.70 -0.64
CA TYR I 255 -6.50 -24.52 0.09
C TYR I 255 -5.92 -24.86 1.46
N VAL I 256 -6.74 -24.74 2.50
CA VAL I 256 -6.34 -25.12 3.85
C VAL I 256 -7.52 -25.80 4.51
N GLY I 257 -7.38 -27.08 4.83
CA GLY I 257 -8.45 -27.84 5.44
C GLY I 257 -8.34 -29.32 5.14
N ASP I 258 -9.28 -30.07 5.70
CA ASP I 258 -9.17 -31.54 5.67
C ASP I 258 -9.49 -32.13 4.31
N GLY I 259 -10.09 -31.38 3.39
CA GLY I 259 -10.25 -31.82 2.03
C GLY I 259 -11.59 -32.40 1.68
N LEU I 260 -12.56 -32.38 2.58
CA LEU I 260 -13.86 -32.98 2.35
C LEU I 260 -14.82 -31.97 1.76
N ARG I 261 -15.68 -32.43 0.84
CA ARG I 261 -16.65 -31.54 0.24
C ARG I 261 -17.81 -31.28 1.19
N ASN I 262 -18.44 -30.11 1.02
CA ASN I 262 -19.59 -29.71 1.82
C ASN I 262 -20.85 -30.12 1.07
N ASN I 263 -21.46 -31.21 1.50
CA ASN I 263 -22.65 -31.73 0.83
C ASN I 263 -23.95 -31.14 1.35
N ASP I 264 -23.94 -30.53 2.53
CA ASP I 264 -25.12 -29.92 3.11
C ASP I 264 -25.35 -28.50 2.64
N LEU I 265 -24.80 -28.12 1.48
CA LEU I 265 -24.79 -26.72 1.09
C LEU I 265 -26.20 -26.18 0.91
N ILE I 266 -27.13 -27.02 0.43
CA ILE I 266 -28.48 -26.53 0.18
C ILE I 266 -29.16 -26.13 1.48
N PHE I 267 -28.81 -26.77 2.59
CA PHE I 267 -29.41 -26.43 3.87
C PHE I 267 -28.71 -25.28 4.58
N MET I 268 -27.53 -24.90 4.13
CA MET I 268 -26.74 -23.89 4.81
C MET I 268 -26.85 -22.52 4.17
N LEU I 269 -27.27 -22.43 2.92
CA LEU I 269 -27.44 -21.15 2.27
C LEU I 269 -28.73 -20.46 2.71
N SER J 7 22.73 2.10 -38.24
CA SER J 7 21.89 1.31 -37.36
C SER J 7 20.85 0.54 -38.15
N VAL J 8 21.23 0.10 -39.34
CA VAL J 8 20.39 -0.74 -40.18
C VAL J 8 20.85 -2.18 -40.17
N ALA J 9 22.16 -2.41 -40.23
CA ALA J 9 22.68 -3.76 -40.03
C ALA J 9 22.45 -4.26 -38.62
N GLN J 10 22.29 -3.35 -37.66
CA GLN J 10 21.90 -3.76 -36.31
C GLN J 10 20.52 -4.41 -36.33
N ALA J 11 19.57 -3.77 -36.99
CA ALA J 11 18.24 -4.36 -37.10
C ALA J 11 18.25 -5.66 -37.88
N LEU J 12 18.99 -5.69 -38.99
CA LEU J 12 19.04 -6.91 -39.80
C LEU J 12 19.69 -8.06 -39.04
N ALA J 13 20.69 -7.77 -38.22
CA ALA J 13 21.28 -8.81 -37.39
C ALA J 13 20.32 -9.25 -36.31
N TYR J 14 19.64 -8.31 -35.66
CA TYR J 14 18.70 -8.67 -34.61
C TYR J 14 17.58 -9.55 -35.14
N LEU J 15 17.12 -9.29 -36.36
CA LEU J 15 16.02 -10.06 -36.90
C LEU J 15 16.39 -11.52 -37.14
N GLN J 16 17.68 -11.82 -37.31
CA GLN J 16 18.10 -13.18 -37.62
C GLN J 16 18.50 -13.95 -36.38
N VAL J 17 18.26 -13.42 -35.18
CA VAL J 17 18.54 -14.16 -33.96
C VAL J 17 17.69 -15.41 -33.94
N HIS J 18 18.32 -16.56 -34.06
CA HIS J 18 17.59 -17.81 -34.19
C HIS J 18 16.85 -18.14 -32.91
N SER J 19 15.68 -18.72 -33.05
CA SER J 19 14.81 -19.02 -31.92
C SER J 19 14.93 -20.49 -31.55
N PRO J 20 15.26 -20.82 -30.31
CA PRO J 20 15.34 -22.24 -29.93
C PRO J 20 13.97 -22.88 -29.83
N GLN J 21 12.97 -22.16 -29.33
CA GLN J 21 11.63 -22.70 -29.23
C GLN J 21 11.02 -22.89 -30.61
N ASP J 22 10.88 -21.81 -31.35
CA ASP J 22 10.33 -21.88 -32.70
C ASP J 22 11.34 -22.49 -33.65
N GLY J 23 10.94 -22.66 -34.91
CA GLY J 23 11.81 -23.30 -35.86
C GLY J 23 13.00 -22.45 -36.26
N THR J 24 12.74 -21.20 -36.64
CA THR J 24 13.76 -20.34 -37.23
C THR J 24 13.61 -18.94 -36.65
N SER J 25 14.29 -17.99 -37.29
CA SER J 25 14.30 -16.61 -36.85
C SER J 25 13.10 -15.87 -37.40
N MET J 26 12.96 -14.60 -36.99
CA MET J 26 11.89 -13.76 -37.52
C MET J 26 12.12 -13.42 -38.97
N TYR J 27 13.39 -13.20 -39.34
CA TYR J 27 13.74 -12.93 -40.73
C TYR J 27 13.26 -14.06 -41.64
N ASP J 28 13.54 -15.30 -41.25
CA ASP J 28 13.11 -16.43 -42.07
C ASP J 28 11.60 -16.57 -42.09
N HIS J 29 10.94 -16.24 -40.97
CA HIS J 29 9.49 -16.29 -40.94
C HIS J 29 8.89 -15.33 -41.96
N LEU J 30 9.39 -14.09 -41.98
CA LEU J 30 8.91 -13.12 -42.96
C LEU J 30 9.28 -13.54 -44.38
N VAL J 31 10.45 -14.14 -44.56
CA VAL J 31 10.85 -14.59 -45.88
C VAL J 31 9.88 -15.63 -46.39
N LYS J 32 9.51 -16.59 -45.54
CA LYS J 32 8.57 -17.61 -45.97
C LYS J 32 7.18 -17.04 -46.21
N LEU J 33 6.75 -16.11 -45.35
CA LEU J 33 5.45 -15.49 -45.54
C LEU J 33 5.37 -14.78 -46.89
N VAL J 34 6.39 -13.97 -47.21
CA VAL J 34 6.39 -13.24 -48.46
C VAL J 34 6.53 -14.19 -49.63
N SER J 35 7.35 -15.24 -49.48
CA SER J 35 7.51 -16.20 -50.57
C SER J 35 6.22 -16.95 -50.85
N LYS J 36 5.36 -17.10 -49.84
CA LYS J 36 4.05 -17.69 -50.08
C LYS J 36 3.12 -16.68 -50.75
N VAL J 37 3.08 -15.45 -50.22
CA VAL J 37 2.17 -14.45 -50.76
C VAL J 37 2.45 -14.18 -52.23
N LEU J 38 3.73 -14.07 -52.59
CA LEU J 38 4.10 -13.89 -53.99
C LEU J 38 3.58 -15.04 -54.85
N GLU J 39 3.49 -16.23 -54.28
CA GLU J 39 2.84 -17.34 -54.98
C GLU J 39 1.33 -17.36 -54.74
N ASP J 40 0.88 -16.82 -53.60
CA ASP J 40 -0.54 -16.82 -53.30
C ASP J 40 -1.27 -15.80 -54.17
N GLN J 41 -0.78 -14.56 -54.19
CA GLN J 41 -1.34 -13.48 -55.01
C GLN J 41 -2.80 -13.26 -54.68
N PRO J 42 -3.13 -12.72 -53.51
CA PRO J 42 -4.54 -12.49 -53.18
C PRO J 42 -5.11 -11.36 -54.00
N LYS J 43 -5.93 -11.71 -55.00
CA LYS J 43 -6.48 -10.71 -55.89
C LYS J 43 -7.43 -9.78 -55.17
N ASN J 44 -8.09 -10.26 -54.12
CA ASN J 44 -9.04 -9.45 -53.38
C ASN J 44 -8.38 -8.79 -52.16
N ALA J 45 -7.90 -9.61 -51.22
CA ALA J 45 -7.27 -9.14 -50.00
C ALA J 45 -6.77 -10.37 -49.24
N VAL J 46 -6.02 -10.11 -48.16
CA VAL J 46 -5.60 -11.17 -47.27
C VAL J 46 -5.33 -10.53 -45.90
N ASP J 47 -5.49 -11.33 -44.85
CA ASP J 47 -5.27 -10.87 -43.49
C ASP J 47 -3.90 -11.32 -43.03
N LEU J 48 -3.16 -10.41 -42.41
CA LEU J 48 -1.80 -10.72 -41.97
C LEU J 48 -1.79 -11.77 -40.89
N LEU J 49 -2.67 -11.62 -39.89
CA LEU J 49 -2.69 -12.56 -38.77
C LEU J 49 -2.91 -13.99 -39.25
N GLU J 50 -3.92 -14.18 -40.10
CA GLU J 50 -4.26 -15.54 -40.52
C GLU J 50 -3.17 -16.14 -41.40
N THR J 51 -2.58 -15.35 -42.29
CA THR J 51 -1.55 -15.91 -43.16
C THR J 51 -0.28 -16.23 -42.38
N SER J 52 0.06 -15.39 -41.38
CA SER J 52 1.21 -15.70 -40.56
C SER J 52 0.96 -16.93 -39.70
N LEU J 53 -0.28 -17.13 -39.25
CA LEU J 53 -0.59 -18.33 -38.50
C LEU J 53 -0.51 -19.56 -39.38
N LEU J 54 -0.99 -19.46 -40.62
CA LEU J 54 -0.85 -20.57 -41.56
C LEU J 54 0.61 -20.86 -41.87
N VAL J 55 1.45 -19.82 -41.85
CA VAL J 55 2.89 -20.04 -42.03
C VAL J 55 3.46 -20.80 -40.84
N LYS J 56 3.17 -20.33 -39.63
CA LYS J 56 3.75 -20.94 -38.44
C LYS J 56 3.27 -22.38 -38.27
N LYS J 57 2.01 -22.66 -38.58
CA LYS J 57 1.49 -24.01 -38.47
C LYS J 57 1.95 -24.91 -39.60
N SER J 58 2.91 -24.48 -40.40
CA SER J 58 3.48 -25.31 -41.45
C SER J 58 4.90 -24.84 -41.76
N ILE J 71 22.87 -29.86 -22.99
CA ILE J 71 23.14 -29.79 -21.55
C ILE J 71 22.36 -28.66 -20.91
N PRO J 72 21.57 -28.97 -19.88
CA PRO J 72 20.81 -27.93 -19.20
C PRO J 72 21.72 -26.97 -18.45
N VAL J 73 21.27 -25.73 -18.32
CA VAL J 73 22.02 -24.68 -17.64
C VAL J 73 21.27 -24.36 -16.36
N ALA J 74 21.64 -25.03 -15.27
CA ALA J 74 21.05 -24.74 -13.97
C ALA J 74 22.15 -24.43 -12.98
N PRO J 75 21.91 -23.53 -12.04
CA PRO J 75 22.93 -23.21 -11.03
C PRO J 75 23.21 -24.40 -10.13
N ASP J 76 24.19 -24.27 -9.25
CA ASP J 76 24.50 -25.30 -8.29
C ASP J 76 23.81 -25.00 -6.96
N ALA J 77 23.27 -26.03 -6.33
CA ALA J 77 22.42 -25.88 -5.17
C ALA J 77 23.19 -25.99 -3.86
N THR J 78 24.51 -25.87 -3.88
CA THR J 78 25.29 -26.19 -2.69
C THR J 78 24.96 -25.26 -1.54
N GLN J 79 24.96 -23.96 -1.78
CA GLN J 79 24.66 -23.02 -0.70
C GLN J 79 23.20 -23.14 -0.25
N THR J 80 22.30 -23.32 -1.21
CA THR J 80 20.88 -23.44 -0.87
C THR J 80 20.59 -24.74 -0.14
N GLN J 81 21.21 -25.84 -0.56
CA GLN J 81 21.00 -27.09 0.15
C GLN J 81 21.66 -27.07 1.53
N ALA J 82 22.81 -26.41 1.66
CA ALA J 82 23.39 -26.23 2.98
C ALA J 82 22.47 -25.42 3.88
N ALA J 83 21.76 -24.46 3.30
CA ALA J 83 20.83 -23.66 4.09
C ALA J 83 19.59 -24.48 4.47
N VAL J 84 19.11 -25.32 3.56
CA VAL J 84 17.92 -26.12 3.86
C VAL J 84 18.22 -27.27 4.79
N SER J 85 19.48 -27.72 4.88
CA SER J 85 19.82 -28.85 5.73
C SER J 85 19.66 -28.55 7.21
N ILE J 86 19.58 -27.28 7.60
CA ILE J 86 19.39 -26.97 9.02
C ILE J 86 17.97 -27.20 9.48
N PHE J 87 17.10 -27.67 8.61
CA PHE J 87 15.69 -27.83 8.91
C PHE J 87 15.37 -29.31 9.13
N GLY J 88 14.64 -29.60 10.19
CA GLY J 88 14.24 -30.95 10.48
C GLY J 88 15.29 -31.71 11.27
N ASP J 89 15.53 -32.95 10.87
CA ASP J 89 16.53 -33.80 11.51
C ASP J 89 17.37 -34.47 10.44
N PRO J 90 18.67 -34.64 10.68
CA PRO J 90 19.53 -35.25 9.67
C PRO J 90 19.12 -36.68 9.36
N GLU J 91 19.66 -37.20 8.27
CA GLU J 91 19.38 -38.56 7.84
C GLU J 91 20.40 -39.53 8.45
N LEU J 92 19.95 -40.73 8.75
CA LEU J 92 20.79 -41.74 9.37
C LEU J 92 21.00 -42.91 8.43
N PRO J 93 22.26 -43.33 8.20
CA PRO J 93 22.57 -44.43 7.29
C PRO J 93 22.26 -45.80 7.87
N ALA J 104 23.31 -43.35 15.95
CA ALA J 104 23.70 -41.95 15.99
C ALA J 104 24.27 -41.57 17.35
N ASP J 105 25.43 -40.94 17.35
CA ASP J 105 26.06 -40.52 18.59
C ASP J 105 25.17 -39.52 19.31
N PRO J 106 25.24 -39.46 20.64
CA PRO J 106 24.39 -38.53 21.38
C PRO J 106 24.85 -37.10 21.16
N PRO J 107 23.92 -36.18 20.90
CA PRO J 107 24.30 -34.78 20.77
C PRO J 107 24.69 -34.19 22.10
N ASN J 108 25.74 -33.39 22.09
CA ASN J 108 26.21 -32.81 23.34
C ASN J 108 25.25 -31.72 23.79
N GLU J 109 25.22 -31.48 25.09
CA GLU J 109 24.39 -30.45 25.67
C GLU J 109 25.08 -29.11 25.54
N PHE J 110 24.29 -28.04 25.53
CA PHE J 110 24.83 -26.70 25.51
C PHE J 110 23.78 -25.74 26.04
N GLU J 111 24.25 -24.63 26.58
CA GLU J 111 23.36 -23.58 27.04
C GLU J 111 23.33 -22.45 26.02
N ALA J 112 22.25 -21.70 26.02
CA ALA J 112 22.05 -20.60 25.08
C ALA J 112 20.94 -19.72 25.64
N GLU J 113 20.56 -18.71 24.87
CA GLU J 113 19.43 -17.87 25.20
C GLU J 113 18.25 -18.24 24.32
N ASN J 114 17.07 -17.76 24.70
CA ASN J 114 15.88 -17.95 23.90
C ASN J 114 16.04 -17.12 22.63
N MET J 115 16.36 -17.78 21.52
CA MET J 115 16.68 -17.03 20.31
C MET J 115 15.43 -16.63 19.54
N LEU J 116 14.40 -17.47 19.53
CA LEU J 116 13.15 -17.05 18.92
C LEU J 116 12.56 -15.86 19.66
N GLY J 117 12.66 -15.86 20.98
CA GLY J 117 12.25 -14.69 21.73
C GLY J 117 13.11 -13.47 21.43
N ALA J 118 14.38 -13.68 21.13
CA ALA J 118 15.23 -12.58 20.72
C ALA J 118 14.78 -11.99 19.39
N ALA J 119 14.49 -12.85 18.42
CA ALA J 119 13.96 -12.37 17.15
C ALA J 119 12.67 -11.60 17.37
N ALA J 120 11.80 -12.08 18.26
CA ALA J 120 10.56 -11.38 18.52
C ALA J 120 10.81 -10.00 19.13
N VAL J 121 11.72 -9.92 20.10
CA VAL J 121 11.98 -8.64 20.76
C VAL J 121 12.57 -7.65 19.77
N LEU J 122 13.55 -8.10 18.98
CA LEU J 122 14.16 -7.21 18.00
C LEU J 122 13.14 -6.74 16.98
N ASP J 123 12.29 -7.63 16.49
CA ASP J 123 11.27 -7.23 15.53
C ASP J 123 10.30 -6.23 16.15
N CYS J 124 9.94 -6.42 17.41
CA CYS J 124 9.06 -5.45 18.07
C CYS J 124 9.73 -4.10 18.22
N LEU J 125 11.06 -4.06 18.35
CA LEU J 125 11.74 -2.79 18.47
C LEU J 125 12.12 -2.19 17.13
N GLY J 126 12.08 -2.96 16.05
CA GLY J 126 12.35 -2.42 14.74
C GLY J 126 13.78 -2.51 14.27
N VAL J 127 14.57 -3.39 14.87
CA VAL J 127 15.98 -3.56 14.55
C VAL J 127 16.25 -5.03 14.29
N GLY J 128 17.51 -5.35 14.05
CA GLY J 128 17.87 -6.74 13.84
C GLY J 128 17.80 -7.17 12.38
N LEU J 129 17.39 -8.41 12.15
CA LEU J 129 17.38 -8.97 10.80
C LEU J 129 16.01 -9.50 10.39
N GLY J 130 14.97 -9.23 11.14
CA GLY J 130 13.67 -9.78 10.85
C GLY J 130 13.33 -10.98 11.69
N ARG J 131 12.43 -11.81 11.18
CA ARG J 131 11.98 -12.99 11.89
C ARG J 131 12.05 -14.26 11.09
N GLU J 132 12.21 -14.19 9.77
CA GLU J 132 12.58 -15.39 9.01
C GLU J 132 14.05 -15.72 9.23
N LEU J 133 14.90 -14.70 9.19
CA LEU J 133 16.29 -14.91 9.51
C LEU J 133 16.48 -15.24 10.98
N GLY J 134 15.58 -14.80 11.86
CA GLY J 134 15.65 -15.24 13.24
C GLY J 134 15.50 -16.74 13.37
N VAL J 135 14.57 -17.32 12.61
CA VAL J 135 14.39 -18.77 12.62
C VAL J 135 15.63 -19.46 12.06
N ASN J 136 16.13 -18.96 10.92
CA ASN J 136 17.32 -19.57 10.34
C ASN J 136 18.51 -19.49 11.29
N ILE J 137 18.67 -18.37 11.98
CA ILE J 137 19.78 -18.21 12.91
C ILE J 137 19.64 -19.16 14.09
N ALA J 138 18.42 -19.32 14.60
CA ALA J 138 18.23 -20.24 15.72
C ALA J 138 18.55 -21.67 15.32
N LEU J 139 18.11 -22.08 14.13
CA LEU J 139 18.44 -23.44 13.70
C LEU J 139 19.92 -23.61 13.44
N ALA J 140 20.61 -22.57 12.95
CA ALA J 140 22.05 -22.68 12.75
C ALA J 140 22.80 -22.77 14.06
N ALA J 141 22.37 -22.00 15.06
CA ALA J 141 22.99 -22.10 16.38
C ALA J 141 22.72 -23.46 17.00
N LYS J 142 21.58 -24.06 16.69
CA LYS J 142 21.32 -25.42 17.14
C LYS J 142 22.28 -26.40 16.48
N ARG J 143 22.42 -26.32 15.15
CA ARG J 143 23.34 -27.22 14.45
C ARG J 143 24.78 -27.04 14.93
N ILE J 144 25.12 -25.85 15.43
CA ILE J 144 26.45 -25.64 15.98
C ILE J 144 26.56 -26.26 17.37
N GLY J 145 25.65 -25.88 18.27
CA GLY J 145 25.75 -26.30 19.66
C GLY J 145 25.63 -27.80 19.85
N GLU J 146 24.90 -28.48 18.98
CA GLU J 146 24.72 -29.93 19.07
C GLU J 146 25.67 -30.61 18.09
N ASP J 147 26.96 -30.45 18.34
CA ASP J 147 27.95 -31.07 17.47
C ASP J 147 28.95 -31.85 18.31
N PRO J 148 29.10 -33.16 18.07
CA PRO J 148 30.09 -33.92 18.86
C PRO J 148 31.52 -33.45 18.61
N LYS J 149 31.95 -33.37 17.35
CA LYS J 149 33.33 -33.00 17.03
C LYS J 149 33.69 -31.61 17.51
N LEU J 150 32.73 -30.84 18.00
CA LEU J 150 32.96 -29.48 18.49
C LEU J 150 32.27 -29.41 19.85
N ALA J 151 32.99 -29.78 20.90
CA ALA J 151 32.39 -29.80 22.22
C ALA J 151 32.19 -28.37 22.71
N VAL J 152 31.00 -27.83 22.45
CA VAL J 152 30.69 -26.45 22.78
C VAL J 152 29.94 -26.40 24.10
N ARG J 153 30.26 -25.42 24.93
CA ARG J 153 29.49 -25.20 26.14
C ARG J 153 28.29 -24.30 25.87
N SER J 154 28.50 -23.19 25.17
CA SER J 154 27.45 -22.21 24.94
C SER J 154 27.63 -21.58 23.58
N VAL J 155 26.52 -21.28 22.92
CA VAL J 155 26.52 -20.58 21.64
C VAL J 155 25.77 -19.26 21.81
N ARG J 156 26.22 -18.25 21.08
CA ARG J 156 25.52 -16.99 21.04
C ARG J 156 25.68 -16.42 19.64
N PHE J 157 24.75 -15.57 19.24
CA PHE J 157 24.83 -14.91 17.94
C PHE J 157 25.30 -13.49 18.15
N PHE J 158 26.47 -13.16 17.59
CA PHE J 158 27.04 -11.83 17.79
C PHE J 158 26.37 -10.82 16.87
N GLY J 159 26.28 -11.14 15.60
CA GLY J 159 25.62 -10.26 14.66
C GLY J 159 26.04 -10.59 13.24
N LYS J 160 25.88 -9.60 12.38
CA LYS J 160 26.21 -9.74 10.97
C LYS J 160 27.00 -8.52 10.51
N PHE J 161 28.05 -8.79 9.73
CA PHE J 161 28.89 -7.78 9.13
C PHE J 161 28.64 -7.78 7.63
N LEU J 162 28.38 -6.61 7.06
CA LEU J 162 28.11 -6.50 5.64
C LEU J 162 29.41 -6.24 4.90
N GLY J 163 29.63 -6.98 3.82
CA GLY J 163 30.82 -6.79 3.03
C GLY J 163 30.52 -6.39 1.61
N LEU J 164 31.53 -6.34 0.75
CA LEU J 164 31.31 -5.92 -0.62
C LEU J 164 30.84 -7.08 -1.48
N TYR J 165 31.51 -8.23 -1.39
CA TYR J 165 31.17 -9.39 -2.20
C TYR J 165 30.43 -10.48 -1.43
N SER J 166 30.47 -10.45 -0.10
CA SER J 166 29.77 -11.43 0.72
C SER J 166 29.62 -10.83 2.11
N ASP J 167 28.97 -11.57 3.00
CA ASP J 167 28.70 -11.12 4.36
C ASP J 167 29.24 -12.12 5.36
N TYR J 168 29.14 -11.77 6.64
CA TYR J 168 29.67 -12.59 7.72
C TYR J 168 28.62 -12.76 8.81
N PHE J 169 28.13 -13.97 8.99
CA PHE J 169 27.38 -14.34 10.17
C PHE J 169 28.37 -14.84 11.22
N VAL J 170 28.24 -14.35 12.45
CA VAL J 170 29.25 -14.53 13.48
C VAL J 170 28.61 -15.15 14.72
N PHE J 171 29.11 -16.30 15.13
CA PHE J 171 28.68 -16.98 16.34
C PHE J 171 29.81 -16.99 17.35
N GLU J 172 29.46 -16.81 18.62
CA GLU J 172 30.40 -16.73 19.72
C GLU J 172 30.21 -17.93 20.63
N VAL J 173 31.23 -18.78 20.72
CA VAL J 173 31.18 -20.02 21.47
C VAL J 173 32.18 -19.97 22.62
N ALA J 174 32.08 -20.96 23.52
CA ALA J 174 32.84 -20.94 24.77
C ALA J 174 33.72 -22.16 25.01
N PHE J 175 33.43 -23.30 24.38
CA PHE J 175 34.31 -24.48 24.42
C PHE J 175 34.55 -24.99 25.84
N LYS J 176 33.48 -25.50 26.45
CA LYS J 176 33.57 -26.21 27.73
C LYS J 176 34.33 -25.46 28.82
N PRO J 210 44.94 -16.11 25.73
CA PRO J 210 44.93 -17.54 25.43
C PRO J 210 43.57 -18.17 25.68
N GLY J 211 43.02 -17.95 26.87
CA GLY J 211 41.69 -18.40 27.20
C GLY J 211 41.00 -17.42 28.12
N LYS J 212 41.58 -16.23 28.27
CA LYS J 212 41.08 -15.25 29.22
C LYS J 212 41.26 -13.86 28.60
N GLY J 213 40.82 -12.85 29.34
CA GLY J 213 40.91 -11.48 28.86
C GLY J 213 39.95 -11.21 27.73
N ALA J 214 40.47 -11.01 26.53
CA ALA J 214 39.65 -10.79 25.35
C ALA J 214 39.59 -11.99 24.44
N ASN J 215 40.23 -13.11 24.80
CA ASN J 215 40.16 -14.34 24.04
C ASN J 215 39.35 -15.41 24.76
N LYS J 216 38.52 -14.99 25.72
CA LYS J 216 37.71 -15.94 26.47
C LYS J 216 36.81 -16.76 25.55
N PHE J 217 36.27 -16.13 24.50
CA PHE J 217 35.37 -16.79 23.58
C PHE J 217 36.05 -17.05 22.25
N THR J 218 35.49 -17.97 21.50
CA THR J 218 35.92 -18.27 20.14
C THR J 218 34.83 -17.83 19.19
N TYR J 219 35.21 -17.44 17.97
CA TYR J 219 34.26 -16.88 17.02
C TYR J 219 34.31 -17.66 15.72
N LEU J 220 33.14 -18.14 15.29
CA LEU J 220 33.02 -18.84 14.03
C LEU J 220 32.18 -18.02 13.07
N VAL J 221 32.63 -17.89 11.84
CA VAL J 221 31.95 -17.06 10.86
C VAL J 221 31.57 -17.91 9.66
N CYS J 222 30.48 -17.51 9.00
CA CYS J 222 30.05 -18.15 7.77
C CYS J 222 29.54 -17.10 6.81
N SER J 223 29.52 -17.45 5.53
CA SER J 223 28.95 -16.54 4.53
C SER J 223 27.45 -16.71 4.44
N SER J 224 26.97 -17.94 4.44
CA SER J 224 25.55 -18.24 4.46
C SER J 224 25.25 -19.15 5.64
N LEU J 225 24.07 -18.98 6.22
CA LEU J 225 23.65 -19.84 7.32
C LEU J 225 23.52 -21.28 6.85
N GLY J 226 24.16 -22.19 7.57
CA GLY J 226 24.19 -23.58 7.18
C GLY J 226 25.41 -23.98 6.38
N GLY J 227 26.19 -23.01 5.90
CA GLY J 227 27.40 -23.32 5.19
C GLY J 227 28.53 -23.69 6.13
N PRO J 228 29.66 -24.05 5.57
CA PRO J 228 30.80 -24.45 6.39
C PRO J 228 31.33 -23.28 7.19
N LEU J 229 31.61 -23.55 8.47
CA LEU J 229 32.09 -22.51 9.37
C LEU J 229 33.60 -22.41 9.32
N THR J 230 34.11 -21.30 9.85
CA THR J 230 35.53 -21.04 9.91
C THR J 230 35.83 -20.37 11.23
N ARG J 231 36.81 -20.90 11.95
CA ARG J 231 37.19 -20.29 13.22
C ARG J 231 38.11 -19.11 12.98
N LEU J 232 37.82 -18.01 13.61
CA LEU J 232 38.72 -16.87 13.52
C LEU J 232 39.90 -17.06 14.46
N PRO J 233 41.06 -16.50 14.12
CA PRO J 233 42.21 -16.59 15.00
C PRO J 233 41.96 -15.84 16.30
N ASP J 234 42.92 -15.96 17.20
CA ASP J 234 42.90 -15.19 18.44
C ASP J 234 43.37 -13.77 18.18
N VAL J 235 42.90 -12.87 18.99
CA VAL J 235 43.21 -11.46 18.79
C VAL J 235 44.47 -11.13 19.57
N THR J 236 45.28 -10.24 19.01
CA THR J 236 46.47 -9.73 19.67
C THR J 236 46.34 -8.23 19.84
N PRO J 237 46.86 -7.67 20.93
CA PRO J 237 46.71 -6.21 21.14
C PRO J 237 47.34 -5.39 20.03
N ALA J 238 48.33 -5.94 19.34
CA ALA J 238 48.95 -5.22 18.23
C ALA J 238 47.94 -4.95 17.12
N GLN J 239 47.20 -5.97 16.70
CA GLN J 239 46.29 -5.76 15.59
C GLN J 239 45.03 -5.01 16.01
N VAL J 240 44.63 -5.11 17.28
CA VAL J 240 43.57 -4.23 17.77
C VAL J 240 44.01 -2.77 17.66
N LYS J 241 45.20 -2.47 18.17
CA LYS J 241 45.70 -1.10 18.12
C LYS J 241 45.89 -0.62 16.68
N ALA J 242 46.26 -1.53 15.78
CA ALA J 242 46.50 -1.13 14.40
C ALA J 242 45.21 -0.95 13.61
N SER J 243 44.16 -1.72 13.92
CA SER J 243 42.87 -1.50 13.29
C SER J 243 42.17 -0.28 13.88
N ARG J 244 42.50 0.10 15.11
CA ARG J 244 41.90 1.30 15.67
C ARG J 244 42.29 2.57 14.93
N ARG J 245 43.25 2.49 14.01
CA ARG J 245 43.73 3.65 13.28
C ARG J 245 43.20 3.74 11.86
N ILE J 246 42.51 2.72 11.37
CA ILE J 246 42.02 2.72 10.00
C ILE J 246 40.51 2.60 9.99
N LYS J 247 39.94 2.60 8.79
CA LYS J 247 38.48 2.52 8.63
C LYS J 247 38.24 1.88 7.27
N LYS J 248 37.89 0.60 7.28
CA LYS J 248 37.81 -0.16 6.04
C LYS J 248 36.48 -0.86 5.92
N LEU J 249 36.07 -1.12 4.69
CA LEU J 249 34.94 -1.98 4.39
C LEU J 249 35.46 -3.39 4.17
N LEU J 250 34.79 -4.35 4.77
CA LEU J 250 35.16 -5.75 4.57
C LEU J 250 34.85 -6.16 3.15
N THR J 251 35.70 -6.98 2.57
CA THR J 251 35.49 -7.47 1.22
C THR J 251 34.70 -8.76 1.17
N GLY J 252 34.37 -9.33 2.32
CA GLY J 252 33.68 -10.60 2.36
C GLY J 252 34.55 -11.80 2.06
N ARG J 253 35.84 -11.61 1.82
CA ARG J 253 36.79 -12.70 1.66
C ARG J 253 37.83 -12.60 2.77
N LEU J 254 38.05 -13.70 3.47
CA LEU J 254 38.92 -13.65 4.64
C LEU J 254 40.39 -13.58 4.27
N THR J 255 40.78 -14.13 3.14
CA THR J 255 42.18 -14.17 2.72
C THR J 255 42.51 -12.99 1.82
N SER J 256 42.19 -11.79 2.29
CA SER J 256 42.44 -10.58 1.52
C SER J 256 43.26 -9.60 2.36
N HIS J 257 44.02 -8.75 1.67
CA HIS J 257 44.84 -7.76 2.34
C HIS J 257 43.95 -6.70 2.98
N VAL J 258 44.57 -5.85 3.80
CA VAL J 258 43.79 -4.84 4.51
C VAL J 258 44.30 -3.44 4.18
N SER J 259 45.53 -3.13 4.57
CA SER J 259 46.05 -1.78 4.41
C SER J 259 47.45 -1.82 3.83
N THR J 260 47.82 -0.73 3.15
CA THR J 260 49.20 -0.51 2.74
C THR J 260 49.92 0.49 3.63
N TYR J 261 49.44 1.74 3.70
CA TYR J 261 50.25 2.68 4.46
C TYR J 261 50.15 2.38 5.96
N PRO J 262 49.01 2.60 6.64
CA PRO J 262 49.00 2.23 8.06
C PRO J 262 48.96 0.72 8.11
N ALA J 263 50.12 0.12 8.37
CA ALA J 263 50.27 -1.30 8.12
C ALA J 263 49.46 -2.11 9.12
N PHE J 264 48.56 -2.95 8.61
CA PHE J 264 47.84 -3.87 9.47
C PHE J 264 48.55 -5.21 9.43
N PRO J 265 48.95 -5.76 10.58
CA PRO J 265 49.82 -6.94 10.56
C PRO J 265 49.21 -8.18 9.91
N GLY J 266 47.89 -8.38 10.01
CA GLY J 266 47.26 -9.58 9.51
C GLY J 266 46.55 -9.38 8.18
N ASN J 267 45.72 -10.35 7.85
CA ASN J 267 44.83 -10.28 6.70
C ASN J 267 43.42 -9.96 7.19
N GLU J 268 42.44 -10.07 6.30
CA GLU J 268 41.08 -9.65 6.62
C GLU J 268 40.55 -10.36 7.86
N ALA J 269 40.85 -11.65 8.02
CA ALA J 269 40.37 -12.38 9.19
C ALA J 269 40.81 -11.72 10.48
N ASN J 270 42.05 -11.25 10.54
CA ASN J 270 42.52 -10.60 11.75
C ASN J 270 41.84 -9.26 11.96
N TYR J 271 41.55 -8.54 10.87
CA TYR J 271 40.83 -7.28 11.01
C TYR J 271 39.43 -7.51 11.54
N LEU J 272 38.76 -8.56 11.03
CA LEU J 272 37.44 -8.92 11.52
C LEU J 272 37.49 -9.28 12.99
N ARG J 273 38.49 -10.06 13.41
CA ARG J 273 38.62 -10.42 14.81
C ARG J 273 38.84 -9.19 15.68
N ALA J 274 39.64 -8.23 15.20
CA ALA J 274 39.87 -7.01 15.96
C ALA J 274 38.59 -6.20 16.09
N LEU J 275 37.82 -6.11 15.00
CA LEU J 275 36.53 -5.42 15.05
C LEU J 275 35.62 -6.08 16.08
N ILE J 276 35.53 -7.40 16.02
CA ILE J 276 34.69 -8.14 16.97
C ILE J 276 35.11 -7.83 18.40
N ALA J 277 36.41 -7.82 18.66
CA ALA J 277 36.87 -7.53 20.02
C ALA J 277 36.47 -6.13 20.44
N ARG J 278 36.68 -5.15 19.58
CA ARG J 278 36.38 -3.77 19.96
C ARG J 278 34.88 -3.55 20.14
N ILE J 279 34.05 -4.22 19.36
CA ILE J 279 32.61 -4.06 19.49
C ILE J 279 32.10 -4.79 20.73
N SER J 280 32.62 -5.98 21.01
CA SER J 280 32.23 -6.69 22.21
C SER J 280 32.57 -5.90 23.46
N ALA J 281 33.73 -5.26 23.48
CA ALA J 281 34.11 -4.51 24.66
C ALA J 281 33.15 -3.37 24.97
N ALA J 282 32.41 -2.88 23.98
CA ALA J 282 31.64 -1.67 24.14
C ALA J 282 30.13 -1.86 24.09
N THR J 283 29.64 -2.89 23.42
CA THR J 283 28.20 -2.96 23.17
C THR J 283 27.51 -4.12 23.86
N VAL J 284 28.15 -5.28 23.99
CA VAL J 284 27.49 -6.42 24.61
C VAL J 284 27.17 -6.10 26.06
N VAL J 285 25.90 -6.09 26.39
CA VAL J 285 25.41 -5.66 27.69
C VAL J 285 24.36 -6.64 28.19
N ALA J 286 23.77 -6.32 29.33
CA ALA J 286 22.75 -7.15 29.95
C ALA J 286 21.96 -6.29 30.92
N PRO J 287 20.74 -6.69 31.28
CA PRO J 287 19.95 -5.88 32.21
C PRO J 287 20.62 -5.82 33.57
N SER J 288 20.44 -4.69 34.24
CA SER J 288 21.05 -4.52 35.54
C SER J 288 20.43 -5.48 36.54
N ASP J 289 21.22 -5.88 37.53
CA ASP J 289 20.86 -6.79 38.61
C ASP J 289 20.57 -8.20 38.13
N LEU J 290 20.76 -8.51 36.85
CA LEU J 290 20.60 -9.88 36.41
C LEU J 290 21.82 -10.72 36.77
N PHE J 291 23.01 -10.15 36.61
CA PHE J 291 24.24 -10.82 36.96
C PHE J 291 24.90 -10.13 38.14
N SER J 292 25.67 -10.90 38.90
CA SER J 292 26.48 -10.37 39.98
C SER J 292 27.88 -10.96 39.86
N LEU J 293 28.85 -10.25 40.43
CA LEU J 293 30.26 -10.60 40.27
C LEU J 293 30.66 -11.58 41.37
N ASN J 294 30.90 -12.84 40.98
CA ASN J 294 31.36 -13.85 41.92
C ASN J 294 32.85 -13.63 42.18
N ASP J 295 33.17 -13.26 43.42
CA ASP J 295 34.53 -12.85 43.75
C ASP J 295 35.54 -13.94 43.45
N GLU J 296 35.41 -15.09 44.10
CA GLU J 296 36.41 -16.15 43.99
C GLU J 296 36.53 -16.64 42.55
N THR J 297 35.44 -17.17 42.00
CA THR J 297 35.49 -17.70 40.64
C THR J 297 35.74 -16.62 39.61
N GLY J 298 35.50 -15.35 39.96
CA GLY J 298 35.69 -14.28 39.00
C GLY J 298 34.76 -14.38 37.81
N GLU J 299 33.50 -14.71 38.06
CA GLU J 299 32.54 -14.91 36.98
C GLU J 299 31.23 -14.23 37.37
N LEU J 300 30.19 -14.51 36.60
CA LEU J 300 28.91 -13.84 36.74
C LEU J 300 27.85 -14.85 37.19
N GLU J 301 27.02 -14.42 38.13
CA GLU J 301 25.98 -15.26 38.72
C GLU J 301 24.63 -14.75 38.27
N ARG J 302 23.97 -15.49 37.39
CA ARG J 302 22.64 -15.12 36.95
C ARG J 302 21.66 -15.35 38.08
N ALA J 303 21.31 -14.29 38.79
CA ALA J 303 20.33 -14.40 39.86
C ALA J 303 18.97 -14.80 39.28
N GLU J 304 18.18 -15.51 40.10
CA GLU J 304 16.88 -15.99 39.65
C GLU J 304 15.73 -15.33 40.39
N ASP J 305 15.99 -14.25 41.12
CA ASP J 305 14.94 -13.38 41.62
C ASP J 305 14.87 -12.07 40.84
N TRP J 306 15.57 -11.97 39.72
CA TRP J 306 15.57 -10.76 38.93
C TRP J 306 14.20 -10.55 38.30
N GLU J 307 13.63 -9.36 38.51
CA GLU J 307 12.40 -8.98 37.87
C GLU J 307 12.66 -7.86 36.90
N PRO J 308 12.16 -7.96 35.66
CA PRO J 308 12.35 -6.88 34.70
C PRO J 308 11.41 -5.73 35.02
N PRO J 309 11.76 -4.52 34.65
CA PRO J 309 10.79 -3.42 34.76
C PRO J 309 9.85 -3.42 33.57
N ALA J 310 8.98 -2.42 33.49
CA ALA J 310 8.14 -2.28 32.31
C ALA J 310 9.00 -2.08 31.07
N GLY J 311 8.48 -2.53 29.93
CA GLY J 311 9.24 -2.43 28.69
C GLY J 311 9.72 -1.02 28.40
N ARG J 312 8.84 -0.03 28.56
CA ARG J 312 9.21 1.35 28.31
C ARG J 312 10.21 1.89 29.32
N GLU J 313 10.44 1.18 30.42
CA GLU J 313 11.50 1.58 31.34
C GLU J 313 12.83 0.91 31.02
N MET J 314 12.85 -0.09 30.16
CA MET J 314 14.09 -0.67 29.69
C MET J 314 14.79 0.21 28.66
N ALA J 315 14.15 1.27 28.19
CA ALA J 315 14.74 2.18 27.24
C ALA J 315 15.54 3.29 27.90
N ALA J 316 15.95 3.09 29.10
CA ALA J 316 16.84 4.03 29.77
C ALA J 316 18.26 3.48 29.78
N PRO J 317 19.27 4.35 29.80
CA PRO J 317 20.65 3.85 29.89
C PRO J 317 21.06 3.45 31.30
N THR J 318 20.22 3.70 32.30
CA THR J 318 20.46 3.26 33.66
C THR J 318 19.88 1.89 33.94
N ALA J 319 19.55 1.12 32.91
CA ALA J 319 18.92 -0.18 33.07
C ALA J 319 19.70 -1.28 32.36
N TRP J 320 20.93 -1.01 31.96
CA TRP J 320 21.79 -2.02 31.35
C TRP J 320 23.20 -1.82 31.86
N VAL J 321 24.01 -2.88 31.77
CA VAL J 321 25.37 -2.89 32.26
C VAL J 321 26.23 -3.72 31.32
N HIS J 322 27.54 -3.43 31.34
CA HIS J 322 28.48 -4.14 30.50
C HIS J 322 28.76 -5.53 31.07
N VAL J 323 28.90 -6.50 30.18
CA VAL J 323 29.22 -7.87 30.60
C VAL J 323 30.44 -8.36 29.83
N ARG J 324 31.30 -7.44 29.43
CA ARG J 324 32.58 -7.79 28.81
C ARG J 324 33.64 -6.84 29.34
N PRO J 325 34.86 -7.33 29.52
CA PRO J 325 35.93 -6.46 30.03
C PRO J 325 36.23 -5.32 29.06
N HIS J 326 36.60 -4.19 29.63
CA HIS J 326 36.71 -2.92 28.90
C HIS J 326 37.84 -2.89 27.89
N LEU J 327 38.59 -3.95 27.65
CA LEU J 327 39.63 -3.95 26.63
C LEU J 327 40.66 -2.86 26.86
N ASP J 360 33.81 -0.75 36.46
CA ASP J 360 34.81 -1.80 36.28
C ASP J 360 34.36 -2.82 35.24
N LEU J 361 33.48 -3.74 35.63
CA LEU J 361 32.90 -4.68 34.69
C LEU J 361 31.40 -4.48 34.53
N LEU J 362 30.63 -4.54 35.62
CA LEU J 362 29.19 -4.36 35.53
C LEU J 362 28.79 -2.91 35.73
N ALA J 363 29.40 -2.02 34.95
CA ALA J 363 29.09 -0.61 35.00
C ALA J 363 27.89 -0.30 34.11
N ALA J 364 27.05 0.62 34.57
CA ALA J 364 25.86 0.98 33.83
C ALA J 364 26.22 1.72 32.55
N LEU J 365 25.39 1.54 31.52
CA LEU J 365 25.61 2.24 30.26
C LEU J 365 25.50 3.75 30.43
N GLU J 366 24.90 4.21 31.52
CA GLU J 366 24.77 5.65 31.73
C GLU J 366 26.12 6.31 31.89
N GLU J 367 27.10 5.59 32.42
CA GLU J 367 28.44 6.14 32.62
C GLU J 367 29.35 5.71 31.46
N ASP J 368 28.99 6.15 30.27
CA ASP J 368 29.83 5.98 29.10
C ASP J 368 30.39 7.33 28.68
N ALA J 369 31.29 7.30 27.71
CA ALA J 369 31.86 8.52 27.17
C ALA J 369 30.80 9.24 26.33
N GLN J 370 30.38 10.41 26.78
CA GLN J 370 29.39 11.17 26.04
C GLN J 370 29.96 11.67 24.73
N LEU J 371 29.09 11.79 23.73
CA LEU J 371 29.48 12.30 22.43
C LEU J 371 29.60 13.82 22.48
N PRO J 372 30.19 14.43 21.46
CA PRO J 372 30.40 15.89 21.49
C PRO J 372 29.09 16.64 21.65
N GLY J 373 28.97 17.36 22.77
CA GLY J 373 27.82 18.20 23.00
C GLY J 373 26.96 17.76 24.17
N GLU J 374 27.57 17.10 25.15
CA GLU J 374 26.85 16.55 26.30
C GLU J 374 25.73 15.62 25.85
N GLN J 375 26.01 14.86 24.80
CA GLN J 375 25.05 13.91 24.24
C GLN J 375 25.36 12.52 24.77
N ALA J 376 24.33 11.82 25.23
CA ALA J 376 24.52 10.46 25.71
C ALA J 376 24.82 9.52 24.55
N ALA J 377 25.64 8.52 24.84
CA ALA J 377 26.11 7.61 23.79
C ALA J 377 25.12 6.51 23.45
N TRP J 378 23.98 6.44 24.15
CA TRP J 378 22.97 5.43 23.89
C TRP J 378 21.61 6.12 23.79
N THR J 379 20.86 5.82 22.75
CA THR J 379 19.60 6.48 22.51
C THR J 379 18.43 5.51 22.60
N PRO J 380 17.29 5.93 23.13
CA PRO J 380 16.19 5.00 23.34
C PRO J 380 15.54 4.56 22.04
N ILE J 381 14.93 3.38 22.09
CA ILE J 381 14.02 2.92 21.05
C ILE J 381 12.82 2.27 21.74
N TYR J 382 11.63 2.55 21.21
CA TYR J 382 10.38 2.08 21.78
C TYR J 382 9.65 1.22 20.77
N SER J 383 8.67 0.47 21.24
CA SER J 383 7.95 -0.46 20.39
C SER J 383 6.65 0.12 19.86
N SER J 384 6.10 1.14 20.50
CA SER J 384 4.84 1.73 20.07
C SER J 384 4.90 3.24 20.31
N ALA J 385 4.15 3.97 19.50
CA ALA J 385 4.16 5.42 19.59
C ALA J 385 3.29 5.98 20.70
N SER J 386 2.46 5.16 21.32
CA SER J 386 1.56 5.61 22.39
C SER J 386 2.00 5.03 23.71
N GLU J 387 2.10 5.88 24.73
CA GLU J 387 2.45 5.45 26.08
C GLU J 387 1.35 4.71 26.76
N ALA J 388 0.25 4.36 26.11
CA ALA J 388 -0.86 3.71 26.80
C ALA J 388 -1.02 2.25 26.46
N VAL J 389 -0.30 1.73 25.46
CA VAL J 389 -0.26 0.30 25.25
C VAL J 389 0.45 -0.34 26.43
N LYS J 390 -0.05 -1.49 26.87
CA LYS J 390 0.36 -2.02 28.16
C LYS J 390 1.52 -3.00 28.09
N THR J 391 1.72 -3.68 26.97
CA THR J 391 2.81 -4.64 26.84
C THR J 391 3.64 -4.25 25.62
N GLN J 392 4.68 -3.45 25.85
CA GLN J 392 5.56 -3.00 24.78
C GLN J 392 7.01 -3.21 25.19
N ALA J 393 7.88 -3.27 24.19
CA ALA J 393 9.30 -3.49 24.39
C ALA J 393 10.02 -2.16 24.62
N GLY J 394 11.26 -2.26 25.09
CA GLY J 394 12.11 -1.09 25.21
C GLY J 394 13.52 -1.46 24.84
N GLY J 395 14.31 -0.45 24.49
CA GLY J 395 15.69 -0.79 24.19
C GLY J 395 16.54 0.43 23.97
N LEU J 396 17.81 0.17 23.69
CA LEU J 396 18.77 1.21 23.40
C LEU J 396 19.49 0.89 22.09
N ARG J 397 19.95 1.95 21.44
CA ARG J 397 20.71 1.89 20.21
C ARG J 397 22.01 2.64 20.44
N SER J 398 23.11 2.12 19.90
CA SER J 398 24.42 2.71 20.12
C SER J 398 24.69 3.81 19.11
N LEU J 399 25.19 4.94 19.60
CA LEU J 399 25.58 6.02 18.70
C LEU J 399 27.01 5.83 18.20
N VAL J 400 27.89 5.32 19.04
CA VAL J 400 29.28 5.14 18.65
C VAL J 400 29.41 4.02 17.62
N TRP J 401 28.70 2.92 17.83
CA TRP J 401 28.73 1.80 16.88
C TRP J 401 27.34 1.66 16.26
N PRO J 402 27.07 2.33 15.15
CA PRO J 402 25.75 2.22 14.53
C PRO J 402 25.49 0.80 14.06
N GLY J 403 24.38 0.24 14.53
CA GLY J 403 24.03 -1.14 14.26
C GLY J 403 24.04 -2.02 15.48
N ALA J 404 24.47 -1.50 16.62
CA ALA J 404 24.50 -2.25 17.86
C ALA J 404 23.28 -1.88 18.68
N VAL J 405 22.47 -2.88 19.02
CA VAL J 405 21.21 -2.65 19.70
C VAL J 405 21.04 -3.62 20.85
N CYS J 406 20.46 -3.13 21.93
CA CYS J 406 20.02 -3.98 23.02
C CYS J 406 18.55 -3.72 23.28
N GLY J 407 17.84 -4.73 23.73
CA GLY J 407 16.42 -4.54 23.95
C GLY J 407 15.71 -5.66 24.65
N GLY J 408 14.74 -5.32 25.47
CA GLY J 408 13.98 -6.30 26.21
C GLY J 408 12.48 -6.06 26.13
N ARG J 409 11.73 -7.17 26.06
CA ARG J 409 10.29 -7.15 26.13
C ARG J 409 9.85 -8.13 27.21
N GLY J 410 9.07 -7.64 28.18
CA GLY J 410 8.63 -8.48 29.26
C GLY J 410 9.79 -9.07 30.04
N SER J 411 10.00 -10.38 29.89
CA SER J 411 11.07 -11.08 30.57
C SER J 411 12.22 -11.47 29.66
N GLU J 412 12.08 -11.24 28.36
CA GLU J 412 13.13 -11.61 27.41
C GLU J 412 13.92 -10.37 27.00
N TRP J 413 15.17 -10.59 26.61
CA TRP J 413 16.02 -9.49 26.21
C TRP J 413 17.15 -10.04 25.36
N THR J 414 17.80 -9.15 24.62
CA THR J 414 18.88 -9.58 23.75
C THR J 414 19.70 -8.38 23.30
N CYS J 415 20.96 -8.65 22.96
CA CYS J 415 21.84 -7.71 22.30
C CYS J 415 22.25 -8.30 20.97
N VAL J 416 22.53 -7.44 19.99
CA VAL J 416 23.02 -7.90 18.70
C VAL J 416 23.72 -6.75 18.01
N TYR J 417 24.57 -7.07 17.03
CA TYR J 417 25.14 -6.08 16.15
C TYR J 417 24.89 -6.48 14.71
N VAL J 418 24.31 -5.57 13.93
CA VAL J 418 24.20 -5.72 12.49
C VAL J 418 24.72 -4.45 11.84
N GLY J 419 25.65 -4.59 10.90
CA GLY J 419 26.15 -3.40 10.24
C GLY J 419 27.36 -3.67 9.38
N TRP J 420 28.13 -2.60 9.14
CA TRP J 420 29.31 -2.64 8.29
C TRP J 420 30.60 -2.76 9.09
N GLY J 421 30.57 -2.47 10.38
CA GLY J 421 31.75 -2.54 11.20
C GLY J 421 32.43 -1.22 11.45
N VAL J 422 31.97 -0.15 10.84
CA VAL J 422 32.66 1.13 10.92
C VAL J 422 32.20 1.88 12.16
N LYS J 423 33.15 2.49 12.84
CA LYS J 423 32.83 3.30 14.01
C LYS J 423 32.14 4.58 13.58
N ASN J 424 31.63 5.32 14.55
CA ASN J 424 31.03 6.63 14.31
C ASN J 424 31.82 7.65 15.12
N ALA J 425 32.90 8.14 14.52
CA ALA J 425 33.77 9.10 15.17
C ALA J 425 34.46 9.93 14.10
N PRO J 426 34.92 11.13 14.43
CA PRO J 426 35.62 11.95 13.43
C PRO J 426 36.90 11.28 13.00
N PHE J 427 36.97 10.95 11.71
CA PHE J 427 38.08 10.19 11.17
C PHE J 427 39.16 11.15 10.66
N VAL J 428 40.36 11.01 11.17
CA VAL J 428 41.52 11.77 10.71
C VAL J 428 42.52 10.79 10.14
N PRO J 429 42.76 10.77 8.83
CA PRO J 429 43.75 9.84 8.28
C PRO J 429 45.12 10.11 8.87
N LEU J 430 45.93 9.08 8.89
CA LEU J 430 47.21 9.18 9.57
C LEU J 430 48.16 10.04 8.75
N PRO J 431 48.77 11.06 9.34
CA PRO J 431 49.77 11.86 8.62
C PRO J 431 50.98 11.01 8.28
N PRO J 432 51.84 11.47 7.39
CA PRO J 432 53.12 10.80 7.19
C PRO J 432 53.91 10.77 8.49
N PRO J 433 54.65 9.69 8.74
CA PRO J 433 55.29 9.51 10.04
C PRO J 433 56.37 10.55 10.27
N PRO J 434 56.82 10.73 11.51
CA PRO J 434 57.82 11.76 11.79
C PRO J 434 59.14 11.48 11.09
N VAL J 435 59.92 12.53 10.92
CA VAL J 435 61.26 12.43 10.35
C VAL J 435 62.27 12.48 11.48
N ALA J 436 63.34 11.69 11.36
CA ALA J 436 64.31 11.58 12.43
C ALA J 436 65.26 12.77 12.43
N GLN J 437 65.64 13.21 13.63
CA GLN J 437 66.59 14.29 13.76
C GLN J 437 68.02 13.75 13.63
N GLU J 438 68.99 14.65 13.77
CA GLU J 438 70.40 14.30 13.69
C GLU J 438 71.05 14.47 15.06
N PHE J 439 72.34 14.21 15.11
CA PHE J 439 73.09 14.36 16.35
C PHE J 439 73.35 15.82 16.64
N ALA J 440 73.38 16.17 17.93
CA ALA J 440 73.55 17.55 18.33
C ALA J 440 74.95 18.03 17.99
N TRP J 441 75.05 19.17 17.31
CA TRP J 441 76.35 19.70 16.90
C TRP J 441 77.15 20.23 18.07
N GLY J 442 76.50 20.64 19.15
CA GLY J 442 77.21 21.18 20.28
C GLY J 442 78.15 20.21 20.95
N GLU J 443 77.99 18.91 20.69
CA GLU J 443 78.83 17.88 21.26
C GLU J 443 79.71 17.20 20.24
N VAL J 444 79.60 17.56 18.96
CA VAL J 444 80.47 17.05 17.92
C VAL J 444 80.98 18.27 17.16
N GLU J 445 82.13 18.79 17.58
CA GLU J 445 82.69 19.98 16.97
C GLU J 445 84.20 19.89 16.97
N THR J 446 84.82 20.33 15.89
CA THR J 446 86.26 20.22 15.73
C THR J 446 86.98 21.13 16.72
N GLN J 447 87.94 20.55 17.43
CA GLN J 447 88.79 21.32 18.33
C GLN J 447 89.97 21.92 17.56
N GLU J 448 90.76 22.73 18.24
CA GLU J 448 91.93 23.32 17.64
C GLU J 448 92.92 23.71 18.73
N LEU J 449 94.19 23.81 18.35
CA LEU J 449 95.22 24.30 19.25
C LEU J 449 95.27 25.83 19.20
N GLU J 450 95.96 26.41 20.17
CA GLU J 450 96.01 27.85 20.31
C GLU J 450 96.64 28.50 19.08
N LEU J 451 96.37 29.79 18.92
CA LEU J 451 96.88 30.57 17.81
C LEU J 451 98.04 31.45 18.26
N LYS J 452 98.88 31.83 17.30
CA LYS J 452 100.04 32.67 17.57
C LYS J 452 99.62 34.08 18.01
N ALA K 3 15.38 -7.94 -61.66
CA ALA K 3 14.47 -6.84 -61.94
C ALA K 3 13.08 -7.14 -61.39
N ASP K 4 12.86 -8.40 -61.01
CA ASP K 4 11.58 -8.80 -60.42
C ASP K 4 11.32 -8.13 -59.07
N VAL K 5 12.34 -7.53 -58.47
CA VAL K 5 12.18 -6.94 -57.14
C VAL K 5 11.18 -5.80 -57.19
N GLY K 6 11.32 -4.91 -58.16
CA GLY K 6 10.38 -3.80 -58.28
C GLY K 6 8.96 -4.28 -58.58
N GLN K 7 8.84 -5.34 -59.38
CA GLN K 7 7.53 -5.90 -59.67
C GLN K 7 6.88 -6.43 -58.39
N ALA K 8 7.64 -7.18 -57.59
CA ALA K 8 7.10 -7.70 -56.34
C ALA K 8 6.77 -6.58 -55.38
N LEU K 9 7.58 -5.52 -55.36
CA LEU K 9 7.29 -4.39 -54.49
C LEU K 9 6.01 -3.68 -54.88
N ALA K 10 5.81 -3.45 -56.18
CA ALA K 10 4.55 -2.87 -56.64
C ALA K 10 3.38 -3.79 -56.29
N PHE K 11 3.59 -5.10 -56.44
CA PHE K 11 2.54 -6.05 -56.11
C PHE K 11 2.15 -5.96 -54.64
N LEU K 12 3.14 -5.87 -53.75
CA LEU K 12 2.86 -5.85 -52.32
C LEU K 12 2.26 -4.52 -51.88
N GLN K 13 2.80 -3.42 -52.38
CA GLN K 13 2.20 -2.11 -52.13
C GLN K 13 0.84 -1.98 -52.82
N GLN K 14 0.48 -2.91 -53.68
CA GLN K 14 -0.81 -2.91 -54.36
C GLN K 14 -1.88 -3.62 -53.55
N VAL K 15 -1.65 -4.87 -53.15
CA VAL K 15 -2.67 -5.66 -52.47
C VAL K 15 -2.98 -5.05 -51.12
N LYS K 16 -4.25 -4.95 -50.79
CA LYS K 16 -4.70 -4.32 -49.55
C LYS K 16 -4.93 -5.37 -48.47
N THR K 17 -4.62 -4.99 -47.24
CA THR K 17 -4.88 -5.84 -46.09
C THR K 17 -6.38 -6.06 -45.94
N THR K 18 -6.72 -7.16 -45.26
CA THR K 18 -8.12 -7.37 -44.88
C THR K 18 -8.58 -6.28 -43.92
N GLN K 19 -7.77 -5.98 -42.92
CA GLN K 19 -8.06 -4.93 -41.95
C GLN K 19 -7.21 -3.69 -42.20
N GLY K 20 -6.97 -3.37 -43.46
CA GLY K 20 -6.19 -2.20 -43.81
C GLY K 20 -5.92 -2.13 -45.30
N ALA K 21 -4.69 -1.80 -45.67
CA ALA K 21 -4.33 -1.70 -47.08
C ALA K 21 -2.81 -1.75 -47.21
N SER K 22 -2.35 -2.13 -48.40
CA SER K 22 -0.93 -2.12 -48.74
C SER K 22 -0.13 -3.02 -47.79
N ILE K 23 -0.35 -4.32 -47.98
CA ILE K 23 0.30 -5.39 -47.21
C ILE K 23 1.76 -5.03 -46.93
N TYR K 24 2.44 -4.49 -47.94
CA TYR K 24 3.79 -3.98 -47.74
C TYR K 24 3.84 -3.03 -46.55
N GLU K 25 2.95 -2.05 -46.50
CA GLU K 25 2.98 -1.08 -45.43
C GLU K 25 2.56 -1.69 -44.10
N GLY K 26 1.66 -2.68 -44.12
CA GLY K 26 1.33 -3.38 -42.89
C GLY K 26 2.52 -4.08 -42.29
N LEU K 27 3.24 -4.85 -43.10
CA LEU K 27 4.46 -5.48 -42.65
C LEU K 27 5.48 -4.44 -42.19
N LYS K 28 5.54 -3.31 -42.88
CA LYS K 28 6.50 -2.29 -42.49
C LYS K 28 6.18 -1.72 -41.12
N ALA K 29 4.90 -1.48 -40.84
CA ALA K 29 4.52 -0.99 -39.52
C ALA K 29 4.76 -2.06 -38.46
N ALA K 30 4.51 -3.32 -38.79
CA ALA K 30 4.80 -4.40 -37.85
C ALA K 30 6.27 -4.44 -37.49
N LEU K 31 7.14 -4.40 -38.50
CA LEU K 31 8.57 -4.44 -38.26
C LEU K 31 9.04 -3.22 -37.50
N ALA K 32 8.46 -2.05 -37.80
CA ALA K 32 8.85 -0.85 -37.07
C ALA K 32 8.44 -0.96 -35.61
N LYS K 33 7.30 -1.58 -35.34
CA LYS K 33 6.86 -1.74 -33.96
C LYS K 33 7.73 -2.75 -33.23
N VAL K 34 8.14 -3.82 -33.90
CA VAL K 34 8.99 -4.82 -33.27
C VAL K 34 10.37 -4.24 -32.99
N LEU K 35 10.90 -3.43 -33.92
CA LEU K 35 12.19 -2.81 -33.70
C LEU K 35 12.15 -1.66 -32.72
N GLU K 36 10.98 -1.05 -32.52
CA GLU K 36 10.87 0.03 -31.55
C GLU K 36 11.15 -0.47 -30.15
N ASP K 37 10.53 -1.59 -29.78
CA ASP K 37 10.80 -2.26 -28.52
C ASP K 37 10.92 -3.75 -28.83
N ARG K 38 12.14 -4.25 -28.87
CA ARG K 38 12.39 -5.65 -29.18
C ARG K 38 11.77 -6.51 -28.10
N PRO K 39 10.66 -7.18 -28.38
CA PRO K 39 9.85 -7.78 -27.32
C PRO K 39 10.40 -9.13 -26.86
N VAL K 40 9.92 -9.55 -25.69
CA VAL K 40 10.25 -10.87 -25.17
C VAL K 40 9.56 -11.91 -26.05
N ASN K 41 10.36 -12.80 -26.65
CA ASN K 41 9.87 -13.80 -27.60
C ASN K 41 9.18 -13.13 -28.78
N ALA K 42 9.99 -12.39 -29.54
CA ALA K 42 9.46 -11.57 -30.63
C ALA K 42 8.66 -12.39 -31.62
N VAL K 43 9.16 -13.58 -31.96
CA VAL K 43 8.45 -14.42 -32.92
C VAL K 43 7.06 -14.76 -32.39
N GLU K 44 6.95 -15.08 -31.10
CA GLU K 44 5.65 -15.35 -30.51
C GLU K 44 4.84 -14.07 -30.33
N ALA K 45 5.51 -12.96 -30.00
CA ALA K 45 4.81 -11.70 -29.84
C ALA K 45 4.27 -11.16 -31.15
N LEU K 46 4.68 -11.72 -32.29
CA LEU K 46 4.15 -11.28 -33.58
C LEU K 46 2.63 -11.47 -33.64
N GLU K 47 2.14 -12.59 -33.16
CA GLU K 47 0.71 -12.88 -33.25
C GLU K 47 -0.07 -12.44 -32.02
N THR K 48 0.59 -12.22 -30.89
CA THR K 48 -0.12 -11.92 -29.65
C THR K 48 -0.06 -10.46 -29.26
N SER K 49 0.76 -9.64 -29.91
CA SER K 49 0.85 -8.25 -29.50
C SER K 49 0.85 -7.23 -30.62
N VAL K 50 1.24 -7.56 -31.85
CA VAL K 50 1.40 -6.57 -32.91
C VAL K 50 0.46 -6.79 -34.07
N LEU K 51 0.35 -8.03 -34.57
CA LEU K 51 -0.60 -8.33 -35.63
C LEU K 51 -2.00 -8.60 -35.09
N SER K 52 -2.23 -8.31 -33.82
CA SER K 52 -3.52 -8.55 -33.17
C SER K 52 -3.59 -7.65 -31.94
N THR K 53 -4.54 -7.93 -31.06
CA THR K 53 -4.65 -7.22 -29.80
C THR K 53 -5.30 -8.14 -28.77
N PRO K 54 -4.67 -8.35 -27.62
CA PRO K 54 -5.25 -9.23 -26.62
C PRO K 54 -6.56 -8.66 -26.11
N PRO K 55 -7.47 -9.52 -25.62
CA PRO K 55 -8.84 -9.07 -25.40
C PRO K 55 -9.02 -8.11 -24.24
N ALA K 56 -8.14 -8.13 -23.24
CA ALA K 56 -8.29 -7.22 -22.12
C ALA K 56 -7.13 -6.25 -22.03
N ALA K 57 -6.74 -5.68 -23.18
CA ALA K 57 -5.49 -4.94 -23.23
C ALA K 57 -5.57 -3.60 -22.52
N ASN K 58 -6.71 -2.92 -22.58
CA ASN K 58 -6.83 -1.58 -22.03
C ASN K 58 -7.92 -1.54 -20.96
N LEU K 59 -7.80 -0.55 -20.07
CA LEU K 59 -8.77 -0.35 -19.00
C LEU K 59 -8.63 1.09 -18.52
N SER K 60 -9.77 1.74 -18.26
CA SER K 60 -9.79 3.14 -17.85
C SER K 60 -10.83 3.31 -16.76
N VAL K 61 -10.38 3.41 -15.51
CA VAL K 61 -11.28 3.53 -14.37
C VAL K 61 -10.86 4.74 -13.55
N PRO K 62 -11.72 5.21 -12.66
CA PRO K 62 -11.31 6.28 -11.75
C PRO K 62 -10.22 5.83 -10.80
N LEU K 63 -9.73 6.75 -9.97
CA LEU K 63 -8.77 6.37 -8.95
C LEU K 63 -9.41 5.44 -7.93
N VAL K 64 -10.65 5.72 -7.56
CA VAL K 64 -11.38 4.92 -6.58
C VAL K 64 -12.87 5.03 -6.90
N PRO K 65 -13.60 3.93 -6.99
CA PRO K 65 -15.02 4.00 -7.37
C PRO K 65 -15.82 4.81 -6.37
N ALA K 66 -17.01 5.21 -6.79
CA ALA K 66 -17.88 5.98 -5.92
C ALA K 66 -18.63 5.12 -4.92
N ALA K 67 -18.82 3.84 -5.22
CA ALA K 67 -19.43 2.90 -4.30
C ALA K 67 -18.40 2.34 -3.32
N SER K 68 -17.63 3.22 -2.69
CA SER K 68 -16.57 2.77 -1.81
C SER K 68 -16.48 3.59 -0.53
N ALA K 69 -17.52 4.33 -0.18
CA ALA K 69 -17.47 5.11 1.05
C ALA K 69 -17.47 4.22 2.28
N ALA K 70 -18.11 3.05 2.20
CA ALA K 70 -18.13 2.15 3.34
C ALA K 70 -16.75 1.57 3.60
N ALA K 71 -16.08 1.11 2.54
CA ALA K 71 -14.73 0.59 2.68
C ALA K 71 -13.77 1.67 3.15
N ALA K 72 -13.97 2.91 2.71
CA ALA K 72 -13.12 4.00 3.13
C ALA K 72 -13.34 4.32 4.61
N ALA K 73 -14.59 4.28 5.06
CA ALA K 73 -14.86 4.50 6.48
C ALA K 73 -14.26 3.40 7.32
N ALA K 74 -14.32 2.15 6.83
CA ALA K 74 -13.69 1.04 7.53
C ALA K 74 -12.18 1.25 7.64
N ALA K 75 -11.55 1.64 6.54
CA ALA K 75 -10.10 1.86 6.55
C ALA K 75 -9.73 3.00 7.50
N VAL K 76 -10.52 4.08 7.51
CA VAL K 76 -10.22 5.18 8.41
C VAL K 76 -10.35 4.74 9.86
N ALA K 77 -11.40 3.96 10.16
CA ALA K 77 -11.58 3.47 11.52
C ALA K 77 -10.42 2.59 11.93
N LYS K 78 -9.97 1.71 11.05
CA LYS K 78 -8.87 0.81 11.39
C LYS K 78 -7.57 1.57 11.56
N ALA K 79 -7.31 2.56 10.70
CA ALA K 79 -6.08 3.32 10.81
C ALA K 79 -6.07 4.20 12.04
N SER K 80 -7.24 4.64 12.51
CA SER K 80 -7.30 5.46 13.70
C SER K 80 -6.91 4.70 14.97
N LEU K 81 -6.69 3.40 14.88
CA LEU K 81 -6.28 2.63 16.05
C LEU K 81 -4.86 2.95 16.48
N PHE K 82 -3.98 3.23 15.53
CA PHE K 82 -2.56 3.35 15.81
C PHE K 82 -2.22 4.76 16.31
N GLY K 83 -1.23 4.82 17.19
CA GLY K 83 -0.76 6.08 17.70
C GLY K 83 -1.79 6.80 18.54
N ASP K 84 -1.47 8.01 18.88
CA ASP K 84 -2.34 8.86 19.66
C ASP K 84 -3.29 9.65 18.76
N PRO K 85 -4.47 9.99 19.26
CA PRO K 85 -5.38 10.83 18.47
C PRO K 85 -4.89 12.26 18.44
N GLU K 86 -5.04 12.91 17.30
CA GLU K 86 -4.61 14.28 17.16
C GLU K 86 -5.55 15.21 17.93
N PRO K 87 -5.03 16.25 18.58
CA PRO K 87 -5.90 17.20 19.27
C PRO K 87 -6.70 18.01 18.26
N VAL K 88 -8.02 17.97 18.38
CA VAL K 88 -8.90 18.74 17.51
C VAL K 88 -9.33 20.00 18.25
N LEU K 89 -9.64 21.04 17.48
CA LEU K 89 -10.00 22.33 18.02
C LEU K 89 -11.43 22.69 17.64
N ASP K 90 -11.95 23.70 18.31
CA ASP K 90 -13.29 24.21 18.02
C ASP K 90 -13.21 25.22 16.90
N PRO K 91 -13.86 24.99 15.76
CA PRO K 91 -13.74 25.96 14.65
C PRO K 91 -14.23 27.36 15.01
N GLU K 92 -15.43 27.48 15.57
CA GLU K 92 -15.96 28.79 15.91
C GLU K 92 -15.14 29.47 16.99
N SER K 93 -14.60 28.70 17.94
CA SER K 93 -13.90 29.25 19.08
C SER K 93 -12.39 29.35 18.86
N GLY K 94 -11.79 28.30 18.33
CA GLY K 94 -10.35 28.24 18.15
C GLY K 94 -9.59 27.56 19.26
N GLU K 95 -10.27 27.04 20.27
CA GLU K 95 -9.63 26.35 21.37
C GLU K 95 -9.68 24.84 21.16
N PRO K 96 -8.70 24.10 21.66
CA PRO K 96 -8.70 22.65 21.49
C PRO K 96 -9.80 22.00 22.32
N ILE K 97 -10.38 20.95 21.78
CA ILE K 97 -11.45 20.23 22.47
C ILE K 97 -10.84 19.33 23.53
N ASP K 98 -11.48 19.28 24.69
CA ASP K 98 -10.95 18.50 25.80
C ASP K 98 -10.99 17.02 25.47
N PRO K 99 -9.88 16.30 25.61
CA PRO K 99 -9.89 14.88 25.29
C PRO K 99 -10.63 14.07 26.35
N ASP K 100 -11.12 12.91 25.93
CA ASP K 100 -11.87 12.05 26.82
C ASP K 100 -10.96 11.43 27.87
N ALA K 101 -11.45 11.33 29.09
CA ALA K 101 -10.74 10.59 30.12
C ALA K 101 -10.82 9.10 29.82
N PRO K 102 -9.72 8.37 29.95
CA PRO K 102 -9.73 6.96 29.56
C PRO K 102 -10.36 6.07 30.62
N ASN K 103 -10.92 4.96 30.15
CA ASN K 103 -11.54 3.98 31.03
C ASN K 103 -10.47 3.07 31.62
N GLU K 104 -10.71 2.64 32.86
CA GLU K 104 -9.80 1.74 33.56
C GLU K 104 -10.24 0.30 33.35
N PHE K 105 -9.34 -0.54 32.86
CA PHE K 105 -9.69 -1.91 32.52
C PHE K 105 -8.46 -2.78 32.59
N GLU K 106 -8.68 -4.09 32.48
CA GLU K 106 -7.62 -5.08 32.48
C GLU K 106 -7.78 -5.97 31.27
N CYS K 107 -6.67 -6.26 30.60
CA CYS K 107 -6.68 -7.09 29.41
C CYS K 107 -5.52 -8.07 29.49
N GLU K 108 -5.43 -8.94 28.51
CA GLU K 108 -4.30 -9.84 28.36
C GLU K 108 -3.29 -9.23 27.41
N ASP K 109 -2.29 -10.02 27.04
CA ASP K 109 -1.28 -9.61 26.08
C ASP K 109 -1.64 -10.23 24.74
N VAL K 110 -2.41 -9.49 23.94
CA VAL K 110 -2.90 -10.03 22.68
C VAL K 110 -1.75 -10.22 21.69
N GLU K 111 -0.73 -9.37 21.78
CA GLU K 111 0.40 -9.49 20.85
C GLU K 111 1.21 -10.75 21.11
N GLY K 112 1.47 -11.07 22.37
CA GLY K 112 2.15 -12.32 22.67
C GLY K 112 1.34 -13.53 22.24
N ASP K 113 0.03 -13.47 22.39
CA ASP K 113 -0.82 -14.55 21.90
C ASP K 113 -0.70 -14.68 20.39
N GLY K 114 -0.61 -13.56 19.69
CA GLY K 114 -0.36 -13.62 18.26
C GLY K 114 0.97 -14.27 17.96
N ASP K 115 1.99 -14.00 18.78
CA ASP K 115 3.28 -14.65 18.60
C ASP K 115 3.17 -16.16 18.74
N LEU K 116 2.52 -16.62 19.81
CA LEU K 116 2.31 -18.05 20.01
C LEU K 116 1.61 -18.67 18.81
N LEU K 117 0.48 -18.10 18.41
CA LEU K 117 -0.30 -18.70 17.35
C LEU K 117 0.41 -18.66 16.01
N ASP K 118 1.24 -17.64 15.78
CA ASP K 118 2.03 -17.62 14.55
C ASP K 118 3.10 -18.70 14.59
N GLY K 119 3.70 -18.92 15.75
CA GLY K 119 4.61 -20.04 15.89
C GLY K 119 3.96 -21.36 15.53
N LEU K 120 2.75 -21.58 16.05
CA LEU K 120 2.07 -22.84 15.78
C LEU K 120 1.58 -22.94 14.34
N GLY K 121 1.29 -21.81 13.71
CA GLY K 121 0.78 -21.86 12.36
C GLY K 121 -0.73 -21.91 12.29
N VAL K 122 -1.38 -21.19 13.20
CA VAL K 122 -2.83 -21.07 13.24
C VAL K 122 -3.17 -19.65 13.63
N GLY K 123 -4.41 -19.25 13.36
CA GLY K 123 -4.86 -17.93 13.74
C GLY K 123 -5.01 -16.99 12.56
N LEU K 124 -4.77 -15.70 12.82
CA LEU K 124 -5.01 -14.66 11.83
C LEU K 124 -3.74 -14.18 11.14
N GLY K 125 -2.65 -14.03 11.88
CA GLY K 125 -1.42 -13.46 11.35
C GLY K 125 -0.91 -12.43 12.35
N ARG K 126 0.34 -12.05 12.18
CA ARG K 126 0.96 -11.19 13.19
C ARG K 126 0.48 -9.74 13.09
N GLN K 127 0.01 -9.32 11.91
CA GLN K 127 -0.43 -7.95 11.75
C GLN K 127 -1.89 -7.76 12.13
N GLU K 128 -2.74 -8.74 11.80
CA GLU K 128 -4.11 -8.70 12.27
C GLU K 128 -4.18 -8.74 13.79
N MET K 129 -3.26 -9.47 14.43
CA MET K 129 -3.30 -9.54 15.88
C MET K 129 -2.84 -8.24 16.52
N TYR K 130 -1.99 -7.47 15.85
CA TYR K 130 -1.64 -6.18 16.40
C TYR K 130 -2.83 -5.21 16.35
N ALA K 131 -3.52 -5.19 15.22
CA ALA K 131 -4.74 -4.39 15.13
C ALA K 131 -5.78 -4.86 16.12
N ALA K 132 -5.84 -6.17 16.38
CA ALA K 132 -6.77 -6.69 17.37
C ALA K 132 -6.41 -6.22 18.77
N MET K 133 -5.11 -6.19 19.08
CA MET K 133 -4.68 -5.65 20.36
C MET K 133 -5.10 -4.20 20.50
N LEU K 134 -4.94 -3.41 19.44
CA LEU K 134 -5.32 -2.02 19.52
C LEU K 134 -6.83 -1.83 19.59
N ALA K 135 -7.58 -2.73 18.96
CA ALA K 135 -9.04 -2.69 19.08
C ALA K 135 -9.48 -3.02 20.49
N VAL K 136 -8.84 -3.99 21.13
CA VAL K 136 -9.09 -4.28 22.53
C VAL K 136 -8.79 -3.05 23.37
N LYS K 137 -7.69 -2.37 23.06
CA LYS K 137 -7.34 -1.16 23.80
C LYS K 137 -8.42 -0.09 23.65
N ARG K 138 -8.96 0.07 22.44
CA ARG K 138 -9.99 1.07 22.21
C ARG K 138 -11.27 0.72 22.95
N LEU K 139 -11.71 -0.53 22.83
CA LEU K 139 -12.91 -0.96 23.54
C LEU K 139 -12.76 -0.76 25.05
N GLY K 140 -11.63 -1.20 25.60
CA GLY K 140 -11.41 -1.06 27.02
C GLY K 140 -11.34 0.37 27.50
N GLU K 141 -11.19 1.33 26.60
CA GLU K 141 -11.03 2.71 26.98
C GLU K 141 -12.29 3.55 26.79
N ASP K 142 -13.34 2.99 26.21
CA ASP K 142 -14.58 3.74 26.04
C ASP K 142 -15.22 4.01 27.39
N ALA K 143 -15.28 5.28 27.79
CA ALA K 143 -15.90 5.64 29.06
C ALA K 143 -17.39 5.33 29.06
N LYS K 144 -18.01 5.26 27.88
CA LYS K 144 -19.44 4.96 27.81
C LYS K 144 -19.72 3.53 28.23
N ARG K 145 -19.13 2.56 27.53
CA ARG K 145 -19.48 1.16 27.72
C ARG K 145 -19.07 0.63 29.09
N GLY K 146 -18.10 1.25 29.75
CA GLY K 146 -17.77 0.90 31.12
C GLY K 146 -17.25 -0.51 31.30
N VAL K 147 -16.45 -1.00 30.35
CA VAL K 147 -15.90 -2.35 30.45
C VAL K 147 -14.92 -2.42 31.61
N SER K 148 -14.78 -3.61 32.19
CA SER K 148 -13.81 -3.85 33.25
C SER K 148 -12.84 -4.97 32.94
N THR K 149 -13.02 -5.72 31.85
CA THR K 149 -12.13 -6.80 31.49
C THR K 149 -12.42 -7.23 30.06
N VAL K 150 -11.39 -7.37 29.23
CA VAL K 150 -11.58 -7.73 27.83
C VAL K 150 -10.73 -8.93 27.48
N ARG K 151 -11.23 -9.76 26.58
CA ARG K 151 -10.45 -10.84 25.99
C ARG K 151 -10.91 -11.01 24.55
N PHE K 152 -9.96 -11.01 23.62
CA PHE K 152 -10.31 -11.22 22.23
C PHE K 152 -10.73 -12.66 22.03
N PHE K 153 -12.00 -12.86 21.69
CA PHE K 153 -12.52 -14.22 21.52
C PHE K 153 -12.05 -14.83 20.22
N GLY K 154 -12.34 -14.18 19.09
CA GLY K 154 -11.90 -14.71 17.82
C GLY K 154 -12.68 -14.08 16.68
N LYS K 155 -12.81 -14.86 15.61
CA LYS K 155 -13.36 -14.36 14.37
C LYS K 155 -14.20 -15.43 13.67
N PHE K 156 -15.40 -15.01 13.25
CA PHE K 156 -16.32 -15.86 12.52
C PHE K 156 -16.42 -15.38 11.09
N PHE K 157 -16.36 -16.31 10.15
CA PHE K 157 -16.50 -15.93 8.75
C PHE K 157 -17.96 -15.65 8.42
N GLY K 158 -18.23 -15.40 7.16
CA GLY K 158 -19.58 -15.13 6.71
C GLY K 158 -19.60 -14.99 5.21
N THR K 159 -20.80 -15.08 4.65
CA THR K 159 -20.93 -15.05 3.20
C THR K 159 -20.72 -13.63 2.66
N GLN K 160 -21.06 -12.60 3.43
CA GLN K 160 -20.92 -11.24 2.97
C GLN K 160 -20.04 -10.36 3.84
N ALA K 161 -19.80 -10.74 5.08
CA ALA K 161 -18.86 -10.04 5.93
C ALA K 161 -18.40 -11.01 7.01
N ASP K 162 -17.60 -10.51 7.94
CA ASP K 162 -17.07 -11.34 9.02
C ASP K 162 -17.30 -10.64 10.35
N TYR K 163 -17.11 -11.39 11.43
CA TYR K 163 -17.31 -10.87 12.78
C TYR K 163 -16.03 -11.03 13.59
N TYR K 164 -15.70 -10.00 14.35
CA TYR K 164 -14.66 -10.05 15.36
C TYR K 164 -15.34 -9.89 16.71
N VAL K 165 -15.04 -10.81 17.64
CA VAL K 165 -15.78 -10.94 18.88
C VAL K 165 -14.89 -10.59 20.06
N PHE K 166 -15.46 -9.91 21.04
CA PHE K 166 -14.75 -9.49 22.24
C PHE K 166 -15.57 -9.87 23.46
N GLU K 167 -15.00 -10.71 24.31
CA GLU K 167 -15.67 -11.19 25.52
C GLU K 167 -15.26 -10.32 26.69
N THR K 168 -16.23 -9.81 27.43
CA THR K 168 -15.96 -8.80 28.44
C THR K 168 -16.81 -9.03 29.67
N THR K 169 -16.51 -8.26 30.70
CA THR K 169 -17.39 -8.03 31.83
C THR K 169 -17.52 -6.52 32.01
N LEU K 170 -18.63 -6.10 32.61
CA LEU K 170 -18.90 -4.68 32.76
C LEU K 170 -18.91 -4.30 34.23
N GLN K 171 -18.69 -3.01 34.48
CA GLN K 171 -18.71 -2.50 35.85
C GLN K 171 -20.11 -2.53 36.44
N SER K 172 -21.14 -2.60 35.61
CA SER K 172 -22.51 -2.69 36.10
C SER K 172 -23.33 -3.34 35.00
N ASN K 173 -23.75 -4.58 35.23
CA ASN K 173 -24.44 -5.34 34.20
C ASN K 173 -25.78 -4.70 33.88
N PRO K 174 -26.30 -4.93 32.68
CA PRO K 174 -27.63 -4.43 32.35
C PRO K 174 -28.73 -5.21 33.03
N ASP K 175 -29.99 -4.90 32.71
CA ASP K 175 -31.12 -5.58 33.29
C ASP K 175 -31.57 -6.72 32.39
N MET K 176 -31.86 -7.86 33.00
CA MET K 176 -32.31 -9.03 32.25
C MET K 176 -33.79 -9.25 32.52
N PRO K 177 -34.63 -9.18 31.50
CA PRO K 177 -36.08 -9.38 31.72
C PRO K 177 -36.37 -10.77 32.26
N GLU K 178 -37.33 -10.83 33.18
CA GLU K 178 -37.72 -12.08 33.81
C GLU K 178 -38.20 -13.09 32.77
N ALA K 179 -37.80 -14.34 32.95
CA ALA K 179 -38.14 -15.39 32.00
C ALA K 179 -39.65 -15.61 32.00
N PRO K 180 -40.32 -15.49 30.85
CA PRO K 180 -41.75 -15.78 30.80
C PRO K 180 -42.04 -17.21 31.24
N GLU K 181 -42.98 -17.35 32.18
CA GLU K 181 -43.26 -18.64 32.78
C GLU K 181 -43.68 -19.66 31.72
N GLY K 182 -43.54 -20.93 32.07
CA GLY K 182 -43.67 -22.00 31.11
C GLY K 182 -42.39 -22.34 30.38
N THR K 183 -41.28 -21.70 30.73
CA THR K 183 -40.00 -21.93 30.09
C THR K 183 -38.91 -22.06 31.16
N ILE K 184 -37.79 -22.65 30.74
CA ILE K 184 -36.63 -22.80 31.62
C ILE K 184 -36.15 -21.43 32.06
N PRO K 185 -35.84 -21.21 33.33
CA PRO K 185 -35.40 -19.88 33.77
C PRO K 185 -34.08 -19.48 33.12
N LEU K 186 -33.67 -18.25 33.39
CA LEU K 186 -32.51 -17.64 32.75
C LEU K 186 -31.39 -17.46 33.75
N GLU K 187 -30.17 -17.69 33.29
CA GLU K 187 -29.00 -17.46 34.13
C GLU K 187 -28.69 -15.96 34.16
N PRO K 188 -28.72 -15.32 35.32
CA PRO K 188 -28.52 -13.87 35.37
C PRO K 188 -27.12 -13.46 34.93
N TYR K 189 -26.87 -12.16 34.83
CA TYR K 189 -25.59 -11.68 34.36
C TYR K 189 -24.51 -11.96 35.39
N GLY K 190 -23.43 -12.58 34.94
CA GLY K 190 -22.34 -12.96 35.82
C GLY K 190 -22.37 -14.39 36.29
N GLU K 191 -23.25 -15.23 35.73
CA GLU K 191 -23.43 -16.58 36.21
C GLU K 191 -23.66 -17.52 35.04
N GLY K 192 -22.86 -18.57 34.96
CA GLY K 192 -23.08 -19.60 33.97
C GLY K 192 -22.76 -19.10 32.58
N VAL K 193 -23.74 -19.20 31.69
CA VAL K 193 -23.52 -18.80 30.30
C VAL K 193 -23.47 -17.28 30.19
N ASN K 194 -24.45 -16.60 30.75
CA ASN K 194 -24.47 -15.14 30.67
C ASN K 194 -23.55 -14.54 31.72
N ALA K 195 -22.32 -15.02 31.80
CA ALA K 195 -21.33 -14.43 32.69
C ALA K 195 -20.47 -13.39 31.99
N TYR K 196 -20.38 -13.46 30.67
CA TYR K 196 -19.58 -12.54 29.87
C TYR K 196 -20.49 -11.84 28.87
N ILE K 197 -20.41 -10.53 28.83
CA ILE K 197 -21.09 -9.74 27.81
C ILE K 197 -20.19 -9.69 26.57
N TYR K 198 -20.78 -9.89 25.40
CA TYR K 198 -19.99 -9.98 24.17
C TYR K 198 -20.27 -8.79 23.28
N PHE K 199 -19.20 -8.17 22.78
CA PHE K 199 -19.32 -7.15 21.75
C PHE K 199 -18.80 -7.72 20.44
N VAL K 200 -19.30 -7.19 19.33
CA VAL K 200 -18.96 -7.71 18.02
C VAL K 200 -18.80 -6.55 17.06
N SER K 201 -17.95 -6.74 16.06
CA SER K 201 -17.83 -5.74 14.99
C SER K 201 -17.54 -6.45 13.68
N ASN K 202 -17.75 -5.75 12.59
CA ASN K 202 -17.48 -6.32 11.28
C ASN K 202 -16.06 -6.05 10.80
N THR K 203 -15.42 -5.02 11.32
CA THR K 203 -14.02 -4.74 11.04
C THR K 203 -13.36 -4.27 12.33
N LEU K 204 -12.07 -4.50 12.44
CA LEU K 204 -11.35 -4.07 13.63
C LEU K 204 -11.35 -2.56 13.72
N GLY K 205 -11.64 -2.04 14.91
CA GLY K 205 -11.74 -0.62 15.11
C GLY K 205 -13.07 -0.01 14.73
N GLY K 206 -13.92 -0.75 14.02
CA GLY K 206 -15.23 -0.27 13.66
C GLY K 206 -16.14 -0.12 14.87
N PRO K 207 -17.41 0.20 14.63
CA PRO K 207 -18.34 0.35 15.74
C PRO K 207 -18.70 -0.99 16.36
N LEU K 208 -18.80 -1.01 17.68
CA LEU K 208 -18.99 -2.24 18.44
C LEU K 208 -20.43 -2.36 18.89
N GLN K 209 -21.07 -3.47 18.54
CA GLN K 209 -22.45 -3.74 18.90
C GLN K 209 -22.50 -4.81 19.98
N GLN K 210 -23.09 -4.47 21.12
CA GLN K 210 -23.22 -5.42 22.22
C GLN K 210 -24.25 -6.48 21.90
N LEU K 211 -23.86 -7.73 21.98
CA LEU K 211 -24.80 -8.81 21.73
C LEU K 211 -25.73 -9.00 22.93
N PRO K 212 -26.91 -9.55 22.72
CA PRO K 212 -27.86 -9.74 23.82
C PRO K 212 -27.55 -11.00 24.61
N TYR K 213 -28.13 -11.08 25.80
CA TYR K 213 -28.01 -12.29 26.59
C TYR K 213 -28.65 -13.47 25.85
N VAL K 214 -28.20 -14.67 26.21
CA VAL K 214 -28.66 -15.88 25.54
C VAL K 214 -29.57 -16.64 26.49
N THR K 215 -30.53 -17.35 25.90
CA THR K 215 -31.53 -18.11 26.63
C THR K 215 -31.46 -19.58 26.25
N PRO K 216 -31.79 -20.48 27.17
CA PRO K 216 -31.70 -21.92 26.87
C PRO K 216 -32.44 -22.33 25.62
N GLU K 217 -33.59 -21.70 25.33
CA GLU K 217 -34.32 -22.05 24.12
C GLU K 217 -33.50 -21.76 22.88
N GLN K 218 -32.77 -20.64 22.87
CA GLN K 218 -31.94 -20.31 21.73
C GLN K 218 -30.84 -21.34 21.52
N ILE K 219 -30.20 -21.79 22.60
CA ILE K 219 -29.14 -22.78 22.47
C ILE K 219 -29.69 -24.10 21.97
N LYS K 220 -30.76 -24.58 22.60
CA LYS K 220 -31.35 -25.84 22.18
C LYS K 220 -31.83 -25.77 20.73
N ALA K 221 -32.32 -24.62 20.29
CA ALA K 221 -32.77 -24.50 18.91
C ALA K 221 -31.60 -24.46 17.95
N SER K 222 -30.54 -23.72 18.30
CA SER K 222 -29.38 -23.63 17.45
C SER K 222 -28.73 -24.99 17.26
N ARG K 223 -28.84 -25.87 18.26
CA ARG K 223 -28.26 -27.20 18.12
C ARG K 223 -28.84 -27.98 16.95
N LEU K 224 -29.89 -27.49 16.32
CA LEU K 224 -30.55 -28.17 15.21
C LEU K 224 -30.19 -27.58 13.86
N LEU K 225 -29.45 -26.48 13.82
CA LEU K 225 -29.20 -25.74 12.60
C LEU K 225 -27.80 -26.01 12.08
N ARG K 226 -27.64 -25.83 10.77
CA ARG K 226 -26.35 -25.88 10.09
C ARG K 226 -26.37 -24.74 9.08
N ARG K 227 -25.89 -23.57 9.49
CA ARG K 227 -26.06 -22.34 8.71
C ARG K 227 -24.72 -21.67 8.48
N TYR K 228 -24.51 -21.20 7.25
CA TYR K 228 -23.47 -20.21 6.98
C TYR K 228 -23.94 -18.86 7.48
N LEU K 229 -23.15 -18.21 8.31
CA LEU K 229 -23.45 -16.84 8.69
C LEU K 229 -23.40 -15.94 7.47
N THR K 230 -23.97 -14.75 7.59
CA THR K 230 -23.98 -13.79 6.50
C THR K 230 -23.22 -12.51 6.79
N GLY K 231 -22.94 -12.20 8.04
CA GLY K 231 -22.24 -10.99 8.37
C GLY K 231 -23.13 -9.82 8.72
N ARG K 232 -24.43 -9.97 8.61
CA ARG K 232 -25.39 -8.92 8.95
C ARG K 232 -26.12 -9.35 10.23
N LEU K 233 -26.04 -8.53 11.24
CA LEU K 233 -26.58 -8.89 12.55
C LEU K 233 -28.06 -8.90 12.59
N ASP K 234 -28.80 -8.80 11.50
CA ASP K 234 -30.25 -8.86 11.60
C ASP K 234 -30.87 -9.67 10.47
N ALA K 235 -30.09 -10.52 9.83
CA ALA K 235 -30.62 -11.38 8.79
C ALA K 235 -31.52 -12.45 9.42
N PRO K 236 -32.40 -13.05 8.63
CA PRO K 236 -33.19 -14.17 9.14
C PRO K 236 -32.36 -15.43 9.20
N VAL K 237 -32.50 -16.16 10.32
CA VAL K 237 -31.71 -17.36 10.50
C VAL K 237 -32.32 -18.54 9.75
N SER K 238 -33.54 -18.92 10.14
CA SER K 238 -34.25 -19.98 9.43
C SER K 238 -35.71 -19.98 9.87
N ALA K 239 -36.59 -20.39 8.96
CA ALA K 239 -38.00 -20.48 9.27
C ALA K 239 -38.36 -21.80 9.92
N PHE K 240 -37.79 -22.91 9.44
CA PHE K 240 -37.95 -24.19 10.08
C PHE K 240 -36.60 -24.90 10.08
N PRO K 241 -36.11 -25.36 11.24
CA PRO K 241 -36.69 -25.26 12.58
C PRO K 241 -36.76 -23.83 13.07
N ALA K 242 -37.86 -23.46 13.72
CA ALA K 242 -38.09 -22.07 14.08
C ALA K 242 -37.04 -21.60 15.07
N PHE K 243 -36.11 -20.80 14.61
CA PHE K 243 -35.17 -20.22 15.56
C PHE K 243 -35.77 -18.94 16.13
N PRO K 244 -35.70 -18.73 17.43
CA PRO K 244 -36.29 -17.53 18.04
C PRO K 244 -35.34 -16.33 18.09
N GLY K 245 -35.11 -15.70 16.95
CA GLY K 245 -34.30 -14.51 16.92
C GLY K 245 -33.70 -14.29 15.54
N ASN K 246 -32.92 -13.22 15.45
CA ASN K 246 -32.20 -12.88 14.24
C ASN K 246 -30.80 -13.46 14.30
N GLU K 247 -29.93 -13.08 13.36
CA GLU K 247 -28.59 -13.65 13.32
C GLU K 247 -27.78 -13.28 14.55
N ALA K 248 -28.11 -12.19 15.23
CA ALA K 248 -27.37 -11.82 16.44
C ALA K 248 -27.57 -12.86 17.53
N ASN K 249 -28.78 -13.39 17.66
CA ASN K 249 -29.04 -14.39 18.68
C ASN K 249 -28.40 -15.72 18.31
N TYR K 250 -28.39 -16.07 17.03
CA TYR K 250 -27.74 -17.30 16.61
C TYR K 250 -26.23 -17.22 16.82
N LEU K 251 -25.65 -16.05 16.58
CA LEU K 251 -24.23 -15.87 16.86
C LEU K 251 -23.95 -15.94 18.35
N ARG K 252 -24.82 -15.34 19.17
CA ARG K 252 -24.66 -15.45 20.61
C ARG K 252 -24.74 -16.90 21.06
N ALA K 253 -25.59 -17.69 20.42
CA ALA K 253 -25.72 -19.10 20.77
C ALA K 253 -24.47 -19.88 20.39
N LEU K 254 -23.97 -19.68 19.17
CA LEU K 254 -22.71 -20.30 18.77
C LEU K 254 -21.58 -19.92 19.71
N ILE K 255 -21.52 -18.65 20.10
CA ILE K 255 -20.51 -18.22 21.06
C ILE K 255 -20.66 -19.00 22.35
N ALA K 256 -21.89 -19.13 22.86
CA ALA K 256 -22.09 -19.79 24.14
C ALA K 256 -21.73 -21.26 24.09
N ARG K 257 -21.93 -21.90 22.94
CA ARG K 257 -21.57 -23.31 22.82
C ARG K 257 -20.06 -23.48 22.67
N ILE K 258 -19.43 -22.68 21.81
CA ILE K 258 -18.00 -22.83 21.57
C ILE K 258 -17.19 -22.45 22.81
N SER K 259 -17.62 -21.40 23.51
CA SER K 259 -16.88 -20.97 24.69
C SER K 259 -16.87 -22.03 25.77
N ALA K 260 -17.87 -22.89 25.79
CA ALA K 260 -17.91 -23.96 26.78
C ALA K 260 -17.25 -25.22 26.27
N ALA K 261 -17.21 -25.43 24.96
CA ALA K 261 -16.64 -26.66 24.43
C ALA K 261 -15.15 -26.55 24.13
N THR K 262 -14.57 -25.35 24.05
CA THR K 262 -13.22 -25.23 23.52
C THR K 262 -12.26 -24.32 24.28
N VAL K 263 -12.71 -23.56 25.27
CA VAL K 263 -11.79 -22.67 25.99
C VAL K 263 -11.14 -23.47 27.12
N CYS K 264 -9.82 -23.54 27.11
CA CYS K 264 -9.08 -24.42 28.01
C CYS K 264 -7.92 -23.67 28.64
N CYS K 265 -7.43 -24.22 29.74
CA CYS K 265 -6.24 -23.79 30.44
C CYS K 265 -5.38 -25.01 30.73
N PRO K 266 -4.09 -24.84 30.98
CA PRO K 266 -3.25 -25.99 31.27
C PRO K 266 -3.62 -26.65 32.58
N ARG K 267 -3.48 -27.96 32.62
CA ARG K 267 -3.94 -28.74 33.76
C ARG K 267 -3.20 -28.32 35.03
N GLY K 268 -3.94 -28.26 36.13
CA GLY K 268 -3.36 -27.87 37.39
C GLY K 268 -3.11 -26.39 37.53
N PHE K 269 -3.49 -25.58 36.55
CA PHE K 269 -3.30 -24.14 36.69
C PHE K 269 -4.24 -23.56 37.74
N PHE K 270 -5.44 -24.11 37.87
CA PHE K 270 -6.43 -23.62 38.81
C PHE K 270 -6.77 -24.69 39.82
N THR K 271 -7.42 -24.27 40.90
CA THR K 271 -7.93 -25.16 41.93
C THR K 271 -9.43 -24.99 42.02
N ALA K 272 -10.18 -26.07 41.84
CA ALA K 272 -11.63 -26.01 41.87
C ALA K 272 -12.13 -26.04 43.30
N ASP K 273 -13.01 -25.10 43.63
CA ASP K 273 -13.67 -25.09 44.92
C ASP K 273 -14.94 -25.92 44.85
N ASP K 274 -15.24 -26.63 45.94
CA ASP K 274 -16.44 -27.44 46.02
C ASP K 274 -17.61 -26.70 46.64
N ASP K 275 -17.36 -25.57 47.29
CA ASP K 275 -18.45 -24.74 47.79
C ASP K 275 -19.05 -23.85 46.71
N SER K 276 -18.36 -23.68 45.60
CA SER K 276 -18.79 -22.82 44.51
C SER K 276 -18.25 -23.37 43.21
N ALA K 277 -18.22 -22.54 42.17
CA ALA K 277 -17.54 -22.87 40.93
C ALA K 277 -16.35 -21.96 40.67
N GLU K 278 -15.97 -21.14 41.66
CA GLU K 278 -14.89 -20.19 41.48
C GLU K 278 -13.56 -20.91 41.35
N LEU K 279 -12.83 -20.62 40.28
CA LEU K 279 -11.56 -21.27 39.97
C LEU K 279 -10.43 -20.35 40.41
N SER K 280 -9.86 -20.61 41.57
CA SER K 280 -8.66 -19.91 42.02
C SER K 280 -7.44 -20.70 41.57
N ALA K 281 -6.37 -19.99 41.28
CA ALA K 281 -5.16 -20.60 40.75
C ALA K 281 -4.22 -20.99 41.89
N ASN K 282 -3.70 -22.21 41.84
CA ASN K 282 -2.73 -22.63 42.83
C ASN K 282 -1.42 -21.91 42.61
N ASP K 283 -0.92 -21.29 43.66
CA ASP K 283 0.35 -20.56 43.58
C ASP K 283 1.53 -21.48 43.44
N GLU K 284 1.32 -22.78 43.28
CA GLU K 284 2.40 -23.75 43.12
C GLU K 284 2.03 -24.65 41.94
N TRP K 285 2.41 -24.23 40.74
CA TRP K 285 2.12 -24.97 39.52
C TRP K 285 3.34 -24.90 38.63
N VAL K 286 4.04 -26.01 38.47
CA VAL K 286 5.25 -26.02 37.66
C VAL K 286 4.87 -26.09 36.19
N PRO K 287 5.28 -25.10 35.39
CA PRO K 287 4.94 -25.13 33.96
C PRO K 287 5.61 -26.31 33.26
N LEU K 288 4.82 -27.10 32.57
CA LEU K 288 5.39 -28.15 31.75
C LEU K 288 6.17 -27.55 30.59
N LYS K 289 7.10 -28.32 30.05
CA LYS K 289 8.07 -27.79 29.10
C LYS K 289 8.05 -28.57 27.80
N GLY K 290 7.94 -27.84 26.68
CA GLY K 290 8.14 -28.44 25.38
C GLY K 290 6.89 -29.01 24.74
N ARG K 291 7.04 -30.12 24.04
CA ARG K 291 5.95 -30.72 23.29
C ARG K 291 4.90 -31.37 24.18
N GLU K 292 5.08 -31.38 25.49
CA GLU K 292 4.09 -32.03 26.35
C GLU K 292 2.81 -31.23 26.48
N MET K 293 2.79 -29.98 26.03
CA MET K 293 1.53 -29.26 25.92
C MET K 293 0.79 -29.59 24.65
N ALA K 294 1.37 -30.44 23.78
CA ALA K 294 0.66 -30.98 22.65
C ALA K 294 -0.14 -32.23 23.01
N LEU K 295 -0.37 -32.45 24.30
CA LEU K 295 -1.11 -33.60 24.78
C LEU K 295 -2.38 -33.13 25.45
N PRO K 296 -3.55 -33.59 25.02
CA PRO K 296 -4.80 -33.11 25.63
C PRO K 296 -4.89 -33.39 27.12
N VAL K 297 -4.11 -34.35 27.65
CA VAL K 297 -4.20 -34.70 29.06
C VAL K 297 -3.67 -33.62 29.98
N ASN K 298 -3.07 -32.56 29.43
CA ASN K 298 -2.54 -31.48 30.24
C ASN K 298 -3.35 -30.21 30.11
N TRP K 299 -4.50 -30.27 29.47
CA TRP K 299 -5.39 -29.13 29.30
C TRP K 299 -6.69 -29.40 30.02
N SER K 300 -7.15 -28.43 30.81
CA SER K 300 -8.40 -28.55 31.55
C SER K 300 -9.43 -27.59 30.97
N HIS K 301 -10.68 -28.05 30.88
CA HIS K 301 -11.75 -27.17 30.46
C HIS K 301 -11.88 -25.99 31.42
N ARG K 302 -11.80 -24.79 30.88
CA ARG K 302 -11.81 -23.59 31.72
C ARG K 302 -13.21 -23.19 32.12
N TYR K 303 -14.21 -23.45 31.28
CA TYR K 303 -15.58 -23.05 31.52
C TYR K 303 -16.47 -24.27 31.70
N ALA K 304 -17.57 -24.06 32.42
CA ALA K 304 -18.43 -25.16 32.81
C ALA K 304 -19.03 -25.86 31.59
N HIS K 305 -19.25 -27.16 31.74
CA HIS K 305 -19.92 -27.95 30.71
C HIS K 305 -21.31 -27.38 30.43
N LEU K 306 -21.83 -27.66 29.24
CA LEU K 306 -23.10 -27.12 28.80
C LEU K 306 -24.08 -28.28 28.62
N LYS K 307 -25.08 -28.36 29.49
CA LYS K 307 -26.01 -29.47 29.48
C LYS K 307 -26.90 -29.43 28.25
N GLY K 308 -27.53 -30.57 27.97
CA GLY K 308 -28.52 -30.62 26.90
C GLY K 308 -29.75 -29.77 27.15
N GLN K 309 -29.96 -29.34 28.39
CA GLN K 309 -31.05 -28.43 28.71
C GLN K 309 -30.79 -27.01 28.26
N GLY K 310 -29.54 -26.68 27.90
CA GLY K 310 -29.19 -25.33 27.55
C GLY K 310 -28.64 -24.51 28.69
N ARG K 311 -28.21 -25.15 29.77
CA ARG K 311 -27.62 -24.46 30.90
C ARG K 311 -26.35 -25.16 31.34
N THR K 312 -25.53 -24.44 32.10
CA THR K 312 -24.36 -25.07 32.71
C THR K 312 -24.74 -25.82 33.98
N VAL K 313 -25.81 -25.39 34.65
CA VAL K 313 -26.36 -26.07 35.82
C VAL K 313 -27.79 -26.40 35.49
N THR K 314 -28.09 -27.68 35.31
CA THR K 314 -29.44 -28.09 34.92
C THR K 314 -30.44 -27.72 36.02
N HIS K 315 -31.68 -27.49 35.60
CA HIS K 315 -32.70 -26.96 36.49
C HIS K 315 -33.74 -28.04 36.77
N LYS K 316 -33.88 -28.39 38.04
CA LYS K 316 -34.87 -29.37 38.48
C LYS K 316 -36.02 -28.67 39.17
N ARG K 317 -37.25 -28.99 38.74
CA ARG K 317 -38.43 -28.40 39.32
C ARG K 317 -38.82 -29.12 40.60
N ASP K 318 -39.75 -28.53 41.33
CA ASP K 318 -40.22 -29.11 42.58
C ASP K 318 -41.02 -30.37 42.30
N PRO K 319 -40.60 -31.55 42.81
CA PRO K 319 -41.34 -32.79 42.57
C PRO K 319 -42.55 -32.95 43.50
N GLU K 325 -42.19 -38.55 45.32
CA GLU K 325 -41.09 -38.36 46.25
C GLU K 325 -39.86 -39.25 45.95
N PRO K 326 -40.06 -40.44 45.34
CA PRO K 326 -38.93 -41.11 44.68
C PRO K 326 -38.67 -40.48 43.32
N GLU K 327 -37.60 -39.71 43.23
CA GLU K 327 -37.28 -38.99 42.00
C GLU K 327 -36.38 -39.81 41.08
N LYS K 328 -36.80 -41.06 40.82
CA LYS K 328 -36.21 -41.87 39.78
C LYS K 328 -37.08 -41.93 38.53
N ASN K 329 -38.35 -41.55 38.64
CA ASN K 329 -39.27 -41.60 37.53
C ASN K 329 -39.97 -40.28 37.25
N PHE K 330 -39.95 -39.32 38.19
CA PHE K 330 -40.57 -38.03 37.94
C PHE K 330 -39.63 -37.11 37.15
N TRP K 331 -38.46 -36.84 37.71
CA TRP K 331 -37.47 -36.02 37.01
C TRP K 331 -37.01 -36.72 35.75
N THR K 332 -37.12 -36.02 34.61
CA THR K 332 -36.71 -36.61 33.36
C THR K 332 -35.19 -36.69 33.28
N ALA K 333 -34.71 -37.37 32.23
CA ALA K 333 -33.28 -37.61 32.08
C ALA K 333 -32.50 -36.30 32.02
N GLU K 334 -32.86 -35.42 31.09
CA GLU K 334 -32.14 -34.16 30.93
C GLU K 334 -32.25 -33.28 32.17
N GLU K 335 -33.27 -33.47 32.99
CA GLU K 335 -33.39 -32.69 34.20
C GLU K 335 -32.44 -33.16 35.28
N MET K 336 -32.07 -34.44 35.27
CA MET K 336 -31.15 -35.02 36.23
C MET K 336 -29.80 -35.33 35.61
N GLU K 337 -29.32 -34.44 34.74
CA GLU K 337 -28.03 -34.65 34.10
C GLU K 337 -26.94 -33.96 34.89
N ALA K 338 -25.88 -34.71 35.20
CA ALA K 338 -24.69 -34.18 35.86
C ALA K 338 -23.51 -34.36 34.94
N GLY K 339 -22.80 -33.27 34.66
CA GLY K 339 -21.68 -33.31 33.74
C GLY K 339 -20.39 -33.67 34.44
N PRO K 340 -19.28 -33.51 33.73
CA PRO K 340 -17.97 -33.80 34.32
C PRO K 340 -17.69 -32.89 35.48
N PRO K 341 -16.71 -33.22 36.31
CA PRO K 341 -16.33 -32.33 37.42
C PRO K 341 -15.66 -31.07 36.89
N PRO K 342 -15.48 -30.06 37.73
CA PRO K 342 -14.75 -28.87 37.28
C PRO K 342 -13.34 -29.23 36.84
N LEU K 343 -12.86 -28.52 35.81
CA LEU K 343 -11.52 -28.68 35.30
C LEU K 343 -11.28 -30.10 34.77
N ALA K 344 -12.22 -30.60 34.00
CA ALA K 344 -12.04 -31.89 33.36
C ALA K 344 -11.03 -31.76 32.22
N THR K 345 -10.14 -32.74 32.10
CA THR K 345 -9.10 -32.68 31.09
C THR K 345 -9.68 -32.99 29.71
N LEU K 346 -9.03 -32.45 28.68
CA LEU K 346 -9.45 -32.73 27.31
C LEU K 346 -9.26 -34.18 26.93
N ASP K 347 -8.65 -34.99 27.80
CA ASP K 347 -8.52 -36.42 27.54
C ASP K 347 -9.88 -37.11 27.61
N THR K 348 -10.82 -36.55 28.36
CA THR K 348 -12.08 -37.21 28.67
C THR K 348 -13.21 -36.79 27.74
N ASP K 349 -12.99 -35.88 26.81
CA ASP K 349 -14.06 -35.43 25.94
C ASP K 349 -14.47 -36.53 24.97
N ALA K 350 -15.75 -36.56 24.64
CA ALA K 350 -16.29 -37.63 23.83
C ALA K 350 -15.73 -37.56 22.41
N PRO K 351 -15.28 -38.67 21.84
CA PRO K 351 -14.72 -38.62 20.49
C PRO K 351 -15.82 -38.41 19.45
N LEU K 352 -15.39 -38.09 18.24
CA LEU K 352 -16.30 -37.98 17.13
C LEU K 352 -16.75 -39.37 16.70
N PRO K 353 -17.90 -39.47 16.05
CA PRO K 353 -18.32 -40.78 15.52
C PRO K 353 -17.36 -41.27 14.46
N ALA K 354 -17.32 -42.59 14.29
CA ALA K 354 -16.43 -43.17 13.30
C ALA K 354 -16.87 -42.78 11.90
N ALA K 355 -15.90 -42.53 11.03
CA ALA K 355 -16.15 -42.20 9.64
C ALA K 355 -15.79 -43.40 8.76
N THR K 356 -16.39 -43.42 7.57
CA THR K 356 -16.15 -44.52 6.65
C THR K 356 -14.69 -44.62 6.28
N GLY K 357 -14.13 -45.82 6.41
CA GLY K 357 -12.73 -46.07 6.13
C GLY K 357 -11.92 -46.46 7.35
N ASP K 358 -12.44 -46.23 8.54
CA ASP K 358 -11.74 -46.60 9.77
C ASP K 358 -12.76 -46.81 10.87
N LYS K 359 -12.46 -47.76 11.75
CA LYS K 359 -13.35 -48.09 12.84
C LYS K 359 -13.11 -47.27 14.09
N VAL K 360 -11.88 -46.78 14.29
CA VAL K 360 -11.57 -46.02 15.50
C VAL K 360 -12.25 -44.66 15.43
N PRO K 361 -12.96 -44.24 16.47
CA PRO K 361 -13.50 -42.89 16.49
C PRO K 361 -12.38 -41.87 16.56
N PRO K 362 -12.40 -40.86 15.69
CA PRO K 362 -11.42 -39.79 15.78
C PRO K 362 -11.49 -39.12 17.14
N PRO K 363 -10.37 -38.68 17.68
CA PRO K 363 -10.39 -38.01 18.98
C PRO K 363 -11.05 -36.64 18.89
N ALA K 364 -11.34 -36.08 20.05
CA ALA K 364 -11.94 -34.75 20.11
C ALA K 364 -10.92 -33.64 19.93
N TRP K 365 -9.65 -33.91 20.18
CA TRP K 365 -8.60 -32.92 20.03
C TRP K 365 -7.38 -33.55 19.40
N SER K 366 -6.53 -32.72 18.84
CA SER K 366 -5.32 -33.16 18.17
C SER K 366 -4.17 -32.25 18.60
N PRO K 367 -2.93 -32.67 18.36
CA PRO K 367 -1.79 -31.80 18.68
C PRO K 367 -1.39 -30.93 17.50
N VAL K 368 -0.77 -29.80 17.83
CA VAL K 368 -0.15 -28.94 16.83
C VAL K 368 1.25 -28.60 17.29
N PHE K 369 2.20 -28.69 16.38
CA PHE K 369 3.62 -28.55 16.69
C PHE K 369 4.22 -27.34 16.01
N ALA K 370 5.19 -26.73 16.67
CA ALA K 370 5.86 -25.53 16.17
C ALA K 370 7.16 -25.84 15.46
N SER K 371 7.48 -27.11 15.23
CA SER K 371 8.76 -27.47 14.65
C SER K 371 8.67 -28.89 14.12
N ALA K 372 9.56 -29.23 13.21
CA ALA K 372 9.60 -30.56 12.62
C ALA K 372 10.57 -31.49 13.32
N SER K 373 11.31 -30.99 14.30
CA SER K 373 12.27 -31.79 15.05
C SER K 373 12.03 -31.59 16.53
N VAL K 374 11.93 -32.70 17.27
CA VAL K 374 11.66 -32.64 18.70
C VAL K 374 12.82 -32.00 19.46
N THR K 375 14.00 -31.90 18.85
CA THR K 375 15.18 -31.42 19.55
C THR K 375 15.24 -29.90 19.62
N THR K 376 14.42 -29.20 18.85
CA THR K 376 14.49 -27.74 18.80
C THR K 376 14.18 -27.14 20.17
N ARG K 377 14.92 -26.11 20.54
CA ARG K 377 14.74 -25.47 21.83
C ARG K 377 13.61 -24.46 21.78
N ASN K 378 13.04 -24.19 22.96
CA ASN K 378 12.02 -23.16 23.13
C ASN K 378 10.83 -23.35 22.21
N GLN K 379 10.44 -24.60 21.99
CA GLN K 379 9.25 -24.86 21.20
C GLN K 379 8.00 -24.40 21.92
N VAL K 380 6.97 -24.12 21.15
CA VAL K 380 5.64 -23.86 21.66
C VAL K 380 4.73 -24.96 21.15
N ALA K 381 3.64 -25.21 21.86
CA ALA K 381 2.74 -26.27 21.46
C ALA K 381 1.36 -26.01 22.01
N GLY K 382 0.39 -26.73 21.44
CA GLY K 382 -0.98 -26.62 21.87
C GLY K 382 -1.82 -27.69 21.22
N VAL K 383 -3.12 -27.54 21.37
CA VAL K 383 -4.10 -28.48 20.85
C VAL K 383 -5.11 -27.74 19.98
N ARG K 384 -5.69 -28.46 19.04
CA ARG K 384 -6.75 -27.91 18.19
C ARG K 384 -7.95 -28.83 18.24
N SER K 385 -9.14 -28.25 18.22
CA SER K 385 -10.36 -29.02 18.34
C SER K 385 -10.70 -29.69 17.02
N ASN K 386 -11.26 -30.89 17.11
CA ASN K 386 -11.79 -31.57 15.94
C ASN K 386 -13.31 -31.49 15.87
N ARG K 387 -13.97 -31.22 16.98
CA ARG K 387 -15.41 -31.02 16.97
C ARG K 387 -15.76 -29.65 16.40
N TRP K 388 -15.06 -28.62 16.85
CA TRP K 388 -15.18 -27.27 16.35
C TRP K 388 -13.93 -26.89 15.57
N PRO K 389 -13.81 -27.28 14.30
CA PRO K 389 -12.59 -26.97 13.55
C PRO K 389 -12.35 -25.47 13.45
N GLY K 390 -11.29 -24.99 14.09
CA GLY K 390 -10.99 -23.58 14.10
C GLY K 390 -10.52 -23.10 15.45
N ALA K 391 -10.98 -23.74 16.51
CA ALA K 391 -10.57 -23.39 17.85
C ALA K 391 -9.24 -24.04 18.18
N VAL K 392 -8.38 -23.29 18.88
CA VAL K 392 -7.07 -23.77 19.28
C VAL K 392 -6.74 -23.23 20.66
N CYS K 393 -5.88 -23.95 21.36
CA CYS K 393 -5.28 -23.48 22.60
C CYS K 393 -3.77 -23.73 22.49
N ALA K 394 -2.99 -22.81 23.05
CA ALA K 394 -1.54 -22.90 22.97
C ALA K 394 -0.93 -22.42 24.27
N CYS K 395 0.28 -22.90 24.55
CA CYS K 395 0.99 -22.49 25.76
C CYS K 395 2.48 -22.63 25.53
N ALA K 396 3.24 -21.61 25.91
CA ALA K 396 4.70 -21.68 25.83
C ALA K 396 5.34 -21.93 27.18
N GLY K 397 5.15 -21.01 28.12
CA GLY K 397 5.66 -21.18 29.47
C GLY K 397 4.54 -21.11 30.48
N ARG K 398 4.51 -20.02 31.24
CA ARG K 398 3.36 -19.64 32.03
C ARG K 398 2.37 -18.81 31.23
N HIS K 399 2.47 -18.84 29.91
CA HIS K 399 1.71 -17.97 29.02
C HIS K 399 0.92 -18.83 28.06
N PHE K 400 -0.40 -18.77 28.17
CA PHE K 400 -1.28 -19.61 27.37
C PHE K 400 -2.40 -18.77 26.81
N THR K 401 -3.02 -19.27 25.74
CA THR K 401 -4.09 -18.55 25.08
C THR K 401 -5.01 -19.55 24.39
N SER K 402 -6.22 -19.09 24.10
CA SER K 402 -7.20 -19.87 23.36
C SER K 402 -7.94 -18.94 22.41
N MET K 403 -8.27 -19.45 21.23
CA MET K 403 -8.82 -18.56 20.21
C MET K 403 -9.54 -19.37 19.14
N TYR K 404 -10.64 -18.81 18.64
CA TYR K 404 -11.42 -19.45 17.59
C TYR K 404 -11.36 -18.59 16.33
N VAL K 405 -11.13 -19.24 15.20
CA VAL K 405 -11.16 -18.59 13.90
C VAL K 405 -11.79 -19.58 12.94
N GLY K 406 -13.02 -19.31 12.50
CA GLY K 406 -13.65 -20.27 11.61
C GLY K 406 -15.05 -19.86 11.24
N TRP K 407 -15.76 -20.81 10.62
CA TRP K 407 -17.09 -20.57 10.12
C TRP K 407 -18.17 -20.74 11.17
N GLY K 408 -17.88 -21.39 12.29
CA GLY K 408 -18.91 -21.67 13.28
C GLY K 408 -19.72 -22.90 12.99
N ILE K 409 -19.21 -23.83 12.20
CA ILE K 409 -19.93 -25.03 11.81
C ILE K 409 -19.32 -26.21 12.55
N LYS K 410 -20.11 -26.85 13.39
CA LYS K 410 -19.65 -28.05 14.09
C LYS K 410 -19.51 -29.21 13.11
N ALA K 411 -18.41 -29.95 13.23
CA ALA K 411 -18.13 -31.08 12.37
C ALA K 411 -18.38 -32.38 13.10
N GLY K 412 -18.53 -33.44 12.32
CA GLY K 412 -18.80 -34.75 12.89
C GLY K 412 -19.76 -35.57 12.05
N GLY K 413 -20.44 -34.93 11.10
CA GLY K 413 -21.38 -35.65 10.27
C GLY K 413 -22.61 -36.14 10.98
N GLU K 414 -22.93 -35.57 12.14
CA GLU K 414 -24.07 -35.98 12.94
C GLU K 414 -25.28 -35.06 12.77
N TRP K 415 -25.38 -34.38 11.63
CA TRP K 415 -26.49 -33.49 11.36
C TRP K 415 -27.27 -33.99 10.16
N SER K 416 -28.60 -33.87 10.24
CA SER K 416 -29.49 -34.23 9.16
C SER K 416 -30.73 -33.35 9.27
N PRO K 417 -31.47 -33.17 8.18
CA PRO K 417 -32.61 -32.25 8.21
C PRO K 417 -33.64 -32.63 9.25
N CYS K 418 -34.24 -31.62 9.85
CA CYS K 418 -35.24 -31.83 10.88
C CYS K 418 -36.57 -32.20 10.25
N PRO K 419 -37.28 -33.19 10.78
CA PRO K 419 -38.57 -33.58 10.22
C PRO K 419 -39.69 -32.75 10.80
N PRO K 420 -40.88 -32.79 10.21
CA PRO K 420 -41.97 -31.97 10.73
C PRO K 420 -42.36 -32.41 12.13
N PRO K 421 -42.85 -31.49 12.96
CA PRO K 421 -43.40 -31.91 14.25
C PRO K 421 -44.55 -32.87 14.04
N PRO K 422 -44.81 -33.75 15.01
CA PRO K 422 -45.86 -34.74 14.83
C PRO K 422 -47.24 -34.09 14.87
N PRO K 423 -48.08 -34.36 13.88
CA PRO K 423 -49.43 -33.78 13.89
C PRO K 423 -50.22 -34.28 15.09
N VAL K 424 -50.83 -33.34 15.80
CA VAL K 424 -51.53 -33.66 17.05
C VAL K 424 -52.60 -34.71 16.79
N PRO K 425 -52.75 -35.71 17.65
CA PRO K 425 -53.85 -36.67 17.48
C PRO K 425 -55.13 -36.16 18.11
N GLN K 426 -56.23 -36.82 17.74
CA GLN K 426 -57.55 -36.39 18.19
C GLN K 426 -57.71 -36.59 19.70
N TRP K 427 -58.86 -36.18 20.22
CA TRP K 427 -59.08 -36.28 21.66
C TRP K 427 -59.29 -37.73 22.10
N GLY K 428 -60.19 -38.44 21.44
CA GLY K 428 -60.44 -39.82 21.79
C GLY K 428 -59.47 -40.76 21.13
N ALA K 429 -58.47 -41.21 21.89
CA ALA K 429 -57.41 -42.04 21.34
C ALA K 429 -57.69 -43.52 21.55
N UNK L 1 -61.13 -46.23 20.68
CA UNK L 1 -61.37 -44.79 20.62
C UNK L 1 -62.49 -44.38 21.57
N UNK L 2 -62.12 -43.86 22.73
CA UNK L 2 -63.09 -43.43 23.72
C UNK L 2 -63.94 -42.27 23.19
N UNK L 3 -64.92 -42.60 22.36
CA UNK L 3 -65.80 -41.58 21.77
C UNK L 3 -66.75 -41.00 22.81
N UNK L 4 -67.62 -40.10 22.35
CA UNK L 4 -68.64 -39.51 23.22
C UNK L 4 -70.02 -39.92 22.71
N UNK L 5 -71.01 -39.85 23.58
CA UNK L 5 -72.38 -40.21 23.21
C UNK L 5 -73.39 -39.55 24.15
N UNK L 6 -74.51 -39.13 23.59
CA UNK L 6 -75.54 -38.45 24.36
C UNK L 6 -76.23 -39.40 25.34
N UNK M 1 -85.33 -39.55 33.48
CA UNK M 1 -86.04 -38.96 32.35
C UNK M 1 -86.87 -37.76 32.78
N UNK M 2 -86.23 -36.85 33.52
CA UNK M 2 -86.91 -35.65 34.02
C UNK M 2 -87.02 -34.59 32.94
N UNK M 3 -87.77 -34.91 31.88
CA UNK M 3 -87.91 -34.01 30.74
C UNK M 3 -88.73 -32.77 31.10
N UNK M 4 -88.11 -31.83 31.80
CA UNK M 4 -88.78 -30.60 32.21
C UNK M 4 -89.21 -29.76 31.00
N UNK M 5 -90.10 -30.31 30.19
CA UNK M 5 -90.57 -29.64 28.99
C UNK M 5 -91.41 -28.42 29.33
N UNK N 1 118.12 0.36 32.36
CA UNK N 1 118.32 -0.42 31.14
C UNK N 1 118.78 0.48 29.99
N UNK N 2 118.04 0.43 28.88
CA UNK N 2 118.40 1.19 27.69
C UNK N 2 118.42 2.68 27.95
N UNK N 3 119.14 3.41 27.11
CA UNK N 3 119.23 4.86 27.24
C UNK N 3 119.41 5.51 25.87
N UNK N 4 119.20 6.82 25.82
CA UNK N 4 119.32 7.57 24.59
C UNK N 4 120.34 8.68 24.74
N UNK N 5 121.09 8.95 23.68
CA UNK N 5 122.17 9.93 23.74
C UNK N 5 121.76 11.28 23.15
N UNK N 6 121.90 12.33 23.96
CA UNK N 6 121.57 13.68 23.52
C UNK N 6 122.79 14.59 23.64
N UNK N 7 123.12 15.29 22.55
CA UNK N 7 124.32 16.11 22.52
C UNK N 7 124.03 17.57 22.17
N UNK N 8 124.09 18.44 23.18
CA UNK N 8 123.92 19.87 22.96
C UNK N 8 125.27 20.57 23.03
N UNK N 9 125.97 20.62 21.90
CA UNK N 9 127.31 21.17 21.85
C UNK N 9 127.32 22.59 21.29
N UNK N 14 126.10 23.05 15.83
CA UNK N 14 125.50 21.77 15.48
C UNK N 14 125.16 20.97 16.74
N UNK N 15 123.93 21.10 17.21
CA UNK N 15 123.46 20.36 18.36
C UNK N 15 122.42 19.33 17.92
N UNK N 16 122.56 18.09 18.40
CA UNK N 16 121.67 17.03 17.99
C UNK N 16 121.55 15.95 19.06
N UNK N 17 121.35 14.71 18.62
CA UNK N 17 121.20 13.58 19.53
C UNK N 17 121.28 12.26 18.77
N UNK N 18 121.16 11.16 19.49
CA UNK N 18 121.14 9.83 18.88
C UNK N 18 120.50 8.82 19.82
N UNK N 19 119.70 7.91 19.26
CA UNK N 19 119.04 6.88 20.05
C UNK N 19 118.72 5.65 19.22
N UNK N 27 127.13 28.12 33.29
CA UNK N 27 126.54 26.98 34.00
C UNK N 27 125.16 26.64 33.43
N UNK N 28 125.15 25.94 32.31
CA UNK N 28 123.91 25.57 31.64
C UNK N 28 123.29 24.32 32.27
N UNK N 29 122.14 24.50 32.91
CA UNK N 29 121.43 23.39 33.54
C UNK N 29 120.40 22.79 32.59
N UNK N 30 119.90 21.61 32.94
CA UNK N 30 118.97 20.90 32.07
C UNK N 30 117.57 20.86 32.69
N UNK N 31 116.62 20.32 31.94
CA UNK N 31 115.25 20.21 32.42
C UNK N 31 114.47 19.13 31.68
N UNK N 32 113.64 18.40 32.43
CA UNK N 32 112.76 17.41 31.85
C UNK N 32 111.35 17.62 32.38
N UNK N 33 110.54 18.35 31.62
CA UNK N 33 109.18 18.66 32.03
C UNK N 33 108.20 17.60 31.56
N UNK N 34 107.49 16.99 32.53
CA UNK N 34 106.44 16.04 32.21
C UNK N 34 105.10 16.76 32.30
N UNK N 35 104.31 16.67 31.24
CA UNK N 35 103.08 17.45 31.14
C UNK N 35 101.82 16.59 31.16
N UNK N 36 100.82 17.03 31.93
CA UNK N 36 99.54 16.35 32.02
C UNK N 36 98.78 16.42 30.70
N UNK N 37 97.68 15.68 30.61
CA UNK N 37 96.89 15.65 29.37
C UNK N 37 96.30 17.02 29.06
N UNK N 38 96.22 17.87 30.07
CA UNK N 38 95.72 19.22 29.89
C UNK N 38 96.88 20.20 29.89
N UNK N 39 98.05 19.70 29.50
CA UNK N 39 99.27 20.48 29.46
C UNK N 39 99.59 21.14 30.79
N UNK N 40 99.82 20.31 31.80
CA UNK N 40 100.14 20.80 33.14
C UNK N 40 101.41 20.14 33.66
N UNK N 41 102.28 20.95 34.25
CA UNK N 41 103.54 20.44 34.79
C UNK N 41 103.30 19.40 35.87
N UNK N 42 103.24 18.14 35.45
CA UNK N 42 103.00 17.04 36.38
C UNK N 42 104.15 16.92 37.37
N UNK N 43 105.36 16.73 36.84
CA UNK N 43 106.56 16.63 37.68
C UNK N 43 107.78 17.02 36.87
N UNK N 44 108.72 17.71 37.51
CA UNK N 44 109.94 18.15 36.84
C UNK N 44 111.18 17.76 37.64
N UNK N 45 112.15 17.15 36.96
CA UNK N 45 113.39 16.76 37.58
C UNK N 45 114.57 17.45 36.90
N UNK N 46 114.59 18.78 36.99
CA UNK N 46 115.66 19.56 36.38
C UNK N 46 116.88 19.58 37.28
N UNK N 47 116.98 20.64 38.09
CA UNK N 47 118.07 20.76 39.05
C UNK N 47 117.57 20.29 40.42
N UNK N 48 116.59 19.40 40.40
CA UNK N 48 115.98 18.87 41.62
C UNK N 48 115.35 17.52 41.36
N UNK N 49 115.80 16.51 42.10
CA UNK N 49 115.26 15.15 41.93
C UNK N 49 114.69 14.61 43.23
N UNK N 59 133.60 27.77 23.23
CA UNK N 59 133.22 26.57 22.48
C UNK N 59 133.10 25.38 23.43
N UNK N 60 132.34 25.56 24.50
CA UNK N 60 132.14 24.50 25.49
C UNK N 60 131.29 23.37 24.92
N UNK N 61 130.92 22.43 25.79
CA UNK N 61 130.08 21.30 25.39
C UNK N 61 129.42 20.65 26.60
N UNK N 62 128.13 20.36 26.49
CA UNK N 62 127.41 19.70 27.58
C UNK N 62 126.44 18.67 27.04
N UNK N 63 126.75 17.39 27.25
CA UNK N 63 125.88 16.31 26.84
C UNK N 63 125.43 15.53 28.06
N UNK N 64 124.29 14.84 27.95
CA UNK N 64 123.76 14.07 29.06
C UNK N 64 122.86 12.94 28.60
N UNK N 65 122.46 12.09 29.53
CA UNK N 65 121.57 10.98 29.25
C UNK N 65 121.02 10.41 30.56
N UNK N 66 119.72 10.13 30.60
CA UNK N 66 119.09 9.64 31.82
C UNK N 66 118.80 8.15 31.72
N UNK N 67 118.25 7.58 32.80
CA UNK N 67 118.02 6.15 32.89
C UNK N 67 116.56 5.79 32.62
N UNK N 68 116.35 4.97 31.60
CA UNK N 68 115.01 4.49 31.26
C UNK N 68 114.67 3.24 32.05
N UNK N 74 110.21 3.22 34.30
CA UNK N 74 109.33 2.91 33.18
C UNK N 74 107.87 2.97 33.62
N UNK N 75 107.65 3.13 34.91
CA UNK N 75 106.32 3.27 35.45
C UNK N 75 106.22 4.56 36.25
N UNK N 76 106.04 5.67 35.55
CA UNK N 76 106.00 6.99 36.18
C UNK N 76 104.56 7.38 36.54
N UNK N 77 104.38 8.63 36.95
CA UNK N 77 103.07 9.14 37.31
C UNK N 77 102.12 9.02 36.13
N UNK N 78 100.98 8.38 36.33
CA UNK N 78 100.04 8.08 35.25
C UNK N 78 99.43 9.33 34.63
N UNK N 79 99.64 10.48 35.26
CA UNK N 79 99.14 11.75 34.73
C UNK N 79 100.20 12.41 33.87
N UNK N 80 100.71 11.67 32.89
CA UNK N 80 101.73 12.18 32.00
C UNK N 80 101.61 11.53 30.63
N UNK N 81 101.29 12.33 29.62
CA UNK N 81 101.14 11.81 28.26
C UNK N 81 102.40 12.05 27.46
N UNK N 82 103.14 13.10 27.80
CA UNK N 82 104.36 13.44 27.08
C UNK N 82 105.30 14.27 27.94
N UNK N 83 106.60 14.11 27.71
CA UNK N 83 107.60 14.90 28.42
C UNK N 83 108.63 15.42 27.43
N UNK N 84 109.12 16.64 27.68
CA UNK N 84 110.08 17.27 26.80
C UNK N 84 111.41 17.50 27.50
N UNK N 85 112.50 17.30 26.77
CA UNK N 85 113.84 17.46 27.33
C UNK N 85 114.54 18.67 26.73
N UNK N 86 114.54 19.78 27.47
CA UNK N 86 115.25 20.97 27.08
C UNK N 86 116.46 21.14 27.99
N UNK N 87 117.39 22.01 27.60
CA UNK N 87 118.61 22.21 28.37
C UNK N 87 119.30 23.52 28.02
N UNK N 88 118.98 24.58 28.75
CA UNK N 88 119.61 25.86 28.50
C UNK N 88 119.39 26.85 29.64
N UNK N 89 120.19 27.91 29.63
CA UNK N 89 120.10 28.98 30.63
C UNK N 89 120.80 30.23 30.16
N UNK O 1 -77.96 21.20 -14.93
CA UNK O 1 -79.37 20.92 -15.21
C UNK O 1 -80.18 20.82 -13.92
N UNK O 2 -79.63 21.39 -12.85
CA UNK O 2 -80.27 21.32 -11.54
C UNK O 2 -81.47 22.25 -11.45
N UNK O 3 -81.40 23.38 -12.15
CA UNK O 3 -82.45 24.38 -12.14
C UNK O 3 -83.75 23.82 -12.72
N UNK O 4 -83.63 22.79 -13.54
CA UNK O 4 -84.80 22.10 -14.09
C UNK O 4 -85.55 21.40 -12.97
N UNK O 5 -84.86 20.50 -12.30
CA UNK O 5 -85.43 19.74 -11.19
C UNK O 5 -85.95 20.67 -10.09
N UNK O 6 -85.23 21.77 -9.87
CA UNK O 6 -85.56 22.73 -8.83
C UNK O 6 -87.03 23.18 -8.86
N UNK O 7 -87.60 23.28 -10.05
CA UNK O 7 -88.98 23.71 -10.21
C UNK O 7 -89.87 22.55 -10.66
N UNK O 8 -89.28 21.55 -11.31
CA UNK O 8 -90.03 20.38 -11.73
C UNK O 8 -90.51 19.61 -10.52
N UNK O 9 -89.84 19.80 -9.39
CA UNK O 9 -90.25 19.19 -8.14
C UNK O 9 -91.37 20.00 -7.49
N UNK O 10 -91.24 21.32 -7.53
CA UNK O 10 -92.24 22.20 -6.92
C UNK O 10 -93.59 22.08 -7.61
N UNK O 11 -93.56 21.99 -8.93
CA UNK O 11 -94.79 21.82 -9.71
C UNK O 11 -95.49 20.53 -9.30
N UNK O 12 -94.72 19.46 -9.19
CA UNK O 12 -95.24 18.17 -8.80
C UNK O 12 -95.80 18.22 -7.37
N UNK O 13 -95.12 18.96 -6.49
CA UNK O 13 -95.58 19.10 -5.12
C UNK O 13 -96.93 19.79 -5.07
N UNK O 14 -97.07 20.86 -5.84
CA UNK O 14 -98.33 21.58 -5.94
C UNK O 14 -99.44 20.68 -6.47
N UNK O 15 -99.13 19.94 -7.53
CA UNK O 15 -100.09 19.02 -8.14
C UNK O 15 -100.52 17.94 -7.16
N UNK O 16 -99.58 17.44 -6.38
CA UNK O 16 -99.85 16.41 -5.38
C UNK O 16 -100.75 16.97 -4.27
N UNK O 17 -100.47 18.19 -3.84
CA UNK O 17 -101.31 18.85 -2.84
C UNK O 17 -102.73 18.98 -3.35
N UNK O 18 -102.85 19.38 -4.62
CA UNK O 18 -104.15 19.53 -5.27
C UNK O 18 -104.91 18.21 -5.30
N UNK O 19 -104.23 17.15 -5.74
CA UNK O 19 -104.82 15.83 -5.84
C UNK O 19 -105.25 15.30 -4.47
N UNK O 20 -104.46 15.62 -3.46
CA UNK O 20 -104.76 15.19 -2.10
C UNK O 20 -105.97 15.95 -1.55
N UNK O 21 -106.11 17.20 -1.95
CA UNK O 21 -107.25 18.01 -1.54
C UNK O 21 -108.54 17.43 -2.10
N UNK O 22 -108.45 16.81 -3.27
CA UNK O 22 -109.61 16.21 -3.92
C UNK O 22 -109.85 14.79 -3.42
N UNK O 23 -110.48 14.68 -2.26
CA UNK O 23 -110.76 13.37 -1.66
C UNK O 23 -111.99 13.45 -0.76
N UNK O 44 -83.90 20.31 3.92
CA UNK O 44 -83.10 21.30 3.21
C UNK O 44 -81.68 20.80 3.02
N UNK O 45 -81.27 19.86 3.86
CA UNK O 45 -79.92 19.29 3.78
C UNK O 45 -79.88 18.23 2.68
N UNK O 46 -80.74 17.22 2.80
CA UNK O 46 -80.83 16.15 1.82
C UNK O 46 -81.23 16.71 0.46
N UNK O 47 -82.01 17.78 0.49
CA UNK O 47 -82.43 18.44 -0.73
C UNK O 47 -81.23 19.06 -1.42
N UNK O 48 -80.34 19.64 -0.63
CA UNK O 48 -79.16 20.32 -1.16
C UNK O 48 -78.01 19.35 -1.42
N UNK O 49 -78.34 18.08 -1.63
CA UNK O 49 -77.32 17.06 -1.83
C UNK O 49 -77.31 16.55 -3.27
N UNK O 50 -78.19 17.07 -4.11
CA UNK O 50 -78.28 16.59 -5.47
C UNK O 50 -78.86 17.61 -6.45
N UNK O 51 -78.35 17.57 -7.67
CA UNK O 51 -78.87 18.38 -8.76
C UNK O 51 -80.25 17.86 -9.14
N UNK O 52 -80.27 16.86 -10.00
CA UNK O 52 -81.52 16.18 -10.35
C UNK O 52 -82.06 15.44 -9.13
N UNK O 53 -82.67 16.18 -8.22
CA UNK O 53 -83.11 15.64 -6.93
C UNK O 53 -84.30 14.69 -7.07
N UNK O 54 -84.48 14.12 -8.26
CA UNK O 54 -85.59 13.21 -8.51
C UNK O 54 -85.35 11.84 -7.89
N UNK O 55 -84.18 11.66 -7.29
CA UNK O 55 -83.91 10.45 -6.53
C UNK O 55 -83.97 10.80 -5.05
N UNK O 56 -84.11 12.09 -4.77
CA UNK O 56 -84.14 12.56 -3.39
C UNK O 56 -85.56 12.78 -2.92
N UNK O 57 -86.02 14.04 -2.98
CA UNK O 57 -87.33 14.41 -2.49
C UNK O 57 -88.45 13.69 -3.25
N UNK O 58 -88.20 13.35 -4.50
CA UNK O 58 -89.20 12.66 -5.32
C UNK O 58 -89.51 11.29 -4.74
N UNK O 59 -88.48 10.57 -4.30
CA UNK O 59 -88.68 9.26 -3.69
C UNK O 59 -89.37 9.42 -2.34
N UNK O 60 -88.99 10.47 -1.61
CA UNK O 60 -89.62 10.78 -0.33
C UNK O 60 -91.12 10.95 -0.54
N UNK O 61 -91.48 11.61 -1.64
CA UNK O 61 -92.87 11.82 -1.98
C UNK O 61 -93.55 10.51 -2.37
N UNK O 62 -92.89 9.72 -3.20
CA UNK O 62 -93.42 8.44 -3.65
C UNK O 62 -93.67 7.51 -2.48
N UNK O 63 -92.94 7.74 -1.39
CA UNK O 63 -93.14 6.99 -0.16
C UNK O 63 -94.28 7.56 0.68
N UNK O 64 -94.19 8.86 0.99
CA UNK O 64 -95.12 9.51 1.90
C UNK O 64 -96.52 9.64 1.32
N UNK O 65 -96.65 9.43 0.01
CA UNK O 65 -97.96 9.47 -0.64
C UNK O 65 -98.59 8.10 -0.66
N UNK O 66 -97.77 7.08 -0.90
CA UNK O 66 -98.23 5.70 -0.83
C UNK O 66 -98.60 5.37 0.61
N UNK O 67 -98.01 6.11 1.54
CA UNK O 67 -98.36 5.99 2.95
C UNK O 67 -99.76 6.56 3.22
N UNK O 68 -100.37 7.11 2.19
CA UNK O 68 -101.73 7.64 2.30
C UNK O 68 -102.67 6.87 1.36
N UNK O 69 -102.23 6.70 0.11
CA UNK O 69 -103.01 5.98 -0.89
C UNK O 69 -103.05 4.49 -0.59
#